data_6CBL
#
_entry.id   6CBL
#
_cell.length_a   70.363
_cell.length_b   107.363
_cell.length_c   217.528
_cell.angle_alpha   90.00
_cell.angle_beta   98.24
_cell.angle_gamma   90.00
#
_symmetry.space_group_name_H-M   'P 1 21 1'
#
loop_
_entity.id
_entity.type
_entity.pdbx_description
1 polymer 'Neamine transaminase NeoN'
2 non-polymer '(1R,2R,3S,4R,6S)-4,6-diamino-2,3-dihydroxycyclohexyl 2-amino-2,6-dideoxy-6-[({3-hydroxy-2-methyl-5-[(phosphonooxy)methyl]pyridin-4-yl}methyl)amino]-alpha-D-glucopyranoside'
3 non-polymer 'CHLORIDE ION'
4 water water
#
_entity_poly.entity_id   1
_entity_poly.type   'polypeptide(L)'
_entity_poly.pdbx_seq_one_letter_code
;MTKNSSLLAEFPTCPRDEKDRPRVFTAASGAWLTDESGFRWIDFDNARGSILLGHGDPVVAEAVARAATGADGTATGWSR
RVDAVLERLHALCGGEVVGLFRSGTAAVRAAVLAVREATGRPLLLSAGYHGYDPMWYPSEAPLEPNADGVVDFFFDLGLL
RELLRAPERVAAVVVSPDHMHLSPGWYRELRRLCSAAGVVLVADEVKVGLRYAPGLSTAELLAPDVWVVAKGMANGHAVS
AVGGSRRLLKPLKEVSFTSFFEPTILAAADAALARVATGEPQRAVREAGDRFLRHARKALDDASLPVEIAGDGTFFQFVP
ATEELEEALYGAANAEGLLFYAGDNQGVSAAFDEAVLGEAERRFARVCERLAPYAGGEPVGDAARYRVAWNVMDGLRQAP
RDREETTGLLARLLDDLEHHHHHH
;
_entity_poly.pdbx_strand_id   A,B,C,D,E,F,G,H
#
# COMPACT_ATOMS: atom_id res chain seq x y z
N SER A 6 13.71 -12.82 52.96
CA SER A 6 13.19 -12.53 54.33
C SER A 6 12.96 -11.04 54.61
N LEU A 7 12.86 -10.21 53.57
CA LEU A 7 12.48 -8.81 53.76
C LEU A 7 11.02 -8.62 54.15
N LEU A 8 10.11 -9.52 53.76
CA LEU A 8 8.68 -9.24 53.99
C LEU A 8 8.26 -9.47 55.42
N ALA A 9 7.70 -8.42 56.02
CA ALA A 9 7.24 -8.44 57.37
C ALA A 9 5.87 -9.11 57.52
N GLU A 10 5.10 -9.14 56.42
CA GLU A 10 3.77 -9.71 56.47
C GLU A 10 3.87 -11.21 56.19
N PHE A 11 2.81 -11.96 56.42
CA PHE A 11 2.70 -13.36 56.00
C PHE A 11 1.43 -13.55 55.14
N PRO A 12 1.53 -13.23 53.85
CA PRO A 12 0.40 -13.20 52.93
C PRO A 12 -0.14 -14.61 52.68
N THR A 13 -1.46 -14.69 52.61
CA THR A 13 -2.05 -15.94 52.18
C THR A 13 -1.81 -16.07 50.69
N CYS A 14 -1.29 -17.22 50.32
CA CYS A 14 -0.97 -17.47 48.90
C CYS A 14 -0.63 -18.97 48.69
N PRO A 15 -0.58 -19.42 47.43
CA PRO A 15 -0.20 -20.82 47.25
C PRO A 15 1.24 -21.02 47.70
N ARG A 16 1.48 -22.04 48.50
CA ARG A 16 2.79 -22.32 49.05
C ARG A 16 3.13 -23.77 48.72
N ASP A 17 4.41 -24.03 48.45
CA ASP A 17 4.88 -25.36 48.12
C ASP A 17 5.04 -26.20 49.37
N GLU A 18 5.62 -27.38 49.25
CA GLU A 18 5.65 -28.28 50.41
C GLU A 18 6.62 -27.81 51.50
N LYS A 19 7.54 -26.93 51.16
CA LYS A 19 8.42 -26.33 52.15
C LYS A 19 7.83 -25.04 52.72
N ASP A 20 6.58 -24.73 52.39
CA ASP A 20 5.91 -23.49 52.85
C ASP A 20 6.42 -22.21 52.17
N ARG A 21 7.08 -22.34 51.02
CA ARG A 21 7.53 -21.18 50.27
C ARG A 21 6.47 -20.81 49.24
N PRO A 22 6.16 -19.53 49.09
CA PRO A 22 5.26 -19.14 48.01
C PRO A 22 5.66 -19.73 46.65
N ARG A 23 4.66 -20.27 45.96
CA ARG A 23 4.84 -20.57 44.55
C ARG A 23 5.01 -19.32 43.76
N VAL A 24 5.96 -19.34 42.82
CA VAL A 24 6.17 -18.21 41.96
C VAL A 24 5.49 -18.38 40.61
N PHE A 25 4.56 -17.50 40.30
CA PHE A 25 3.82 -17.49 39.04
C PHE A 25 4.28 -16.35 38.15
N THR A 26 4.61 -16.68 36.89
CA THR A 26 5.23 -15.73 35.98
C THR A 26 4.25 -15.19 34.99
N ALA A 27 3.16 -15.91 34.77
CA ALA A 27 2.15 -15.45 33.83
C ALA A 27 0.83 -16.20 34.04
N ALA A 28 -0.21 -15.61 33.51
CA ALA A 28 -1.54 -16.19 33.62
C ALA A 28 -2.48 -15.62 32.57
N SER A 29 -3.44 -16.44 32.17
CA SER A 29 -4.38 -16.06 31.12
C SER A 29 -5.55 -16.99 31.30
N GLY A 30 -6.73 -16.42 31.45
CA GLY A 30 -7.95 -17.20 31.62
C GLY A 30 -7.92 -18.03 32.88
N ALA A 31 -8.05 -19.35 32.71
CA ALA A 31 -7.96 -20.31 33.82
C ALA A 31 -6.58 -20.82 34.13
N TRP A 32 -5.59 -20.36 33.38
CA TRP A 32 -4.28 -21.02 33.43
C TRP A 32 -3.19 -20.12 34.00
N LEU A 33 -2.36 -20.73 34.82
CA LEU A 33 -1.16 -20.13 35.39
C LEU A 33 0.07 -20.88 34.93
N THR A 34 1.13 -20.13 34.68
CA THR A 34 2.45 -20.73 34.54
C THR A 34 3.34 -20.35 35.68
N ASP A 35 4.02 -21.34 36.26
CA ASP A 35 4.94 -21.06 37.36
C ASP A 35 6.40 -20.93 36.90
N GLU A 36 7.30 -20.69 37.85
CA GLU A 36 8.67 -20.31 37.54
C GLU A 36 9.39 -21.46 36.82
N SER A 37 8.95 -22.68 37.07
CA SER A 37 9.49 -23.88 36.42
C SER A 37 8.85 -24.20 35.08
N GLY A 38 7.90 -23.38 34.62
CA GLY A 38 7.21 -23.65 33.37
C GLY A 38 6.02 -24.58 33.52
N PHE A 39 5.80 -25.13 34.73
CA PHE A 39 4.63 -25.98 35.05
C PHE A 39 3.32 -25.18 34.88
N ARG A 40 2.34 -25.75 34.16
CA ARG A 40 1.08 -25.08 33.88
C ARG A 40 -0.02 -25.61 34.85
N TRP A 41 -0.77 -24.68 35.43
CA TRP A 41 -1.76 -25.01 36.45
C TRP A 41 -3.12 -24.54 36.02
N ILE A 42 -4.15 -25.28 36.40
CA ILE A 42 -5.53 -24.77 36.26
C ILE A 42 -5.83 -24.13 37.62
N ASP A 43 -6.31 -22.89 37.59
CA ASP A 43 -6.50 -22.14 38.85
C ASP A 43 -7.93 -22.29 39.40
N PHE A 44 -8.04 -22.84 40.59
CA PHE A 44 -9.33 -22.86 41.35
C PHE A 44 -9.26 -21.91 42.55
N ASP A 45 -8.16 -21.19 42.73
CA ASP A 45 -7.93 -20.31 43.87
C ASP A 45 -8.36 -18.93 43.41
N ASN A 46 -7.80 -18.43 42.30
CA ASN A 46 -8.30 -17.30 41.57
C ASN A 46 -8.32 -16.07 42.50
N ALA A 47 -7.20 -15.87 43.15
CA ALA A 47 -6.96 -14.75 44.07
C ALA A 47 -8.03 -14.79 45.14
N ARG A 48 -8.25 -15.97 45.69
CA ARG A 48 -9.20 -16.22 46.78
C ARG A 48 -10.63 -15.91 46.29
N GLY A 49 -10.89 -16.16 44.99
CA GLY A 49 -12.16 -15.86 44.37
C GLY A 49 -12.41 -14.46 43.83
N SER A 50 -11.41 -13.57 43.89
CA SER A 50 -11.57 -12.24 43.33
C SER A 50 -11.37 -12.14 41.79
N ILE A 51 -10.88 -13.23 41.20
CA ILE A 51 -10.82 -13.33 39.74
C ILE A 51 -12.05 -14.05 39.22
N LEU A 52 -13.16 -13.30 39.06
CA LEU A 52 -14.42 -13.87 38.63
C LEU A 52 -14.48 -14.14 37.12
N LEU A 53 -13.77 -13.32 36.36
CA LEU A 53 -13.87 -13.30 34.93
C LEU A 53 -12.77 -14.18 34.31
N GLY A 54 -11.59 -14.11 34.90
CA GLY A 54 -10.43 -14.88 34.47
C GLY A 54 -9.21 -13.97 34.35
N HIS A 55 -8.03 -14.55 34.41
CA HIS A 55 -6.81 -13.78 34.45
C HIS A 55 -6.62 -13.08 33.10
N GLY A 56 -6.31 -11.79 33.13
CA GLY A 56 -5.99 -11.12 31.90
C GLY A 56 -7.22 -10.99 31.06
N ASP A 57 -8.40 -10.96 31.69
CA ASP A 57 -9.59 -10.61 30.91
C ASP A 57 -9.39 -9.44 29.95
N PRO A 58 -9.50 -9.73 28.63
CA PRO A 58 -9.14 -8.72 27.66
C PRO A 58 -9.84 -7.39 27.79
N VAL A 59 -11.14 -7.38 28.04
CA VAL A 59 -11.92 -6.13 28.12
C VAL A 59 -11.45 -5.30 29.33
N VAL A 60 -11.40 -5.92 30.50
CA VAL A 60 -10.83 -5.22 31.68
C VAL A 60 -9.39 -4.71 31.45
N ALA A 61 -8.54 -5.56 30.86
CA ALA A 61 -7.15 -5.21 30.64
C ALA A 61 -7.09 -4.01 29.69
N GLU A 62 -7.94 -4.02 28.67
CA GLU A 62 -7.97 -2.86 27.80
C GLU A 62 -8.54 -1.58 28.43
N ALA A 63 -9.46 -1.72 29.40
CA ALA A 63 -9.96 -0.57 30.16
C ALA A 63 -8.80 0.00 30.99
N VAL A 64 -8.04 -0.91 31.57
CA VAL A 64 -6.90 -0.56 32.41
C VAL A 64 -5.79 0.10 31.61
N ALA A 65 -5.48 -0.42 30.43
CA ALA A 65 -4.49 0.19 29.53
C ALA A 65 -4.82 1.63 29.15
N ARG A 66 -6.02 1.88 28.64
CA ARG A 66 -6.48 3.22 28.26
C ARG A 66 -6.48 4.18 29.49
N ALA A 67 -6.85 3.67 30.67
CA ALA A 67 -6.86 4.51 31.89
C ALA A 67 -5.44 4.82 32.36
N ALA A 68 -4.50 3.89 32.18
CA ALA A 68 -3.13 4.20 32.49
C ALA A 68 -2.49 5.30 31.56
N THR A 69 -3.15 5.66 30.45
CA THR A 69 -2.63 6.73 29.55
C THR A 69 -2.94 8.18 29.86
N GLY A 70 -3.87 8.43 30.76
CA GLY A 70 -4.41 9.76 30.88
C GLY A 70 -5.77 9.99 30.25
N ALA A 71 -6.15 9.15 29.29
CA ALA A 71 -7.29 9.40 28.43
C ALA A 71 -8.65 9.11 29.07
N ASP A 72 -8.62 8.45 30.22
CA ASP A 72 -9.81 8.03 30.89
C ASP A 72 -9.71 8.39 32.36
N GLY A 73 -9.63 9.69 32.62
CA GLY A 73 -9.72 10.29 33.95
C GLY A 73 -8.36 10.49 34.62
N THR A 74 -8.36 11.24 35.72
CA THR A 74 -7.06 11.61 36.35
C THR A 74 -7.15 11.22 37.82
N ALA A 75 -6.04 10.84 38.42
CA ALA A 75 -6.04 10.70 39.92
C ALA A 75 -6.32 11.97 40.71
N THR A 76 -6.19 13.13 40.06
CA THR A 76 -6.39 14.39 40.71
C THR A 76 -7.82 14.61 41.12
N GLY A 77 -8.76 13.97 40.40
CA GLY A 77 -10.13 14.17 40.83
C GLY A 77 -11.19 13.41 40.06
N TRP A 78 -12.40 13.87 40.26
CA TRP A 78 -13.60 13.16 39.83
C TRP A 78 -13.60 12.85 38.35
N SER A 79 -14.29 11.75 38.03
CA SER A 79 -14.44 11.31 36.64
C SER A 79 -15.83 10.73 36.48
N ARG A 80 -16.28 10.64 35.23
CA ARG A 80 -17.53 9.94 34.95
CA ARG A 80 -17.54 9.95 34.99
C ARG A 80 -17.54 8.47 35.37
N ARG A 81 -16.36 7.83 35.44
CA ARG A 81 -16.29 6.44 35.90
C ARG A 81 -16.53 6.28 37.40
N VAL A 82 -16.34 7.34 38.19
CA VAL A 82 -16.81 7.35 39.57
C VAL A 82 -18.31 7.20 39.63
N ASP A 83 -19.01 8.04 38.88
CA ASP A 83 -20.46 7.91 38.85
C ASP A 83 -20.95 6.54 38.37
N ALA A 84 -20.30 5.99 37.37
CA ALA A 84 -20.79 4.75 36.73
C ALA A 84 -20.64 3.61 37.74
N VAL A 85 -19.51 3.63 38.44
CA VAL A 85 -19.27 2.63 39.51
C VAL A 85 -20.24 2.72 40.68
N LEU A 86 -20.42 3.93 41.20
CA LEU A 86 -21.35 4.14 42.27
C LEU A 86 -22.80 3.76 41.88
N GLU A 87 -23.25 4.26 40.73
CA GLU A 87 -24.56 3.92 40.17
C GLU A 87 -24.79 2.40 39.99
N ARG A 88 -23.77 1.69 39.49
CA ARG A 88 -23.84 0.27 39.19
CA ARG A 88 -23.89 0.28 39.22
C ARG A 88 -24.01 -0.48 40.52
N LEU A 89 -23.09 -0.19 41.47
CA LEU A 89 -23.23 -0.84 42.78
C LEU A 89 -24.57 -0.60 43.47
N HIS A 90 -25.06 0.62 43.38
CA HIS A 90 -26.29 1.03 43.99
C HIS A 90 -27.44 0.22 43.34
N ALA A 91 -27.37 0.05 42.03
CA ALA A 91 -28.38 -0.71 41.27
C ALA A 91 -28.38 -2.21 41.63
N LEU A 92 -27.17 -2.79 41.70
CA LEU A 92 -27.02 -4.19 42.01
C LEU A 92 -27.30 -4.58 43.45
N CYS A 93 -26.92 -3.74 44.41
CA CYS A 93 -26.92 -4.10 45.82
C CYS A 93 -27.95 -3.39 46.68
N GLY A 94 -28.52 -2.31 46.14
CA GLY A 94 -29.52 -1.56 46.90
C GLY A 94 -28.87 -0.69 47.95
N GLY A 95 -29.71 -0.20 48.84
CA GLY A 95 -29.40 0.83 49.80
C GLY A 95 -29.50 2.24 49.21
N GLU A 96 -29.22 3.25 50.06
CA GLU A 96 -29.24 4.66 49.66
C GLU A 96 -27.90 5.25 49.25
N VAL A 97 -26.79 4.79 49.83
CA VAL A 97 -25.50 5.39 49.52
C VAL A 97 -24.51 4.27 49.31
N VAL A 98 -23.36 4.67 48.80
CA VAL A 98 -22.28 3.77 48.45
C VAL A 98 -20.96 4.44 48.83
N GLY A 99 -19.99 3.66 49.31
CA GLY A 99 -18.67 4.20 49.59
C GLY A 99 -17.67 3.21 49.00
N LEU A 100 -16.51 3.70 48.58
CA LEU A 100 -15.41 2.92 48.00
C LEU A 100 -14.17 2.88 48.88
N PHE A 101 -13.47 1.73 48.90
CA PHE A 101 -12.37 1.58 49.81
C PHE A 101 -11.31 0.76 49.09
N ARG A 102 -10.20 0.53 49.77
CA ARG A 102 -9.05 -0.06 49.14
C ARG A 102 -8.77 -1.53 49.45
N SER A 103 -9.55 -2.13 50.32
CA SER A 103 -9.44 -3.53 50.62
C SER A 103 -10.70 -3.98 51.36
N GLY A 104 -10.97 -5.27 51.41
CA GLY A 104 -12.14 -5.70 52.15
C GLY A 104 -11.99 -5.35 53.63
N THR A 105 -10.78 -5.50 54.17
CA THR A 105 -10.45 -5.14 55.54
C THR A 105 -10.85 -3.71 55.88
N ALA A 106 -10.39 -2.77 55.04
CA ALA A 106 -10.69 -1.36 55.25
C ALA A 106 -12.18 -1.14 55.17
N ALA A 107 -12.84 -1.78 54.20
CA ALA A 107 -14.26 -1.53 53.99
C ALA A 107 -15.08 -2.04 55.17
N VAL A 108 -14.80 -3.24 55.63
CA VAL A 108 -15.60 -3.80 56.75
C VAL A 108 -15.33 -3.03 58.06
N ARG A 109 -14.05 -2.65 58.31
CA ARG A 109 -13.76 -1.82 59.46
C ARG A 109 -14.53 -0.51 59.45
N ALA A 110 -14.46 0.17 58.32
CA ALA A 110 -15.16 1.47 58.19
C ALA A 110 -16.63 1.30 58.35
N ALA A 111 -17.19 0.24 57.76
CA ALA A 111 -18.64 0.02 57.83
C ALA A 111 -19.11 -0.17 59.25
N VAL A 112 -18.46 -1.06 59.99
CA VAL A 112 -18.85 -1.36 61.36
C VAL A 112 -18.60 -0.20 62.29
N LEU A 113 -17.52 0.57 62.10
CA LEU A 113 -17.24 1.70 62.97
C LEU A 113 -18.32 2.77 62.73
N ALA A 114 -18.72 2.95 61.48
CA ALA A 114 -19.76 3.93 61.11
C ALA A 114 -21.06 3.59 61.83
N VAL A 115 -21.42 2.31 61.79
CA VAL A 115 -22.64 1.84 62.48
C VAL A 115 -22.57 2.02 63.99
N ARG A 116 -21.44 1.69 64.61
CA ARG A 116 -21.17 1.95 66.01
C ARG A 116 -21.38 3.43 66.32
N GLU A 117 -20.80 4.32 65.50
CA GLU A 117 -20.88 5.78 65.76
C GLU A 117 -22.34 6.22 65.57
N ALA A 118 -23.01 5.76 64.50
CA ALA A 118 -24.39 6.19 64.23
C ALA A 118 -25.40 5.68 65.25
N THR A 119 -25.24 4.47 65.75
CA THR A 119 -26.20 3.94 66.73
C THR A 119 -25.88 4.44 68.12
N GLY A 120 -24.61 4.75 68.41
CA GLY A 120 -24.17 5.00 69.77
C GLY A 120 -24.04 3.84 70.71
N ARG A 121 -23.93 2.60 70.22
CA ARG A 121 -23.95 1.42 71.07
C ARG A 121 -22.59 0.77 70.85
N PRO A 122 -22.02 0.17 71.88
CA PRO A 122 -20.64 -0.30 71.87
C PRO A 122 -20.28 -1.62 71.22
N LEU A 123 -21.19 -2.59 71.19
CA LEU A 123 -20.76 -3.93 70.86
C LEU A 123 -21.02 -4.34 69.40
N LEU A 124 -20.07 -5.06 68.85
CA LEU A 124 -20.27 -5.71 67.56
C LEU A 124 -20.33 -7.18 67.79
N LEU A 125 -21.40 -7.80 67.29
CA LEU A 125 -21.59 -9.24 67.37
C LEU A 125 -21.27 -9.85 66.01
N SER A 126 -20.25 -10.70 65.97
CA SER A 126 -19.61 -11.09 64.71
C SER A 126 -19.60 -12.60 64.48
N ALA A 127 -19.79 -13.00 63.23
CA ALA A 127 -19.46 -14.32 62.74
C ALA A 127 -18.71 -14.24 61.47
N GLY A 128 -17.65 -15.06 61.37
CA GLY A 128 -16.86 -15.03 60.16
C GLY A 128 -15.61 -14.19 60.22
N TYR A 129 -14.92 -14.23 59.09
CA TYR A 129 -13.70 -13.46 58.92
C TYR A 129 -14.06 -12.12 58.28
N HIS A 130 -13.44 -11.05 58.80
CA HIS A 130 -13.67 -9.72 58.33
C HIS A 130 -12.43 -8.98 57.87
N GLY A 131 -11.29 -9.62 57.83
CA GLY A 131 -10.10 -8.88 57.44
C GLY A 131 -9.00 -8.99 58.49
N TYR A 132 -7.83 -8.43 58.15
CA TYR A 132 -6.64 -8.66 58.94
C TYR A 132 -6.56 -7.73 60.13
N ASP A 133 -7.39 -6.72 60.21
CA ASP A 133 -7.20 -5.68 61.25
C ASP A 133 -7.30 -6.23 62.69
N PRO A 134 -6.41 -5.74 63.59
CA PRO A 134 -6.47 -6.15 64.98
C PRO A 134 -7.79 -6.01 65.72
N MET A 135 -8.70 -5.19 65.22
CA MET A 135 -10.03 -5.11 65.82
C MET A 135 -10.78 -6.43 65.88
N TRP A 136 -10.39 -7.40 65.07
CA TRP A 136 -11.03 -8.72 64.99
C TRP A 136 -10.33 -9.83 65.77
N TYR A 137 -9.22 -9.47 66.43
CA TYR A 137 -8.44 -10.47 67.13
C TYR A 137 -9.34 -11.10 68.19
N PRO A 138 -9.08 -12.37 68.49
CA PRO A 138 -9.90 -13.10 69.48
C PRO A 138 -9.85 -12.51 70.90
N SER A 139 -10.96 -12.63 71.62
CA SER A 139 -10.97 -12.28 73.03
C SER A 139 -10.23 -13.30 73.90
N GLU A 140 -9.99 -12.88 75.14
CA GLU A 140 -9.52 -13.77 76.20
C GLU A 140 -10.37 -15.04 76.33
N ALA A 141 -11.69 -14.90 76.39
CA ALA A 141 -12.55 -16.10 76.39
C ALA A 141 -13.72 -16.01 75.42
N PRO A 142 -14.17 -17.17 74.91
CA PRO A 142 -15.44 -17.27 74.17
C PRO A 142 -16.56 -16.51 74.91
N LEU A 143 -17.27 -15.70 74.13
CA LEU A 143 -18.43 -14.91 74.51
C LEU A 143 -18.17 -13.62 75.27
N GLU A 144 -16.89 -13.36 75.55
CA GLU A 144 -16.46 -12.08 76.07
C GLU A 144 -16.03 -11.19 74.90
N PRO A 145 -16.33 -9.90 75.02
CA PRO A 145 -15.83 -9.00 73.99
C PRO A 145 -14.32 -8.85 74.03
N ASN A 146 -13.73 -8.72 72.85
CA ASN A 146 -12.37 -8.26 72.78
C ASN A 146 -12.14 -6.81 73.16
N ALA A 147 -10.91 -6.36 73.00
CA ALA A 147 -10.54 -5.01 73.42
C ALA A 147 -11.21 -3.92 72.55
N ASP A 148 -11.71 -4.30 71.38
CA ASP A 148 -12.42 -3.38 70.51
C ASP A 148 -13.90 -3.63 70.48
N GLY A 149 -14.43 -4.30 71.51
CA GLY A 149 -15.86 -4.38 71.63
C GLY A 149 -16.50 -5.38 70.66
N VAL A 150 -15.73 -6.33 70.18
CA VAL A 150 -16.26 -7.37 69.30
C VAL A 150 -16.43 -8.69 70.06
N VAL A 151 -17.60 -9.28 69.92
CA VAL A 151 -17.93 -10.58 70.48
C VAL A 151 -18.26 -11.51 69.31
N ASP A 152 -17.46 -12.55 69.19
CA ASP A 152 -17.60 -13.64 68.23
C ASP A 152 -18.62 -14.70 68.65
N PHE A 153 -19.64 -14.93 67.82
CA PHE A 153 -20.66 -15.94 68.12
C PHE A 153 -20.55 -17.20 67.26
N PHE A 154 -19.53 -17.23 66.38
CA PHE A 154 -19.16 -18.43 65.63
C PHE A 154 -20.27 -19.06 64.80
N PHE A 155 -21.22 -18.23 64.32
CA PHE A 155 -22.42 -18.65 63.56
C PHE A 155 -23.41 -19.51 64.37
N ASP A 156 -23.25 -19.59 65.67
CA ASP A 156 -24.19 -20.35 66.52
C ASP A 156 -25.34 -19.44 66.95
N LEU A 157 -26.52 -19.71 66.41
CA LEU A 157 -27.66 -18.86 66.72
C LEU A 157 -28.05 -18.95 68.21
N GLY A 158 -27.85 -20.09 68.87
CA GLY A 158 -28.00 -20.20 70.32
C GLY A 158 -27.16 -19.17 71.06
N LEU A 159 -25.88 -19.12 70.73
CA LEU A 159 -24.98 -18.13 71.34
C LEU A 159 -25.43 -16.71 71.00
N LEU A 160 -25.88 -16.46 69.75
CA LEU A 160 -26.37 -15.16 69.35
C LEU A 160 -27.60 -14.74 70.17
N ARG A 161 -28.51 -15.67 70.39
CA ARG A 161 -29.67 -15.35 71.25
C ARG A 161 -29.24 -14.88 72.60
N GLU A 162 -28.28 -15.57 73.20
CA GLU A 162 -27.76 -15.13 74.49
C GLU A 162 -27.27 -13.70 74.45
N LEU A 163 -26.46 -13.38 73.45
CA LEU A 163 -25.87 -12.06 73.32
C LEU A 163 -26.90 -11.03 72.98
N LEU A 164 -28.01 -11.43 72.35
CA LEU A 164 -29.11 -10.54 72.07
C LEU A 164 -30.08 -10.30 73.25
N ARG A 165 -29.84 -10.94 74.39
CA ARG A 165 -30.64 -10.63 75.60
C ARG A 165 -30.45 -9.21 76.15
N ALA A 166 -29.35 -8.54 75.80
CA ALA A 166 -29.08 -7.15 76.19
C ALA A 166 -28.70 -6.33 74.94
N PRO A 167 -29.69 -6.07 74.09
CA PRO A 167 -29.53 -5.49 72.74
C PRO A 167 -29.25 -3.99 72.72
N GLU A 168 -29.61 -3.33 73.82
CA GLU A 168 -29.39 -1.91 73.97
C GLU A 168 -27.93 -1.56 73.78
N ARG A 169 -27.06 -2.52 74.10
CA ARG A 169 -25.60 -2.44 74.00
C ARG A 169 -24.99 -2.84 72.65
N VAL A 170 -25.87 -3.26 71.74
CA VAL A 170 -25.46 -3.85 70.47
C VAL A 170 -25.68 -2.95 69.26
N ALA A 171 -24.59 -2.52 68.63
CA ALA A 171 -24.59 -1.68 67.48
C ALA A 171 -24.95 -2.44 66.22
N ALA A 172 -24.39 -3.63 66.07
CA ALA A 172 -24.69 -4.47 64.94
C ALA A 172 -24.27 -5.90 65.17
N VAL A 173 -24.91 -6.75 64.37
CA VAL A 173 -24.51 -8.10 64.04
C VAL A 173 -23.82 -8.00 62.65
N VAL A 174 -22.62 -8.58 62.54
CA VAL A 174 -21.86 -8.53 61.29
CA VAL A 174 -21.82 -8.52 61.32
C VAL A 174 -21.45 -9.94 60.93
N VAL A 175 -21.91 -10.38 59.77
CA VAL A 175 -21.83 -11.78 59.38
C VAL A 175 -21.23 -11.94 57.99
N SER A 176 -20.22 -12.83 57.86
CA SER A 176 -19.69 -13.21 56.57
C SER A 176 -20.35 -14.52 56.11
N PRO A 177 -21.20 -14.47 55.07
CA PRO A 177 -21.94 -15.69 54.75
C PRO A 177 -21.08 -16.80 54.24
N ASP A 178 -21.55 -18.00 54.48
CA ASP A 178 -21.02 -19.18 53.77
C ASP A 178 -22.20 -19.98 53.31
N HIS A 179 -22.25 -20.21 52.01
CA HIS A 179 -23.42 -20.89 51.46
C HIS A 179 -23.18 -22.37 51.25
N MET A 180 -22.02 -22.82 51.71
CA MET A 180 -21.72 -24.25 51.71
C MET A 180 -22.18 -24.89 53.02
N HIS A 181 -22.11 -24.15 54.13
CA HIS A 181 -22.23 -24.71 55.48
C HIS A 181 -23.37 -24.18 56.29
N LEU A 182 -24.10 -23.23 55.71
CA LEU A 182 -25.27 -22.63 56.33
C LEU A 182 -26.40 -22.63 55.31
N SER A 183 -27.57 -23.06 55.77
CA SER A 183 -28.76 -23.13 54.91
C SER A 183 -29.49 -21.80 54.77
N PRO A 184 -30.35 -21.64 53.74
CA PRO A 184 -31.26 -20.46 53.69
C PRO A 184 -32.05 -20.24 54.98
N GLY A 185 -32.54 -21.30 55.61
CA GLY A 185 -33.28 -21.20 56.86
C GLY A 185 -32.43 -20.57 57.98
N TRP A 186 -31.14 -20.88 57.98
CA TRP A 186 -30.21 -20.28 58.97
C TRP A 186 -30.21 -18.75 58.84
N TYR A 187 -30.12 -18.26 57.60
CA TYR A 187 -30.10 -16.83 57.34
C TYR A 187 -31.41 -16.18 57.74
N ARG A 188 -32.51 -16.83 57.35
CA ARG A 188 -33.80 -16.25 57.71
C ARG A 188 -33.95 -16.13 59.22
N GLU A 189 -33.57 -17.16 59.96
CA GLU A 189 -33.62 -17.06 61.41
C GLU A 189 -32.70 -15.96 61.96
N LEU A 190 -31.47 -15.85 61.45
CA LEU A 190 -30.59 -14.73 61.84
C LEU A 190 -31.28 -13.36 61.63
N ARG A 191 -31.92 -13.24 60.49
CA ARG A 191 -32.67 -12.04 60.07
CA ARG A 191 -32.62 -12.00 60.12
C ARG A 191 -33.75 -11.74 61.09
N ARG A 192 -34.56 -12.77 61.39
CA ARG A 192 -35.64 -12.75 62.37
C ARG A 192 -35.11 -12.24 63.71
N LEU A 193 -34.03 -12.86 64.16
CA LEU A 193 -33.45 -12.55 65.44
C LEU A 193 -33.03 -11.10 65.59
N CYS A 194 -32.43 -10.56 64.53
CA CYS A 194 -31.83 -9.24 64.58
C CYS A 194 -32.96 -8.20 64.52
N SER A 195 -33.98 -8.50 63.72
CA SER A 195 -35.18 -7.65 63.67
C SER A 195 -35.93 -7.60 65.02
N ALA A 196 -36.21 -8.76 65.62
CA ALA A 196 -36.83 -8.77 66.96
C ALA A 196 -36.04 -8.02 68.02
N ALA A 197 -34.70 -8.09 67.97
CA ALA A 197 -33.88 -7.37 68.91
C ALA A 197 -33.72 -5.88 68.58
N GLY A 198 -34.18 -5.47 67.42
CA GLY A 198 -34.00 -4.10 66.93
C GLY A 198 -32.53 -3.78 66.68
N VAL A 199 -31.75 -4.78 66.24
CA VAL A 199 -30.34 -4.49 65.95
C VAL A 199 -30.02 -4.45 64.47
N VAL A 200 -29.05 -3.61 64.13
CA VAL A 200 -28.53 -3.45 62.77
C VAL A 200 -27.84 -4.73 62.29
N LEU A 201 -28.05 -5.07 61.03
CA LEU A 201 -27.45 -6.27 60.42
C LEU A 201 -26.56 -5.82 59.28
N VAL A 202 -25.27 -6.19 59.35
CA VAL A 202 -24.28 -5.83 58.36
C VAL A 202 -23.91 -7.16 57.70
N ALA A 203 -24.12 -7.28 56.41
CA ALA A 203 -23.71 -8.47 55.67
C ALA A 203 -22.34 -8.18 55.03
N ASP A 204 -21.30 -8.88 55.52
CA ASP A 204 -19.94 -8.81 55.02
C ASP A 204 -19.83 -9.78 53.81
N GLU A 205 -20.14 -9.25 52.63
CA GLU A 205 -20.23 -10.02 51.41
C GLU A 205 -18.96 -9.78 50.59
N VAL A 206 -17.87 -9.47 51.30
CA VAL A 206 -16.62 -9.27 50.60
C VAL A 206 -16.37 -10.45 49.67
N LYS A 207 -16.52 -11.67 50.16
CA LYS A 207 -16.30 -12.88 49.35
C LYS A 207 -17.47 -13.22 48.42
N VAL A 208 -18.67 -13.26 48.99
CA VAL A 208 -19.82 -13.82 48.30
C VAL A 208 -20.58 -12.81 47.45
N GLY A 209 -20.41 -11.52 47.71
CA GLY A 209 -21.18 -10.53 46.95
C GLY A 209 -20.89 -10.57 45.46
N LEU A 210 -21.95 -10.44 44.64
CA LEU A 210 -21.83 -10.31 43.16
C LEU A 210 -21.43 -11.61 42.48
N ARG A 211 -21.30 -12.67 43.26
CA ARG A 211 -20.79 -13.97 42.75
C ARG A 211 -21.89 -15.05 42.62
N TYR A 212 -22.94 -15.02 43.46
CA TYR A 212 -24.04 -15.99 43.39
C TYR A 212 -25.21 -15.45 42.53
N ALA A 213 -25.09 -14.18 42.14
CA ALA A 213 -26.20 -13.40 41.58
C ALA A 213 -25.62 -12.01 41.23
N PRO A 214 -26.31 -11.23 40.38
CA PRO A 214 -25.70 -9.93 40.11
C PRO A 214 -25.42 -9.07 41.34
N GLY A 215 -26.12 -9.31 42.45
CA GLY A 215 -26.04 -8.49 43.64
C GLY A 215 -25.65 -9.27 44.86
N LEU A 216 -26.31 -8.96 45.97
CA LEU A 216 -25.99 -9.58 47.25
C LEU A 216 -26.54 -11.00 47.30
N SER A 217 -25.74 -11.96 47.76
CA SER A 217 -26.19 -13.32 47.97
C SER A 217 -27.33 -13.39 48.98
N THR A 218 -27.35 -12.47 49.94
CA THR A 218 -28.30 -12.46 51.06
C THR A 218 -29.31 -11.35 50.93
N ALA A 219 -29.43 -10.82 49.71
CA ALA A 219 -30.36 -9.69 49.51
C ALA A 219 -31.75 -9.93 50.06
N GLU A 220 -32.30 -11.08 49.71
CA GLU A 220 -33.63 -11.54 50.22
C GLU A 220 -33.53 -12.17 51.61
N LEU A 221 -32.52 -13.01 51.83
CA LEU A 221 -32.40 -13.86 53.01
C LEU A 221 -32.15 -13.05 54.30
N LEU A 222 -31.32 -12.02 54.17
CA LEU A 222 -30.94 -11.13 55.25
C LEU A 222 -31.52 -9.71 55.14
N ALA A 223 -31.72 -9.19 53.93
CA ALA A 223 -32.11 -7.81 53.72
C ALA A 223 -31.34 -6.89 54.66
N PRO A 224 -30.01 -6.94 54.55
CA PRO A 224 -29.17 -6.27 55.52
C PRO A 224 -29.26 -4.75 55.45
N ASP A 225 -28.99 -4.13 56.58
CA ASP A 225 -29.03 -2.66 56.68
C ASP A 225 -27.85 -2.05 55.92
N VAL A 226 -26.72 -2.75 56.00
CA VAL A 226 -25.46 -2.25 55.42
C VAL A 226 -24.89 -3.48 54.79
N TRP A 227 -24.25 -3.33 53.65
CA TRP A 227 -23.57 -4.39 52.93
C TRP A 227 -22.13 -3.97 52.61
N VAL A 228 -21.28 -5.00 52.42
CA VAL A 228 -19.92 -4.79 51.99
C VAL A 228 -19.64 -5.79 50.88
N VAL A 229 -19.06 -5.36 49.75
CA VAL A 229 -18.60 -6.28 48.72
C VAL A 229 -17.17 -5.96 48.31
N ALA A 230 -16.44 -6.88 47.65
CA ALA A 230 -15.16 -6.52 47.07
C ALA A 230 -14.68 -7.50 46.02
N LYS A 231 -14.64 -8.79 46.37
CA LYS A 231 -13.99 -9.71 45.48
C LYS A 231 -14.69 -9.80 44.12
N GLY A 232 -16.00 -9.59 44.08
CA GLY A 232 -16.79 -9.65 42.83
C GLY A 232 -16.70 -8.44 41.88
N MET A 233 -16.13 -7.32 42.33
CA MET A 233 -16.44 -6.04 41.67
C MET A 233 -15.43 -5.55 40.62
N ALA A 234 -14.25 -6.19 40.53
CA ALA A 234 -13.17 -5.56 39.72
C ALA A 234 -12.15 -6.56 39.17
N ASN A 235 -12.55 -7.82 39.01
CA ASN A 235 -11.69 -8.91 38.58
C ASN A 235 -10.32 -8.90 39.21
N GLY A 236 -10.27 -8.57 40.50
CA GLY A 236 -9.03 -8.73 41.30
C GLY A 236 -8.36 -7.40 41.64
N HIS A 237 -8.80 -6.30 41.04
CA HIS A 237 -8.22 -4.98 41.25
C HIS A 237 -8.55 -4.41 42.62
N ALA A 238 -7.77 -3.45 43.10
CA ALA A 238 -7.76 -3.11 44.55
C ALA A 238 -8.86 -2.16 44.94
N VAL A 239 -10.06 -2.68 45.03
CA VAL A 239 -11.20 -1.87 45.45
C VAL A 239 -12.23 -2.73 46.18
N SER A 240 -13.02 -2.06 47.06
CA SER A 240 -14.10 -2.67 47.80
C SER A 240 -15.18 -1.60 47.94
N ALA A 241 -16.36 -1.99 48.41
CA ALA A 241 -17.49 -1.05 48.51
C ALA A 241 -18.33 -1.38 49.72
N VAL A 242 -18.94 -0.33 50.26
CA VAL A 242 -19.90 -0.48 51.32
CA VAL A 242 -19.88 -0.43 51.35
C VAL A 242 -21.14 0.27 50.87
N GLY A 243 -22.30 -0.23 51.24
CA GLY A 243 -23.53 0.53 50.99
C GLY A 243 -24.66 0.29 51.95
N GLY A 244 -25.69 1.12 51.86
CA GLY A 244 -26.78 0.89 52.79
C GLY A 244 -27.43 2.19 53.20
N SER A 245 -27.98 2.14 54.39
CA SER A 245 -28.66 3.28 55.00
C SER A 245 -27.75 4.54 55.02
N ARG A 246 -28.29 5.64 54.50
CA ARG A 246 -27.60 6.92 54.54
C ARG A 246 -27.33 7.29 56.00
N ARG A 247 -28.33 7.07 56.85
CA ARG A 247 -28.27 7.40 58.25
C ARG A 247 -27.17 6.62 58.94
N LEU A 248 -27.11 5.30 58.69
CA LEU A 248 -26.17 4.42 59.37
C LEU A 248 -24.74 4.66 58.86
N LEU A 249 -24.61 5.08 57.62
CA LEU A 249 -23.30 5.34 57.01
C LEU A 249 -22.93 6.83 56.96
N LYS A 250 -23.71 7.69 57.61
CA LYS A 250 -23.28 9.11 57.66
C LYS A 250 -21.82 9.30 58.16
N PRO A 251 -21.37 8.54 59.18
CA PRO A 251 -19.98 8.68 59.61
C PRO A 251 -18.94 8.46 58.54
N LEU A 252 -19.29 7.81 57.43
CA LEU A 252 -18.39 7.65 56.30
C LEU A 252 -18.02 8.98 55.59
N LYS A 253 -18.74 10.07 55.90
CA LYS A 253 -18.38 11.40 55.37
C LYS A 253 -16.95 11.76 55.73
N GLU A 254 -16.45 11.21 56.84
CA GLU A 254 -15.10 11.53 57.30
C GLU A 254 -14.05 10.79 56.53
N VAL A 255 -14.44 9.90 55.61
CA VAL A 255 -13.43 9.15 54.87
C VAL A 255 -12.98 9.92 53.63
N SER A 256 -11.67 10.02 53.44
CA SER A 256 -11.01 10.41 52.21
C SER A 256 -9.66 9.69 52.16
N PHE A 257 -9.17 9.29 51.00
CA PHE A 257 -7.81 8.75 50.85
C PHE A 257 -7.26 9.22 49.53
N THR A 258 -5.94 9.26 49.46
CA THR A 258 -5.22 9.96 48.37
C THR A 258 -5.47 9.32 47.02
N SER A 259 -5.52 7.98 46.96
CA SER A 259 -5.73 7.31 45.70
C SER A 259 -7.15 7.11 45.26
N PHE A 260 -8.08 7.79 45.90
CA PHE A 260 -9.49 7.56 45.61
C PHE A 260 -9.86 7.63 44.11
N PHE A 261 -9.26 8.55 43.37
CA PHE A 261 -9.62 8.76 41.98
C PHE A 261 -8.73 8.05 40.99
N GLU A 262 -7.90 7.12 41.46
CA GLU A 262 -6.94 6.51 40.59
C GLU A 262 -7.68 5.79 39.42
N PRO A 263 -7.29 6.05 38.18
CA PRO A 263 -8.18 5.69 37.06
C PRO A 263 -8.15 4.22 36.64
N THR A 264 -7.03 3.54 36.79
CA THR A 264 -7.03 2.15 36.36
C THR A 264 -7.98 1.27 37.17
N ILE A 265 -8.09 1.55 38.47
CA ILE A 265 -8.99 0.77 39.30
C ILE A 265 -10.45 1.06 38.94
N LEU A 266 -10.76 2.33 38.67
CA LEU A 266 -12.16 2.73 38.37
C LEU A 266 -12.60 2.12 37.05
N ALA A 267 -11.70 2.15 36.09
CA ALA A 267 -11.96 1.49 34.79
C ALA A 267 -12.16 -0.02 34.93
N ALA A 268 -11.35 -0.72 35.73
CA ALA A 268 -11.48 -2.15 35.94
C ALA A 268 -12.78 -2.50 36.61
N ALA A 269 -13.14 -1.69 37.60
CA ALA A 269 -14.42 -1.88 38.28
C ALA A 269 -15.62 -1.63 37.37
N ASP A 270 -15.58 -0.55 36.56
CA ASP A 270 -16.74 -0.27 35.70
C ASP A 270 -16.91 -1.44 34.73
N ALA A 271 -15.79 -1.90 34.15
CA ALA A 271 -15.83 -2.97 33.14
C ALA A 271 -16.30 -4.30 33.72
N ALA A 272 -15.73 -4.69 34.87
CA ALA A 272 -16.14 -5.90 35.58
C ALA A 272 -17.58 -5.86 36.04
N LEU A 273 -17.99 -4.77 36.64
CA LEU A 273 -19.38 -4.65 37.11
C LEU A 273 -20.40 -4.65 35.95
N ALA A 274 -20.05 -4.05 34.82
CA ALA A 274 -20.87 -4.21 33.59
C ALA A 274 -21.16 -5.69 33.27
N ARG A 275 -20.13 -6.53 33.30
CA ARG A 275 -20.30 -7.96 33.09
CA ARG A 275 -20.31 -7.97 33.06
C ARG A 275 -21.12 -8.64 34.21
N VAL A 276 -20.84 -8.24 35.46
CA VAL A 276 -21.46 -8.85 36.60
C VAL A 276 -22.96 -8.56 36.54
N ALA A 277 -23.35 -7.37 36.07
CA ALA A 277 -24.77 -6.96 36.13
C ALA A 277 -25.68 -7.85 35.28
N THR A 278 -25.09 -8.49 34.30
CA THR A 278 -25.84 -9.26 33.29
C THR A 278 -26.18 -10.67 33.84
N GLY A 279 -25.49 -11.08 34.91
CA GLY A 279 -25.64 -12.43 35.48
C GLY A 279 -24.88 -13.53 34.76
N GLU A 280 -24.23 -13.20 33.63
CA GLU A 280 -23.60 -14.22 32.82
C GLU A 280 -22.38 -14.89 33.45
N PRO A 281 -21.45 -14.11 34.01
CA PRO A 281 -20.29 -14.82 34.60
C PRO A 281 -20.62 -15.73 35.80
N GLN A 282 -21.58 -15.33 36.60
CA GLN A 282 -22.02 -16.10 37.75
C GLN A 282 -22.68 -17.39 37.28
N ARG A 283 -23.46 -17.32 36.20
CA ARG A 283 -24.11 -18.49 35.63
C ARG A 283 -23.02 -19.42 35.09
N ALA A 284 -22.00 -18.87 34.41
CA ALA A 284 -20.91 -19.66 33.80
C ALA A 284 -20.11 -20.40 34.85
N VAL A 285 -19.84 -19.71 35.96
CA VAL A 285 -19.11 -20.27 37.08
C VAL A 285 -19.88 -21.42 37.75
N ARG A 286 -21.16 -21.19 38.03
CA ARG A 286 -22.05 -22.18 38.65
CA ARG A 286 -21.96 -22.22 38.69
C ARG A 286 -22.02 -23.47 37.79
N GLU A 287 -22.22 -23.29 36.51
CA GLU A 287 -22.41 -24.39 35.57
C GLU A 287 -21.09 -25.10 35.39
N ALA A 288 -20.05 -24.35 35.16
CA ALA A 288 -18.69 -24.94 35.06
C ALA A 288 -18.28 -25.67 36.32
N GLY A 289 -18.40 -25.03 37.48
CA GLY A 289 -18.11 -25.78 38.70
C GLY A 289 -18.97 -27.01 39.00
N ASP A 290 -20.27 -26.97 38.74
CA ASP A 290 -21.15 -28.10 38.99
C ASP A 290 -20.72 -29.26 38.10
N ARG A 291 -20.31 -28.94 36.87
CA ARG A 291 -19.82 -29.99 35.98
C ARG A 291 -18.56 -30.65 36.57
N PHE A 292 -17.61 -29.82 37.00
CA PHE A 292 -16.42 -30.41 37.64
C PHE A 292 -16.77 -31.25 38.87
N LEU A 293 -17.66 -30.76 39.71
CA LEU A 293 -18.10 -31.52 40.85
C LEU A 293 -18.73 -32.86 40.55
N ARG A 294 -19.60 -32.94 39.54
CA ARG A 294 -20.20 -34.22 39.19
CA ARG A 294 -20.20 -34.22 39.19
C ARG A 294 -19.08 -35.22 38.90
N HIS A 295 -18.11 -34.81 38.09
CA HIS A 295 -16.99 -35.67 37.77
C HIS A 295 -16.13 -36.01 38.97
N ALA A 296 -15.77 -35.01 39.79
CA ALA A 296 -15.02 -35.25 40.99
C ALA A 296 -15.70 -36.15 42.00
N ARG A 297 -17.00 -35.96 42.23
CA ARG A 297 -17.68 -36.82 43.18
C ARG A 297 -17.70 -38.26 42.72
N LYS A 298 -17.91 -38.44 41.42
CA LYS A 298 -17.97 -39.73 40.79
C LYS A 298 -16.59 -40.38 40.88
N ALA A 299 -15.53 -39.62 40.65
CA ALA A 299 -14.18 -40.21 40.67
C ALA A 299 -13.75 -40.64 42.07
N LEU A 300 -14.14 -39.86 43.08
CA LEU A 300 -13.88 -40.19 44.45
C LEU A 300 -14.62 -41.45 44.91
N ASP A 301 -15.88 -41.54 44.53
CA ASP A 301 -16.74 -42.67 44.90
C ASP A 301 -16.16 -43.92 44.25
N ASP A 302 -15.88 -43.86 42.94
CA ASP A 302 -15.37 -45.04 42.23
C ASP A 302 -14.05 -45.48 42.82
N ALA A 303 -13.27 -44.54 43.37
CA ALA A 303 -12.00 -44.87 44.01
C ALA A 303 -12.11 -45.26 45.49
N SER A 304 -13.33 -45.31 46.04
CA SER A 304 -13.57 -45.49 47.47
C SER A 304 -12.79 -44.57 48.41
N LEU A 305 -12.68 -43.29 48.03
CA LEU A 305 -11.91 -42.30 48.79
C LEU A 305 -12.92 -41.60 49.73
N PRO A 306 -12.64 -41.58 51.04
CA PRO A 306 -13.53 -40.93 52.01
C PRO A 306 -13.31 -39.42 52.05
N VAL A 307 -13.78 -38.76 50.99
CA VAL A 307 -13.76 -37.32 50.85
C VAL A 307 -15.12 -36.88 50.33
N GLU A 308 -15.81 -36.08 51.14
CA GLU A 308 -17.03 -35.45 50.66
C GLU A 308 -16.69 -34.10 50.01
N ILE A 309 -17.64 -33.51 49.33
CA ILE A 309 -17.49 -32.16 48.82
C ILE A 309 -18.71 -31.32 49.25
N ALA A 310 -18.44 -30.31 50.04
CA ALA A 310 -19.45 -29.37 50.44
C ALA A 310 -19.58 -28.32 49.35
N GLY A 311 -20.76 -27.71 49.29
CA GLY A 311 -20.88 -26.57 48.42
C GLY A 311 -21.43 -26.90 47.04
N ASP A 312 -21.10 -26.03 46.10
CA ASP A 312 -21.55 -26.17 44.74
C ASP A 312 -20.57 -25.50 43.76
N GLY A 313 -20.99 -25.35 42.51
CA GLY A 313 -20.15 -24.76 41.51
C GLY A 313 -19.63 -23.37 41.82
N THR A 314 -20.39 -22.56 42.56
CA THR A 314 -19.96 -21.22 42.86
C THR A 314 -18.77 -21.19 43.83
N PHE A 315 -18.86 -22.03 44.86
CA PHE A 315 -17.79 -22.26 45.83
C PHE A 315 -18.02 -23.66 46.40
N PHE A 316 -17.01 -24.51 46.35
CA PHE A 316 -17.01 -25.85 46.91
C PHE A 316 -15.76 -26.13 47.74
N GLN A 317 -15.88 -27.08 48.64
CA GLN A 317 -14.82 -27.45 49.52
C GLN A 317 -14.71 -28.94 49.69
N PHE A 318 -13.48 -29.46 49.59
CA PHE A 318 -13.23 -30.85 49.90
C PHE A 318 -13.24 -31.07 51.41
N VAL A 319 -13.80 -32.18 51.85
CA VAL A 319 -13.97 -32.51 53.26
C VAL A 319 -13.45 -33.94 53.47
N PRO A 320 -12.13 -34.05 53.65
CA PRO A 320 -11.58 -35.38 53.80
C PRO A 320 -11.77 -35.94 55.19
N ALA A 321 -11.88 -37.27 55.30
CA ALA A 321 -12.06 -37.97 56.56
C ALA A 321 -10.95 -37.71 57.57
N THR A 322 -9.73 -37.47 57.11
CA THR A 322 -8.62 -37.26 58.01
C THR A 322 -7.71 -36.16 57.46
N GLU A 323 -6.99 -35.52 58.37
CA GLU A 323 -5.99 -34.50 58.00
C GLU A 323 -4.89 -35.07 57.10
N GLU A 324 -4.49 -36.31 57.39
CA GLU A 324 -3.52 -36.99 56.53
C GLU A 324 -4.04 -37.05 55.11
N LEU A 325 -5.30 -37.47 54.96
CA LEU A 325 -5.85 -37.63 53.60
C LEU A 325 -6.03 -36.25 52.97
N GLU A 326 -6.38 -35.25 53.77
CA GLU A 326 -6.43 -33.91 53.21
C GLU A 326 -5.07 -33.52 52.58
N GLU A 327 -3.97 -33.82 53.28
CA GLU A 327 -2.67 -33.33 52.81
C GLU A 327 -2.27 -34.11 51.60
N ALA A 328 -2.60 -35.40 51.60
CA ALA A 328 -2.38 -36.20 50.40
C ALA A 328 -3.15 -35.78 49.18
N LEU A 329 -4.41 -35.40 49.38
CA LEU A 329 -5.22 -34.82 48.33
C LEU A 329 -4.59 -33.60 47.65
N TYR A 330 -4.16 -32.60 48.43
CA TYR A 330 -3.61 -31.40 47.82
C TYR A 330 -2.21 -31.70 47.25
N GLY A 331 -1.45 -32.60 47.90
CA GLY A 331 -0.18 -33.03 47.29
C GLY A 331 -0.36 -33.61 45.90
N ALA A 332 -1.38 -34.45 45.76
CA ALA A 332 -1.69 -35.10 44.49
C ALA A 332 -2.20 -34.10 43.47
N ALA A 333 -3.02 -33.15 43.92
CA ALA A 333 -3.53 -32.14 43.03
C ALA A 333 -2.39 -31.24 42.50
N ASN A 334 -1.49 -30.87 43.41
CA ASN A 334 -0.28 -30.10 43.12
C ASN A 334 0.55 -30.82 42.04
N ALA A 335 0.77 -32.12 42.22
CA ALA A 335 1.47 -32.90 41.18
C ALA A 335 0.80 -32.93 39.83
N GLU A 336 -0.53 -32.84 39.80
CA GLU A 336 -1.26 -32.82 38.54
C GLU A 336 -1.60 -31.45 37.98
N GLY A 337 -1.17 -30.39 38.66
CA GLY A 337 -1.41 -29.06 38.13
C GLY A 337 -2.84 -28.55 38.27
N LEU A 338 -3.51 -28.97 39.34
CA LEU A 338 -4.80 -28.36 39.77
C LEU A 338 -4.43 -27.53 41.01
N LEU A 339 -4.53 -26.22 40.89
CA LEU A 339 -4.22 -25.32 42.01
C LEU A 339 -5.51 -25.04 42.79
N PHE A 340 -5.64 -25.74 43.88
CA PHE A 340 -6.70 -25.59 44.88
C PHE A 340 -6.25 -24.67 46.00
N TYR A 341 -7.21 -23.91 46.54
CA TYR A 341 -6.92 -23.06 47.69
C TYR A 341 -6.99 -24.06 48.82
N ALA A 342 -5.82 -24.49 49.28
CA ALA A 342 -5.73 -25.60 50.20
C ALA A 342 -6.57 -25.46 51.49
N GLY A 343 -7.51 -26.39 51.69
CA GLY A 343 -8.27 -26.53 52.91
C GLY A 343 -9.47 -25.59 52.88
N ASP A 344 -9.53 -24.73 51.88
CA ASP A 344 -10.47 -23.62 51.88
C ASP A 344 -11.46 -23.88 50.76
N ASN A 345 -12.06 -22.83 50.20
CA ASN A 345 -13.02 -23.02 49.14
C ASN A 345 -12.43 -22.81 47.75
N GLN A 346 -12.91 -23.64 46.84
CA GLN A 346 -12.55 -23.57 45.42
C GLN A 346 -13.57 -22.73 44.63
N GLY A 347 -13.03 -21.76 43.87
CA GLY A 347 -13.87 -20.82 43.17
C GLY A 347 -13.39 -20.67 41.75
N VAL A 348 -14.00 -21.39 40.82
CA VAL A 348 -13.59 -21.29 39.41
C VAL A 348 -13.99 -19.96 38.84
N SER A 349 -13.47 -19.60 37.66
CA SER A 349 -13.78 -18.35 37.00
C SER A 349 -14.60 -18.60 35.78
N ALA A 350 -15.09 -17.51 35.18
CA ALA A 350 -15.81 -17.63 33.94
C ALA A 350 -14.96 -18.04 32.76
N ALA A 351 -13.65 -18.18 32.95
CA ALA A 351 -12.77 -18.58 31.84
C ALA A 351 -12.64 -20.10 31.81
N PHE A 352 -13.36 -20.78 32.69
CA PHE A 352 -13.43 -22.23 32.72
C PHE A 352 -14.37 -22.74 31.64
N ASP A 353 -13.85 -22.81 30.42
CA ASP A 353 -14.58 -23.26 29.25
C ASP A 353 -14.54 -24.78 29.11
N GLU A 354 -15.13 -25.32 28.03
CA GLU A 354 -15.18 -26.77 27.83
C GLU A 354 -13.80 -27.40 27.86
N ALA A 355 -12.84 -26.75 27.21
CA ALA A 355 -11.47 -27.33 27.19
C ALA A 355 -10.78 -27.37 28.54
N VAL A 356 -10.87 -26.28 29.30
CA VAL A 356 -10.39 -26.27 30.68
C VAL A 356 -11.04 -27.38 31.53
N LEU A 357 -12.37 -27.48 31.47
CA LEU A 357 -13.05 -28.52 32.25
C LEU A 357 -12.62 -29.93 31.83
N GLY A 358 -12.49 -30.14 30.53
CA GLY A 358 -12.09 -31.46 30.05
C GLY A 358 -10.72 -31.84 30.61
N GLU A 359 -9.77 -30.91 30.58
CA GLU A 359 -8.45 -31.17 31.18
C GLU A 359 -8.48 -31.24 32.72
N ALA A 360 -9.33 -30.44 33.40
CA ALA A 360 -9.39 -30.53 34.85
C ALA A 360 -9.95 -31.88 35.35
N GLU A 361 -10.92 -32.40 34.60
CA GLU A 361 -11.46 -33.75 34.83
C GLU A 361 -10.36 -34.79 34.67
N ARG A 362 -9.63 -34.75 33.56
CA ARG A 362 -8.54 -35.73 33.40
C ARG A 362 -7.51 -35.62 34.52
N ARG A 363 -7.11 -34.40 34.86
CA ARG A 363 -6.24 -34.21 36.04
C ARG A 363 -6.81 -34.72 37.37
N PHE A 364 -8.08 -34.45 37.65
CA PHE A 364 -8.63 -34.95 38.89
C PHE A 364 -8.76 -36.48 38.91
N ALA A 365 -9.06 -37.09 37.77
CA ALA A 365 -8.97 -38.54 37.65
C ALA A 365 -7.57 -39.01 38.01
N ARG A 366 -6.54 -38.34 37.51
CA ARG A 366 -5.17 -38.72 37.86
C ARG A 366 -4.90 -38.56 39.36
N VAL A 367 -5.43 -37.48 39.93
CA VAL A 367 -5.34 -37.30 41.34
C VAL A 367 -5.91 -38.51 42.09
N CYS A 368 -7.10 -38.96 41.68
CA CYS A 368 -7.71 -40.05 42.44
C CYS A 368 -6.90 -41.34 42.33
N GLU A 369 -6.25 -41.53 41.19
CA GLU A 369 -5.37 -42.71 41.00
C GLU A 369 -4.17 -42.67 41.97
N ARG A 370 -3.59 -41.47 42.19
CA ARG A 370 -2.50 -41.31 43.17
C ARG A 370 -2.93 -41.61 44.59
N LEU A 371 -4.21 -41.42 44.90
CA LEU A 371 -4.74 -41.62 46.23
C LEU A 371 -5.24 -43.02 46.54
N ALA A 372 -5.03 -43.94 45.59
CA ALA A 372 -5.34 -45.35 45.76
C ALA A 372 -4.99 -45.90 47.13
N PRO A 373 -3.82 -45.55 47.68
CA PRO A 373 -3.51 -46.15 48.98
C PRO A 373 -4.41 -45.69 50.14
N TYR A 374 -5.23 -44.65 49.90
CA TYR A 374 -6.16 -44.16 50.90
C TYR A 374 -7.55 -44.75 50.70
N ALA A 375 -7.73 -45.54 49.64
CA ALA A 375 -9.01 -46.21 49.39
C ALA A 375 -9.48 -47.03 50.57
N GLY A 376 -10.79 -47.02 50.79
CA GLY A 376 -11.40 -47.85 51.80
C GLY A 376 -11.28 -47.39 53.23
N GLY A 377 -10.68 -46.22 53.47
CA GLY A 377 -10.58 -45.71 54.83
C GLY A 377 -11.96 -45.47 55.42
N GLU A 378 -12.05 -45.39 56.75
CA GLU A 378 -13.31 -45.06 57.44
C GLU A 378 -13.93 -43.79 56.83
N PRO A 379 -15.26 -43.81 56.58
CA PRO A 379 -15.95 -42.65 56.00
C PRO A 379 -15.86 -41.42 56.87
N VAL A 380 -16.12 -40.27 56.26
CA VAL A 380 -16.04 -38.97 56.93
C VAL A 380 -16.98 -38.94 58.16
N GLY A 381 -16.47 -38.40 59.26
CA GLY A 381 -17.24 -38.18 60.50
C GLY A 381 -17.44 -36.70 60.75
N ASP A 382 -18.20 -36.39 61.79
CA ASP A 382 -18.57 -35.01 62.07
C ASP A 382 -17.37 -34.19 62.57
N ALA A 383 -16.41 -34.80 63.26
CA ALA A 383 -15.29 -34.03 63.76
C ALA A 383 -14.54 -33.44 62.55
N ALA A 384 -14.38 -34.24 61.50
CA ALA A 384 -13.72 -33.79 60.29
C ALA A 384 -14.52 -32.69 59.62
N ARG A 385 -15.84 -32.88 59.51
CA ARG A 385 -16.64 -31.83 58.89
C ARG A 385 -16.48 -30.52 59.65
N TYR A 386 -16.47 -30.57 60.97
CA TYR A 386 -16.35 -29.37 61.78
C TYR A 386 -14.98 -28.68 61.59
N ARG A 387 -13.91 -29.45 61.66
CA ARG A 387 -12.55 -28.91 61.48
C ARG A 387 -12.37 -28.30 60.11
N VAL A 388 -12.78 -29.01 59.07
CA VAL A 388 -12.71 -28.47 57.71
C VAL A 388 -13.55 -27.20 57.50
N ALA A 389 -14.79 -27.21 57.95
CA ALA A 389 -15.60 -26.02 57.79
C ALA A 389 -15.00 -24.85 58.58
N TRP A 390 -14.43 -25.11 59.76
CA TRP A 390 -13.81 -24.05 60.53
C TRP A 390 -12.73 -23.34 59.70
N ASN A 391 -12.03 -24.09 58.86
CA ASN A 391 -10.99 -23.43 58.07
C ASN A 391 -11.47 -22.41 57.08
N VAL A 392 -12.63 -22.68 56.49
CA VAL A 392 -13.23 -21.75 55.55
C VAL A 392 -14.07 -20.64 56.23
N MET A 393 -14.76 -20.93 57.32
CA MET A 393 -15.65 -19.91 57.87
C MET A 393 -15.18 -19.25 59.17
N ASP A 394 -14.15 -19.75 59.83
CA ASP A 394 -13.67 -19.32 61.12
C ASP A 394 -14.79 -19.37 62.18
N GLY A 395 -15.58 -20.44 62.08
CA GLY A 395 -16.67 -20.68 63.02
C GLY A 395 -17.34 -22.00 62.68
N LEU A 396 -18.53 -22.22 63.22
CA LEU A 396 -19.20 -23.51 63.21
C LEU A 396 -20.21 -23.66 62.07
N ARG A 397 -19.99 -24.70 61.26
CA ARG A 397 -20.99 -25.14 60.30
C ARG A 397 -22.31 -25.46 61.03
N GLN A 398 -23.42 -25.28 60.34
CA GLN A 398 -24.73 -25.57 60.90
C GLN A 398 -24.93 -27.08 61.00
N ALA A 399 -25.18 -27.54 62.23
CA ALA A 399 -25.64 -28.91 62.49
C ALA A 399 -26.22 -29.02 63.91
N PRO A 400 -27.09 -30.02 64.18
CA PRO A 400 -27.63 -30.06 65.56
C PRO A 400 -26.57 -30.24 66.66
N ARG A 401 -26.64 -29.39 67.67
CA ARG A 401 -25.75 -29.37 68.85
C ARG A 401 -26.60 -28.88 70.00
N ASP A 402 -26.30 -29.33 71.21
CA ASP A 402 -26.60 -28.59 72.43
CA ASP A 402 -26.62 -28.55 72.40
C ASP A 402 -25.48 -27.61 72.80
N ARG A 403 -25.71 -26.77 73.79
CA ARG A 403 -24.72 -25.79 74.20
C ARG A 403 -23.40 -26.43 74.64
N GLU A 404 -23.48 -27.50 75.42
CA GLU A 404 -22.25 -28.15 75.85
C GLU A 404 -21.40 -28.54 74.63
N GLU A 405 -22.02 -29.12 73.62
CA GLU A 405 -21.28 -29.52 72.42
C GLU A 405 -20.74 -28.29 71.70
N THR A 406 -21.55 -27.25 71.58
CA THR A 406 -21.01 -25.99 71.05
C THR A 406 -19.77 -25.52 71.78
N THR A 407 -19.88 -25.35 73.11
CA THR A 407 -18.72 -25.08 73.97
C THR A 407 -17.51 -25.97 73.69
N GLY A 408 -17.79 -27.26 73.56
CA GLY A 408 -16.78 -28.28 73.36
C GLY A 408 -16.04 -28.09 72.05
N LEU A 409 -16.80 -27.81 71.00
CA LEU A 409 -16.22 -27.56 69.67
C LEU A 409 -15.35 -26.31 69.64
N LEU A 410 -15.79 -25.26 70.33
CA LEU A 410 -15.06 -24.01 70.40
C LEU A 410 -13.73 -24.25 71.12
N ALA A 411 -13.76 -24.99 72.22
CA ALA A 411 -12.50 -25.31 72.90
C ALA A 411 -11.56 -26.08 72.00
N ARG A 412 -12.09 -27.01 71.21
CA ARG A 412 -11.30 -27.84 70.32
C ARG A 412 -10.66 -27.01 69.22
N LEU A 413 -11.44 -26.14 68.60
CA LEU A 413 -11.06 -25.53 67.33
C LEU A 413 -10.45 -24.16 67.48
N LEU A 414 -10.66 -23.48 68.60
CA LEU A 414 -9.88 -22.26 68.92
C LEU A 414 -8.43 -22.55 69.35
N SER B 6 -25.56 12.40 44.74
CA SER B 6 -25.27 12.18 46.18
C SER B 6 -25.49 10.72 46.62
N LEU B 7 -25.05 9.78 45.79
CA LEU B 7 -24.89 8.38 46.20
C LEU B 7 -23.68 8.25 47.10
N LEU B 8 -22.68 9.12 46.93
CA LEU B 8 -21.35 8.85 47.58
C LEU B 8 -21.41 9.09 49.10
N ALA B 9 -21.10 8.08 49.90
CA ALA B 9 -21.18 8.15 51.35
C ALA B 9 -20.00 8.93 51.98
N GLU B 10 -18.88 8.90 51.25
CA GLU B 10 -17.68 9.59 51.66
C GLU B 10 -17.64 11.05 51.15
N PHE B 11 -16.67 11.80 51.65
CA PHE B 11 -16.38 13.15 51.16
C PHE B 11 -14.93 13.26 50.78
N PRO B 12 -14.59 12.85 49.56
CA PRO B 12 -13.20 12.71 49.18
C PRO B 12 -12.60 14.10 48.95
N THR B 13 -11.34 14.28 49.36
CA THR B 13 -10.62 15.51 49.01
C THR B 13 -10.35 15.51 47.51
N CYS B 14 -10.78 16.58 46.85
CA CYS B 14 -10.66 16.69 45.42
C CYS B 14 -10.86 18.14 45.02
N PRO B 15 -10.50 18.49 43.78
CA PRO B 15 -10.93 19.79 43.23
C PRO B 15 -12.43 19.97 43.19
N ARG B 16 -12.86 21.04 43.81
CA ARG B 16 -14.25 21.41 43.85
C ARG B 16 -14.40 22.84 43.28
N ASP B 17 -15.57 23.09 42.69
CA ASP B 17 -15.86 24.35 41.99
C ASP B 17 -16.57 25.25 42.99
N GLU B 18 -17.05 26.41 42.53
CA GLU B 18 -17.70 27.42 43.37
C GLU B 18 -18.87 26.92 44.22
N LYS B 19 -19.59 25.91 43.74
CA LYS B 19 -20.71 25.34 44.49
C LYS B 19 -20.29 24.15 45.37
N ASP B 20 -18.98 23.95 45.49
CA ASP B 20 -18.38 22.82 46.21
C ASP B 20 -18.72 21.45 45.60
N ARG B 21 -19.10 21.46 44.33
CA ARG B 21 -19.37 20.21 43.64
C ARG B 21 -18.03 19.81 43.01
N PRO B 22 -17.69 18.51 42.98
CA PRO B 22 -16.38 18.10 42.39
C PRO B 22 -16.17 18.47 40.93
N ARG B 23 -14.99 18.96 40.58
CA ARG B 23 -14.62 19.22 39.17
C ARG B 23 -14.48 17.88 38.49
N VAL B 24 -15.12 17.72 37.33
CA VAL B 24 -15.01 16.46 36.60
C VAL B 24 -13.93 16.56 35.53
N PHE B 25 -12.91 15.72 35.65
CA PHE B 25 -11.84 15.72 34.68
C PHE B 25 -11.98 14.51 33.78
N THR B 26 -11.83 14.75 32.48
CA THR B 26 -12.00 13.66 31.50
C THR B 26 -10.68 12.99 31.20
N ALA B 27 -9.59 13.68 31.45
CA ALA B 27 -8.31 13.24 30.88
C ALA B 27 -7.23 14.12 31.47
N ALA B 28 -6.00 13.66 31.36
CA ALA B 28 -4.87 14.40 31.84
C ALA B 28 -3.70 13.74 31.16
N SER B 29 -2.63 14.49 30.95
CA SER B 29 -1.32 13.98 30.49
C SER B 29 -0.19 14.96 30.81
N GLY B 30 0.92 14.44 31.33
CA GLY B 30 1.99 15.30 31.81
C GLY B 30 1.49 16.13 32.97
N ALA B 31 1.49 17.44 32.76
CA ALA B 31 1.14 18.43 33.76
C ALA B 31 -0.20 18.98 33.43
N TRP B 32 -0.84 18.51 32.35
CA TRP B 32 -2.11 19.13 31.93
C TRP B 32 -3.35 18.26 32.22
N LEU B 33 -4.46 18.90 32.58
CA LEU B 33 -5.76 18.24 32.72
C LEU B 33 -6.75 18.78 31.71
N THR B 34 -7.69 17.93 31.27
CA THR B 34 -8.93 18.36 30.64
C THR B 34 -10.19 18.20 31.47
N ASP B 35 -10.98 19.25 31.65
CA ASP B 35 -12.28 19.14 32.31
C ASP B 35 -13.49 18.90 31.36
N GLU B 36 -14.66 18.69 31.96
CA GLU B 36 -15.81 18.14 31.27
C GLU B 36 -16.36 19.20 30.30
N SER B 37 -16.05 20.46 30.56
CA SER B 37 -16.42 21.54 29.65
C SER B 37 -15.36 21.78 28.56
N GLY B 38 -14.30 20.98 28.53
CA GLY B 38 -13.18 21.11 27.58
C GLY B 38 -12.06 22.05 28.03
N PHE B 39 -12.33 22.84 29.06
CA PHE B 39 -11.38 23.79 29.69
C PHE B 39 -10.17 23.00 30.24
N ARG B 40 -8.97 23.40 29.82
CA ARG B 40 -7.69 22.76 30.15
C ARG B 40 -6.95 23.50 31.30
N TRP B 41 -6.33 22.71 32.19
CA TRP B 41 -5.67 23.17 33.44
C TRP B 41 -4.19 22.75 33.50
N ILE B 42 -3.34 23.52 34.18
CA ILE B 42 -2.04 23.02 34.60
C ILE B 42 -2.12 22.62 36.10
N ASP B 43 -1.66 21.41 36.39
CA ASP B 43 -1.93 20.70 37.67
C ASP B 43 -0.76 20.86 38.63
N PHE B 44 -1.03 21.59 39.71
CA PHE B 44 -0.14 21.73 40.87
C PHE B 44 -0.65 20.86 42.05
N ASP B 45 -1.85 20.32 41.95
CA ASP B 45 -2.37 19.32 42.91
C ASP B 45 -1.72 17.94 42.73
N ASN B 46 -1.91 17.33 41.55
CA ASN B 46 -1.20 16.11 41.21
C ASN B 46 -1.56 14.95 42.17
N ALA B 47 -2.86 14.77 42.35
CA ALA B 47 -3.38 13.80 43.34
C ALA B 47 -2.63 13.98 44.69
N ARG B 48 -2.66 15.21 45.19
CA ARG B 48 -2.06 15.56 46.50
C ARG B 48 -0.56 15.22 46.57
N GLY B 49 0.10 15.36 45.45
CA GLY B 49 1.50 15.04 45.37
C GLY B 49 1.89 13.62 45.20
N SER B 50 0.96 12.74 44.84
CA SER B 50 1.29 11.37 44.54
C SER B 50 1.67 11.14 43.07
N ILE B 51 1.47 12.16 42.24
CA ILE B 51 1.79 12.13 40.80
C ILE B 51 3.12 12.84 40.73
N LEU B 52 4.20 12.12 41.02
CA LEU B 52 5.50 12.71 41.00
C LEU B 52 6.01 12.90 39.57
N LEU B 53 5.63 11.96 38.70
CA LEU B 53 6.24 11.83 37.38
C LEU B 53 5.47 12.56 36.29
N GLY B 54 4.17 12.69 36.48
CA GLY B 54 3.27 13.28 35.50
C GLY B 54 2.20 12.29 35.17
N HIS B 55 1.01 12.80 34.88
CA HIS B 55 -0.13 11.97 34.57
C HIS B 55 0.11 11.22 33.29
N GLY B 56 -0.34 9.98 33.27
CA GLY B 56 -0.24 9.15 32.07
C GLY B 56 1.19 8.82 31.74
N ASP B 57 2.08 8.85 32.72
CA ASP B 57 3.48 8.74 32.40
C ASP B 57 3.71 7.57 31.45
N PRO B 58 4.36 7.82 30.29
CA PRO B 58 4.35 6.81 29.22
C PRO B 58 4.87 5.46 29.65
N VAL B 59 5.98 5.45 30.35
CA VAL B 59 6.63 4.21 30.72
C VAL B 59 5.95 3.44 31.88
N VAL B 60 5.46 4.17 32.87
CA VAL B 60 4.58 3.51 33.86
C VAL B 60 3.38 2.89 33.16
N ALA B 61 2.80 3.62 32.19
CA ALA B 61 1.58 3.20 31.51
C ALA B 61 1.78 1.89 30.76
N GLU B 62 2.96 1.76 30.13
CA GLU B 62 3.28 0.55 29.40
C GLU B 62 3.44 -0.62 30.37
N ALA B 63 4.01 -0.36 31.56
CA ALA B 63 4.24 -1.46 32.50
C ALA B 63 2.92 -1.95 33.14
N VAL B 64 2.01 -1.01 33.37
CA VAL B 64 0.67 -1.32 33.90
C VAL B 64 -0.18 -1.96 32.81
N ALA B 65 -0.09 -1.48 31.56
CA ALA B 65 -0.91 -2.03 30.47
C ALA B 65 -0.58 -3.49 30.25
N ARG B 66 0.72 -3.79 30.30
CA ARG B 66 1.21 -5.15 30.19
C ARG B 66 0.82 -6.08 31.33
N ALA B 67 1.01 -5.60 32.55
CA ALA B 67 0.62 -6.36 33.72
C ALA B 67 -0.85 -6.70 33.66
N ALA B 68 -1.67 -5.88 33.01
CA ALA B 68 -3.10 -6.10 33.01
C ALA B 68 -3.50 -7.32 32.17
N THR B 69 -2.63 -7.67 31.23
CA THR B 69 -2.86 -8.83 30.36
C THR B 69 -2.49 -10.14 31.02
N GLY B 70 -1.85 -10.09 32.21
CA GLY B 70 -1.43 -11.30 32.91
C GLY B 70 -0.01 -11.71 32.56
N ALA B 71 0.67 -10.90 31.74
CA ALA B 71 1.99 -11.29 31.27
C ALA B 71 3.13 -11.26 32.29
N ASP B 72 2.93 -10.52 33.40
CA ASP B 72 3.90 -10.42 34.48
C ASP B 72 3.51 -11.16 35.76
N GLY B 73 2.44 -11.95 35.74
CA GLY B 73 2.04 -12.59 36.97
C GLY B 73 0.58 -12.40 37.20
N THR B 74 0.18 -12.85 38.37
CA THR B 74 -1.23 -13.10 38.66
C THR B 74 -1.50 -12.65 40.07
N ALA B 75 -2.70 -12.13 40.28
CA ALA B 75 -3.20 -11.82 41.63
C ALA B 75 -3.27 -13.08 42.49
N THR B 76 -3.26 -14.27 41.87
CA THR B 76 -3.29 -15.51 42.65
C THR B 76 -2.10 -15.70 43.58
N GLY B 77 -0.92 -15.26 43.19
CA GLY B 77 0.18 -15.51 44.12
C GLY B 77 1.49 -14.79 43.74
N TRP B 78 2.56 -15.22 44.39
CA TRP B 78 3.82 -14.49 44.32
C TRP B 78 4.35 -14.33 42.88
N SER B 79 5.02 -13.21 42.62
CA SER B 79 5.71 -12.92 41.36
C SER B 79 7.03 -12.25 41.71
N ARG B 80 8.07 -12.37 40.90
CA ARG B 80 9.37 -11.84 41.36
C ARG B 80 9.34 -10.30 41.47
N ARG B 81 8.36 -9.66 40.84
CA ARG B 81 8.09 -8.26 41.06
C ARG B 81 7.78 -7.89 42.51
N VAL B 82 7.23 -8.85 43.27
CA VAL B 82 7.07 -8.66 44.71
C VAL B 82 8.46 -8.48 45.34
N ASP B 83 9.38 -9.40 45.06
CA ASP B 83 10.78 -9.25 45.51
C ASP B 83 11.45 -7.94 45.09
N ALA B 84 11.23 -7.52 43.86
CA ALA B 84 11.84 -6.26 43.34
C ALA B 84 11.30 -4.98 44.02
N VAL B 85 9.99 -4.92 44.22
CA VAL B 85 9.44 -3.76 44.94
C VAL B 85 9.97 -3.71 46.37
N LEU B 86 10.04 -4.84 47.06
CA LEU B 86 10.51 -4.89 48.44
C LEU B 86 11.97 -4.44 48.51
N GLU B 87 12.71 -4.93 47.52
CA GLU B 87 14.15 -4.74 47.50
C GLU B 87 14.49 -3.30 47.27
N ARG B 88 13.78 -2.66 46.34
CA ARG B 88 13.92 -1.27 46.01
C ARG B 88 13.65 -0.38 47.24
N LEU B 89 12.47 -0.54 47.83
CA LEU B 89 12.09 0.19 49.05
C LEU B 89 13.12 0.05 50.16
N HIS B 90 13.59 -1.16 50.39
CA HIS B 90 14.57 -1.45 51.41
C HIS B 90 15.92 -0.75 51.17
N ALA B 91 16.33 -0.74 49.91
CA ALA B 91 17.52 -0.03 49.51
C ALA B 91 17.31 1.48 49.74
N LEU B 92 16.15 2.02 49.36
CA LEU B 92 15.94 3.46 49.39
C LEU B 92 15.77 3.98 50.80
N CYS B 93 15.13 3.19 51.65
CA CYS B 93 14.64 3.68 52.92
C CYS B 93 15.33 3.01 54.10
N GLY B 94 16.01 1.88 53.89
CA GLY B 94 16.64 1.18 55.02
C GLY B 94 15.66 0.39 55.88
N GLY B 95 16.17 -0.11 56.99
CA GLY B 95 15.45 -1.00 57.87
C GLY B 95 15.81 -2.44 57.57
N GLU B 96 15.24 -3.32 58.36
CA GLU B 96 15.39 -4.76 58.20
C GLU B 96 14.25 -5.36 57.34
N VAL B 97 13.00 -4.98 57.62
CA VAL B 97 11.83 -5.56 56.98
C VAL B 97 10.94 -4.52 56.31
N VAL B 98 10.06 -4.96 55.42
CA VAL B 98 9.23 -4.03 54.64
C VAL B 98 7.89 -4.72 54.57
N GLY B 99 6.81 -3.95 54.60
CA GLY B 99 5.49 -4.47 54.30
C GLY B 99 4.78 -3.48 53.40
N LEU B 100 3.83 -4.02 52.63
CA LEU B 100 3.10 -3.31 51.64
C LEU B 100 1.62 -3.26 52.10
N PHE B 101 0.97 -2.11 51.84
CA PHE B 101 -0.44 -1.93 52.13
C PHE B 101 -1.14 -1.20 51.01
N ARG B 102 -2.44 -1.00 51.16
CA ARG B 102 -3.25 -0.42 50.12
C ARG B 102 -3.63 1.06 50.24
N SER B 103 -3.29 1.71 51.35
CA SER B 103 -3.31 3.16 51.47
C SER B 103 -2.32 3.54 52.57
N GLY B 104 -2.00 4.83 52.57
CA GLY B 104 -1.29 5.45 53.65
C GLY B 104 -1.95 5.19 54.99
N THR B 105 -3.28 5.42 55.04
CA THR B 105 -4.06 5.12 56.23
C THR B 105 -3.77 3.72 56.77
N ALA B 106 -3.87 2.71 55.89
CA ALA B 106 -3.77 1.36 56.36
C ALA B 106 -2.33 1.12 56.84
N ALA B 107 -1.37 1.67 56.12
CA ALA B 107 0.03 1.48 56.51
C ALA B 107 0.40 2.06 57.90
N VAL B 108 0.04 3.30 58.12
CA VAL B 108 0.33 4.00 59.40
C VAL B 108 -0.36 3.29 60.54
N ARG B 109 -1.67 2.97 60.41
CA ARG B 109 -2.30 2.19 61.45
C ARG B 109 -1.61 0.85 61.77
N ALA B 110 -1.26 0.10 60.73
CA ALA B 110 -0.63 -1.21 60.97
C ALA B 110 0.73 -1.03 61.71
N ALA B 111 1.49 -0.04 61.27
CA ALA B 111 2.81 0.21 61.81
C ALA B 111 2.73 0.58 63.30
N VAL B 112 1.91 1.54 63.67
CA VAL B 112 1.83 1.99 65.05
C VAL B 112 1.20 0.90 65.95
N LEU B 113 0.27 0.12 65.41
CA LEU B 113 -0.30 -0.95 66.24
C LEU B 113 0.75 -2.05 66.46
N ALA B 114 1.57 -2.31 65.45
CA ALA B 114 2.67 -3.33 65.60
C ALA B 114 3.65 -2.88 66.69
N VAL B 115 4.02 -1.62 66.64
CA VAL B 115 4.91 -1.06 67.70
C VAL B 115 4.36 -1.11 69.12
N ARG B 116 3.10 -0.73 69.28
CA ARG B 116 2.37 -0.87 70.51
C ARG B 116 2.41 -2.30 71.03
N GLU B 117 2.16 -3.27 70.13
CA GLU B 117 2.14 -4.66 70.53
C GLU B 117 3.56 -5.07 70.95
N ALA B 118 4.52 -4.66 70.14
CA ALA B 118 5.90 -5.13 70.29
C ALA B 118 6.47 -4.60 71.60
N THR B 119 6.20 -3.33 71.89
CA THR B 119 6.72 -2.67 73.11
C THR B 119 5.90 -2.98 74.34
N GLY B 120 4.64 -3.34 74.15
CA GLY B 120 3.69 -3.51 75.26
C GLY B 120 3.30 -2.26 76.01
N ARG B 121 3.51 -1.09 75.41
CA ARG B 121 3.21 0.15 76.09
C ARG B 121 2.03 0.79 75.38
N PRO B 122 1.23 1.60 76.09
CA PRO B 122 -0.09 2.00 75.59
C PRO B 122 -0.20 3.24 74.68
N LEU B 123 0.58 4.29 74.92
CA LEU B 123 0.23 5.59 74.36
C LEU B 123 1.00 5.81 73.06
N LEU B 124 0.37 6.43 72.07
CA LEU B 124 1.11 6.92 70.88
C LEU B 124 1.10 8.43 70.96
N LEU B 125 2.27 9.06 70.86
CA LEU B 125 2.39 10.52 70.86
C LEU B 125 2.51 11.00 69.41
N SER B 126 1.54 11.78 68.94
CA SER B 126 1.41 12.03 67.48
C SER B 126 1.43 13.48 67.09
N ALA B 127 2.03 13.82 65.94
CA ALA B 127 1.92 15.15 65.34
C ALA B 127 1.69 14.89 63.87
N GLY B 128 0.75 15.64 63.32
CA GLY B 128 0.41 15.52 61.93
C GLY B 128 -0.76 14.60 61.62
N TYR B 129 -1.09 14.57 60.33
CA TYR B 129 -2.16 13.74 59.78
C TYR B 129 -1.60 12.36 59.46
N HIS B 130 -2.35 11.33 59.81
CA HIS B 130 -1.92 9.95 59.61
C HIS B 130 -2.95 9.15 58.78
N GLY B 131 -3.96 9.81 58.24
CA GLY B 131 -5.01 9.15 57.47
C GLY B 131 -6.37 9.22 58.10
N TYR B 132 -7.36 8.60 57.45
CA TYR B 132 -8.74 8.85 57.76
C TYR B 132 -9.26 8.00 58.91
N ASP B 133 -8.52 7.04 59.36
CA ASP B 133 -9.06 6.07 60.30
C ASP B 133 -9.46 6.72 61.61
N PRO B 134 -10.59 6.26 62.19
CA PRO B 134 -11.00 6.80 63.47
C PRO B 134 -10.02 6.71 64.63
N MET B 135 -8.99 5.88 64.59
CA MET B 135 -7.98 5.89 65.65
C MET B 135 -7.33 7.24 65.91
N TRP B 136 -7.37 8.12 64.91
CA TRP B 136 -6.67 9.40 64.96
C TRP B 136 -7.58 10.59 65.30
N TYR B 137 -8.87 10.33 65.53
CA TYR B 137 -9.88 11.38 65.85
C TYR B 137 -9.45 12.06 67.13
N PRO B 138 -9.87 13.34 67.29
CA PRO B 138 -9.35 14.19 68.34
C PRO B 138 -9.93 13.78 69.67
N SER B 139 -9.13 14.01 70.69
CA SER B 139 -9.53 13.72 72.06
C SER B 139 -10.51 14.80 72.46
N GLU B 140 -11.21 14.55 73.56
CA GLU B 140 -12.15 15.49 74.14
C GLU B 140 -11.46 16.79 74.57
N ALA B 141 -10.19 16.76 74.97
CA ALA B 141 -9.46 18.00 75.23
C ALA B 141 -7.96 17.86 74.91
N PRO B 142 -7.29 18.97 74.58
CA PRO B 142 -5.85 18.86 74.28
C PRO B 142 -4.98 18.22 75.40
N LEU B 143 -4.01 17.43 74.95
CA LEU B 143 -3.11 16.65 75.79
C LEU B 143 -3.70 15.42 76.44
N GLU B 144 -5.00 15.19 76.29
CA GLU B 144 -5.55 13.96 76.85
C GLU B 144 -5.62 12.89 75.75
N PRO B 145 -5.41 11.63 76.13
CA PRO B 145 -5.49 10.52 75.17
C PRO B 145 -6.89 10.42 74.60
N ASN B 146 -6.98 10.16 73.29
CA ASN B 146 -8.28 9.79 72.76
C ASN B 146 -8.65 8.37 73.11
N ALA B 147 -9.78 7.88 72.56
CA ALA B 147 -10.26 6.53 72.85
C ALA B 147 -9.34 5.40 72.41
N ASP B 148 -8.42 5.68 71.48
CA ASP B 148 -7.49 4.71 71.01
C ASP B 148 -6.06 4.96 71.48
N GLY B 149 -5.86 5.76 72.51
CA GLY B 149 -4.54 5.86 73.18
C GLY B 149 -3.50 6.71 72.44
N VAL B 150 -4.03 7.66 71.70
CA VAL B 150 -3.32 8.67 70.94
C VAL B 150 -3.39 10.03 71.61
N VAL B 151 -2.21 10.59 71.88
CA VAL B 151 -2.13 11.97 72.34
C VAL B 151 -1.45 12.81 71.28
N ASP B 152 -2.15 13.83 70.84
CA ASP B 152 -1.67 14.77 69.81
C ASP B 152 -0.86 15.89 70.48
N PHE B 153 0.39 16.11 70.06
CA PHE B 153 1.21 17.21 70.62
C PHE B 153 1.45 18.37 69.63
N PHE B 154 0.84 18.28 68.48
CA PHE B 154 0.70 19.44 67.62
C PHE B 154 2.01 20.07 67.13
N PHE B 155 3.04 19.22 67.04
CA PHE B 155 4.41 19.56 66.68
C PHE B 155 5.05 20.51 67.70
N ASP B 156 4.46 20.66 68.89
CA ASP B 156 5.09 21.49 69.91
C ASP B 156 6.04 20.66 70.74
N LEU B 157 7.33 20.96 70.61
CA LEU B 157 8.32 20.15 71.31
C LEU B 157 8.36 20.30 72.83
N GLY B 158 7.98 21.45 73.32
CA GLY B 158 7.74 21.66 74.78
C GLY B 158 6.69 20.69 75.28
N LEU B 159 5.57 20.56 74.56
CA LEU B 159 4.56 19.60 74.98
C LEU B 159 5.09 18.18 74.92
N LEU B 160 5.81 17.86 73.83
CA LEU B 160 6.40 16.53 73.70
C LEU B 160 7.39 16.23 74.80
N ARG B 161 8.24 17.18 75.12
CA ARG B 161 9.22 16.97 76.19
C ARG B 161 8.51 16.58 77.52
N GLU B 162 7.44 17.29 77.83
CA GLU B 162 6.63 17.01 79.03
CA GLU B 162 6.71 17.00 79.06
C GLU B 162 6.15 15.57 79.02
N LEU B 163 5.54 15.16 77.90
CA LEU B 163 5.01 13.82 77.77
C LEU B 163 6.12 12.76 77.92
N LEU B 164 7.30 13.06 77.43
CA LEU B 164 8.38 12.09 77.45
C LEU B 164 9.10 12.00 78.82
N ARG B 165 8.71 12.82 79.77
CA ARG B 165 9.22 12.68 81.14
CA ARG B 165 9.21 12.69 81.15
C ARG B 165 8.66 11.43 81.82
N ALA B 166 7.63 10.83 81.23
CA ALA B 166 7.15 9.49 81.62
C ALA B 166 7.09 8.52 80.44
N PRO B 167 8.24 8.01 79.95
CA PRO B 167 8.29 7.20 78.73
C PRO B 167 7.83 5.76 78.86
N GLU B 168 7.80 5.24 80.08
CA GLU B 168 7.20 3.95 80.36
C GLU B 168 5.81 3.73 79.73
N ARG B 169 5.02 4.78 79.58
CA ARG B 169 3.68 4.59 79.02
C ARG B 169 3.62 4.77 77.49
N VAL B 170 4.76 5.02 76.85
CA VAL B 170 4.74 5.52 75.47
C VAL B 170 5.30 4.42 74.63
N ALA B 171 4.45 3.88 73.76
CA ALA B 171 4.86 2.94 72.74
C ALA B 171 5.71 3.63 71.63
N ALA B 172 5.29 4.80 71.18
CA ALA B 172 5.98 5.50 70.12
C ALA B 172 5.58 6.98 70.01
N VAL B 173 6.48 7.76 69.42
CA VAL B 173 6.17 9.08 68.90
C VAL B 173 5.99 8.88 67.38
N VAL B 174 4.93 9.43 66.81
CA VAL B 174 4.68 9.25 65.37
CA VAL B 174 4.60 9.23 65.39
C VAL B 174 4.44 10.62 64.75
N VAL B 175 5.30 11.01 63.81
CA VAL B 175 5.31 12.35 63.27
C VAL B 175 5.22 12.40 61.75
N SER B 176 4.35 13.24 61.21
CA SER B 176 4.30 13.47 59.76
C SER B 176 5.10 14.73 59.43
N PRO B 177 6.26 14.60 58.79
CA PRO B 177 7.04 15.81 58.50
C PRO B 177 6.36 16.87 57.67
N ASP B 178 6.65 18.13 57.97
CA ASP B 178 6.43 19.22 57.05
C ASP B 178 7.73 20.00 56.91
N HIS B 179 8.28 20.06 55.70
CA HIS B 179 9.51 20.83 55.44
C HIS B 179 9.35 22.30 55.02
N MET B 180 8.10 22.78 54.98
CA MET B 180 7.77 24.18 54.73
C MET B 180 7.78 24.94 56.04
N HIS B 181 7.35 24.27 57.12
CA HIS B 181 7.02 24.97 58.35
C HIS B 181 7.83 24.54 59.55
N LEU B 182 8.65 23.51 59.42
CA LEU B 182 9.56 23.04 60.47
C LEU B 182 11.00 22.99 59.96
N SER B 183 11.90 23.59 60.75
CA SER B 183 13.32 23.54 60.38
C SER B 183 14.00 22.22 60.66
N PRO B 184 15.14 21.98 60.01
CA PRO B 184 16.03 20.86 60.38
C PRO B 184 16.32 20.70 61.87
N GLY B 185 16.56 21.78 62.63
CA GLY B 185 16.82 21.68 64.04
C GLY B 185 15.60 21.29 64.86
N TRP B 186 14.41 21.59 64.35
CA TRP B 186 13.17 21.00 64.88
C TRP B 186 13.24 19.47 64.96
N TYR B 187 13.56 18.88 63.80
CA TYR B 187 13.69 17.43 63.67
C TYR B 187 14.81 16.90 64.57
N ARG B 188 15.94 17.58 64.60
CA ARG B 188 16.99 17.06 65.47
C ARG B 188 16.65 17.06 66.97
N GLU B 189 15.90 18.08 67.41
CA GLU B 189 15.43 18.14 68.78
C GLU B 189 14.45 17.00 69.06
N LEU B 190 13.55 16.75 68.12
CA LEU B 190 12.58 15.67 68.22
C LEU B 190 13.37 14.37 68.41
N ARG B 191 14.40 14.19 67.62
CA ARG B 191 15.21 12.96 67.70
C ARG B 191 15.99 12.78 69.04
N ARG B 192 16.54 13.88 69.50
CA ARG B 192 17.25 13.93 70.78
C ARG B 192 16.35 13.58 71.94
N LEU B 193 15.16 14.21 71.97
CA LEU B 193 14.19 13.93 73.00
C LEU B 193 13.76 12.49 72.96
N CYS B 194 13.51 11.93 71.77
CA CYS B 194 13.05 10.55 71.73
C CYS B 194 14.14 9.61 72.24
N SER B 195 15.38 9.90 71.87
CA SER B 195 16.50 9.01 72.20
C SER B 195 16.80 9.02 73.69
N ALA B 196 16.82 10.22 74.27
CA ALA B 196 16.95 10.38 75.73
C ALA B 196 15.86 9.65 76.51
N ALA B 197 14.64 9.64 75.98
CA ALA B 197 13.57 8.93 76.64
C ALA B 197 13.55 7.44 76.32
N GLY B 198 14.33 6.99 75.36
CA GLY B 198 14.31 5.60 74.93
C GLY B 198 13.06 5.13 74.21
N VAL B 199 12.39 6.09 73.58
CA VAL B 199 11.11 5.84 72.92
C VAL B 199 11.24 5.68 71.40
N VAL B 200 10.43 4.77 70.86
CA VAL B 200 10.46 4.45 69.44
C VAL B 200 9.91 5.66 68.70
N LEU B 201 10.54 5.93 67.56
CA LEU B 201 10.17 7.02 66.68
C LEU B 201 9.71 6.46 65.34
N VAL B 202 8.48 6.83 64.96
CA VAL B 202 7.87 6.43 63.70
C VAL B 202 7.78 7.68 62.81
N ALA B 203 8.49 7.72 61.67
CA ALA B 203 8.33 8.78 60.71
C ALA B 203 7.24 8.38 59.71
N ASP B 204 6.13 9.13 59.75
CA ASP B 204 5.05 8.95 58.80
C ASP B 204 5.40 9.80 57.58
N GLU B 205 6.11 9.21 56.63
CA GLU B 205 6.56 9.89 55.40
C GLU B 205 5.64 9.57 54.22
N VAL B 206 4.36 9.29 54.51
CA VAL B 206 3.43 9.05 53.42
C VAL B 206 3.50 10.15 52.36
N LYS B 207 3.59 11.39 52.79
CA LYS B 207 3.60 12.49 51.84
C LYS B 207 4.97 12.83 51.34
N VAL B 208 5.95 12.91 52.25
CA VAL B 208 7.26 13.51 51.96
C VAL B 208 8.31 12.48 51.57
N GLY B 209 8.00 11.21 51.82
CA GLY B 209 8.95 10.10 51.57
C GLY B 209 9.18 9.92 50.06
N LEU B 210 10.44 9.84 49.65
CA LEU B 210 10.82 9.71 48.22
C LEU B 210 10.73 10.98 47.34
N ARG B 211 10.25 12.10 47.87
CA ARG B 211 10.01 13.30 47.07
C ARG B 211 11.13 14.33 47.20
N TYR B 212 11.77 14.39 48.37
CA TYR B 212 12.81 15.39 48.70
C TYR B 212 14.18 14.84 48.30
N ALA B 213 14.24 13.52 48.26
CA ALA B 213 15.45 12.75 48.05
C ALA B 213 15.03 11.39 47.50
N PRO B 214 16.01 10.63 46.98
CA PRO B 214 15.77 9.21 46.76
C PRO B 214 15.92 8.50 48.09
N GLY B 215 14.93 8.71 48.95
CA GLY B 215 14.93 8.14 50.29
C GLY B 215 13.93 8.84 51.21
N LEU B 216 14.04 8.57 52.49
CA LEU B 216 13.28 9.29 53.51
C LEU B 216 13.77 10.72 53.68
N SER B 217 12.85 11.69 53.67
CA SER B 217 13.27 13.08 53.88
C SER B 217 13.94 13.31 55.22
N THR B 218 13.72 12.42 56.18
CA THR B 218 14.27 12.55 57.51
C THR B 218 15.22 11.44 57.86
N ALA B 219 15.80 10.78 56.85
CA ALA B 219 16.71 9.67 57.13
C ALA B 219 17.84 10.02 58.11
N GLU B 220 18.46 11.18 57.91
CA GLU B 220 19.50 11.60 58.88
C GLU B 220 18.93 12.48 60.00
N LEU B 221 17.91 13.31 59.71
CA LEU B 221 17.35 14.22 60.70
C LEU B 221 16.65 13.51 61.88
N LEU B 222 15.97 12.41 61.60
CA LEU B 222 15.28 11.62 62.59
C LEU B 222 15.80 10.20 62.77
N ALA B 223 16.34 9.59 61.70
CA ALA B 223 16.87 8.20 61.77
C ALA B 223 15.80 7.33 62.45
N PRO B 224 14.61 7.31 61.82
CA PRO B 224 13.49 6.69 62.54
C PRO B 224 13.57 5.17 62.70
N ASP B 225 13.04 4.63 63.79
CA ASP B 225 12.98 3.18 64.03
C ASP B 225 12.05 2.48 63.03
N VAL B 226 10.98 3.19 62.66
CA VAL B 226 10.03 2.72 61.64
C VAL B 226 9.65 3.87 60.71
N TRP B 227 9.51 3.59 59.42
CA TRP B 227 9.12 4.56 58.41
C TRP B 227 7.90 4.10 57.69
N VAL B 228 7.15 5.03 57.15
CA VAL B 228 6.06 4.72 56.23
C VAL B 228 6.17 5.67 55.02
N VAL B 229 6.06 5.15 53.79
CA VAL B 229 5.99 5.93 52.57
C VAL B 229 4.79 5.52 51.73
N ALA B 230 4.37 6.38 50.81
CA ALA B 230 3.32 5.94 49.89
C ALA B 230 3.21 6.82 48.64
N LYS B 231 3.09 8.12 48.80
CA LYS B 231 2.70 8.97 47.67
C LYS B 231 3.82 9.00 46.60
N GLY B 232 5.05 8.74 47.07
CA GLY B 232 6.18 8.84 46.16
C GLY B 232 6.50 7.56 45.41
N MET B 233 5.81 6.47 45.71
CA MET B 233 6.32 5.16 45.36
C MET B 233 5.68 4.57 44.10
N ALA B 234 4.57 5.09 43.58
CA ALA B 234 3.92 4.42 42.43
C ALA B 234 3.17 5.32 41.46
N ASN B 235 3.61 6.57 41.34
CA ASN B 235 2.96 7.56 40.50
C ASN B 235 1.45 7.56 40.61
N GLY B 236 0.97 7.35 41.85
CA GLY B 236 -0.46 7.56 42.13
C GLY B 236 -1.20 6.26 42.44
N HIS B 237 -0.61 5.12 42.16
CA HIS B 237 -1.30 3.83 42.24
C HIS B 237 -1.44 3.38 43.68
N ALA B 238 -2.37 2.45 43.87
CA ALA B 238 -2.90 2.14 45.20
C ALA B 238 -1.93 1.28 46.04
N VAL B 239 -0.84 1.89 46.53
CA VAL B 239 0.14 1.18 47.36
C VAL B 239 0.90 2.11 48.34
N SER B 240 1.22 1.53 49.50
CA SER B 240 1.96 2.23 50.53
C SER B 240 2.92 1.20 51.12
N ALA B 241 3.85 1.65 51.96
CA ALA B 241 4.84 0.72 52.53
C ALA B 241 5.31 1.15 53.92
N VAL B 242 5.71 0.15 54.69
CA VAL B 242 6.26 0.40 56.01
CA VAL B 242 6.20 0.31 56.07
C VAL B 242 7.52 -0.41 56.14
N GLY B 243 8.49 0.16 56.86
CA GLY B 243 9.64 -0.63 57.24
C GLY B 243 10.35 -0.14 58.48
N GLY B 244 11.39 -0.89 58.83
CA GLY B 244 12.10 -0.73 60.09
C GLY B 244 12.48 -2.06 60.70
N SER B 245 12.63 -2.09 62.01
CA SER B 245 13.26 -3.24 62.67
C SER B 245 12.34 -4.44 62.70
N ARG B 246 12.96 -5.59 62.53
CA ARG B 246 12.29 -6.88 62.60
C ARG B 246 11.50 -7.04 63.90
N ARG B 247 12.10 -6.69 65.03
CA ARG B 247 11.48 -6.85 66.33
C ARG B 247 10.25 -5.93 66.47
N LEU B 248 10.34 -4.67 66.10
CA LEU B 248 9.16 -3.80 66.31
C LEU B 248 8.00 -4.08 65.34
N LEU B 249 8.27 -4.64 64.18
CA LEU B 249 7.23 -4.91 63.18
C LEU B 249 6.84 -6.36 63.07
N LYS B 250 7.38 -7.18 63.97
CA LYS B 250 7.00 -8.56 64.06
C LYS B 250 5.48 -8.77 64.04
N PRO B 251 4.73 -7.91 64.74
CA PRO B 251 3.31 -8.16 64.65
C PRO B 251 2.68 -8.05 63.26
N LEU B 252 3.37 -7.48 62.28
CA LEU B 252 2.86 -7.37 60.92
C LEU B 252 2.74 -8.74 60.26
N LYS B 253 3.31 -9.76 60.91
CA LYS B 253 3.13 -11.10 60.39
C LYS B 253 1.66 -11.53 60.29
N GLU B 254 0.77 -10.87 61.03
CA GLU B 254 -0.66 -11.21 60.98
C GLU B 254 -1.39 -10.51 59.81
N VAL B 255 -0.72 -9.70 59.01
CA VAL B 255 -1.35 -9.01 57.90
C VAL B 255 -1.31 -9.90 56.68
N SER B 256 -2.48 -9.96 56.01
CA SER B 256 -2.66 -10.52 54.68
C SER B 256 -3.88 -9.83 54.13
N PHE B 257 -3.89 -9.59 52.83
CA PHE B 257 -5.08 -9.10 52.17
C PHE B 257 -5.17 -9.66 50.76
N THR B 258 -6.38 -9.84 50.30
CA THR B 258 -6.69 -10.53 49.08
C THR B 258 -5.95 -9.99 47.87
N SER B 259 -5.91 -8.68 47.64
CA SER B 259 -5.31 -8.10 46.43
C SER B 259 -3.81 -7.90 46.49
N PHE B 260 -3.16 -8.53 47.47
CA PHE B 260 -1.74 -8.30 47.76
C PHE B 260 -0.90 -8.46 46.49
N PHE B 261 -1.23 -9.46 45.69
CA PHE B 261 -0.39 -9.80 44.50
C PHE B 261 -0.83 -9.16 43.22
N GLU B 262 -1.78 -8.22 43.25
CA GLU B 262 -2.31 -7.63 42.04
C GLU B 262 -1.20 -6.99 41.18
N PRO B 263 -1.02 -7.51 39.97
CA PRO B 263 0.21 -7.08 39.24
C PRO B 263 0.29 -5.69 38.71
N THR B 264 -0.81 -5.01 38.37
CA THR B 264 -0.66 -3.70 37.84
C THR B 264 -0.08 -2.73 38.89
N ILE B 265 -0.48 -2.89 40.17
CA ILE B 265 0.08 -2.04 41.22
C ILE B 265 1.58 -2.31 41.40
N LEU B 266 1.98 -3.58 41.36
CA LEU B 266 3.37 -3.93 41.53
C LEU B 266 4.17 -3.40 40.33
N ALA B 267 3.54 -3.39 39.16
CA ALA B 267 4.16 -2.79 37.95
C ALA B 267 4.41 -1.30 38.11
N ALA B 268 3.39 -0.58 38.58
CA ALA B 268 3.51 0.83 38.72
C ALA B 268 4.56 1.16 39.75
N ALA B 269 4.63 0.42 40.85
CA ALA B 269 5.57 0.66 41.92
C ALA B 269 6.99 0.37 41.51
N ASP B 270 7.14 -0.71 40.75
CA ASP B 270 8.48 -1.09 40.32
C ASP B 270 8.97 -0.07 39.28
N ALA B 271 8.13 0.33 38.33
CA ALA B 271 8.55 1.34 37.34
C ALA B 271 8.86 2.69 38.01
N ALA B 272 7.91 3.24 38.78
CA ALA B 272 8.10 4.54 39.43
C ALA B 272 9.28 4.53 40.39
N LEU B 273 9.48 3.47 41.17
CA LEU B 273 10.56 3.46 42.14
C LEU B 273 11.91 3.51 41.43
N ALA B 274 11.94 2.95 40.24
CA ALA B 274 13.22 2.88 39.49
C ALA B 274 13.70 4.28 39.19
N ARG B 275 12.80 5.15 38.73
CA ARG B 275 13.15 6.52 38.47
C ARG B 275 13.40 7.24 39.79
N VAL B 276 12.55 6.99 40.80
CA VAL B 276 12.70 7.65 42.07
C VAL B 276 14.11 7.44 42.54
N ALA B 277 14.63 6.23 42.34
CA ALA B 277 15.94 5.87 42.84
C ALA B 277 17.08 6.66 42.16
N THR B 278 16.84 7.27 41.00
CA THR B 278 17.89 8.03 40.31
C THR B 278 18.09 9.43 40.88
N GLY B 279 17.13 9.97 41.64
CA GLY B 279 17.21 11.37 42.06
C GLY B 279 16.59 12.36 41.09
N GLU B 280 16.38 11.97 39.83
CA GLU B 280 16.12 12.95 38.81
C GLU B 280 14.77 13.62 38.95
N PRO B 281 13.70 12.81 39.20
CA PRO B 281 12.41 13.46 39.20
C PRO B 281 12.34 14.44 40.38
N GLN B 282 13.04 14.13 41.44
CA GLN B 282 13.05 14.98 42.65
C GLN B 282 13.79 16.29 42.35
N ARG B 283 14.97 16.18 41.73
CA ARG B 283 15.70 17.35 41.22
C ARG B 283 14.85 18.18 40.29
N ALA B 284 14.15 17.52 39.36
CA ALA B 284 13.40 18.23 38.35
C ALA B 284 12.22 19.00 38.93
N VAL B 285 11.57 18.39 39.93
CA VAL B 285 10.47 19.04 40.60
C VAL B 285 10.98 20.23 41.43
N ARG B 286 12.07 20.06 42.16
CA ARG B 286 12.65 21.09 43.00
CA ARG B 286 12.61 21.13 43.01
C ARG B 286 13.00 22.29 42.10
N GLU B 287 13.76 21.98 41.06
CA GLU B 287 14.26 22.99 40.12
C GLU B 287 13.11 23.66 39.43
N ALA B 288 12.13 22.88 38.95
CA ALA B 288 10.96 23.49 38.33
C ALA B 288 10.09 24.32 39.21
N GLY B 289 9.73 23.80 40.38
CA GLY B 289 8.86 24.60 41.25
C GLY B 289 9.56 25.85 41.81
N ASP B 290 10.85 25.74 42.07
CA ASP B 290 11.74 26.88 42.42
C ASP B 290 11.74 27.95 41.32
N ARG B 291 11.77 27.53 40.05
CA ARG B 291 11.66 28.50 38.95
C ARG B 291 10.33 29.19 39.04
N PHE B 292 9.28 28.40 39.24
CA PHE B 292 7.96 28.97 39.25
C PHE B 292 7.75 29.89 40.44
N LEU B 293 8.29 29.49 41.57
CA LEU B 293 8.30 30.34 42.77
C LEU B 293 9.01 31.71 42.62
N ARG B 294 10.24 31.75 42.14
CA ARG B 294 10.88 33.06 41.89
C ARG B 294 9.85 33.93 41.17
N HIS B 295 9.24 33.35 40.13
CA HIS B 295 8.37 34.11 39.25
C HIS B 295 7.12 34.57 39.94
N ALA B 296 6.53 33.65 40.72
CA ALA B 296 5.31 33.95 41.43
C ALA B 296 5.57 35.01 42.50
N ARG B 297 6.72 34.93 43.16
CA ARG B 297 7.00 35.89 44.25
C ARG B 297 7.19 37.29 43.66
N LYS B 298 7.84 37.42 42.51
CA LYS B 298 8.03 38.73 41.85
C LYS B 298 6.71 39.32 41.37
N ALA B 299 5.87 38.45 40.81
CA ALA B 299 4.53 38.89 40.40
C ALA B 299 3.63 39.38 41.53
N LEU B 300 3.63 38.70 42.67
CA LEU B 300 2.88 39.18 43.81
C LEU B 300 3.48 40.50 44.35
N ASP B 301 4.80 40.60 44.31
CA ASP B 301 5.52 41.79 44.79
C ASP B 301 5.24 42.96 43.84
N ASP B 302 5.46 42.77 42.55
CA ASP B 302 5.20 43.85 41.57
C ASP B 302 3.75 44.27 41.67
N ALA B 303 2.86 43.34 41.99
CA ALA B 303 1.43 43.64 42.15
C ALA B 303 1.02 44.19 43.51
N SER B 304 1.96 44.30 44.44
CA SER B 304 1.66 44.71 45.83
C SER B 304 0.61 43.83 46.52
N LEU B 305 0.68 42.53 46.23
CA LEU B 305 -0.24 41.58 46.83
C LEU B 305 0.40 40.98 48.11
N PRO B 306 -0.31 41.01 49.24
CA PRO B 306 0.21 40.53 50.54
C PRO B 306 0.00 39.00 50.64
N VAL B 307 0.81 38.30 49.88
CA VAL B 307 0.80 36.85 49.85
C VAL B 307 2.25 36.46 49.93
N GLU B 308 2.58 35.72 51.00
CA GLU B 308 3.86 35.04 51.10
C GLU B 308 3.75 33.63 50.59
N ILE B 309 4.89 33.02 50.32
CA ILE B 309 4.89 31.66 49.79
C ILE B 309 5.87 30.92 50.65
N ALA B 310 5.37 29.97 51.44
CA ALA B 310 6.20 29.11 52.22
C ALA B 310 6.64 27.93 51.42
N GLY B 311 7.70 27.31 51.90
CA GLY B 311 8.28 26.15 51.29
C GLY B 311 9.20 26.40 50.10
N ASP B 312 9.23 25.43 49.20
CA ASP B 312 10.18 25.44 48.08
C ASP B 312 9.59 24.67 46.91
N GLY B 313 10.41 24.46 45.87
CA GLY B 313 9.92 23.82 44.66
C GLY B 313 9.28 22.46 44.87
N THR B 314 9.71 21.74 45.90
CA THR B 314 9.15 20.42 46.20
C THR B 314 7.70 20.47 46.70
N PHE B 315 7.46 21.38 47.62
CA PHE B 315 6.15 21.69 48.08
C PHE B 315 6.17 23.12 48.56
N PHE B 316 5.18 23.90 48.11
CA PHE B 316 5.04 25.26 48.58
C PHE B 316 3.61 25.54 48.86
N GLN B 317 3.38 26.63 49.56
CA GLN B 317 2.06 27.01 50.01
C GLN B 317 1.93 28.51 49.96
N PHE B 318 0.86 28.99 49.33
CA PHE B 318 0.47 30.41 49.44
C PHE B 318 -0.03 30.73 50.84
N VAL B 319 0.51 31.81 51.40
CA VAL B 319 0.11 32.31 52.70
C VAL B 319 -0.41 33.71 52.48
N PRO B 320 -1.73 33.84 52.23
CA PRO B 320 -2.27 35.16 52.04
C PRO B 320 -2.60 35.81 53.38
N ALA B 321 -2.60 37.13 53.38
CA ALA B 321 -2.85 37.88 54.58
C ALA B 321 -4.24 37.79 55.16
N THR B 322 -5.25 37.59 54.31
CA THR B 322 -6.61 37.40 54.77
C THR B 322 -7.18 36.17 54.08
N GLU B 323 -8.16 35.57 54.71
CA GLU B 323 -8.99 34.50 54.13
C GLU B 323 -9.77 34.95 52.89
N GLU B 324 -10.28 36.18 52.92
CA GLU B 324 -10.86 36.80 51.70
C GLU B 324 -9.89 36.72 50.52
N LEU B 325 -8.65 37.18 50.70
CA LEU B 325 -7.68 37.15 49.64
C LEU B 325 -7.34 35.72 49.23
N GLU B 326 -7.23 34.80 50.18
CA GLU B 326 -6.88 33.41 49.83
C GLU B 326 -7.89 32.80 48.88
N GLU B 327 -9.16 32.95 49.23
CA GLU B 327 -10.28 32.56 48.34
C GLU B 327 -10.26 33.22 46.96
N ALA B 328 -9.97 34.51 46.91
CA ALA B 328 -9.91 35.21 45.63
C ALA B 328 -8.79 34.69 44.82
N LEU B 329 -7.70 34.38 45.52
CA LEU B 329 -6.52 33.84 44.87
C LEU B 329 -6.89 32.58 44.14
N TYR B 330 -7.54 31.65 44.82
CA TYR B 330 -7.83 30.36 44.17
C TYR B 330 -8.92 30.58 43.11
N GLY B 331 -9.85 31.51 43.39
CA GLY B 331 -10.81 31.98 42.37
C GLY B 331 -10.19 32.38 41.04
N ALA B 332 -9.15 33.21 41.07
CA ALA B 332 -8.44 33.69 39.89
C ALA B 332 -7.61 32.63 39.23
N ALA B 333 -6.99 31.80 40.06
CA ALA B 333 -6.15 30.70 39.54
C ALA B 333 -7.02 29.77 38.69
N ASN B 334 -8.21 29.51 39.22
CA ASN B 334 -9.17 28.61 38.59
C ASN B 334 -9.54 29.26 37.24
N ALA B 335 -9.85 30.56 37.27
CA ALA B 335 -10.26 31.29 36.07
C ALA B 335 -9.18 31.22 35.00
N GLU B 336 -7.92 31.06 35.41
CA GLU B 336 -6.79 31.00 34.48
C GLU B 336 -6.24 29.64 34.13
N GLY B 337 -6.87 28.56 34.60
CA GLY B 337 -6.41 27.22 34.30
C GLY B 337 -5.17 26.79 35.04
N LEU B 338 -4.99 27.31 36.25
CA LEU B 338 -3.96 26.76 37.14
C LEU B 338 -4.65 26.06 38.31
N LEU B 339 -4.44 24.76 38.41
CA LEU B 339 -5.12 23.95 39.46
C LEU B 339 -4.19 23.80 40.66
N PHE B 340 -4.51 24.58 41.67
CA PHE B 340 -3.79 24.48 42.95
C PHE B 340 -4.62 23.63 43.90
N TYR B 341 -3.93 22.96 44.81
CA TYR B 341 -4.65 22.29 45.92
C TYR B 341 -4.97 23.34 46.96
N ALA B 342 -6.25 23.74 47.05
CA ALA B 342 -6.71 24.94 47.72
C ALA B 342 -6.39 24.96 49.23
N GLY B 343 -5.55 25.92 49.60
CA GLY B 343 -5.12 26.12 50.96
C GLY B 343 -4.02 25.21 51.45
N ASP B 344 -3.62 24.25 50.64
CA ASP B 344 -2.68 23.19 51.05
C ASP B 344 -1.34 23.34 50.32
N ASN B 345 -0.57 22.27 50.15
CA ASN B 345 0.68 22.42 49.46
C ASN B 345 0.61 22.06 47.97
N GLN B 346 1.32 22.87 47.18
CA GLN B 346 1.34 22.73 45.73
C GLN B 346 2.60 21.92 45.40
N GLY B 347 2.38 20.85 44.67
CA GLY B 347 3.42 19.91 44.38
C GLY B 347 3.49 19.65 42.87
N VAL B 348 4.47 20.30 42.22
CA VAL B 348 4.69 19.98 40.81
C VAL B 348 5.25 18.63 40.55
N SER B 349 5.03 18.20 39.30
CA SER B 349 5.57 16.93 38.87
C SER B 349 6.72 17.15 37.93
N ALA B 350 7.46 16.09 37.63
CA ALA B 350 8.56 16.16 36.69
C ALA B 350 8.09 16.50 35.26
N ALA B 351 6.81 16.33 34.95
CA ALA B 351 6.32 16.71 33.60
C ALA B 351 6.28 18.24 33.41
N PHE B 352 6.85 18.94 34.40
CA PHE B 352 6.95 20.39 34.38
C PHE B 352 8.21 20.82 33.65
N ASP B 353 8.10 20.78 32.30
CA ASP B 353 9.16 21.20 31.38
C ASP B 353 9.00 22.69 31.08
N GLU B 354 9.79 23.20 30.13
CA GLU B 354 9.86 24.63 29.87
C GLU B 354 8.54 25.11 29.33
N ALA B 355 7.97 24.33 28.43
CA ALA B 355 6.67 24.72 27.89
C ALA B 355 5.69 24.92 29.02
N VAL B 356 5.61 23.99 29.97
CA VAL B 356 4.59 24.13 31.02
C VAL B 356 4.86 25.35 31.91
N LEU B 357 6.12 25.49 32.27
CA LEU B 357 6.60 26.55 33.16
C LEU B 357 6.31 27.92 32.57
N GLY B 358 6.72 28.09 31.31
CA GLY B 358 6.36 29.31 30.60
C GLY B 358 4.89 29.61 30.64
N GLU B 359 4.03 28.64 30.29
CA GLU B 359 2.58 28.91 30.33
C GLU B 359 2.04 29.17 31.74
N ALA B 360 2.54 28.43 32.70
CA ALA B 360 2.10 28.60 34.11
C ALA B 360 2.50 29.98 34.61
N GLU B 361 3.73 30.38 34.30
CA GLU B 361 4.21 31.73 34.67
C GLU B 361 3.29 32.75 34.04
N ARG B 362 3.08 32.58 32.72
CA ARG B 362 2.16 33.45 32.05
C ARG B 362 0.80 33.46 32.69
N ARG B 363 0.25 32.29 33.03
CA ARG B 363 -1.10 32.26 33.62
C ARG B 363 -1.10 32.85 35.03
N PHE B 364 0.02 32.71 35.73
CA PHE B 364 0.10 33.34 37.06
C PHE B 364 0.15 34.87 37.05
N ALA B 365 0.89 35.45 36.09
CA ALA B 365 0.82 36.91 35.90
C ALA B 365 -0.63 37.31 35.78
N ARG B 366 -1.36 36.58 34.93
CA ARG B 366 -2.77 36.92 34.71
C ARG B 366 -3.59 36.76 36.00
N VAL B 367 -3.21 35.85 36.88
CA VAL B 367 -3.85 35.75 38.20
C VAL B 367 -3.57 36.97 39.04
N CYS B 368 -2.32 37.43 39.01
CA CYS B 368 -1.97 38.66 39.71
C CYS B 368 -2.77 39.84 39.16
N GLU B 369 -2.96 39.89 37.84
CA GLU B 369 -3.76 40.96 37.24
C GLU B 369 -5.19 40.91 37.81
N ARG B 370 -5.81 39.73 37.80
CA ARG B 370 -7.16 39.54 38.35
C ARG B 370 -7.30 40.03 39.77
N LEU B 371 -6.18 40.01 40.50
CA LEU B 371 -6.17 40.27 41.93
C LEU B 371 -5.89 41.72 42.32
N ALA B 372 -5.75 42.59 41.32
CA ALA B 372 -5.29 43.95 41.55
C ALA B 372 -6.19 44.75 42.51
N PRO B 373 -7.47 44.36 42.68
CA PRO B 373 -8.20 45.02 43.75
C PRO B 373 -7.61 44.87 45.15
N TYR B 374 -6.89 43.77 45.38
CA TYR B 374 -6.29 43.50 46.68
C TYR B 374 -4.90 44.10 46.86
N ALA B 375 -4.37 44.77 45.82
CA ALA B 375 -3.09 45.44 45.89
C ALA B 375 -3.03 46.34 47.12
N GLY B 376 -1.90 46.34 47.83
CA GLY B 376 -1.71 47.22 48.97
C GLY B 376 -2.46 46.92 50.26
N GLY B 377 -3.09 45.77 50.40
CA GLY B 377 -3.61 45.38 51.70
C GLY B 377 -2.48 45.17 52.71
N GLU B 378 -2.86 45.16 53.98
CA GLU B 378 -1.94 44.96 55.09
C GLU B 378 -1.20 43.63 54.94
N PRO B 379 0.12 43.68 55.10
CA PRO B 379 0.92 42.47 54.87
C PRO B 379 0.64 41.36 55.88
N VAL B 380 1.14 40.19 55.52
CA VAL B 380 0.93 38.95 56.28
C VAL B 380 1.36 39.13 57.75
N GLY B 381 0.46 38.76 58.66
CA GLY B 381 0.80 38.55 60.08
C GLY B 381 0.81 37.09 60.51
N ASP B 382 1.16 36.90 61.77
CA ASP B 382 1.36 35.56 62.32
C ASP B 382 0.09 34.74 62.44
N ALA B 383 -1.04 35.40 62.67
CA ALA B 383 -2.30 34.70 62.79
C ALA B 383 -2.57 34.01 61.46
N ALA B 384 -2.40 34.71 60.34
CA ALA B 384 -2.50 34.11 59.00
C ALA B 384 -1.49 32.96 58.83
N ARG B 385 -0.24 33.19 59.23
CA ARG B 385 0.75 32.12 59.06
C ARG B 385 0.33 30.88 59.86
N TYR B 386 -0.12 31.04 61.09
CA TYR B 386 -0.50 29.86 61.90
C TYR B 386 -1.76 29.22 61.30
N ARG B 387 -2.73 30.03 60.87
CA ARG B 387 -3.93 29.47 60.21
C ARG B 387 -3.63 28.60 59.00
N VAL B 388 -2.80 29.13 58.10
CA VAL B 388 -2.54 28.53 56.82
C VAL B 388 -1.66 27.30 57.07
N ALA B 389 -0.64 27.42 57.91
CA ALA B 389 0.17 26.23 58.22
C ALA B 389 -0.67 25.10 58.88
N TRP B 390 -1.64 25.44 59.70
CA TRP B 390 -2.49 24.44 60.35
C TRP B 390 -3.20 23.63 59.27
N ASN B 391 -3.62 24.31 58.21
CA ASN B 391 -4.40 23.61 57.18
C ASN B 391 -3.62 22.56 56.47
N VAL B 392 -2.33 22.83 56.30
CA VAL B 392 -1.43 21.85 55.73
C VAL B 392 -0.88 20.82 56.70
N MET B 393 -0.57 21.20 57.92
CA MET B 393 0.04 20.24 58.82
C MET B 393 -0.82 19.65 59.92
N ASP B 394 -2.03 20.17 60.14
CA ASP B 394 -2.83 19.76 61.27
C ASP B 394 -2.10 19.93 62.62
N GLY B 395 -1.47 21.08 62.72
CA GLY B 395 -0.75 21.46 63.94
C GLY B 395 0.09 22.68 63.72
N LEU B 396 1.01 22.96 64.63
CA LEU B 396 1.66 24.25 64.75
C LEU B 396 2.97 24.34 63.99
N ARG B 397 3.06 25.32 63.10
CA ARG B 397 4.33 25.69 62.49
C ARG B 397 5.36 26.02 63.57
N GLN B 398 6.63 25.78 63.25
CA GLN B 398 7.67 26.23 64.19
C GLN B 398 7.83 27.76 64.27
N ALA B 399 7.76 28.33 65.48
CA ALA B 399 8.14 29.73 65.64
C ALA B 399 8.38 29.91 67.13
N PRO B 400 9.13 30.95 67.51
CA PRO B 400 9.29 31.16 68.97
C PRO B 400 7.95 31.36 69.63
N ARG B 401 7.72 30.64 70.72
CA ARG B 401 6.55 30.88 71.57
C ARG B 401 6.75 30.35 72.97
N ASP B 402 6.04 30.97 73.89
CA ASP B 402 5.95 30.43 75.24
C ASP B 402 4.72 29.56 75.39
N ARG B 403 4.64 28.89 76.53
CA ARG B 403 3.52 28.00 76.83
C ARG B 403 2.17 28.67 76.74
N GLU B 404 2.00 29.91 77.24
CA GLU B 404 0.73 30.62 77.13
C GLU B 404 0.28 30.83 75.68
N GLU B 405 1.23 31.24 74.84
CA GLU B 405 0.97 31.44 73.42
C GLU B 405 0.57 30.10 72.79
N THR B 406 1.30 29.03 73.08
CA THR B 406 0.93 27.70 72.57
C THR B 406 -0.51 27.30 72.92
N THR B 407 -0.89 27.48 74.18
CA THR B 407 -2.23 27.18 74.63
C THR B 407 -3.29 28.01 73.92
N GLY B 408 -3.02 29.30 73.76
CA GLY B 408 -3.91 30.17 73.02
C GLY B 408 -4.07 29.77 71.57
N LEU B 409 -2.98 29.42 70.90
CA LEU B 409 -3.04 28.95 69.52
C LEU B 409 -3.92 27.69 69.33
N LEU B 410 -3.81 26.75 70.23
CA LEU B 410 -4.54 25.48 70.17
C LEU B 410 -6.05 25.72 70.38
N ALA B 411 -6.38 26.56 71.37
CA ALA B 411 -7.77 26.98 71.57
C ALA B 411 -8.38 27.60 70.32
N ARG B 412 -7.61 28.51 69.70
CA ARG B 412 -8.02 29.22 68.51
C ARG B 412 -8.26 28.23 67.35
N LEU B 413 -7.28 27.38 67.07
CA LEU B 413 -7.23 26.61 65.86
C LEU B 413 -7.94 25.25 65.90
N LEU B 414 -8.04 24.64 67.07
CA LEU B 414 -8.92 23.48 67.25
C LEU B 414 -10.36 23.95 67.25
N SER C 6 23.77 9.06 -50.77
CA SER C 6 24.08 9.76 -49.49
C SER C 6 23.62 11.22 -49.50
N LEU C 7 23.78 11.91 -50.64
CA LEU C 7 23.46 13.34 -50.72
C LEU C 7 21.99 13.60 -50.45
N LEU C 8 21.12 12.76 -50.99
CA LEU C 8 19.68 13.07 -50.88
C LEU C 8 19.16 12.95 -49.45
N ALA C 9 18.59 14.05 -48.96
CA ALA C 9 18.08 14.12 -47.60
C ALA C 9 16.76 13.36 -47.48
N GLU C 10 16.04 13.27 -48.58
CA GLU C 10 14.70 12.71 -48.59
C GLU C 10 14.75 11.20 -48.83
N PHE C 11 13.62 10.50 -48.67
CA PHE C 11 13.54 9.09 -49.05
C PHE C 11 12.30 8.92 -49.92
N PRO C 12 12.50 9.16 -51.22
CA PRO C 12 11.34 9.19 -52.11
C PRO C 12 10.87 7.78 -52.44
N THR C 13 9.55 7.65 -52.52
CA THR C 13 8.92 6.41 -52.94
C THR C 13 9.20 6.23 -54.42
N CYS C 14 9.82 5.09 -54.74
CA CYS C 14 10.15 4.77 -56.12
C CYS C 14 10.46 3.26 -56.24
N PRO C 15 10.58 2.74 -57.46
CA PRO C 15 11.00 1.35 -57.64
C PRO C 15 12.39 1.15 -57.10
N ARG C 16 12.56 0.14 -56.27
CA ARG C 16 13.85 -0.16 -55.70
C ARG C 16 14.17 -1.62 -55.97
N ASP C 17 15.47 -1.89 -56.09
CA ASP C 17 15.93 -3.21 -56.50
C ASP C 17 16.09 -4.01 -55.23
N GLU C 18 16.76 -5.16 -55.30
CA GLU C 18 16.81 -6.08 -54.18
C GLU C 18 17.68 -5.54 -53.04
N LYS C 19 18.62 -4.66 -53.36
CA LYS C 19 19.43 -3.97 -52.35
C LYS C 19 18.77 -2.73 -51.71
N ASP C 20 17.54 -2.43 -52.13
CA ASP C 20 16.77 -1.24 -51.77
C ASP C 20 17.31 0.03 -52.37
N ARG C 21 18.06 -0.09 -53.47
CA ARG C 21 18.59 1.06 -54.20
C ARG C 21 17.59 1.40 -55.29
N PRO C 22 17.38 2.71 -55.56
CA PRO C 22 16.42 3.07 -56.60
C PRO C 22 16.82 2.44 -57.94
N ARG C 23 15.83 1.92 -58.67
CA ARG C 23 16.01 1.57 -60.07
C ARG C 23 16.22 2.82 -60.94
N VAL C 24 17.25 2.76 -61.78
CA VAL C 24 17.52 3.89 -62.64
C VAL C 24 16.90 3.67 -63.99
N PHE C 25 15.89 4.47 -64.32
CA PHE C 25 15.27 4.44 -65.62
C PHE C 25 15.77 5.57 -66.50
N THR C 26 16.19 5.24 -67.72
CA THR C 26 16.81 6.22 -68.60
C THR C 26 15.84 6.76 -69.62
N ALA C 27 14.84 5.98 -69.98
CA ALA C 27 13.85 6.40 -70.98
C ALA C 27 12.56 5.65 -70.80
N ALA C 28 11.53 6.19 -71.44
CA ALA C 28 10.19 5.63 -71.38
C ALA C 28 9.37 6.08 -72.59
N SER C 29 8.50 5.19 -73.03
CA SER C 29 7.54 5.49 -74.07
CA SER C 29 7.58 5.44 -74.12
C SER C 29 6.29 4.62 -73.94
N GLY C 30 5.16 5.29 -73.83
CA GLY C 30 3.88 4.67 -73.55
C GLY C 30 3.89 3.83 -72.29
N ALA C 31 3.69 2.54 -72.45
CA ALA C 31 3.70 1.59 -71.36
C ALA C 31 5.05 1.07 -70.95
N TRP C 32 6.11 1.41 -71.72
CA TRP C 32 7.40 0.78 -71.52
C TRP C 32 8.42 1.70 -70.86
N LEU C 33 9.28 1.12 -70.03
CA LEU C 33 10.44 1.84 -69.47
C LEU C 33 11.69 1.07 -69.88
N THR C 34 12.80 1.79 -70.06
CA THR C 34 14.11 1.16 -70.12
C THR C 34 14.98 1.53 -68.94
N ASP C 35 15.58 0.56 -68.30
CA ASP C 35 16.47 0.89 -67.22
C ASP C 35 17.88 1.11 -67.73
N GLU C 36 18.76 1.48 -66.81
CA GLU C 36 20.13 1.80 -67.15
C GLU C 36 20.86 0.59 -67.71
N SER C 37 20.47 -0.61 -67.28
CA SER C 37 20.97 -1.86 -67.85
C SER C 37 20.45 -2.22 -69.24
N GLY C 38 19.55 -1.42 -69.79
CA GLY C 38 18.91 -1.75 -71.06
C GLY C 38 17.75 -2.74 -71.00
N PHE C 39 17.43 -3.25 -69.81
CA PHE C 39 16.26 -4.11 -69.61
C PHE C 39 14.97 -3.32 -69.77
N ARG C 40 14.04 -3.84 -70.57
CA ARG C 40 12.80 -3.16 -70.89
C ARG C 40 11.64 -3.69 -70.01
N TRP C 41 10.90 -2.75 -69.39
CA TRP C 41 9.80 -3.05 -68.43
C TRP C 41 8.47 -2.58 -68.99
N ILE C 42 7.37 -3.27 -68.63
CA ILE C 42 6.03 -2.77 -68.82
C ILE C 42 5.62 -2.17 -67.46
N ASP C 43 5.12 -0.93 -67.48
CA ASP C 43 4.98 -0.10 -66.27
C ASP C 43 3.51 -0.14 -65.79
N PHE C 44 3.36 -0.68 -64.57
CA PHE C 44 2.06 -0.71 -63.87
C PHE C 44 2.06 0.33 -62.76
N ASP C 45 3.23 0.89 -62.46
CA ASP C 45 3.42 1.88 -61.39
C ASP C 45 2.98 3.23 -61.93
N ASN C 46 3.61 3.69 -63.03
CA ASN C 46 3.15 4.88 -63.76
C ASN C 46 3.13 6.12 -62.86
N ALA C 47 4.26 6.29 -62.18
CA ALA C 47 4.46 7.38 -61.23
C ALA C 47 3.27 7.40 -60.25
N ARG C 48 3.07 6.24 -59.64
CA ARG C 48 2.02 6.06 -58.63
C ARG C 48 0.64 6.37 -59.21
N GLY C 49 0.42 6.06 -60.49
CA GLY C 49 -0.85 6.37 -61.12
C GLY C 49 -1.05 7.75 -61.72
N SER C 50 -0.05 8.62 -61.66
CA SER C 50 -0.18 9.95 -62.25
C SER C 50 0.05 9.99 -63.77
N ILE C 51 0.63 8.90 -64.30
CA ILE C 51 0.71 8.75 -65.74
C ILE C 51 -0.53 8.04 -66.29
N LEU C 52 -1.60 8.80 -66.51
CA LEU C 52 -2.85 8.24 -66.98
C LEU C 52 -2.74 7.90 -68.46
N LEU C 53 -2.05 8.76 -69.22
CA LEU C 53 -2.05 8.69 -70.68
C LEU C 53 -0.97 7.81 -71.29
N GLY C 54 0.18 7.74 -70.62
CA GLY C 54 1.38 7.00 -71.03
C GLY C 54 2.63 7.89 -71.04
N HIS C 55 3.83 7.31 -70.91
CA HIS C 55 5.03 8.08 -70.84
C HIS C 55 5.27 8.78 -72.18
N GLY C 56 5.63 10.05 -72.09
CA GLY C 56 5.89 10.82 -73.32
C GLY C 56 4.72 10.98 -74.25
N ASP C 57 3.53 11.13 -73.70
CA ASP C 57 2.38 11.26 -74.56
C ASP C 57 2.71 12.32 -75.59
N PRO C 58 2.58 12.00 -76.90
CA PRO C 58 2.99 12.99 -77.90
C PRO C 58 2.36 14.38 -77.82
N VAL C 59 1.05 14.49 -77.65
CA VAL C 59 0.43 15.79 -77.64
C VAL C 59 0.84 16.55 -76.37
N VAL C 60 0.72 15.93 -75.20
CA VAL C 60 1.23 16.59 -73.99
C VAL C 60 2.69 17.05 -74.13
N ALA C 61 3.57 16.15 -74.58
CA ALA C 61 4.97 16.44 -74.82
C ALA C 61 5.15 17.61 -75.77
N GLU C 62 4.43 17.59 -76.89
CA GLU C 62 4.41 18.71 -77.87
C GLU C 62 4.03 20.02 -77.18
N ALA C 63 2.95 20.03 -76.40
CA ALA C 63 2.52 21.27 -75.76
C ALA C 63 3.52 21.77 -74.71
N VAL C 64 4.07 20.85 -73.93
CA VAL C 64 5.09 21.18 -72.92
C VAL C 64 6.35 21.73 -73.58
N ALA C 65 6.84 21.04 -74.61
CA ALA C 65 8.08 21.48 -75.27
C ALA C 65 7.88 22.90 -75.84
N ARG C 66 6.75 23.19 -76.48
CA ARG C 66 6.48 24.52 -76.99
C ARG C 66 6.33 25.64 -75.95
N ALA C 67 5.60 25.33 -74.86
CA ALA C 67 5.43 26.31 -73.74
C ALA C 67 6.76 26.63 -73.10
N ALA C 68 7.80 25.84 -73.30
CA ALA C 68 9.10 26.13 -72.74
C ALA C 68 9.90 27.16 -73.54
N THR C 69 9.43 27.49 -74.75
CA THR C 69 10.22 28.29 -75.68
C THR C 69 9.83 29.76 -75.59
N GLY C 70 8.76 30.05 -74.87
CA GLY C 70 8.17 31.37 -74.84
C GLY C 70 7.01 31.56 -75.79
N ALA C 71 6.81 30.58 -76.67
CA ALA C 71 5.79 30.64 -77.67
C ALA C 71 4.37 30.53 -77.17
N ASP C 72 4.19 30.05 -75.93
CA ASP C 72 2.83 29.82 -75.42
C ASP C 72 2.69 30.10 -73.92
N GLY C 73 2.55 31.38 -73.58
CA GLY C 73 2.43 31.84 -72.20
C GLY C 73 3.75 32.21 -71.56
N THR C 74 3.66 32.89 -70.43
CA THR C 74 4.86 33.33 -69.70
C THR C 74 4.65 33.10 -68.21
N ALA C 75 5.73 32.87 -67.49
CA ALA C 75 5.63 32.64 -66.05
C ALA C 75 5.41 33.95 -65.28
N THR C 76 5.55 35.09 -65.98
CA THR C 76 5.32 36.37 -65.34
C THR C 76 3.86 36.61 -65.01
N GLY C 77 2.90 36.03 -65.72
CA GLY C 77 1.52 36.34 -65.41
C GLY C 77 0.46 35.52 -66.12
N TRP C 78 -0.78 35.95 -66.04
CA TRP C 78 -1.91 35.17 -66.54
C TRP C 78 -1.79 34.81 -68.02
N SER C 79 -2.32 33.64 -68.38
CA SER C 79 -2.45 33.15 -69.75
C SER C 79 -3.85 32.55 -69.87
N ARG C 80 -4.37 32.43 -71.08
CA ARG C 80 -5.68 31.84 -71.23
C ARG C 80 -5.68 30.37 -70.83
N ARG C 81 -4.51 29.74 -70.76
CA ARG C 81 -4.49 28.36 -70.25
C ARG C 81 -4.86 28.25 -68.78
N VAL C 82 -4.65 29.32 -68.02
CA VAL C 82 -5.15 29.38 -66.64
C VAL C 82 -6.68 29.27 -66.66
N ASP C 83 -7.34 30.09 -67.46
CA ASP C 83 -8.78 29.98 -67.62
C ASP C 83 -9.27 28.61 -68.07
N ALA C 84 -8.57 28.00 -69.02
CA ALA C 84 -8.99 26.72 -69.59
C ALA C 84 -8.94 25.69 -68.48
N VAL C 85 -7.82 25.68 -67.74
CA VAL C 85 -7.61 24.66 -66.71
C VAL C 85 -8.67 24.78 -65.63
N LEU C 86 -8.91 26.01 -65.18
CA LEU C 86 -9.86 26.25 -64.09
C LEU C 86 -11.27 25.89 -64.50
N GLU C 87 -11.62 26.33 -65.71
CA GLU C 87 -12.89 26.00 -66.32
C GLU C 87 -13.14 24.51 -66.42
N ARG C 88 -12.10 23.76 -66.83
CA ARG C 88 -12.24 22.35 -67.05
C ARG C 88 -12.44 21.63 -65.70
N LEU C 89 -11.62 21.97 -64.71
CA LEU C 89 -11.72 21.35 -63.40
C LEU C 89 -13.08 21.59 -62.81
N HIS C 90 -13.56 22.81 -62.96
CA HIS C 90 -14.85 23.24 -62.45
C HIS C 90 -15.95 22.43 -63.13
N ALA C 91 -15.85 22.29 -64.45
CA ALA C 91 -16.87 21.53 -65.20
C ALA C 91 -16.85 20.08 -64.71
N LEU C 92 -15.66 19.49 -64.60
CA LEU C 92 -15.52 18.08 -64.25
C LEU C 92 -15.87 17.71 -62.82
N CYS C 93 -15.50 18.56 -61.87
CA CYS C 93 -15.55 18.16 -60.45
C CYS C 93 -16.59 18.93 -59.64
N GLY C 94 -17.13 20.00 -60.23
CA GLY C 94 -18.12 20.82 -59.57
C GLY C 94 -17.52 21.71 -58.50
N GLY C 95 -18.41 22.22 -57.65
CA GLY C 95 -18.12 23.27 -56.66
C GLY C 95 -18.16 24.67 -57.27
N GLU C 96 -17.87 25.68 -56.45
CA GLU C 96 -17.90 27.08 -56.84
C GLU C 96 -16.55 27.61 -57.27
N VAL C 97 -15.48 27.22 -56.56
CA VAL C 97 -14.18 27.80 -56.80
C VAL C 97 -13.17 26.68 -56.99
N VAL C 98 -12.03 27.02 -57.59
CA VAL C 98 -10.96 26.03 -57.84
C VAL C 98 -9.65 26.71 -57.45
N GLY C 99 -8.73 25.99 -56.83
CA GLY C 99 -7.40 26.53 -56.59
C GLY C 99 -6.39 25.55 -57.11
N LEU C 100 -5.21 26.05 -57.54
CA LEU C 100 -4.11 25.17 -58.02
C LEU C 100 -2.94 25.21 -57.07
N PHE C 101 -2.26 24.07 -56.93
CA PHE C 101 -1.12 23.91 -56.05
C PHE C 101 -0.08 23.08 -56.78
N ARG C 102 1.02 22.91 -56.10
CA ARG C 102 2.18 22.23 -56.69
C ARG C 102 2.43 20.79 -56.32
N SER C 103 1.63 20.22 -55.41
CA SER C 103 1.68 18.82 -55.03
C SER C 103 0.36 18.46 -54.35
N GLY C 104 0.08 17.16 -54.30
CA GLY C 104 -1.03 16.63 -53.57
C GLY C 104 -0.93 17.09 -52.12
N THR C 105 0.25 16.95 -51.52
CA THR C 105 0.49 17.36 -50.16
C THR C 105 0.07 18.81 -49.91
N ALA C 106 0.56 19.72 -50.75
CA ALA C 106 0.24 21.12 -50.59
C ALA C 106 -1.25 21.40 -50.69
N ALA C 107 -1.90 20.73 -51.62
CA ALA C 107 -3.30 20.94 -51.87
C ALA C 107 -4.16 20.47 -50.70
N VAL C 108 -3.89 19.28 -50.21
CA VAL C 108 -4.71 18.74 -49.13
C VAL C 108 -4.50 19.57 -47.86
N ARG C 109 -3.26 19.91 -47.57
CA ARG C 109 -2.98 20.74 -46.40
C ARG C 109 -3.72 22.06 -46.49
N ALA C 110 -3.55 22.74 -47.62
CA ALA C 110 -4.31 23.97 -47.84
C ALA C 110 -5.81 23.85 -47.70
N ALA C 111 -6.39 22.82 -48.27
CA ALA C 111 -7.85 22.62 -48.30
C ALA C 111 -8.35 22.46 -46.87
N VAL C 112 -7.73 21.61 -46.09
CA VAL C 112 -8.20 21.31 -44.72
C VAL C 112 -7.95 22.49 -43.75
N LEU C 113 -6.83 23.19 -43.90
CA LEU C 113 -6.59 24.38 -43.13
C LEU C 113 -7.64 25.44 -43.42
N ALA C 114 -7.99 25.61 -44.68
CA ALA C 114 -9.04 26.58 -45.06
C ALA C 114 -10.37 26.21 -44.39
N VAL C 115 -10.73 24.95 -44.46
CA VAL C 115 -11.99 24.51 -43.82
C VAL C 115 -11.96 24.75 -42.30
N ARG C 116 -10.87 24.40 -41.65
CA ARG C 116 -10.68 24.62 -40.22
C ARG C 116 -10.82 26.11 -39.92
N GLU C 117 -10.27 26.97 -40.74
CA GLU C 117 -10.37 28.41 -40.49
C GLU C 117 -11.79 28.93 -40.74
N ALA C 118 -12.44 28.47 -41.79
CA ALA C 118 -13.78 28.91 -42.16
C ALA C 118 -14.82 28.46 -41.11
N THR C 119 -14.72 27.20 -40.68
CA THR C 119 -15.69 26.72 -39.71
C THR C 119 -15.38 27.15 -38.26
N GLY C 120 -14.11 27.45 -37.98
CA GLY C 120 -13.65 27.82 -36.64
C GLY C 120 -13.59 26.70 -35.62
N ARG C 121 -13.54 25.45 -36.08
CA ARG C 121 -13.55 24.27 -35.22
C ARG C 121 -12.21 23.61 -35.36
N PRO C 122 -11.73 23.01 -34.27
CA PRO C 122 -10.35 22.57 -34.19
C PRO C 122 -9.99 21.21 -34.78
N LEU C 123 -10.91 20.26 -34.85
CA LEU C 123 -10.47 18.90 -35.17
C LEU C 123 -10.66 18.53 -36.64
N LEU C 124 -9.71 17.75 -37.13
CA LEU C 124 -9.85 17.08 -38.43
C LEU C 124 -9.92 15.60 -38.18
N LEU C 125 -10.96 14.97 -38.72
CA LEU C 125 -11.12 13.51 -38.61
C LEU C 125 -10.75 12.90 -39.96
N SER C 126 -9.73 12.05 -39.92
CA SER C 126 -9.04 11.63 -41.16
C SER C 126 -9.02 10.12 -41.38
N ALA C 127 -9.19 9.71 -42.64
CA ALA C 127 -8.90 8.35 -43.10
C ALA C 127 -8.06 8.41 -44.36
N GLY C 128 -6.99 7.62 -44.37
CA GLY C 128 -6.11 7.49 -45.54
C GLY C 128 -4.91 8.40 -45.51
N TYR C 129 -4.13 8.31 -46.58
CA TYR C 129 -2.89 9.08 -46.72
C TYR C 129 -3.18 10.42 -47.36
N HIS C 130 -2.59 11.50 -46.85
CA HIS C 130 -2.87 12.82 -47.39
C HIS C 130 -1.62 13.60 -47.82
N GLY C 131 -0.50 12.91 -47.82
CA GLY C 131 0.79 13.51 -48.21
C GLY C 131 1.80 13.50 -47.09
N TYR C 132 2.96 14.09 -47.39
CA TYR C 132 4.13 13.92 -46.55
C TYR C 132 4.21 14.88 -45.38
N ASP C 133 3.36 15.88 -45.34
CA ASP C 133 3.54 16.96 -44.35
C ASP C 133 3.36 16.48 -42.90
N PRO C 134 4.18 17.00 -41.99
CA PRO C 134 4.07 16.62 -40.57
C PRO C 134 2.71 16.78 -39.90
N MET C 135 1.84 17.62 -40.43
CA MET C 135 0.50 17.73 -39.85
C MET C 135 -0.21 16.37 -39.77
N TRP C 136 0.15 15.43 -40.63
CA TRP C 136 -0.50 14.09 -40.68
C TRP C 136 0.21 12.97 -39.87
N TYR C 137 1.27 13.29 -39.15
CA TYR C 137 2.04 12.25 -38.46
C TYR C 137 1.12 11.60 -37.40
N PRO C 138 1.43 10.36 -37.03
CA PRO C 138 0.51 9.67 -36.11
C PRO C 138 0.57 10.22 -34.68
N SER C 139 -0.57 10.19 -34.01
CA SER C 139 -0.67 10.58 -32.61
C SER C 139 -0.01 9.58 -31.68
N GLU C 140 0.14 9.96 -30.42
CA GLU C 140 0.65 9.03 -29.41
C GLU C 140 -0.22 7.79 -29.32
N ALA C 141 -1.54 7.92 -29.35
CA ALA C 141 -2.38 6.73 -29.24
C ALA C 141 -3.59 6.82 -30.17
N PRO C 142 -4.08 5.66 -30.66
CA PRO C 142 -5.27 5.70 -31.52
C PRO C 142 -6.38 6.45 -30.82
N LEU C 143 -7.11 7.23 -31.61
CA LEU C 143 -8.25 8.05 -31.20
C LEU C 143 -7.91 9.35 -30.50
N GLU C 144 -6.64 9.56 -30.14
CA GLU C 144 -6.22 10.87 -29.65
C GLU C 144 -5.78 11.75 -30.84
N PRO C 145 -6.08 13.06 -30.78
CA PRO C 145 -5.60 14.01 -31.79
C PRO C 145 -4.11 14.17 -31.73
N ASN C 146 -3.44 14.25 -32.89
CA ASN C 146 -2.03 14.60 -32.90
C ASN C 146 -1.83 16.07 -32.56
N ALA C 147 -0.60 16.53 -32.71
CA ALA C 147 -0.25 17.91 -32.32
C ALA C 147 -0.92 18.96 -33.21
N ASP C 148 -1.37 18.56 -34.41
CA ASP C 148 -2.06 19.45 -35.29
C ASP C 148 -3.56 19.20 -35.39
N GLY C 149 -4.16 18.59 -34.36
CA GLY C 149 -5.58 18.51 -34.26
C GLY C 149 -6.20 17.46 -35.20
N VAL C 150 -5.39 16.52 -35.65
CA VAL C 150 -5.87 15.44 -36.55
C VAL C 150 -6.04 14.15 -35.75
N VAL C 151 -7.21 13.55 -35.91
CA VAL C 151 -7.58 12.24 -35.35
C VAL C 151 -7.84 11.28 -36.50
N ASP C 152 -7.00 10.24 -36.59
CA ASP C 152 -7.13 9.16 -37.56
C ASP C 152 -8.19 8.12 -37.12
N PHE C 153 -9.17 7.86 -37.96
CA PHE C 153 -10.21 6.81 -37.70
C PHE C 153 -10.07 5.56 -38.56
N PHE C 154 -9.08 5.59 -39.46
CA PHE C 154 -8.63 4.34 -40.10
C PHE C 154 -9.73 3.68 -40.94
N PHE C 155 -10.67 4.47 -41.49
CA PHE C 155 -11.82 4.01 -42.31
C PHE C 155 -12.85 3.18 -41.50
N ASP C 156 -12.75 3.22 -40.18
CA ASP C 156 -13.70 2.45 -39.37
C ASP C 156 -14.86 3.33 -38.96
N LEU C 157 -16.05 3.05 -39.50
CA LEU C 157 -17.20 3.92 -39.28
C LEU C 157 -17.63 3.87 -37.79
N GLY C 158 -17.38 2.76 -37.11
CA GLY C 158 -17.70 2.74 -35.67
C GLY C 158 -16.86 3.75 -34.92
N LEU C 159 -15.58 3.82 -35.25
CA LEU C 159 -14.67 4.78 -34.59
C LEU C 159 -15.12 6.17 -34.97
N LEU C 160 -15.45 6.36 -36.24
CA LEU C 160 -15.99 7.66 -36.66
C LEU C 160 -17.26 8.13 -35.93
N ARG C 161 -18.24 7.24 -35.73
CA ARG C 161 -19.43 7.62 -34.92
C ARG C 161 -19.02 8.10 -33.54
N GLU C 162 -18.11 7.41 -32.91
CA GLU C 162 -17.63 7.86 -31.62
C GLU C 162 -17.13 9.29 -31.65
N LEU C 163 -16.35 9.58 -32.69
CA LEU C 163 -15.65 10.83 -32.74
C LEU C 163 -16.64 11.92 -33.10
N LEU C 164 -17.73 11.58 -33.78
CA LEU C 164 -18.82 12.48 -34.09
C LEU C 164 -19.85 12.68 -32.97
N ARG C 165 -19.64 12.01 -31.84
CA ARG C 165 -20.50 12.16 -30.66
C ARG C 165 -20.36 13.56 -30.05
N ALA C 166 -19.86 14.50 -30.84
CA ALA C 166 -19.93 15.93 -30.53
C ALA C 166 -19.33 16.62 -31.74
N PRO C 167 -20.17 16.90 -32.73
CA PRO C 167 -19.64 17.46 -33.97
C PRO C 167 -19.25 18.95 -33.97
N GLU C 168 -19.53 19.67 -32.88
CA GLU C 168 -18.91 21.00 -32.61
C GLU C 168 -17.37 21.05 -32.54
N ARG C 169 -16.70 19.98 -32.13
CA ARG C 169 -15.24 19.95 -32.18
C ARG C 169 -14.68 19.85 -33.62
N VAL C 170 -15.53 19.52 -34.58
CA VAL C 170 -15.07 18.94 -35.87
C VAL C 170 -15.31 19.85 -37.07
N ALA C 171 -14.19 20.31 -37.64
CA ALA C 171 -14.16 21.16 -38.79
C ALA C 171 -14.38 20.33 -40.05
N ALA C 172 -13.75 19.15 -40.07
CA ALA C 172 -13.98 18.28 -41.20
C ALA C 172 -13.61 16.84 -41.00
N VAL C 173 -14.29 16.04 -41.81
CA VAL C 173 -13.91 14.66 -42.06
C VAL C 173 -13.20 14.67 -43.44
N VAL C 174 -12.03 14.08 -43.47
CA VAL C 174 -11.23 14.07 -44.70
CA VAL C 174 -11.10 14.09 -44.62
C VAL C 174 -10.76 12.66 -45.00
N VAL C 175 -11.21 12.19 -46.16
CA VAL C 175 -11.10 10.78 -46.50
C VAL C 175 -10.44 10.63 -47.88
N SER C 176 -9.46 9.77 -47.96
CA SER C 176 -8.92 9.36 -49.26
C SER C 176 -9.54 8.04 -49.73
N PRO C 177 -10.35 8.05 -50.80
CA PRO C 177 -11.06 6.81 -51.21
C PRO C 177 -10.15 5.67 -51.59
N ASP C 178 -10.60 4.45 -51.30
CA ASP C 178 -10.11 3.29 -51.98
C ASP C 178 -11.30 2.54 -52.49
N HIS C 179 -11.27 2.23 -53.78
CA HIS C 179 -12.36 1.47 -54.37
C HIS C 179 -12.12 -0.01 -54.51
N MET C 180 -10.98 -0.50 -54.03
CA MET C 180 -10.66 -1.90 -53.98
C MET C 180 -11.18 -2.50 -52.69
N HIS C 181 -11.15 -1.73 -51.60
CA HIS C 181 -11.32 -2.26 -50.26
C HIS C 181 -12.51 -1.67 -49.51
N LEU C 182 -13.23 -0.76 -50.13
CA LEU C 182 -14.44 -0.13 -49.52
C LEU C 182 -15.58 -0.18 -50.54
N SER C 183 -16.78 -0.55 -50.10
CA SER C 183 -17.92 -0.66 -51.00
C SER C 183 -18.68 0.67 -51.16
N PRO C 184 -19.49 0.83 -52.22
CA PRO C 184 -20.37 1.95 -52.31
C PRO C 184 -21.18 2.26 -51.05
N GLY C 185 -21.68 1.21 -50.38
CA GLY C 185 -22.49 1.43 -49.17
C GLY C 185 -21.67 2.04 -48.03
N TRP C 186 -20.38 1.73 -47.97
CA TRP C 186 -19.47 2.35 -46.99
C TRP C 186 -19.45 3.87 -47.19
N TYR C 187 -19.21 4.32 -48.41
CA TYR C 187 -19.21 5.75 -48.72
C TYR C 187 -20.55 6.38 -48.38
N ARG C 188 -21.66 5.73 -48.74
CA ARG C 188 -22.98 6.33 -48.47
C ARG C 188 -23.19 6.48 -46.95
N GLU C 189 -22.74 5.49 -46.17
CA GLU C 189 -22.86 5.58 -44.70
C GLU C 189 -21.96 6.73 -44.20
N LEU C 190 -20.73 6.82 -44.70
CA LEU C 190 -19.89 7.98 -44.35
C LEU C 190 -20.60 9.30 -44.63
N ARG C 191 -21.15 9.42 -45.82
CA ARG C 191 -21.82 10.64 -46.26
CA ARG C 191 -21.84 10.64 -46.28
C ARG C 191 -22.98 10.96 -45.31
N ARG C 192 -23.77 9.93 -45.02
CA ARG C 192 -24.92 10.09 -44.10
C ARG C 192 -24.49 10.48 -42.72
N LEU C 193 -23.43 9.86 -42.19
CA LEU C 193 -22.92 10.25 -40.90
C LEU C 193 -22.48 11.71 -40.84
N CYS C 194 -21.83 12.20 -41.90
CA CYS C 194 -21.37 13.58 -41.91
C CYS C 194 -22.55 14.55 -42.05
N SER C 195 -23.50 14.23 -42.92
CA SER C 195 -24.70 15.04 -43.05
C SER C 195 -25.42 15.08 -41.71
N ALA C 196 -25.69 13.91 -41.13
CA ALA C 196 -26.35 13.87 -39.80
C ALA C 196 -25.65 14.75 -38.77
N ALA C 197 -24.32 14.77 -38.74
CA ALA C 197 -23.60 15.48 -37.70
C ALA C 197 -23.37 16.96 -38.04
N GLY C 198 -23.79 17.42 -39.20
CA GLY C 198 -23.45 18.76 -39.67
C GLY C 198 -21.95 19.01 -39.86
N VAL C 199 -21.19 18.02 -40.31
CA VAL C 199 -19.76 18.24 -40.52
C VAL C 199 -19.37 18.22 -42.00
N VAL C 200 -18.33 19.00 -42.31
CA VAL C 200 -17.91 19.26 -43.69
C VAL C 200 -17.20 17.98 -44.11
N LEU C 201 -17.42 17.55 -45.34
CA LEU C 201 -16.74 16.36 -45.89
C LEU C 201 -15.78 16.78 -47.03
N VAL C 202 -14.52 16.37 -46.92
CA VAL C 202 -13.47 16.69 -47.87
C VAL C 202 -13.08 15.35 -48.48
N ALA C 203 -13.28 15.22 -49.79
CA ALA C 203 -12.76 14.03 -50.46
C ALA C 203 -11.36 14.31 -51.00
N ASP C 204 -10.38 13.61 -50.44
CA ASP C 204 -9.02 13.71 -50.94
C ASP C 204 -8.95 12.72 -52.11
N GLU C 205 -9.29 13.24 -53.29
CA GLU C 205 -9.19 12.48 -54.55
C GLU C 205 -7.89 12.71 -55.34
N VAL C 206 -6.78 12.96 -54.62
CA VAL C 206 -5.46 13.11 -55.26
C VAL C 206 -5.15 11.92 -56.16
N LYS C 207 -5.39 10.71 -55.66
CA LYS C 207 -5.12 9.50 -56.44
C LYS C 207 -6.26 9.14 -57.37
N VAL C 208 -7.50 9.15 -56.87
CA VAL C 208 -8.59 8.48 -57.55
C VAL C 208 -9.36 9.46 -58.45
N GLY C 209 -9.10 10.76 -58.28
CA GLY C 209 -9.81 11.78 -59.00
C GLY C 209 -9.48 11.78 -60.48
N LEU C 210 -10.51 11.86 -61.30
CA LEU C 210 -10.36 11.86 -62.75
C LEU C 210 -10.01 10.53 -63.37
N ARG C 211 -9.90 9.48 -62.56
CA ARG C 211 -9.38 8.21 -63.10
C ARG C 211 -10.49 7.18 -63.32
N TYR C 212 -11.52 7.23 -62.49
CA TYR C 212 -12.63 6.28 -62.59
C TYR C 212 -13.72 6.79 -63.52
N ALA C 213 -13.69 8.09 -63.77
CA ALA C 213 -14.73 8.80 -64.52
C ALA C 213 -14.11 10.15 -64.94
N PRO C 214 -14.73 10.89 -65.87
CA PRO C 214 -14.33 12.29 -66.04
C PRO C 214 -14.88 13.20 -64.92
N GLY C 215 -14.43 12.94 -63.71
CA GLY C 215 -14.71 13.72 -62.53
C GLY C 215 -14.31 12.97 -61.26
N LEU C 216 -14.96 13.31 -60.17
CA LEU C 216 -14.73 12.71 -58.85
C LEU C 216 -15.25 11.30 -58.81
N SER C 217 -14.44 10.36 -58.29
CA SER C 217 -14.93 9.00 -58.10
C SER C 217 -16.08 8.94 -57.10
N THR C 218 -16.22 9.96 -56.23
CA THR C 218 -17.23 9.97 -55.17
C THR C 218 -18.21 11.11 -55.32
N ALA C 219 -18.31 11.66 -56.54
CA ALA C 219 -19.24 12.75 -56.82
C ALA C 219 -20.63 12.51 -56.26
N GLU C 220 -21.20 11.35 -56.56
CA GLU C 220 -22.51 11.02 -56.01
C GLU C 220 -22.38 10.18 -54.73
N LEU C 221 -21.41 9.28 -54.61
CA LEU C 221 -21.26 8.55 -53.37
C LEU C 221 -21.15 9.39 -52.09
N LEU C 222 -20.28 10.41 -52.17
CA LEU C 222 -19.98 11.29 -51.06
C LEU C 222 -20.52 12.71 -51.22
N ALA C 223 -20.64 13.18 -52.44
CA ALA C 223 -21.02 14.57 -52.67
C ALA C 223 -20.26 15.54 -51.77
N PRO C 224 -18.93 15.53 -51.84
CA PRO C 224 -18.11 16.23 -50.85
C PRO C 224 -18.31 17.75 -50.95
N ASP C 225 -18.15 18.44 -49.83
CA ASP C 225 -18.16 19.90 -49.85
C ASP C 225 -16.88 20.44 -50.48
N VAL C 226 -15.77 19.73 -50.27
CA VAL C 226 -14.50 20.11 -50.86
C VAL C 226 -13.83 18.87 -51.47
N TRP C 227 -13.21 19.04 -52.63
CA TRP C 227 -12.51 17.95 -53.29
C TRP C 227 -11.06 18.34 -53.58
N VAL C 228 -10.20 17.34 -53.78
CA VAL C 228 -8.81 17.58 -54.15
C VAL C 228 -8.46 16.52 -55.18
N VAL C 229 -7.84 16.94 -56.29
CA VAL C 229 -7.35 16.02 -57.30
C VAL C 229 -5.90 16.40 -57.62
N ALA C 230 -5.21 15.49 -58.30
CA ALA C 230 -3.83 15.78 -58.74
C ALA C 230 -3.35 14.76 -59.78
N LYS C 231 -3.34 13.48 -59.44
CA LYS C 231 -2.64 12.53 -60.26
C LYS C 231 -3.27 12.41 -61.63
N GLY C 232 -4.56 12.71 -61.76
CA GLY C 232 -5.24 12.45 -63.01
C GLY C 232 -5.21 13.68 -63.93
N MET C 233 -4.64 14.80 -63.50
CA MET C 233 -4.90 16.04 -64.17
C MET C 233 -3.82 16.48 -65.16
N ALA C 234 -2.61 15.91 -65.18
CA ALA C 234 -1.56 16.50 -66.05
C ALA C 234 -0.53 15.53 -66.55
N ASN C 235 -0.90 14.24 -66.68
CA ASN C 235 0.05 13.21 -67.07
C ASN C 235 1.38 13.24 -66.36
N GLY C 236 1.31 13.54 -65.05
CA GLY C 236 2.45 13.43 -64.19
C GLY C 236 3.13 14.74 -63.85
N HIS C 237 2.68 15.83 -64.48
CA HIS C 237 3.32 17.13 -64.28
C HIS C 237 2.90 17.72 -62.96
N ALA C 238 3.65 18.72 -62.53
CA ALA C 238 3.66 19.10 -61.10
C ALA C 238 2.53 20.07 -60.76
N VAL C 239 1.32 19.52 -60.67
CA VAL C 239 0.15 20.33 -60.34
C VAL C 239 -0.90 19.46 -59.61
N SER C 240 -1.66 20.11 -58.74
CA SER C 240 -2.84 19.56 -58.05
C SER C 240 -3.86 20.68 -58.00
N ALA C 241 -5.07 20.35 -57.55
CA ALA C 241 -6.20 21.28 -57.50
C ALA C 241 -7.16 20.93 -56.37
N VAL C 242 -7.76 22.00 -55.85
CA VAL C 242 -8.77 21.88 -54.83
CA VAL C 242 -8.73 21.96 -54.78
C VAL C 242 -9.97 22.69 -55.28
N GLY C 243 -11.15 22.17 -54.96
CA GLY C 243 -12.34 22.93 -55.28
C GLY C 243 -13.45 22.60 -54.30
N GLY C 244 -14.49 23.42 -54.39
CA GLY C 244 -15.58 23.29 -53.44
C GLY C 244 -16.23 24.65 -53.22
N SER C 245 -16.91 24.81 -52.09
CA SER C 245 -17.64 26.03 -51.87
C SER C 245 -16.74 27.24 -51.67
N ARG C 246 -17.21 28.34 -52.24
CA ARG C 246 -16.54 29.63 -52.10
C ARG C 246 -16.34 29.97 -50.61
N ARG C 247 -17.31 29.62 -49.76
CA ARG C 247 -17.26 30.04 -48.38
C ARG C 247 -16.20 29.26 -47.63
N LEU C 248 -16.23 27.94 -47.79
CA LEU C 248 -15.33 27.09 -47.05
C LEU C 248 -13.89 27.26 -47.55
N LEU C 249 -13.75 27.72 -48.79
CA LEU C 249 -12.43 27.90 -49.40
C LEU C 249 -11.93 29.34 -49.46
N LYS C 250 -12.67 30.23 -48.85
CA LYS C 250 -12.27 31.63 -48.78
C LYS C 250 -10.88 31.84 -48.23
N PRO C 251 -10.46 31.06 -47.24
CA PRO C 251 -9.09 31.27 -46.76
C PRO C 251 -7.97 31.03 -47.77
N LEU C 252 -8.25 30.32 -48.85
CA LEU C 252 -7.23 30.08 -49.94
C LEU C 252 -6.96 31.38 -50.70
N LYS C 253 -7.75 32.43 -50.48
CA LYS C 253 -7.37 33.76 -50.99
C LYS C 253 -5.92 34.15 -50.64
N GLU C 254 -5.42 33.63 -49.53
CA GLU C 254 -4.09 33.98 -49.02
C GLU C 254 -2.95 33.21 -49.72
N VAL C 255 -3.31 32.29 -50.61
CA VAL C 255 -2.30 31.47 -51.28
C VAL C 255 -1.80 32.15 -52.54
N SER C 256 -0.48 32.26 -52.63
CA SER C 256 0.17 32.73 -53.85
C SER C 256 1.54 32.08 -53.82
N PHE C 257 2.04 31.72 -54.99
CA PHE C 257 3.37 31.11 -55.02
C PHE C 257 3.99 31.50 -56.36
N THR C 258 5.29 31.68 -56.32
CA THR C 258 6.09 32.25 -57.41
C THR C 258 5.86 31.56 -58.75
N SER C 259 5.80 30.24 -58.78
CA SER C 259 5.72 29.56 -60.06
C SER C 259 4.32 29.34 -60.59
N PHE C 260 3.32 30.06 -60.04
CA PHE C 260 1.94 29.85 -60.33
C PHE C 260 1.65 29.75 -61.83
N PHE C 261 2.32 30.61 -62.60
CA PHE C 261 2.01 30.79 -64.04
C PHE C 261 2.96 30.04 -64.94
N GLU C 262 3.80 29.18 -64.37
CA GLU C 262 4.77 28.48 -65.19
C GLU C 262 4.04 27.80 -66.36
N PRO C 263 4.44 28.12 -67.60
CA PRO C 263 3.58 27.71 -68.72
C PRO C 263 3.68 26.23 -69.11
N THR C 264 4.77 25.50 -68.88
CA THR C 264 4.79 24.09 -69.26
C THR C 264 3.79 23.23 -68.46
N ILE C 265 3.61 23.51 -67.18
CA ILE C 265 2.61 22.78 -66.39
C ILE C 265 1.16 23.14 -66.78
N LEU C 266 0.92 24.40 -67.08
CA LEU C 266 -0.38 24.81 -67.59
C LEU C 266 -0.71 24.11 -68.92
N ALA C 267 0.27 24.05 -69.81
CA ALA C 267 0.15 23.27 -71.08
C ALA C 267 -0.20 21.83 -70.83
N ALA C 268 0.59 21.17 -69.98
CA ALA C 268 0.36 19.78 -69.66
C ALA C 268 -1.01 19.51 -69.06
N ALA C 269 -1.41 20.31 -68.08
CA ALA C 269 -2.74 20.15 -67.47
C ALA C 269 -3.84 20.39 -68.49
N ASP C 270 -3.67 21.40 -69.34
CA ASP C 270 -4.71 21.74 -70.31
C ASP C 270 -4.89 20.58 -71.29
N ALA C 271 -3.80 20.14 -71.87
CA ALA C 271 -3.84 19.01 -72.81
C ALA C 271 -4.36 17.73 -72.14
N ALA C 272 -3.81 17.36 -70.99
CA ALA C 272 -4.22 16.10 -70.31
C ALA C 272 -5.71 16.17 -69.92
N LEU C 273 -6.13 17.32 -69.41
CA LEU C 273 -7.49 17.45 -68.98
C LEU C 273 -8.50 17.41 -70.13
N ALA C 274 -8.09 17.87 -71.28
CA ALA C 274 -8.94 17.73 -72.44
C ALA C 274 -9.15 16.25 -72.74
N ARG C 275 -8.11 15.44 -72.60
CA ARG C 275 -8.28 14.01 -72.84
C ARG C 275 -9.15 13.40 -71.76
N VAL C 276 -8.84 13.72 -70.51
CA VAL C 276 -9.63 13.28 -69.36
C VAL C 276 -11.13 13.57 -69.49
N ALA C 277 -11.50 14.72 -70.05
CA ALA C 277 -12.90 15.11 -70.08
C ALA C 277 -13.79 14.26 -71.03
N THR C 278 -13.19 13.62 -72.01
CA THR C 278 -13.87 12.69 -72.93
C THR C 278 -14.30 11.36 -72.29
N GLY C 279 -13.63 10.94 -71.22
CA GLY C 279 -13.88 9.66 -70.57
C GLY C 279 -13.15 8.53 -71.24
N GLU C 280 -12.45 8.83 -72.32
CA GLU C 280 -11.81 7.77 -73.10
C GLU C 280 -10.60 7.13 -72.44
N PRO C 281 -9.70 7.94 -71.86
CA PRO C 281 -8.56 7.27 -71.25
C PRO C 281 -9.00 6.40 -70.08
N GLN C 282 -10.01 6.86 -69.35
CA GLN C 282 -10.52 6.10 -68.20
C GLN C 282 -11.08 4.72 -68.59
N ARG C 283 -11.80 4.71 -69.70
CA ARG C 283 -12.41 3.48 -70.22
C ARG C 283 -11.32 2.58 -70.76
N ALA C 284 -10.34 3.16 -71.45
CA ALA C 284 -9.19 2.38 -71.93
C ALA C 284 -8.41 1.70 -70.82
N VAL C 285 -8.16 2.42 -69.74
CA VAL C 285 -7.49 1.86 -68.59
C VAL C 285 -8.31 0.74 -67.96
N ARG C 286 -9.58 0.97 -67.74
CA ARG C 286 -10.46 -0.03 -67.12
C ARG C 286 -10.49 -1.33 -67.96
N GLU C 287 -10.69 -1.15 -69.26
CA GLU C 287 -10.87 -2.31 -70.16
C GLU C 287 -9.54 -3.05 -70.29
N ALA C 288 -8.43 -2.31 -70.33
CA ALA C 288 -7.13 -2.92 -70.43
C ALA C 288 -6.71 -3.61 -69.15
N GLY C 289 -6.89 -2.94 -68.01
CA GLY C 289 -6.67 -3.62 -66.76
C GLY C 289 -7.57 -4.82 -66.46
N ASP C 290 -8.86 -4.75 -66.83
CA ASP C 290 -9.77 -5.90 -66.68
C ASP C 290 -9.30 -7.12 -67.48
N ARG C 291 -8.86 -6.86 -68.71
CA ARG C 291 -8.27 -7.94 -69.53
C ARG C 291 -7.04 -8.53 -68.88
N PHE C 292 -6.07 -7.70 -68.45
CA PHE C 292 -4.90 -8.24 -67.74
C PHE C 292 -5.31 -9.08 -66.53
N LEU C 293 -6.22 -8.54 -65.75
CA LEU C 293 -6.77 -9.18 -64.56
C LEU C 293 -7.42 -10.52 -64.81
N ARG C 294 -8.25 -10.58 -65.85
CA ARG C 294 -8.92 -11.83 -66.21
C ARG C 294 -7.85 -12.88 -66.46
N HIS C 295 -6.90 -12.55 -67.35
CA HIS C 295 -5.73 -13.40 -67.54
C HIS C 295 -4.98 -13.76 -66.29
N ALA C 296 -4.65 -12.76 -65.46
CA ALA C 296 -3.82 -12.99 -64.31
C ALA C 296 -4.54 -13.86 -63.26
N ARG C 297 -5.82 -13.60 -63.06
CA ARG C 297 -6.60 -14.46 -62.17
C ARG C 297 -6.60 -15.93 -62.59
N LYS C 298 -6.80 -16.16 -63.88
CA LYS C 298 -6.77 -17.52 -64.48
C LYS C 298 -5.41 -18.17 -64.29
N ALA C 299 -4.36 -17.44 -64.65
CA ALA C 299 -3.03 -17.99 -64.48
C ALA C 299 -2.71 -18.33 -63.02
N LEU C 300 -3.12 -17.49 -62.06
CA LEU C 300 -2.89 -17.80 -60.67
C LEU C 300 -3.64 -19.06 -60.23
N ASP C 301 -4.89 -19.17 -60.65
CA ASP C 301 -5.76 -20.30 -60.28
C ASP C 301 -5.22 -21.59 -60.94
N ASP C 302 -4.96 -21.54 -62.24
CA ASP C 302 -4.42 -22.71 -62.93
C ASP C 302 -3.12 -23.20 -62.27
N ALA C 303 -2.30 -22.30 -61.73
CA ALA C 303 -1.06 -22.67 -61.00
C ALA C 303 -1.23 -23.01 -59.53
N SER C 304 -2.46 -22.93 -59.00
CA SER C 304 -2.73 -23.23 -57.59
C SER C 304 -1.92 -22.35 -56.62
N LEU C 305 -1.76 -21.09 -57.01
CA LEU C 305 -1.05 -20.12 -56.21
C LEU C 305 -2.03 -19.35 -55.32
N PRO C 306 -1.73 -19.24 -54.02
CA PRO C 306 -2.62 -18.59 -53.05
C PRO C 306 -2.39 -17.06 -53.14
N VAL C 307 -2.82 -16.48 -54.24
CA VAL C 307 -2.77 -15.02 -54.41
C VAL C 307 -4.11 -14.60 -54.95
N GLU C 308 -4.79 -13.74 -54.19
CA GLU C 308 -6.01 -13.10 -54.68
C GLU C 308 -5.63 -11.78 -55.30
N ILE C 309 -6.58 -11.19 -56.01
CA ILE C 309 -6.39 -9.89 -56.60
C ILE C 309 -7.58 -9.04 -56.24
N ALA C 310 -7.32 -8.02 -55.42
CA ALA C 310 -8.35 -7.01 -55.13
C ALA C 310 -8.45 -5.94 -56.21
N GLY C 311 -9.64 -5.36 -56.33
CA GLY C 311 -9.85 -4.20 -57.19
C GLY C 311 -10.27 -4.58 -58.59
N ASP C 312 -9.89 -3.74 -59.54
CA ASP C 312 -10.39 -3.84 -60.91
C ASP C 312 -9.37 -3.20 -61.87
N GLY C 313 -9.76 -3.03 -63.12
CA GLY C 313 -8.87 -2.61 -64.18
C GLY C 313 -8.30 -1.23 -63.91
N THR C 314 -9.05 -0.37 -63.23
CA THR C 314 -8.57 0.97 -62.90
C THR C 314 -7.42 0.96 -61.87
N PHE C 315 -7.58 0.17 -60.82
CA PHE C 315 -6.54 -0.02 -59.81
C PHE C 315 -6.77 -1.39 -59.20
N PHE C 316 -5.73 -2.22 -59.18
CA PHE C 316 -5.84 -3.57 -58.61
C PHE C 316 -4.65 -3.83 -57.73
N GLN C 317 -4.80 -4.82 -56.86
CA GLN C 317 -3.74 -5.12 -55.92
C GLN C 317 -3.64 -6.61 -55.71
N PHE C 318 -2.43 -7.18 -55.78
CA PHE C 318 -2.20 -8.56 -55.40
C PHE C 318 -2.23 -8.74 -53.88
N VAL C 319 -2.84 -9.83 -53.42
CA VAL C 319 -3.00 -10.14 -52.01
C VAL C 319 -2.50 -11.55 -51.86
N PRO C 320 -1.21 -11.69 -51.59
CA PRO C 320 -0.67 -13.02 -51.38
C PRO C 320 -0.91 -13.54 -49.97
N ALA C 321 -1.00 -14.85 -49.81
CA ALA C 321 -1.29 -15.44 -48.51
C ALA C 321 -0.18 -15.26 -47.46
N THR C 322 1.07 -15.10 -47.92
CA THR C 322 2.18 -14.86 -47.03
C THR C 322 3.11 -13.77 -47.59
N GLU C 323 3.86 -13.15 -46.68
CA GLU C 323 4.86 -12.12 -46.98
C GLU C 323 5.95 -12.74 -47.88
N GLU C 324 6.29 -13.99 -47.57
CA GLU C 324 7.25 -14.71 -48.42
C GLU C 324 6.77 -14.82 -49.85
N LEU C 325 5.53 -15.26 -50.06
CA LEU C 325 5.00 -15.37 -51.40
C LEU C 325 4.91 -13.98 -52.06
N GLU C 326 4.58 -12.95 -51.30
CA GLU C 326 4.52 -11.59 -51.85
C GLU C 326 5.90 -11.17 -52.45
N GLU C 327 6.97 -11.37 -51.70
CA GLU C 327 8.31 -11.03 -52.12
C GLU C 327 8.66 -11.81 -53.37
N ALA C 328 8.37 -13.11 -53.37
CA ALA C 328 8.60 -13.95 -54.55
C ALA C 328 7.83 -13.48 -55.77
N LEU C 329 6.61 -13.03 -55.54
CA LEU C 329 5.80 -12.58 -56.64
C LEU C 329 6.47 -11.39 -57.32
N TYR C 330 6.92 -10.44 -56.51
CA TYR C 330 7.51 -9.22 -57.05
C TYR C 330 8.89 -9.56 -57.64
N GLY C 331 9.61 -10.48 -57.00
CA GLY C 331 10.90 -10.98 -57.50
C GLY C 331 10.74 -11.61 -58.86
N ALA C 332 9.70 -12.43 -59.03
CA ALA C 332 9.39 -13.02 -60.32
C ALA C 332 8.98 -12.00 -61.36
N ALA C 333 8.12 -11.07 -60.96
CA ALA C 333 7.67 -10.00 -61.84
C ALA C 333 8.85 -9.18 -62.36
N ASN C 334 9.78 -8.88 -61.47
CA ASN C 334 10.93 -8.07 -61.80
C ASN C 334 11.80 -8.82 -62.84
N ALA C 335 12.02 -10.11 -62.56
CA ALA C 335 12.74 -10.98 -63.50
C ALA C 335 12.11 -10.97 -64.88
N GLU C 336 10.78 -10.90 -64.97
CA GLU C 336 10.07 -10.88 -66.25
C GLU C 336 9.81 -9.50 -66.84
N GLY C 337 10.24 -8.44 -66.16
CA GLY C 337 10.03 -7.09 -66.63
C GLY C 337 8.60 -6.61 -66.57
N LEU C 338 7.90 -6.98 -65.50
CA LEU C 338 6.62 -6.29 -65.19
C LEU C 338 6.92 -5.43 -63.96
N LEU C 339 6.81 -4.11 -64.11
CA LEU C 339 7.14 -3.22 -62.99
C LEU C 339 5.84 -2.98 -62.22
N PHE C 340 5.69 -3.67 -61.12
CA PHE C 340 4.52 -3.42 -60.26
C PHE C 340 5.03 -2.44 -59.19
N TYR C 341 4.09 -1.67 -58.68
CA TYR C 341 4.32 -0.86 -57.49
C TYR C 341 4.17 -1.80 -56.33
N ALA C 342 5.28 -2.19 -55.73
CA ALA C 342 5.38 -3.31 -54.83
C ALA C 342 4.46 -3.14 -53.62
N GLY C 343 3.51 -4.07 -53.51
CA GLY C 343 2.64 -4.20 -52.32
C GLY C 343 1.46 -3.25 -52.37
N ASP C 344 1.42 -2.41 -53.39
CA ASP C 344 0.46 -1.29 -53.44
C ASP C 344 -0.49 -1.54 -54.62
N ASN C 345 -1.09 -0.49 -55.17
CA ASN C 345 -1.96 -0.63 -56.32
C ASN C 345 -1.31 -0.46 -57.71
N GLN C 346 -1.77 -1.29 -58.62
CA GLN C 346 -1.29 -1.33 -59.96
C GLN C 346 -2.22 -0.50 -60.79
N GLY C 347 -1.65 0.46 -61.51
CA GLY C 347 -2.44 1.33 -62.30
C GLY C 347 -1.99 1.49 -63.75
N VAL C 348 -2.56 0.69 -64.63
CA VAL C 348 -2.23 0.80 -66.05
C VAL C 348 -2.60 2.15 -66.64
N SER C 349 -2.01 2.50 -67.78
CA SER C 349 -2.29 3.74 -68.46
C SER C 349 -2.99 3.47 -69.79
N ALA C 350 -3.45 4.53 -70.44
CA ALA C 350 -4.18 4.44 -71.69
C ALA C 350 -3.27 3.98 -72.83
N ALA C 351 -1.96 3.93 -72.60
CA ALA C 351 -1.00 3.39 -73.59
C ALA C 351 -0.84 1.86 -73.58
N PHE C 352 -1.56 1.18 -72.69
CA PHE C 352 -1.67 -0.26 -72.67
C PHE C 352 -2.60 -0.70 -73.80
N ASP C 353 -2.04 -0.77 -75.00
CA ASP C 353 -2.74 -1.26 -76.19
C ASP C 353 -2.64 -2.78 -76.35
N GLU C 354 -3.29 -3.31 -77.38
CA GLU C 354 -3.37 -4.74 -77.64
C GLU C 354 -2.01 -5.37 -77.50
N ALA C 355 -1.02 -4.75 -78.11
CA ALA C 355 0.32 -5.33 -78.14
C ALA C 355 1.00 -5.39 -76.77
N VAL C 356 0.91 -4.30 -76.00
CA VAL C 356 1.38 -4.31 -74.61
C VAL C 356 0.67 -5.41 -73.80
N LEU C 357 -0.64 -5.53 -73.97
CA LEU C 357 -1.42 -6.49 -73.19
C LEU C 357 -0.96 -7.90 -73.49
N GLY C 358 -0.71 -8.16 -74.77
CA GLY C 358 -0.31 -9.52 -75.14
C GLY C 358 0.99 -9.85 -74.49
N GLU C 359 1.94 -8.91 -74.51
CA GLU C 359 3.25 -9.16 -73.84
C GLU C 359 3.12 -9.29 -72.34
N ALA C 360 2.30 -8.43 -71.75
CA ALA C 360 2.13 -8.49 -70.31
C ALA C 360 1.58 -9.85 -69.87
N GLU C 361 0.64 -10.36 -70.66
CA GLU C 361 0.04 -11.66 -70.35
C GLU C 361 1.07 -12.76 -70.40
N ARG C 362 1.90 -12.78 -71.45
CA ARG C 362 2.97 -13.79 -71.53
C ARG C 362 3.93 -13.63 -70.38
N ARG C 363 4.26 -12.38 -70.02
CA ARG C 363 5.19 -12.18 -68.91
C ARG C 363 4.61 -12.68 -67.59
N PHE C 364 3.32 -12.44 -67.42
CA PHE C 364 2.64 -12.88 -66.22
C PHE C 364 2.51 -14.41 -66.16
N ALA C 365 2.29 -15.05 -67.32
CA ALA C 365 2.25 -16.52 -67.34
C ALA C 365 3.62 -17.01 -66.91
N ARG C 366 4.67 -16.34 -67.38
CA ARG C 366 6.02 -16.73 -66.96
C ARG C 366 6.30 -16.48 -65.50
N VAL C 367 5.70 -15.40 -64.97
CA VAL C 367 5.68 -15.20 -63.52
C VAL C 367 5.11 -16.39 -62.76
N CYS C 368 4.01 -16.95 -63.23
CA CYS C 368 3.32 -18.01 -62.48
C CYS C 368 4.11 -19.32 -62.58
N GLU C 369 4.81 -19.52 -63.68
CA GLU C 369 5.73 -20.65 -63.79
C GLU C 369 6.87 -20.56 -62.78
N ARG C 370 7.42 -19.35 -62.62
CA ARG C 370 8.52 -19.13 -61.65
C ARG C 370 8.11 -19.41 -60.23
N LEU C 371 6.82 -19.22 -59.94
CA LEU C 371 6.28 -19.39 -58.59
C LEU C 371 5.75 -20.80 -58.33
N ALA C 372 6.02 -21.76 -59.22
CA ALA C 372 5.58 -23.14 -59.05
C ALA C 372 5.79 -23.72 -57.66
N PRO C 373 6.92 -23.44 -56.99
CA PRO C 373 7.11 -24.10 -55.70
C PRO C 373 6.20 -23.59 -54.59
N TYR C 374 5.55 -22.46 -54.83
CA TYR C 374 4.47 -21.99 -53.99
C TYR C 374 3.11 -22.60 -54.24
N ALA C 375 2.97 -23.39 -55.30
CA ALA C 375 1.71 -24.07 -55.57
C ALA C 375 1.23 -24.88 -54.38
N GLY C 376 -0.09 -24.86 -54.19
CA GLY C 376 -0.76 -25.63 -53.15
C GLY C 376 -0.68 -25.06 -51.74
N GLY C 377 -0.09 -23.88 -51.59
CA GLY C 377 -0.01 -23.24 -50.28
C GLY C 377 -1.39 -22.98 -49.69
N GLU C 378 -1.44 -22.89 -48.37
CA GLU C 378 -2.66 -22.56 -47.62
C GLU C 378 -3.26 -21.28 -48.24
N PRO C 379 -4.57 -21.30 -48.57
CA PRO C 379 -5.14 -20.14 -49.26
C PRO C 379 -5.05 -18.87 -48.41
N VAL C 380 -5.28 -17.72 -49.04
CA VAL C 380 -5.27 -16.40 -48.38
C VAL C 380 -6.28 -16.35 -47.22
N GLY C 381 -5.81 -15.80 -46.11
CA GLY C 381 -6.61 -15.59 -44.88
C GLY C 381 -6.75 -14.10 -44.62
N ASP C 382 -7.56 -13.76 -43.62
CA ASP C 382 -7.87 -12.35 -43.44
C ASP C 382 -6.71 -11.53 -42.89
N ALA C 383 -5.86 -12.11 -42.06
CA ALA C 383 -4.71 -11.36 -41.56
C ALA C 383 -3.92 -10.81 -42.77
N ALA C 384 -3.72 -11.63 -43.80
CA ALA C 384 -3.05 -11.21 -45.02
C ALA C 384 -3.80 -10.08 -45.71
N ARG C 385 -5.12 -10.26 -45.84
CA ARG C 385 -5.94 -9.26 -46.50
C ARG C 385 -5.79 -7.92 -45.80
N TYR C 386 -5.84 -7.94 -44.46
CA TYR C 386 -5.71 -6.70 -43.71
C TYR C 386 -4.31 -6.04 -43.84
N ARG C 387 -3.25 -6.85 -43.75
CA ARG C 387 -1.89 -6.32 -43.92
C ARG C 387 -1.72 -5.66 -45.30
N VAL C 388 -2.15 -6.36 -46.35
CA VAL C 388 -1.94 -5.91 -47.71
C VAL C 388 -2.73 -4.62 -47.98
N ALA C 389 -3.99 -4.65 -47.56
CA ALA C 389 -4.83 -3.49 -47.68
C ALA C 389 -4.29 -2.26 -46.92
N TRP C 390 -3.74 -2.49 -45.74
CA TRP C 390 -3.15 -1.40 -44.97
C TRP C 390 -2.02 -0.72 -45.79
N ASN C 391 -1.32 -1.49 -46.62
CA ASN C 391 -0.19 -0.90 -47.33
C ASN C 391 -0.64 0.12 -48.37
N VAL C 392 -1.83 -0.07 -48.90
CA VAL C 392 -2.35 0.78 -49.90
C VAL C 392 -3.23 1.90 -49.33
N MET C 393 -3.94 1.65 -48.22
CA MET C 393 -4.87 2.68 -47.74
C MET C 393 -4.44 3.35 -46.43
N ASP C 394 -3.42 2.85 -45.74
CA ASP C 394 -2.98 3.27 -44.41
C ASP C 394 -4.16 3.26 -43.43
N GLY C 395 -4.95 2.20 -43.52
CA GLY C 395 -6.06 1.95 -42.59
C GLY C 395 -6.74 0.66 -42.95
N LEU C 396 -7.96 0.49 -42.45
CA LEU C 396 -8.62 -0.81 -42.48
C LEU C 396 -9.58 -1.02 -43.63
N ARG C 397 -9.35 -2.07 -44.41
CA ARG C 397 -10.32 -2.56 -45.37
C ARG C 397 -11.65 -2.80 -44.66
N GLN C 398 -12.71 -2.69 -45.44
CA GLN C 398 -14.04 -2.98 -44.93
C GLN C 398 -14.27 -4.48 -44.81
N ALA C 399 -14.61 -4.90 -43.60
CA ALA C 399 -15.07 -6.28 -43.36
C ALA C 399 -15.75 -6.34 -42.01
N PRO C 400 -16.55 -7.39 -41.79
CA PRO C 400 -17.18 -7.48 -40.48
C PRO C 400 -16.20 -7.59 -39.30
N ARG C 401 -16.36 -6.73 -38.31
CA ARG C 401 -15.46 -6.63 -37.16
C ARG C 401 -16.31 -6.14 -36.00
N ASP C 402 -16.04 -6.56 -34.78
CA ASP C 402 -16.45 -5.74 -33.62
C ASP C 402 -15.35 -4.76 -33.19
N ARG C 403 -15.66 -3.84 -32.27
CA ARG C 403 -14.69 -2.84 -31.82
C ARG C 403 -13.41 -3.46 -31.25
N GLU C 404 -13.55 -4.56 -30.50
CA GLU C 404 -12.37 -5.18 -29.96
C GLU C 404 -11.44 -5.65 -31.09
N GLU C 405 -12.00 -6.22 -32.14
CA GLU C 405 -11.17 -6.71 -33.26
C GLU C 405 -10.59 -5.50 -33.97
N THR C 406 -11.33 -4.39 -34.06
CA THR C 406 -10.79 -3.15 -34.68
C THR C 406 -9.58 -2.65 -33.90
N THR C 407 -9.75 -2.50 -32.59
CA THR C 407 -8.64 -2.22 -31.68
C THR C 407 -7.43 -3.12 -31.87
N GLY C 408 -7.68 -4.42 -32.00
CA GLY C 408 -6.61 -5.42 -32.16
C GLY C 408 -5.79 -5.25 -33.44
N LEU C 409 -6.51 -5.07 -34.53
CA LEU C 409 -5.92 -4.74 -35.83
C LEU C 409 -5.07 -3.48 -35.82
N LEU C 410 -5.55 -2.40 -35.18
CA LEU C 410 -4.78 -1.18 -35.10
C LEU C 410 -3.51 -1.44 -34.35
N ALA C 411 -3.60 -2.17 -33.23
CA ALA C 411 -2.39 -2.41 -32.45
C ALA C 411 -1.39 -3.22 -33.27
N ARG C 412 -1.87 -4.24 -33.98
CA ARG C 412 -1.07 -5.04 -34.91
C ARG C 412 -0.39 -4.27 -36.04
N LEU C 413 -1.13 -3.36 -36.70
CA LEU C 413 -0.68 -2.77 -37.98
C LEU C 413 0.01 -1.42 -37.85
N LEU C 414 -0.35 -0.63 -36.84
CA LEU C 414 0.37 0.61 -36.51
C LEU C 414 1.74 0.27 -35.88
N SER D 6 -14.81 34.62 -61.72
CA SER D 6 -14.08 34.49 -60.42
C SER D 6 -14.10 33.04 -59.94
N LEU D 7 -13.65 32.12 -60.77
CA LEU D 7 -13.52 30.74 -60.32
C LEU D 7 -12.33 30.55 -59.40
N LEU D 8 -11.28 31.35 -59.60
CA LEU D 8 -10.04 31.08 -58.85
C LEU D 8 -10.19 31.43 -57.36
N ALA D 9 -9.83 30.47 -56.50
CA ALA D 9 -10.02 30.57 -55.07
C ALA D 9 -8.85 31.35 -54.47
N GLU D 10 -7.73 31.35 -55.19
CA GLU D 10 -6.51 31.99 -54.74
C GLU D 10 -6.49 33.42 -55.25
N PHE D 11 -5.65 34.25 -54.65
CA PHE D 11 -5.35 35.58 -55.19
C PHE D 11 -3.86 35.63 -55.53
N PRO D 12 -3.50 35.19 -56.73
CA PRO D 12 -2.06 35.08 -57.00
C PRO D 12 -1.46 36.47 -57.17
N THR D 13 -0.23 36.62 -56.68
CA THR D 13 0.58 37.78 -57.06
C THR D 13 0.95 37.72 -58.51
N CYS D 14 0.52 38.79 -59.19
CA CYS D 14 0.82 38.95 -60.62
C CYS D 14 0.54 40.34 -61.14
N PRO D 15 1.03 40.63 -62.35
CA PRO D 15 0.71 41.95 -62.91
C PRO D 15 -0.77 42.16 -63.12
N ARG D 16 -1.27 43.25 -62.55
CA ARG D 16 -2.68 43.58 -62.65
C ARG D 16 -2.88 44.98 -63.23
N ASP D 17 -3.94 45.11 -64.04
CA ASP D 17 -4.25 46.38 -64.68
C ASP D 17 -5.01 47.27 -63.73
N GLU D 18 -5.48 48.41 -64.23
CA GLU D 18 -6.02 49.44 -63.36
C GLU D 18 -7.29 48.97 -62.64
N LYS D 19 -8.01 47.99 -63.19
CA LYS D 19 -9.16 47.42 -62.46
C LYS D 19 -8.75 46.24 -61.55
N ASP D 20 -7.47 46.08 -61.28
CA ASP D 20 -6.94 44.92 -60.55
C ASP D 20 -7.19 43.55 -61.22
N ARG D 21 -7.33 43.54 -62.54
CA ARG D 21 -7.62 42.29 -63.25
C ARG D 21 -6.25 41.79 -63.78
N PRO D 22 -5.94 40.49 -63.65
CA PRO D 22 -4.63 40.04 -64.16
C PRO D 22 -4.40 40.46 -65.61
N ARG D 23 -3.21 40.98 -65.93
CA ARG D 23 -2.77 41.14 -67.31
C ARG D 23 -2.57 39.82 -67.99
N VAL D 24 -3.04 39.67 -69.24
CA VAL D 24 -2.89 38.44 -69.98
C VAL D 24 -1.70 38.49 -70.94
N PHE D 25 -0.62 37.77 -70.64
CA PHE D 25 0.54 37.69 -71.52
C PHE D 25 0.56 36.40 -72.32
N THR D 26 0.51 36.53 -73.66
CA THR D 26 0.26 35.38 -74.51
C THR D 26 1.59 34.71 -74.92
N ALA D 27 2.68 35.47 -74.89
CA ALA D 27 4.00 34.99 -75.26
C ALA D 27 5.10 35.89 -74.71
N ALA D 28 6.30 35.35 -74.71
CA ALA D 28 7.46 36.04 -74.19
C ALA D 28 8.65 35.65 -75.02
N SER D 29 9.66 36.51 -75.05
CA SER D 29 10.91 36.21 -75.74
C SER D 29 12.02 37.01 -75.06
N GLY D 30 12.90 36.38 -74.31
CA GLY D 30 14.00 37.05 -73.64
C GLY D 30 13.44 37.99 -72.57
N ALA D 31 13.58 39.28 -72.84
CA ALA D 31 13.14 40.33 -71.95
C ALA D 31 11.79 40.85 -72.33
N TRP D 32 11.26 40.37 -73.45
CA TRP D 32 10.00 40.94 -73.94
C TRP D 32 8.78 40.10 -73.66
N LEU D 33 7.63 40.73 -73.46
CA LEU D 33 6.34 40.07 -73.40
C LEU D 33 5.36 40.68 -74.40
N THR D 34 4.46 39.84 -74.91
CA THR D 34 3.32 40.33 -75.64
C THR D 34 2.05 40.12 -74.88
N ASP D 35 1.21 41.15 -74.78
CA ASP D 35 -0.08 40.96 -74.09
C ASP D 35 -1.23 40.71 -75.04
N GLU D 36 -2.37 40.34 -74.46
CA GLU D 36 -3.53 39.93 -75.26
C GLU D 36 -4.03 41.02 -76.21
N SER D 37 -3.83 42.29 -75.83
CA SER D 37 -4.25 43.44 -76.63
CA SER D 37 -4.26 43.41 -76.65
C SER D 37 -3.24 43.75 -77.73
N GLY D 38 -2.09 43.08 -77.71
CA GLY D 38 -1.04 43.25 -78.72
C GLY D 38 0.10 44.15 -78.28
N PHE D 39 -0.04 44.71 -77.08
CA PHE D 39 0.94 45.66 -76.54
C PHE D 39 2.24 44.94 -76.15
N ARG D 40 3.39 45.53 -76.44
CA ARG D 40 4.66 44.83 -76.19
C ARG D 40 5.38 45.44 -74.97
N TRP D 41 5.84 44.60 -74.03
CA TRP D 41 6.37 45.05 -72.73
C TRP D 41 7.79 44.65 -72.54
N ILE D 42 8.55 45.44 -71.79
CA ILE D 42 9.85 44.94 -71.31
C ILE D 42 9.65 44.51 -69.86
N ASP D 43 10.10 43.30 -69.54
CA ASP D 43 9.71 42.66 -68.24
C ASP D 43 10.85 42.90 -67.25
N PHE D 44 10.59 43.64 -66.18
CA PHE D 44 11.51 43.70 -65.03
C PHE D 44 10.97 42.87 -63.85
N ASP D 45 9.81 42.26 -64.02
CA ASP D 45 9.17 41.42 -62.93
C ASP D 45 9.78 40.04 -63.05
N ASN D 46 9.64 39.41 -64.23
CA ASN D 46 10.37 38.19 -64.54
C ASN D 46 10.01 37.06 -63.57
N ALA D 47 8.72 36.83 -63.47
CA ALA D 47 8.14 35.88 -62.53
C ALA D 47 8.74 36.14 -61.14
N ARG D 48 8.61 37.38 -60.70
CA ARG D 48 9.13 37.79 -59.38
C ARG D 48 10.63 37.53 -59.22
N GLY D 49 11.43 37.64 -60.30
CA GLY D 49 12.87 37.37 -60.24
C GLY D 49 13.32 35.94 -60.31
N SER D 50 12.45 35.04 -60.75
CA SER D 50 12.75 33.63 -61.00
C SER D 50 13.17 33.32 -62.45
N ILE D 51 13.06 34.31 -63.31
CA ILE D 51 13.54 34.19 -64.70
C ILE D 51 14.88 34.94 -64.79
N LEU D 52 15.95 34.29 -64.33
CA LEU D 52 17.30 34.85 -64.33
C LEU D 52 17.87 34.90 -65.77
N LEU D 53 17.53 33.87 -66.56
CA LEU D 53 18.17 33.68 -67.88
C LEU D 53 17.46 34.38 -69.00
N GLY D 54 16.15 34.55 -68.86
CA GLY D 54 15.29 35.18 -69.85
C GLY D 54 14.20 34.19 -70.23
N HIS D 55 13.06 34.70 -70.64
CA HIS D 55 11.96 33.87 -71.08
C HIS D 55 12.34 33.06 -72.31
N GLY D 56 12.05 31.77 -72.25
CA GLY D 56 12.23 30.88 -73.38
C GLY D 56 13.69 30.67 -73.66
N ASP D 57 14.52 30.62 -72.62
CA ASP D 57 15.93 30.37 -72.81
C ASP D 57 16.11 29.10 -73.65
N PRO D 58 16.83 29.21 -74.80
CA PRO D 58 16.74 28.03 -75.67
C PRO D 58 17.50 26.80 -75.17
N VAL D 59 18.55 26.95 -74.38
CA VAL D 59 19.23 25.77 -73.89
C VAL D 59 18.36 25.01 -72.88
N VAL D 60 17.73 25.75 -71.95
CA VAL D 60 16.82 25.09 -71.00
C VAL D 60 15.61 24.52 -71.77
N ALA D 61 15.12 25.26 -72.74
CA ALA D 61 13.94 24.84 -73.48
C ALA D 61 14.15 23.55 -74.25
N GLU D 62 15.32 23.42 -74.88
CA GLU D 62 15.64 22.15 -75.55
C GLU D 62 15.82 20.98 -74.57
N ALA D 63 16.35 21.24 -73.38
CA ALA D 63 16.45 20.21 -72.37
C ALA D 63 15.04 19.76 -71.95
N VAL D 64 14.13 20.71 -71.79
CA VAL D 64 12.76 20.39 -71.37
C VAL D 64 12.07 19.61 -72.49
N ALA D 65 12.35 19.99 -73.75
CA ALA D 65 11.72 19.31 -74.89
C ALA D 65 12.13 17.85 -74.95
N ARG D 66 13.41 17.57 -74.81
CA ARG D 66 13.90 16.21 -74.84
C ARG D 66 13.38 15.41 -73.64
N ALA D 67 13.35 16.01 -72.45
CA ALA D 67 12.72 15.34 -71.32
C ALA D 67 11.21 15.04 -71.43
N ALA D 68 10.48 15.93 -72.09
CA ALA D 68 9.05 15.78 -72.25
C ALA D 68 8.63 14.54 -73.04
N THR D 69 9.52 14.05 -73.90
CA THR D 69 9.21 12.91 -74.77
C THR D 69 9.53 11.54 -74.18
N GLY D 70 10.17 11.53 -73.02
CA GLY D 70 10.66 10.36 -72.34
C GLY D 70 12.09 9.98 -72.69
N ALA D 71 12.81 10.82 -73.44
CA ALA D 71 14.23 10.48 -73.75
C ALA D 71 15.25 10.66 -72.62
N ASP D 72 14.85 11.28 -71.50
CA ASP D 72 15.76 11.53 -70.39
C ASP D 72 15.35 11.03 -69.01
N GLY D 73 14.43 10.09 -68.98
CA GLY D 73 13.95 9.64 -67.70
C GLY D 73 12.45 9.60 -67.72
N THR D 74 11.94 9.01 -66.65
CA THR D 74 10.51 8.89 -66.49
C THR D 74 10.16 9.39 -65.10
N ALA D 75 8.92 9.83 -64.98
CA ALA D 75 8.39 10.19 -63.66
C ALA D 75 8.24 8.96 -62.73
N THR D 76 8.33 7.75 -63.25
CA THR D 76 8.23 6.55 -62.42
C THR D 76 9.37 6.36 -61.44
N GLY D 77 10.56 6.83 -61.78
CA GLY D 77 11.66 6.61 -60.87
C GLY D 77 12.94 7.35 -61.20
N TRP D 78 13.99 6.91 -60.53
CA TRP D 78 15.28 7.61 -60.51
C TRP D 78 15.80 7.73 -61.93
N SER D 79 16.50 8.83 -62.17
CA SER D 79 17.34 9.01 -63.33
C SER D 79 18.65 9.65 -62.91
N ARG D 80 19.63 9.66 -63.81
CA ARG D 80 20.92 10.20 -63.44
C ARG D 80 20.87 11.72 -63.30
N ARG D 81 19.84 12.34 -63.87
CA ARG D 81 19.64 13.74 -63.69
C ARG D 81 19.29 14.12 -62.25
N VAL D 82 18.75 13.20 -61.48
CA VAL D 82 18.56 13.47 -60.06
C VAL D 82 19.91 13.67 -59.40
N ASP D 83 20.82 12.76 -59.67
CA ASP D 83 22.14 12.89 -59.10
C ASP D 83 22.82 14.19 -59.54
N ALA D 84 22.60 14.60 -60.78
CA ALA D 84 23.28 15.76 -61.33
C ALA D 84 22.82 17.01 -60.63
N VAL D 85 21.49 17.11 -60.47
CA VAL D 85 20.91 18.25 -59.76
C VAL D 85 21.41 18.34 -58.31
N LEU D 86 21.41 17.22 -57.59
CA LEU D 86 21.79 17.23 -56.17
C LEU D 86 23.28 17.58 -56.08
N GLU D 87 24.05 16.96 -56.97
CA GLU D 87 25.48 17.28 -57.08
C GLU D 87 25.78 18.76 -57.37
N ARG D 88 25.05 19.37 -58.31
CA ARG D 88 25.26 20.76 -58.68
C ARG D 88 24.92 21.69 -57.49
N LEU D 89 23.79 21.43 -56.84
CA LEU D 89 23.40 22.25 -55.68
C LEU D 89 24.40 22.14 -54.54
N HIS D 90 24.78 20.90 -54.20
CA HIS D 90 25.82 20.63 -53.21
C HIS D 90 27.10 21.44 -53.51
N ALA D 91 27.58 21.34 -54.76
CA ALA D 91 28.76 22.14 -55.16
C ALA D 91 28.64 23.65 -54.98
N LEU D 92 27.49 24.22 -55.37
CA LEU D 92 27.23 25.65 -55.32
C LEU D 92 26.99 26.16 -53.90
N CYS D 93 26.21 25.44 -53.09
CA CYS D 93 25.76 25.95 -51.80
C CYS D 93 26.37 25.31 -50.55
N GLY D 94 27.02 24.16 -50.70
CA GLY D 94 27.66 23.43 -49.62
C GLY D 94 26.68 22.65 -48.76
N GLY D 95 27.14 22.20 -47.59
CA GLY D 95 26.34 21.38 -46.69
C GLY D 95 26.54 19.91 -46.97
N GLU D 96 26.04 19.04 -46.10
CA GLU D 96 26.22 17.59 -46.27
C GLU D 96 25.09 16.97 -47.13
N VAL D 97 23.86 17.46 -47.03
CA VAL D 97 22.73 16.90 -47.80
C VAL D 97 21.94 17.97 -48.51
N VAL D 98 21.09 17.47 -49.40
CA VAL D 98 20.26 18.27 -50.24
C VAL D 98 18.92 17.60 -50.31
N GLY D 99 17.83 18.38 -50.30
CA GLY D 99 16.51 17.84 -50.66
C GLY D 99 15.84 18.74 -51.69
N LEU D 100 14.93 18.22 -52.52
CA LEU D 100 14.19 18.98 -53.51
C LEU D 100 12.70 19.07 -53.13
N PHE D 101 12.06 20.20 -53.43
CA PHE D 101 10.65 20.41 -53.20
C PHE D 101 10.04 21.12 -54.38
N ARG D 102 8.73 21.34 -54.30
CA ARG D 102 7.93 21.84 -55.38
C ARG D 102 7.56 23.31 -55.31
N SER D 103 7.94 24.01 -54.22
CA SER D 103 7.78 25.46 -54.12
C SER D 103 8.72 25.96 -53.00
N GLY D 104 9.08 27.24 -53.05
CA GLY D 104 9.79 27.88 -51.94
C GLY D 104 9.03 27.63 -50.65
N THR D 105 7.73 27.84 -50.65
CA THR D 105 6.87 27.64 -49.46
C THR D 105 7.06 26.26 -48.85
N ALA D 106 7.00 25.19 -49.69
CA ALA D 106 7.22 23.83 -49.23
C ALA D 106 8.61 23.59 -48.65
N ALA D 107 9.62 24.14 -49.29
CA ALA D 107 11.00 23.90 -48.88
C ALA D 107 11.28 24.53 -47.51
N VAL D 108 10.86 25.78 -47.33
CA VAL D 108 11.21 26.49 -46.11
C VAL D 108 10.42 25.87 -44.94
N ARG D 109 9.15 25.52 -45.16
CA ARG D 109 8.37 24.87 -44.12
C ARG D 109 9.06 23.56 -43.72
N ALA D 110 9.40 22.73 -44.70
CA ALA D 110 10.06 21.48 -44.41
C ALA D 110 11.41 21.65 -43.68
N ALA D 111 12.19 22.62 -44.12
CA ALA D 111 13.50 22.87 -43.51
C ALA D 111 13.37 23.23 -42.01
N VAL D 112 12.50 24.19 -41.71
CA VAL D 112 12.39 24.69 -40.36
C VAL D 112 11.79 23.62 -39.46
N LEU D 113 10.81 22.86 -39.96
CA LEU D 113 10.23 21.81 -39.12
C LEU D 113 11.26 20.69 -38.82
N ALA D 114 12.12 20.44 -39.80
CA ALA D 114 13.18 19.43 -39.62
C ALA D 114 14.16 19.89 -38.53
N VAL D 115 14.59 21.14 -38.61
CA VAL D 115 15.46 21.68 -37.55
C VAL D 115 14.77 21.69 -36.18
N ARG D 116 13.51 22.13 -36.11
CA ARG D 116 12.77 21.96 -34.87
C ARG D 116 12.73 20.55 -34.30
N GLU D 117 12.46 19.55 -35.14
CA GLU D 117 12.48 18.17 -34.68
C GLU D 117 13.86 17.73 -34.18
N ALA D 118 14.90 18.06 -34.95
CA ALA D 118 16.26 17.63 -34.63
C ALA D 118 16.78 18.27 -33.34
N THR D 119 16.39 19.52 -33.07
CA THR D 119 16.88 20.28 -31.91
C THR D 119 16.02 20.03 -30.67
N GLY D 120 14.76 19.65 -30.87
CA GLY D 120 13.81 19.53 -29.78
C GLY D 120 13.47 20.81 -29.04
N ARG D 121 13.71 21.96 -29.65
CA ARG D 121 13.28 23.24 -29.07
C ARG D 121 12.14 23.90 -29.83
N PRO D 122 11.30 24.70 -29.15
CA PRO D 122 10.00 25.09 -29.68
C PRO D 122 9.92 26.27 -30.68
N LEU D 123 10.77 27.28 -30.52
CA LEU D 123 10.53 28.54 -31.20
C LEU D 123 11.38 28.71 -32.46
N LEU D 124 10.79 29.29 -33.49
CA LEU D 124 11.53 29.73 -34.68
C LEU D 124 11.50 31.25 -34.64
N LEU D 125 12.68 31.90 -34.68
CA LEU D 125 12.80 33.34 -34.69
C LEU D 125 12.98 33.77 -36.15
N SER D 126 12.06 34.57 -36.67
CA SER D 126 11.93 34.76 -38.13
C SER D 126 12.04 36.22 -38.50
N ALA D 127 12.65 36.47 -39.66
CA ALA D 127 12.57 37.75 -40.30
C ALA D 127 12.36 37.52 -41.79
N GLY D 128 11.44 38.28 -42.35
CA GLY D 128 11.18 38.17 -43.76
C GLY D 128 10.01 37.25 -44.12
N TYR D 129 9.78 37.15 -45.43
CA TYR D 129 8.67 36.34 -46.01
C TYR D 129 9.20 34.96 -46.26
N HIS D 130 8.43 33.93 -45.91
CA HIS D 130 8.89 32.54 -46.11
C HIS D 130 7.87 31.74 -46.94
N GLY D 131 6.88 32.40 -47.52
CA GLY D 131 5.90 31.69 -48.32
C GLY D 131 4.50 31.77 -47.75
N TYR D 132 3.57 31.08 -48.38
CA TYR D 132 2.17 31.36 -48.16
C TYR D 132 1.62 30.56 -47.00
N ASP D 133 2.34 29.59 -46.51
CA ASP D 133 1.76 28.63 -45.57
C ASP D 133 1.29 29.32 -44.27
N PRO D 134 0.13 28.88 -43.73
CA PRO D 134 -0.37 29.54 -42.50
C PRO D 134 0.58 29.48 -41.31
N MET D 135 1.64 28.64 -41.30
CA MET D 135 2.54 28.63 -40.17
C MET D 135 3.25 29.95 -39.90
N TRP D 136 3.27 30.83 -40.92
CA TRP D 136 3.89 32.11 -40.85
C TRP D 136 2.96 33.27 -40.55
N TYR D 137 1.67 32.99 -40.36
CA TYR D 137 0.69 34.08 -40.19
C TYR D 137 1.05 34.83 -38.89
N PRO D 138 0.71 36.10 -38.82
CA PRO D 138 1.15 36.90 -37.67
C PRO D 138 0.54 36.48 -36.33
N SER D 139 1.29 36.75 -35.29
CA SER D 139 0.82 36.54 -33.92
C SER D 139 -0.15 37.67 -33.56
N GLU D 140 -0.87 37.51 -32.45
CA GLU D 140 -1.79 38.57 -32.06
C GLU D 140 -1.05 39.82 -31.56
N ALA D 141 0.18 39.70 -31.04
CA ALA D 141 0.95 40.89 -30.75
C ALA D 141 2.41 40.76 -31.13
N PRO D 142 3.03 41.87 -31.54
CA PRO D 142 4.47 41.84 -31.81
C PRO D 142 5.27 41.19 -30.68
N LEU D 143 6.16 40.31 -31.11
CA LEU D 143 7.07 39.55 -30.26
C LEU D 143 6.44 38.39 -29.53
N GLU D 144 5.12 38.19 -29.67
CA GLU D 144 4.54 36.99 -29.10
C GLU D 144 4.64 35.91 -30.15
N PRO D 145 4.86 34.67 -29.71
CA PRO D 145 4.84 33.57 -30.67
C PRO D 145 3.46 33.35 -31.25
N ASN D 146 3.41 32.98 -32.55
CA ASN D 146 2.14 32.68 -33.15
C ASN D 146 1.71 31.25 -32.82
N ALA D 147 0.61 30.76 -33.37
CA ALA D 147 0.14 29.43 -33.03
C ALA D 147 1.12 28.29 -33.36
N ASP D 148 2.01 28.52 -34.31
CA ASP D 148 2.97 27.55 -34.74
C ASP D 148 4.37 27.78 -34.20
N GLY D 149 4.53 28.66 -33.20
CA GLY D 149 5.82 28.72 -32.51
C GLY D 149 6.81 29.64 -33.20
N VAL D 150 6.29 30.57 -34.00
CA VAL D 150 7.07 31.57 -34.72
C VAL D 150 6.97 32.94 -34.07
N VAL D 151 8.12 33.48 -33.74
CA VAL D 151 8.24 34.87 -33.31
C VAL D 151 8.94 35.64 -34.41
N ASP D 152 8.29 36.66 -34.91
CA ASP D 152 8.80 37.56 -35.93
C ASP D 152 9.60 38.70 -35.26
N PHE D 153 10.85 38.91 -35.66
CA PHE D 153 11.64 40.01 -35.10
C PHE D 153 11.97 41.14 -36.08
N PHE D 154 11.45 40.98 -37.30
CA PHE D 154 11.30 42.08 -38.21
C PHE D 154 12.61 42.73 -38.65
N PHE D 155 13.67 41.91 -38.67
CA PHE D 155 15.04 42.28 -39.00
C PHE D 155 15.64 43.25 -37.99
N ASP D 156 14.98 43.47 -36.85
CA ASP D 156 15.63 44.26 -35.79
C ASP D 156 16.56 43.43 -34.92
N LEU D 157 17.87 43.69 -34.99
CA LEU D 157 18.84 42.92 -34.24
C LEU D 157 18.81 43.13 -32.72
N GLY D 158 18.37 44.32 -32.30
CA GLY D 158 18.10 44.60 -30.88
C GLY D 158 17.07 43.60 -30.38
N LEU D 159 15.97 43.45 -31.12
CA LEU D 159 14.97 42.45 -30.74
C LEU D 159 15.53 41.03 -30.74
N LEU D 160 16.32 40.69 -31.76
CA LEU D 160 16.92 39.37 -31.84
C LEU D 160 17.88 39.07 -30.68
N ARG D 161 18.71 40.04 -30.35
CA ARG D 161 19.65 39.88 -29.25
C ARG D 161 18.84 39.55 -27.99
N GLU D 162 17.74 40.25 -27.74
CA GLU D 162 16.94 40.01 -26.54
C GLU D 162 16.46 38.58 -26.52
N LEU D 163 15.93 38.11 -27.66
CA LEU D 163 15.40 36.78 -27.74
C LEU D 163 16.48 35.72 -27.53
N LEU D 164 17.68 36.02 -28.01
CA LEU D 164 18.73 35.04 -27.95
C LEU D 164 19.42 34.98 -26.57
N ARG D 165 19.01 35.81 -25.62
CA ARG D 165 19.53 35.70 -24.26
CA ARG D 165 19.52 35.72 -24.25
C ARG D 165 18.99 34.45 -23.57
N ALA D 166 17.92 33.86 -24.11
CA ALA D 166 17.41 32.57 -23.68
C ALA D 166 17.32 31.58 -24.86
N PRO D 167 18.49 31.08 -25.32
CA PRO D 167 18.50 30.26 -26.53
C PRO D 167 17.96 28.85 -26.39
N GLU D 168 17.85 28.35 -25.17
CA GLU D 168 17.28 27.02 -24.92
C GLU D 168 15.88 26.88 -25.53
N ARG D 169 15.21 27.99 -25.70
CA ARG D 169 13.88 28.04 -26.25
C ARG D 169 13.89 27.93 -27.81
N VAL D 170 15.06 28.08 -28.44
CA VAL D 170 15.10 28.51 -29.84
C VAL D 170 15.65 27.38 -30.70
N ALA D 171 14.82 26.88 -31.61
CA ALA D 171 15.20 25.87 -32.58
C ALA D 171 16.10 26.48 -33.67
N ALA D 172 15.70 27.62 -34.19
CA ALA D 172 16.46 28.26 -35.26
C ALA D 172 16.06 29.71 -35.42
N VAL D 173 16.99 30.47 -35.98
CA VAL D 173 16.73 31.76 -36.58
C VAL D 173 16.63 31.55 -38.10
N VAL D 174 15.55 32.05 -38.68
CA VAL D 174 15.31 31.88 -40.12
CA VAL D 174 15.17 31.86 -40.10
C VAL D 174 15.06 33.24 -40.76
N VAL D 175 15.97 33.60 -41.67
CA VAL D 175 16.04 34.94 -42.20
C VAL D 175 16.03 34.94 -43.71
N SER D 176 15.18 35.75 -44.30
CA SER D 176 15.17 35.98 -45.76
C SER D 176 15.93 37.26 -46.10
N PRO D 177 17.11 37.15 -46.70
CA PRO D 177 17.93 38.32 -46.97
C PRO D 177 17.24 39.37 -47.85
N ASP D 178 17.54 40.61 -47.56
CA ASP D 178 17.37 41.68 -48.50
C ASP D 178 18.66 42.46 -48.62
N HIS D 179 19.21 42.54 -49.83
CA HIS D 179 20.49 43.22 -50.01
C HIS D 179 20.40 44.66 -50.46
N MET D 180 19.17 45.18 -50.56
CA MET D 180 18.90 46.54 -50.88
C MET D 180 18.86 47.32 -49.57
N HIS D 181 18.30 46.68 -48.55
CA HIS D 181 17.91 47.38 -47.33
C HIS D 181 18.68 47.04 -46.05
N LEU D 182 19.52 46.02 -46.10
CA LEU D 182 20.41 45.57 -45.05
C LEU D 182 21.84 45.52 -45.53
N SER D 183 22.76 46.09 -44.75
CA SER D 183 24.20 46.05 -45.06
C SER D 183 24.85 44.73 -44.76
N PRO D 184 26.00 44.45 -45.41
CA PRO D 184 26.85 43.33 -44.97
C PRO D 184 27.06 43.22 -43.46
N GLY D 185 27.31 44.33 -42.76
CA GLY D 185 27.49 44.32 -41.33
C GLY D 185 26.32 43.81 -40.55
N TRP D 186 25.12 44.10 -41.07
CA TRP D 186 23.90 43.58 -40.47
C TRP D 186 24.00 42.06 -40.43
N TYR D 187 24.40 41.46 -41.55
CA TYR D 187 24.48 40.01 -41.68
C TYR D 187 25.53 39.47 -40.73
N ARG D 188 26.68 40.13 -40.66
CA ARG D 188 27.70 39.64 -39.77
C ARG D 188 27.29 39.65 -38.33
N GLU D 189 26.52 40.64 -37.93
CA GLU D 189 26.08 40.72 -36.55
C GLU D 189 25.05 39.61 -36.28
N LEU D 190 24.19 39.34 -37.26
CA LEU D 190 23.20 38.29 -37.11
C LEU D 190 23.93 36.97 -36.87
N ARG D 191 24.96 36.75 -37.67
CA ARG D 191 25.75 35.53 -37.55
C ARG D 191 26.50 35.43 -36.21
N ARG D 192 27.00 36.58 -35.78
CA ARG D 192 27.67 36.67 -34.49
C ARG D 192 26.72 36.35 -33.36
N LEU D 193 25.55 36.95 -33.36
CA LEU D 193 24.55 36.67 -32.34
C LEU D 193 24.12 35.20 -32.27
N CYS D 194 23.93 34.57 -33.42
CA CYS D 194 23.44 33.20 -33.44
C CYS D 194 24.55 32.25 -32.94
N SER D 195 25.80 32.50 -33.33
CA SER D 195 26.93 31.72 -32.89
C SER D 195 27.14 31.81 -31.38
N ALA D 196 27.06 33.03 -30.87
CA ALA D 196 27.31 33.23 -29.45
C ALA D 196 26.24 32.49 -28.63
N ALA D 197 25.03 32.39 -29.18
CA ALA D 197 23.92 31.79 -28.47
C ALA D 197 23.78 30.30 -28.74
N GLY D 198 24.61 29.79 -29.63
CA GLY D 198 24.59 28.36 -29.96
C GLY D 198 23.36 27.91 -30.72
N VAL D 199 22.81 28.80 -31.52
CA VAL D 199 21.52 28.57 -32.20
C VAL D 199 21.71 28.33 -33.70
N VAL D 200 20.86 27.47 -34.26
CA VAL D 200 20.89 27.17 -35.69
C VAL D 200 20.40 28.34 -36.51
N LEU D 201 21.08 28.58 -37.62
CA LEU D 201 20.77 29.64 -38.52
C LEU D 201 20.38 29.06 -39.89
N VAL D 202 19.17 29.38 -40.29
CA VAL D 202 18.60 29.00 -41.57
C VAL D 202 18.55 30.24 -42.48
N ALA D 203 19.25 30.22 -43.63
CA ALA D 203 19.13 31.29 -44.60
C ALA D 203 18.11 30.91 -45.67
N ASP D 204 17.02 31.65 -45.71
CA ASP D 204 15.97 31.46 -46.68
C ASP D 204 16.34 32.30 -47.88
N GLU D 205 17.10 31.65 -48.77
CA GLU D 205 17.56 32.27 -50.00
C GLU D 205 16.74 31.85 -51.19
N VAL D 206 15.47 31.52 -50.97
CA VAL D 206 14.52 31.30 -52.04
C VAL D 206 14.63 32.40 -53.11
N LYS D 207 14.70 33.66 -52.72
CA LYS D 207 14.77 34.73 -53.68
C LYS D 207 16.20 35.05 -54.12
N VAL D 208 17.12 35.18 -53.16
CA VAL D 208 18.47 35.74 -53.44
C VAL D 208 19.50 34.68 -53.80
N GLY D 209 19.21 33.43 -53.49
CA GLY D 209 20.15 32.34 -53.76
C GLY D 209 20.45 32.19 -55.24
N LEU D 210 21.74 32.06 -55.54
CA LEU D 210 22.22 31.84 -56.92
C LEU D 210 22.10 33.04 -57.85
N ARG D 211 21.61 34.18 -57.35
CA ARG D 211 21.40 35.34 -58.17
C ARG D 211 22.45 36.42 -58.05
N TYR D 212 23.03 36.55 -56.88
CA TYR D 212 24.09 37.51 -56.59
C TYR D 212 25.49 36.96 -56.92
N ALA D 213 25.59 35.65 -57.05
CA ALA D 213 26.84 34.89 -57.15
C ALA D 213 26.45 33.46 -57.54
N PRO D 214 27.43 32.65 -57.94
CA PRO D 214 27.15 31.23 -58.10
C PRO D 214 27.26 30.56 -56.74
N GLY D 215 26.24 30.81 -55.94
CA GLY D 215 26.08 30.13 -54.66
C GLY D 215 25.16 30.98 -53.82
N LEU D 216 25.25 30.79 -52.52
CA LEU D 216 24.44 31.54 -51.57
C LEU D 216 24.95 32.99 -51.49
N SER D 217 24.07 33.97 -51.59
CA SER D 217 24.44 35.37 -51.34
C SER D 217 25.05 35.59 -49.96
N THR D 218 24.70 34.77 -48.97
CA THR D 218 25.24 34.84 -47.63
C THR D 218 26.20 33.78 -47.24
N ALA D 219 26.83 33.12 -48.22
CA ALA D 219 27.73 32.02 -47.92
C ALA D 219 28.79 32.42 -46.89
N GLU D 220 29.38 33.58 -47.08
CA GLU D 220 30.40 34.08 -46.14
C GLU D 220 29.74 34.94 -45.08
N LEU D 221 28.79 35.78 -45.47
CA LEU D 221 28.17 36.69 -44.49
C LEU D 221 27.48 35.98 -43.33
N LEU D 222 26.76 34.91 -43.64
CA LEU D 222 26.04 34.14 -42.63
C LEU D 222 26.59 32.73 -42.41
N ALA D 223 27.23 32.11 -43.41
CA ALA D 223 27.62 30.72 -43.32
C ALA D 223 26.55 29.91 -42.62
N PRO D 224 25.34 29.90 -43.20
CA PRO D 224 24.23 29.26 -42.51
C PRO D 224 24.36 27.76 -42.29
N ASP D 225 23.72 27.27 -41.24
CA ASP D 225 23.67 25.82 -40.99
C ASP D 225 22.82 25.10 -42.05
N VAL D 226 21.73 25.75 -42.45
CA VAL D 226 20.80 25.23 -43.41
C VAL D 226 20.43 26.34 -44.39
N TRP D 227 20.33 25.98 -45.67
CA TRP D 227 19.95 26.94 -46.69
C TRP D 227 18.76 26.48 -47.49
N VAL D 228 18.13 27.44 -48.14
CA VAL D 228 16.97 27.20 -49.05
C VAL D 228 17.19 28.07 -50.27
N VAL D 229 17.09 27.48 -51.47
CA VAL D 229 17.06 28.21 -52.70
C VAL D 229 15.92 27.76 -53.59
N ALA D 230 15.57 28.59 -54.56
CA ALA D 230 14.50 28.24 -55.49
C ALA D 230 14.45 29.06 -56.76
N LYS D 231 14.31 30.37 -56.63
CA LYS D 231 14.06 31.20 -57.81
C LYS D 231 15.22 31.19 -58.80
N GLY D 232 16.43 30.93 -58.30
CA GLY D 232 17.59 31.04 -59.20
C GLY D 232 17.98 29.67 -59.76
N MET D 233 17.25 28.58 -59.49
CA MET D 233 17.70 27.23 -59.86
C MET D 233 17.19 26.61 -61.16
N ALA D 234 16.12 27.13 -61.75
CA ALA D 234 15.51 26.44 -62.89
C ALA D 234 14.83 27.35 -63.92
N ASN D 235 15.27 28.61 -63.95
CA ASN D 235 14.71 29.63 -64.81
C ASN D 235 13.22 29.62 -64.79
N GLY D 236 12.67 29.47 -63.59
CA GLY D 236 11.25 29.67 -63.44
C GLY D 236 10.46 28.38 -63.20
N HIS D 237 11.08 27.23 -63.41
CA HIS D 237 10.32 25.96 -63.34
C HIS D 237 10.09 25.50 -61.89
N ALA D 238 9.20 24.54 -61.68
CA ALA D 238 8.61 24.31 -60.35
C ALA D 238 9.46 23.48 -59.43
N VAL D 239 10.52 24.08 -58.86
CA VAL D 239 11.42 23.33 -57.98
C VAL D 239 12.14 24.30 -57.05
N SER D 240 12.44 23.75 -55.88
CA SER D 240 13.22 24.41 -54.86
C SER D 240 14.09 23.37 -54.18
N ALA D 241 14.97 23.85 -53.31
CA ALA D 241 15.93 22.97 -52.65
C ALA D 241 16.33 23.43 -51.27
N VAL D 242 16.75 22.48 -50.45
CA VAL D 242 17.19 22.75 -49.10
CA VAL D 242 17.16 22.71 -49.08
C VAL D 242 18.48 21.99 -48.91
N GLY D 243 19.41 22.54 -48.15
CA GLY D 243 20.63 21.75 -47.90
C GLY D 243 21.25 22.19 -46.61
N GLY D 244 22.20 21.42 -46.12
CA GLY D 244 22.86 21.66 -44.86
C GLY D 244 23.25 20.38 -44.16
N SER D 245 23.23 20.43 -42.84
CA SER D 245 23.82 19.37 -42.07
C SER D 245 22.99 18.08 -42.06
N ARG D 246 23.66 16.92 -42.12
CA ARG D 246 22.95 15.67 -42.11
C ARG D 246 22.11 15.52 -40.84
N ARG D 247 22.61 16.01 -39.72
CA ARG D 247 21.90 15.92 -38.46
C ARG D 247 20.64 16.78 -38.38
N LEU D 248 20.76 18.04 -38.77
CA LEU D 248 19.64 18.97 -38.64
C LEU D 248 18.54 18.64 -39.67
N LEU D 249 18.89 18.03 -40.80
CA LEU D 249 17.88 17.70 -41.81
C LEU D 249 17.51 16.23 -41.88
N LYS D 250 17.94 15.45 -40.88
CA LYS D 250 17.55 14.04 -40.79
C LYS D 250 16.06 13.80 -40.94
N PRO D 251 15.22 14.65 -40.33
CA PRO D 251 13.77 14.48 -40.45
C PRO D 251 13.21 14.55 -41.85
N LEU D 252 13.98 15.09 -42.80
CA LEU D 252 13.56 15.14 -44.19
C LEU D 252 13.45 13.77 -44.84
N LYS D 253 14.02 12.76 -44.20
CA LYS D 253 13.89 11.39 -44.69
C LYS D 253 12.42 10.96 -44.82
N GLU D 254 11.53 11.67 -44.14
CA GLU D 254 10.09 11.40 -44.23
C GLU D 254 9.42 12.06 -45.42
N VAL D 255 10.14 12.86 -46.20
CA VAL D 255 9.53 13.55 -47.33
C VAL D 255 9.60 12.64 -48.56
N SER D 256 8.45 12.47 -49.17
CA SER D 256 8.34 11.90 -50.50
C SER D 256 7.14 12.54 -51.15
N PHE D 257 7.20 12.72 -52.47
CA PHE D 257 6.04 13.24 -53.20
C PHE D 257 5.95 12.68 -54.62
N THR D 258 4.74 12.55 -55.11
CA THR D 258 4.52 11.73 -56.32
C THR D 258 5.29 12.24 -57.56
N SER D 259 5.27 13.55 -57.80
CA SER D 259 5.97 14.11 -58.97
C SER D 259 7.47 14.27 -58.82
N PHE D 260 8.08 13.65 -57.81
CA PHE D 260 9.51 13.85 -57.49
C PHE D 260 10.46 13.67 -58.70
N PHE D 261 10.14 12.70 -59.53
CA PHE D 261 11.06 12.38 -60.64
C PHE D 261 10.66 12.99 -61.96
N GLU D 262 9.72 13.91 -61.94
CA GLU D 262 9.19 14.45 -63.17
C GLU D 262 10.37 14.97 -64.02
N PRO D 263 10.58 14.43 -65.24
CA PRO D 263 11.85 14.77 -65.87
C PRO D 263 11.99 16.17 -66.46
N THR D 264 10.93 16.86 -66.85
CA THR D 264 11.11 18.17 -67.37
C THR D 264 11.70 19.13 -66.36
N ILE D 265 11.28 19.00 -65.12
CA ILE D 265 11.81 19.92 -64.11
C ILE D 265 13.29 19.65 -63.82
N LEU D 266 13.66 18.37 -63.79
CA LEU D 266 15.02 17.98 -63.54
C LEU D 266 15.88 18.52 -64.68
N ALA D 267 15.35 18.48 -65.89
CA ALA D 267 16.13 18.87 -67.07
C ALA D 267 16.33 20.37 -67.03
N ALA D 268 15.30 21.12 -66.61
CA ALA D 268 15.44 22.57 -66.50
C ALA D 268 16.42 22.97 -65.42
N ALA D 269 16.27 22.39 -64.24
CA ALA D 269 17.22 22.67 -63.17
C ALA D 269 18.68 22.35 -63.52
N ASP D 270 18.88 21.20 -64.15
CA ASP D 270 20.24 20.80 -64.54
C ASP D 270 20.86 21.81 -65.50
N ALA D 271 20.11 22.25 -66.49
CA ALA D 271 20.59 23.18 -67.50
C ALA D 271 20.79 24.57 -66.90
N ALA D 272 19.85 25.01 -66.05
CA ALA D 272 19.96 26.34 -65.46
C ALA D 272 21.11 26.40 -64.49
N LEU D 273 21.28 25.37 -63.68
CA LEU D 273 22.32 25.30 -62.67
C LEU D 273 23.70 25.28 -63.36
N ALA D 274 23.80 24.62 -64.51
CA ALA D 274 25.05 24.63 -65.30
C ALA D 274 25.45 26.07 -65.59
N ARG D 275 24.49 26.85 -66.07
CA ARG D 275 24.72 28.25 -66.38
CA ARG D 275 24.71 28.25 -66.39
C ARG D 275 24.97 29.14 -65.17
N VAL D 276 24.24 28.86 -64.09
CA VAL D 276 24.45 29.56 -62.86
C VAL D 276 25.85 29.31 -62.33
N ALA D 277 26.41 28.13 -62.54
CA ALA D 277 27.71 27.80 -61.93
C ALA D 277 28.83 28.62 -62.55
N THR D 278 28.62 29.12 -63.75
CA THR D 278 29.63 29.93 -64.44
C THR D 278 29.81 31.32 -63.85
N GLY D 279 28.78 31.84 -63.18
CA GLY D 279 28.74 33.24 -62.73
C GLY D 279 28.30 34.25 -63.77
N GLU D 280 28.14 33.79 -65.00
CA GLU D 280 27.83 34.71 -66.10
C GLU D 280 26.50 35.41 -66.09
N PRO D 281 25.36 34.70 -65.92
CA PRO D 281 24.14 35.50 -66.03
C PRO D 281 24.01 36.46 -64.86
N GLN D 282 24.56 36.09 -63.72
CA GLN D 282 24.52 37.00 -62.57
C GLN D 282 25.28 38.28 -62.88
N ARG D 283 26.48 38.12 -63.43
CA ARG D 283 27.27 39.28 -63.90
C ARG D 283 26.48 40.11 -64.89
N ALA D 284 25.89 39.42 -65.86
CA ALA D 284 25.18 40.03 -66.97
C ALA D 284 24.02 40.85 -66.41
N VAL D 285 23.31 40.26 -65.45
CA VAL D 285 22.19 40.96 -64.80
C VAL D 285 22.62 42.19 -63.99
N ARG D 286 23.67 42.06 -63.20
CA ARG D 286 24.14 43.20 -62.41
C ARG D 286 24.49 44.41 -63.31
N GLU D 287 25.23 44.11 -64.38
CA GLU D 287 25.74 45.12 -65.32
C GLU D 287 24.61 45.78 -66.08
N ALA D 288 23.68 44.97 -66.62
CA ALA D 288 22.51 45.51 -67.29
C ALA D 288 21.65 46.35 -66.39
N GLY D 289 21.38 45.80 -65.22
CA GLY D 289 20.59 46.57 -64.26
C GLY D 289 21.21 47.88 -63.77
N ASP D 290 22.50 47.86 -63.49
CA ASP D 290 23.27 49.04 -63.10
C ASP D 290 23.30 50.04 -64.23
N ARG D 291 23.45 49.58 -65.47
CA ARG D 291 23.30 50.49 -66.60
C ARG D 291 21.93 51.17 -66.58
N PHE D 292 20.85 50.41 -66.37
CA PHE D 292 19.51 51.01 -66.42
C PHE D 292 19.33 52.03 -65.26
N LEU D 293 19.87 51.69 -64.09
CA LEU D 293 19.80 52.56 -62.91
C LEU D 293 20.54 53.90 -63.08
N ARG D 294 21.77 53.89 -63.60
CA ARG D 294 22.47 55.13 -63.89
C ARG D 294 21.50 56.03 -64.64
N HIS D 295 20.84 55.48 -65.67
CA HIS D 295 19.93 56.24 -66.52
C HIS D 295 18.68 56.70 -65.81
N ALA D 296 18.05 55.80 -65.08
CA ALA D 296 16.83 56.12 -64.41
C ALA D 296 17.12 57.17 -63.33
N ARG D 297 18.25 57.04 -62.66
CA ARG D 297 18.57 58.06 -61.63
C ARG D 297 18.72 59.45 -62.24
N LYS D 298 19.46 59.54 -63.34
CA LYS D 298 19.62 60.77 -64.09
C LYS D 298 18.30 61.36 -64.52
N ALA D 299 17.45 60.51 -65.11
CA ALA D 299 16.12 60.96 -65.52
C ALA D 299 15.25 61.52 -64.41
N LEU D 300 15.24 60.87 -63.25
CA LEU D 300 14.40 61.32 -62.17
C LEU D 300 14.96 62.66 -61.64
N ASP D 301 16.27 62.77 -61.58
CA ASP D 301 16.93 64.03 -61.14
C ASP D 301 16.66 65.16 -62.13
N ASP D 302 17.00 64.99 -63.41
CA ASP D 302 16.69 66.02 -64.41
C ASP D 302 15.23 66.48 -64.30
N ALA D 303 14.32 65.56 -64.05
CA ALA D 303 12.91 65.84 -63.88
C ALA D 303 12.45 66.44 -62.54
N SER D 304 13.35 66.60 -61.58
CA SER D 304 12.97 67.03 -60.21
C SER D 304 11.94 66.12 -59.58
N LEU D 305 12.02 64.83 -59.86
CA LEU D 305 11.08 63.87 -59.29
C LEU D 305 11.63 63.32 -57.98
N PRO D 306 10.89 63.45 -56.88
CA PRO D 306 11.40 62.90 -55.61
C PRO D 306 11.16 61.40 -55.49
N VAL D 307 12.01 60.63 -56.17
CA VAL D 307 11.99 59.19 -56.12
C VAL D 307 13.42 58.74 -56.00
N GLU D 308 13.71 58.03 -54.90
CA GLU D 308 15.01 57.38 -54.73
C GLU D 308 14.94 55.97 -55.30
N ILE D 309 16.09 55.34 -55.54
CA ILE D 309 16.19 53.94 -55.93
C ILE D 309 17.15 53.20 -55.02
N ALA D 310 16.56 52.28 -54.27
CA ALA D 310 17.30 51.38 -53.43
C ALA D 310 17.77 50.19 -54.23
N GLY D 311 18.87 49.63 -53.80
CA GLY D 311 19.45 48.42 -54.37
C GLY D 311 20.42 48.67 -55.54
N ASP D 312 20.48 47.72 -56.46
CA ASP D 312 21.52 47.70 -57.53
C ASP D 312 20.99 46.88 -58.69
N GLY D 313 21.84 46.61 -59.67
CA GLY D 313 21.40 45.89 -60.85
C GLY D 313 20.75 44.54 -60.65
N THR D 314 21.20 43.80 -59.63
CA THR D 314 20.62 42.50 -59.26
C THR D 314 19.14 42.61 -58.85
N PHE D 315 18.84 43.54 -57.94
CA PHE D 315 17.47 43.84 -57.52
C PHE D 315 17.42 45.29 -57.07
N PHE D 316 16.49 46.07 -57.60
CA PHE D 316 16.31 47.46 -57.21
C PHE D 316 14.85 47.80 -56.94
N GLN D 317 14.64 48.87 -56.20
CA GLN D 317 13.30 49.23 -55.82
C GLN D 317 13.16 50.72 -55.84
N PHE D 318 12.11 51.21 -56.52
CA PHE D 318 11.79 52.63 -56.47
C PHE D 318 11.24 52.96 -55.09
N VAL D 319 11.69 54.09 -54.54
CA VAL D 319 11.22 54.61 -53.27
C VAL D 319 10.70 56.03 -53.50
N PRO D 320 9.41 56.17 -53.81
CA PRO D 320 8.75 57.45 -54.04
C PRO D 320 8.49 58.19 -52.76
N ALA D 321 8.58 59.52 -52.81
CA ALA D 321 8.32 60.30 -51.61
C ALA D 321 6.92 60.16 -51.04
N THR D 322 5.92 59.87 -51.87
CA THR D 322 4.52 59.67 -51.46
C THR D 322 3.86 58.47 -52.13
N GLU D 323 2.83 57.93 -51.47
CA GLU D 323 2.00 56.88 -52.07
C GLU D 323 1.37 57.30 -53.40
N GLU D 324 0.97 58.57 -53.49
CA GLU D 324 0.38 59.10 -54.73
C GLU D 324 1.38 59.03 -55.89
N LEU D 325 2.62 59.45 -55.65
CA LEU D 325 3.62 59.40 -56.69
C LEU D 325 4.01 57.95 -57.00
N GLU D 326 3.98 57.08 -55.99
CA GLU D 326 4.26 55.67 -56.28
C GLU D 326 3.27 55.08 -57.29
N GLU D 327 2.00 55.30 -57.02
CA GLU D 327 0.92 54.81 -57.89
C GLU D 327 1.05 55.39 -59.30
N ALA D 328 1.38 56.68 -59.38
CA ALA D 328 1.51 57.36 -60.67
C ALA D 328 2.71 56.86 -61.45
N LEU D 329 3.79 56.53 -60.72
CA LEU D 329 4.99 56.03 -61.32
C LEU D 329 4.67 54.75 -62.06
N TYR D 330 3.98 53.84 -61.36
CA TYR D 330 3.63 52.56 -61.98
C TYR D 330 2.58 52.68 -63.10
N GLY D 331 1.60 53.57 -62.98
CA GLY D 331 0.70 53.81 -64.12
C GLY D 331 1.40 54.30 -65.39
N ALA D 332 2.35 55.21 -65.18
CA ALA D 332 3.10 55.78 -66.29
C ALA D 332 3.99 54.71 -66.90
N ALA D 333 4.54 53.83 -66.08
CA ALA D 333 5.42 52.77 -66.56
C ALA D 333 4.55 51.83 -67.41
N ASN D 334 3.35 51.57 -66.90
CA ASN D 334 2.38 50.70 -67.58
C ASN D 334 2.07 51.27 -68.94
N ALA D 335 1.87 52.58 -68.99
CA ALA D 335 1.53 53.26 -70.24
C ALA D 335 2.69 53.25 -71.24
N GLU D 336 3.92 53.17 -70.75
CA GLU D 336 5.09 53.05 -71.60
C GLU D 336 5.56 51.64 -71.87
N GLY D 337 4.87 50.63 -71.33
CA GLY D 337 5.25 49.26 -71.59
C GLY D 337 6.52 48.82 -70.91
N LEU D 338 6.76 49.32 -69.71
CA LEU D 338 7.78 48.78 -68.81
C LEU D 338 7.00 48.13 -67.68
N LEU D 339 7.19 46.82 -67.56
CA LEU D 339 6.47 46.02 -66.58
C LEU D 339 7.35 45.92 -65.34
N PHE D 340 7.00 46.73 -64.35
CA PHE D 340 7.61 46.67 -63.00
C PHE D 340 6.73 45.83 -62.06
N TYR D 341 7.39 45.13 -61.15
CA TYR D 341 6.70 44.40 -60.07
C TYR D 341 6.37 45.50 -59.09
N ALA D 342 5.10 45.94 -59.13
CA ALA D 342 4.70 47.13 -58.41
C ALA D 342 4.99 47.11 -56.91
N GLY D 343 5.74 48.12 -56.49
CA GLY D 343 6.02 48.38 -55.08
C GLY D 343 7.10 47.49 -54.49
N ASP D 344 7.61 46.56 -55.31
CA ASP D 344 8.48 45.52 -54.83
C ASP D 344 9.83 45.66 -55.55
N ASN D 345 10.57 44.59 -55.76
CA ASN D 345 11.89 44.72 -56.38
C ASN D 345 11.88 44.31 -57.85
N GLN D 346 12.69 45.05 -58.63
CA GLN D 346 12.87 44.84 -60.09
C GLN D 346 14.09 44.02 -60.35
N GLY D 347 13.88 42.92 -61.09
CA GLY D 347 14.94 41.96 -61.31
C GLY D 347 15.03 41.68 -62.79
N VAL D 348 15.95 42.38 -63.46
CA VAL D 348 16.22 42.03 -64.86
C VAL D 348 16.84 40.66 -65.03
N SER D 349 16.77 40.18 -66.28
CA SER D 349 17.32 38.91 -66.67
C SER D 349 18.55 39.03 -67.58
N ALA D 350 19.25 37.91 -67.79
CA ALA D 350 20.42 37.89 -68.69
C ALA D 350 20.12 38.19 -70.16
N ALA D 351 18.86 38.16 -70.57
CA ALA D 351 18.39 38.60 -71.90
C ALA D 351 18.27 40.09 -72.10
N PHE D 352 18.63 40.89 -71.08
CA PHE D 352 18.63 42.33 -71.21
C PHE D 352 19.85 42.81 -71.96
N ASP D 353 19.81 42.66 -73.28
CA ASP D 353 20.98 43.03 -74.13
C ASP D 353 20.93 44.52 -74.45
N GLU D 354 21.85 45.00 -75.27
CA GLU D 354 21.93 46.44 -75.56
C GLU D 354 20.64 46.94 -76.16
N ALA D 355 20.09 46.15 -77.06
CA ALA D 355 18.85 46.56 -77.72
C ALA D 355 17.72 46.78 -76.70
N VAL D 356 17.55 45.83 -75.78
CA VAL D 356 16.50 45.95 -74.74
C VAL D 356 16.74 47.20 -73.89
N LEU D 357 17.97 47.34 -73.42
CA LEU D 357 18.36 48.45 -72.55
C LEU D 357 18.12 49.80 -73.17
N GLY D 358 18.50 49.98 -74.44
CA GLY D 358 18.23 51.26 -75.10
C GLY D 358 16.76 51.57 -75.11
N GLU D 359 15.95 50.55 -75.38
CA GLU D 359 14.51 50.75 -75.41
C GLU D 359 13.90 51.03 -74.02
N ALA D 360 14.38 50.27 -73.06
CA ALA D 360 13.95 50.52 -71.66
C ALA D 360 14.26 51.95 -71.18
N GLU D 361 15.45 52.44 -71.54
CA GLU D 361 15.90 53.81 -71.23
C GLU D 361 15.00 54.89 -71.85
N ARG D 362 14.75 54.78 -73.16
CA ARG D 362 13.73 55.62 -73.78
C ARG D 362 12.39 55.55 -73.13
N ARG D 363 11.90 54.34 -72.84
CA ARG D 363 10.60 54.24 -72.19
C ARG D 363 10.57 54.87 -70.79
N PHE D 364 11.64 54.67 -70.02
CA PHE D 364 11.74 55.28 -68.69
C PHE D 364 11.82 56.80 -68.80
N ALA D 365 12.52 57.30 -69.82
CA ALA D 365 12.57 58.76 -70.00
C ALA D 365 11.16 59.25 -70.19
N ARG D 366 10.35 58.53 -70.98
CA ARG D 366 8.96 58.94 -71.17
C ARG D 366 8.11 58.79 -69.91
N VAL D 367 8.46 57.85 -69.05
CA VAL D 367 7.76 57.73 -67.79
C VAL D 367 8.00 59.03 -67.02
N CYS D 368 9.24 59.49 -67.03
CA CYS D 368 9.50 60.73 -66.28
C CYS D 368 8.75 61.95 -66.82
N GLU D 369 8.57 62.00 -68.14
CA GLU D 369 7.80 63.09 -68.73
C GLU D 369 6.38 63.07 -68.23
N ARG D 370 5.78 61.88 -68.21
CA ARG D 370 4.40 61.73 -67.74
C ARG D 370 4.17 62.20 -66.28
N LEU D 371 5.21 62.00 -65.46
CA LEU D 371 5.24 62.39 -64.06
C LEU D 371 5.52 63.89 -63.80
N ALA D 372 5.75 64.66 -64.85
CA ALA D 372 6.00 66.12 -64.72
C ALA D 372 5.15 66.85 -63.67
N PRO D 373 3.86 66.54 -63.59
CA PRO D 373 3.08 67.14 -62.52
C PRO D 373 3.62 66.95 -61.10
N TYR D 374 4.40 65.89 -60.84
CA TYR D 374 4.99 65.69 -59.52
C TYR D 374 6.36 66.33 -59.31
N ALA D 375 6.85 67.05 -60.32
CA ALA D 375 8.15 67.70 -60.26
C ALA D 375 8.20 68.64 -59.06
N GLY D 376 9.37 68.73 -58.42
CA GLY D 376 9.59 69.67 -57.31
C GLY D 376 8.94 69.26 -56.01
N GLY D 377 8.33 68.08 -55.92
CA GLY D 377 7.73 67.65 -54.66
C GLY D 377 8.75 67.59 -53.53
N GLU D 378 8.26 67.65 -52.30
CA GLU D 378 9.10 67.39 -51.12
C GLU D 378 9.88 66.09 -51.25
N PRO D 379 11.19 66.12 -50.98
CA PRO D 379 11.99 64.92 -51.15
C PRO D 379 11.65 63.78 -50.22
N VAL D 380 12.15 62.61 -50.56
CA VAL D 380 11.86 61.41 -49.78
C VAL D 380 12.31 61.59 -48.31
N GLY D 381 11.44 61.19 -47.39
CA GLY D 381 11.80 61.11 -45.99
C GLY D 381 11.70 59.68 -45.47
N ASP D 382 12.01 59.50 -44.21
CA ASP D 382 12.18 58.15 -43.64
C ASP D 382 10.88 57.37 -43.54
N ALA D 383 9.73 58.01 -43.31
CA ALA D 383 8.45 57.30 -43.28
C ALA D 383 8.25 56.54 -44.60
N ALA D 384 8.56 57.18 -45.73
CA ALA D 384 8.43 56.55 -47.05
C ALA D 384 9.43 55.43 -47.20
N ARG D 385 10.68 55.66 -46.81
CA ARG D 385 11.70 54.63 -46.89
C ARG D 385 11.27 53.39 -46.10
N TYR D 386 10.81 53.54 -44.87
CA TYR D 386 10.30 52.40 -44.10
C TYR D 386 9.08 51.73 -44.74
N ARG D 387 8.09 52.50 -45.19
CA ARG D 387 6.89 51.91 -45.79
C ARG D 387 7.27 51.03 -46.99
N VAL D 388 8.12 51.59 -47.84
CA VAL D 388 8.38 50.99 -49.14
C VAL D 388 9.26 49.77 -48.90
N ALA D 389 10.29 49.88 -48.07
CA ALA D 389 11.07 48.72 -47.73
C ALA D 389 10.19 47.59 -47.10
N TRP D 390 9.20 47.96 -46.29
CA TRP D 390 8.34 46.96 -45.64
C TRP D 390 7.63 46.15 -46.71
N ASN D 391 7.24 46.81 -47.80
CA ASN D 391 6.54 46.10 -48.86
C ASN D 391 7.38 45.01 -49.51
N VAL D 392 8.69 45.21 -49.58
CA VAL D 392 9.54 44.17 -50.15
C VAL D 392 10.05 43.17 -49.11
N MET D 393 10.26 43.59 -47.87
CA MET D 393 10.91 42.70 -46.92
C MET D 393 10.00 42.14 -45.81
N ASP D 394 8.79 42.66 -45.68
CA ASP D 394 7.88 42.33 -44.57
C ASP D 394 8.58 42.54 -43.24
N GLY D 395 9.37 43.62 -43.19
CA GLY D 395 10.16 43.96 -42.00
C GLY D 395 10.84 45.30 -42.16
N LEU D 396 11.68 45.61 -41.19
CA LEU D 396 12.28 46.91 -41.07
C LEU D 396 13.60 47.01 -41.78
N ARG D 397 13.72 47.96 -42.70
CA ARG D 397 15.02 48.33 -43.26
C ARG D 397 16.00 48.69 -42.15
N GLN D 398 17.29 48.47 -42.38
CA GLN D 398 18.29 48.86 -41.40
C GLN D 398 18.56 50.36 -41.45
N ALA D 399 18.45 50.98 -40.27
CA ALA D 399 18.76 52.39 -40.11
C ALA D 399 18.88 52.66 -38.59
N PRO D 400 19.60 53.73 -38.24
CA PRO D 400 19.79 53.95 -36.81
C PRO D 400 18.45 54.18 -36.17
N ARG D 401 18.20 53.49 -35.07
CA ARG D 401 17.03 53.73 -34.27
C ARG D 401 17.23 53.14 -32.88
N ASP D 402 16.48 53.72 -31.97
CA ASP D 402 16.49 53.18 -30.62
C ASP D 402 15.23 52.34 -30.46
N ARG D 403 15.12 51.72 -29.32
CA ARG D 403 14.06 50.75 -29.12
C ARG D 403 12.67 51.38 -29.19
N GLU D 404 12.50 52.59 -28.65
CA GLU D 404 11.23 53.29 -28.79
C GLU D 404 10.79 53.53 -30.26
N GLU D 405 11.72 53.97 -31.10
CA GLU D 405 11.46 54.12 -32.54
C GLU D 405 11.07 52.75 -33.15
N THR D 406 11.78 51.66 -32.82
CA THR D 406 11.46 50.34 -33.38
C THR D 406 10.01 49.97 -33.06
N THR D 407 9.63 50.10 -31.79
CA THR D 407 8.24 49.90 -31.41
C THR D 407 7.20 50.74 -32.11
N GLY D 408 7.46 52.03 -32.30
CA GLY D 408 6.52 52.90 -33.01
C GLY D 408 6.38 52.48 -34.48
N LEU D 409 7.50 52.16 -35.12
CA LEU D 409 7.44 51.70 -36.50
C LEU D 409 6.61 50.43 -36.69
N LEU D 410 6.76 49.43 -35.81
CA LEU D 410 6.00 48.20 -35.90
C LEU D 410 4.49 48.48 -35.76
N ALA D 411 4.13 49.32 -34.79
CA ALA D 411 2.76 49.75 -34.62
C ALA D 411 2.22 50.44 -35.86
N ARG D 412 3.05 51.27 -36.49
CA ARG D 412 2.62 51.92 -37.72
C ARG D 412 2.41 50.89 -38.84
N LEU D 413 3.40 50.03 -39.06
CA LEU D 413 3.44 49.29 -40.32
C LEU D 413 2.66 47.99 -40.25
N LEU D 414 2.54 47.41 -39.05
CA LEU D 414 1.59 46.30 -38.84
C LEU D 414 0.17 46.82 -38.88
N SER E 6 -8.39 -16.27 -2.83
CA SER E 6 -8.36 -15.86 -1.40
C SER E 6 -8.82 -14.42 -1.12
N LEU E 7 -8.88 -13.55 -2.14
CA LEU E 7 -9.20 -12.14 -1.88
C LEU E 7 -10.64 -11.95 -1.45
N LEU E 8 -11.54 -12.83 -1.89
CA LEU E 8 -12.97 -12.57 -1.71
C LEU E 8 -13.43 -12.80 -0.27
N ALA E 9 -13.97 -11.76 0.36
CA ALA E 9 -14.39 -11.86 1.76
C ALA E 9 -15.79 -12.45 1.90
N GLU E 10 -16.53 -12.53 0.81
CA GLU E 10 -17.84 -13.15 0.79
C GLU E 10 -17.73 -14.64 0.42
N PHE E 11 -18.84 -15.33 0.59
CA PHE E 11 -18.97 -16.71 0.13
C PHE E 11 -20.19 -16.87 -0.76
N PRO E 12 -20.06 -16.51 -2.03
CA PRO E 12 -21.24 -16.49 -2.91
C PRO E 12 -21.70 -17.88 -3.29
N THR E 13 -23.02 -18.06 -3.26
CA THR E 13 -23.61 -19.29 -3.79
C THR E 13 -23.36 -19.34 -5.30
N CYS E 14 -22.75 -20.44 -5.74
CA CYS E 14 -22.43 -20.69 -7.14
C CYS E 14 -22.08 -22.17 -7.32
N PRO E 15 -22.10 -22.67 -8.58
CA PRO E 15 -21.58 -23.99 -8.90
C PRO E 15 -20.13 -24.14 -8.41
N ARG E 16 -19.89 -25.17 -7.62
CA ARG E 16 -18.57 -25.43 -7.06
C ARG E 16 -18.29 -26.89 -7.35
N ASP E 17 -17.02 -27.19 -7.58
CA ASP E 17 -16.62 -28.53 -8.01
C ASP E 17 -16.29 -29.39 -6.79
N GLU E 18 -15.71 -30.57 -7.02
CA GLU E 18 -15.44 -31.51 -5.94
C GLU E 18 -14.83 -30.81 -4.71
N LYS E 19 -13.94 -29.85 -4.96
CA LYS E 19 -13.14 -29.20 -3.91
C LYS E 19 -13.73 -27.94 -3.24
N ASP E 20 -14.97 -27.59 -3.59
CA ASP E 20 -15.59 -26.34 -3.15
C ASP E 20 -15.05 -25.14 -3.95
N ARG E 21 -14.38 -25.43 -5.06
CA ARG E 21 -13.85 -24.42 -5.97
C ARG E 21 -14.94 -24.02 -6.98
N PRO E 22 -15.16 -22.70 -7.13
CA PRO E 22 -16.18 -22.30 -8.07
C PRO E 22 -15.88 -22.85 -9.47
N ARG E 23 -16.90 -23.37 -10.15
CA ARG E 23 -16.77 -23.68 -11.57
C ARG E 23 -16.67 -22.41 -12.42
N VAL E 24 -15.68 -22.32 -13.31
CA VAL E 24 -15.50 -21.20 -14.22
C VAL E 24 -16.27 -21.42 -15.53
N PHE E 25 -17.23 -20.54 -15.82
CA PHE E 25 -17.99 -20.60 -17.06
C PHE E 25 -17.57 -19.40 -17.88
N THR E 26 -17.11 -19.65 -19.09
CA THR E 26 -16.59 -18.59 -19.93
C THR E 26 -17.64 -17.96 -20.84
N ALA E 27 -18.73 -18.67 -21.09
CA ALA E 27 -19.68 -18.20 -22.08
C ALA E 27 -21.01 -18.89 -21.80
N ALA E 28 -22.10 -18.29 -22.25
CA ALA E 28 -23.38 -18.91 -22.07
C ALA E 28 -24.31 -18.44 -23.17
N SER E 29 -25.26 -19.27 -23.54
CA SER E 29 -26.31 -18.89 -24.49
C SER E 29 -27.52 -19.82 -24.36
N GLY E 30 -28.67 -19.20 -24.11
CA GLY E 30 -29.90 -19.94 -23.89
C GLY E 30 -29.76 -20.79 -22.65
N ALA E 31 -29.84 -22.10 -22.82
CA ALA E 31 -29.74 -23.07 -21.76
C ALA E 31 -28.32 -23.61 -21.59
N TRP E 32 -27.41 -23.18 -22.46
CA TRP E 32 -26.07 -23.79 -22.54
C TRP E 32 -25.01 -22.93 -21.89
N LEU E 33 -24.05 -23.54 -21.19
CA LEU E 33 -22.90 -22.86 -20.63
C LEU E 33 -21.65 -23.53 -21.15
N THR E 34 -20.62 -22.72 -21.38
CA THR E 34 -19.30 -23.28 -21.76
C THR E 34 -18.42 -23.17 -20.53
N ASP E 35 -17.86 -24.29 -20.05
CA ASP E 35 -16.86 -24.19 -18.99
C ASP E 35 -15.47 -23.95 -19.60
N GLU E 36 -14.49 -23.74 -18.72
CA GLU E 36 -13.17 -23.30 -19.14
C GLU E 36 -12.44 -24.30 -20.04
N SER E 37 -12.76 -25.58 -19.88
CA SER E 37 -12.35 -26.63 -20.82
C SER E 37 -13.04 -26.68 -22.19
N GLY E 38 -14.11 -25.92 -22.39
CA GLY E 38 -14.86 -26.01 -23.62
C GLY E 38 -16.04 -26.96 -23.50
N PHE E 39 -16.25 -27.57 -22.34
CA PHE E 39 -17.41 -28.43 -22.17
C PHE E 39 -18.73 -27.66 -22.14
N ARG E 40 -19.75 -28.19 -22.83
CA ARG E 40 -21.07 -27.57 -22.89
C ARG E 40 -22.05 -28.22 -21.92
N TRP E 41 -22.46 -27.44 -20.91
CA TRP E 41 -23.39 -27.84 -19.89
C TRP E 41 -24.80 -27.31 -20.17
N ILE E 42 -25.81 -28.02 -19.66
CA ILE E 42 -27.20 -27.54 -19.70
C ILE E 42 -27.49 -27.01 -18.30
N ASP E 43 -27.90 -25.75 -18.22
CA ASP E 43 -28.14 -25.08 -16.95
C ASP E 43 -29.59 -25.21 -16.43
N PHE E 44 -29.74 -25.85 -15.29
CA PHE E 44 -30.97 -25.90 -14.47
C PHE E 44 -30.92 -24.94 -13.27
N ASP E 45 -29.79 -24.30 -13.01
CA ASP E 45 -29.54 -23.39 -11.86
C ASP E 45 -29.97 -22.02 -12.35
N ASN E 46 -29.42 -21.55 -13.47
CA ASN E 46 -29.92 -20.31 -14.10
C ASN E 46 -29.87 -19.10 -13.16
N ALA E 47 -28.72 -18.87 -12.56
CA ALA E 47 -28.56 -17.79 -11.57
C ALA E 47 -29.69 -17.86 -10.54
N ARG E 48 -29.89 -19.06 -10.01
CA ARG E 48 -30.85 -19.31 -8.94
C ARG E 48 -32.32 -19.00 -9.33
N GLY E 49 -32.65 -19.18 -10.63
CA GLY E 49 -33.99 -19.00 -11.13
C GLY E 49 -34.20 -17.59 -11.62
N SER E 50 -33.15 -16.77 -11.66
CA SER E 50 -33.25 -15.41 -12.17
C SER E 50 -33.09 -15.27 -13.69
N ILE E 51 -32.60 -16.31 -14.35
CA ILE E 51 -32.53 -16.31 -15.80
C ILE E 51 -33.77 -17.03 -16.31
N LEU E 52 -34.88 -16.32 -16.39
CA LEU E 52 -36.11 -16.88 -16.78
C LEU E 52 -36.19 -17.12 -18.31
N LEU E 53 -35.57 -16.22 -19.05
CA LEU E 53 -35.69 -16.17 -20.48
C LEU E 53 -34.62 -17.02 -21.15
N GLY E 54 -33.43 -17.00 -20.57
CA GLY E 54 -32.25 -17.68 -21.12
C GLY E 54 -31.03 -16.76 -21.13
N HIS E 55 -29.85 -17.32 -21.06
CA HIS E 55 -28.63 -16.55 -21.08
C HIS E 55 -28.43 -15.83 -22.40
N GLY E 56 -28.11 -14.56 -22.30
CA GLY E 56 -27.86 -13.78 -23.51
C GLY E 56 -29.08 -13.61 -24.37
N ASP E 57 -30.28 -13.54 -23.77
CA ASP E 57 -31.48 -13.36 -24.54
C ASP E 57 -31.29 -12.21 -25.52
N PRO E 58 -31.51 -12.49 -26.82
CA PRO E 58 -31.13 -11.41 -27.76
C PRO E 58 -31.82 -10.06 -27.63
N VAL E 59 -33.11 -10.05 -27.29
CA VAL E 59 -33.90 -8.84 -27.21
C VAL E 59 -33.50 -8.04 -25.94
N VAL E 60 -33.34 -8.70 -24.80
CA VAL E 60 -32.84 -8.01 -23.60
C VAL E 60 -31.41 -7.52 -23.85
N ALA E 61 -30.59 -8.34 -24.48
CA ALA E 61 -29.20 -7.98 -24.76
C ALA E 61 -29.03 -6.74 -25.65
N GLU E 62 -29.84 -6.70 -26.69
CA GLU E 62 -29.84 -5.53 -27.56
C GLU E 62 -30.27 -4.31 -26.76
N ALA E 63 -31.34 -4.46 -25.97
CA ALA E 63 -31.82 -3.34 -25.14
C ALA E 63 -30.76 -2.82 -24.16
N VAL E 64 -30.07 -3.74 -23.51
CA VAL E 64 -28.94 -3.36 -22.66
C VAL E 64 -27.78 -2.74 -23.43
N ALA E 65 -27.39 -3.27 -24.60
CA ALA E 65 -26.31 -2.67 -25.40
C ALA E 65 -26.66 -1.23 -25.79
N ARG E 66 -27.88 -1.02 -26.28
CA ARG E 66 -28.35 0.31 -26.66
C ARG E 66 -28.24 1.25 -25.49
N ALA E 67 -28.78 0.83 -24.35
CA ALA E 67 -28.82 1.65 -23.15
C ALA E 67 -27.44 2.08 -22.66
N ALA E 68 -26.46 1.23 -22.89
CA ALA E 68 -25.12 1.49 -22.44
C ALA E 68 -24.38 2.60 -23.19
N THR E 69 -24.84 2.89 -24.40
CA THR E 69 -24.27 4.01 -25.14
C THR E 69 -24.89 5.37 -24.81
N GLY E 70 -25.92 5.41 -23.98
CA GLY E 70 -26.58 6.66 -23.62
C GLY E 70 -27.79 6.99 -24.47
N ALA E 71 -28.08 6.14 -25.45
CA ALA E 71 -29.18 6.39 -26.38
C ALA E 71 -30.56 6.31 -25.78
N ASP E 72 -30.70 5.67 -24.61
CA ASP E 72 -31.99 5.58 -23.93
C ASP E 72 -32.12 6.30 -22.61
N GLY E 73 -31.18 7.18 -22.33
CA GLY E 73 -31.26 7.97 -21.11
C GLY E 73 -29.97 7.84 -20.33
N THR E 74 -29.97 8.45 -19.16
CA THR E 74 -28.76 8.71 -18.37
C THR E 74 -28.92 8.28 -16.93
N ALA E 75 -27.83 7.87 -16.29
CA ALA E 75 -27.84 7.59 -14.86
C ALA E 75 -28.03 8.87 -14.04
N THR E 76 -27.87 10.04 -14.70
CA THR E 76 -28.07 11.25 -13.95
C THR E 76 -29.53 11.48 -13.53
N GLY E 77 -30.52 10.98 -14.27
CA GLY E 77 -31.91 11.28 -13.88
C GLY E 77 -32.97 10.53 -14.63
N TRP E 78 -34.21 10.98 -14.47
CA TRP E 78 -35.38 10.28 -14.99
C TRP E 78 -35.34 10.06 -16.50
N SER E 79 -35.90 8.93 -16.94
CA SER E 79 -36.22 8.65 -18.31
C SER E 79 -37.58 7.98 -18.30
N ARG E 80 -38.21 8.02 -19.47
CA ARG E 80 -39.48 7.34 -19.68
C ARG E 80 -39.40 5.83 -19.46
N ARG E 81 -38.20 5.24 -19.47
CA ARG E 81 -38.14 3.85 -19.05
C ARG E 81 -38.36 3.58 -17.58
N VAL E 82 -38.08 4.55 -16.72
CA VAL E 82 -38.51 4.44 -15.34
C VAL E 82 -40.03 4.27 -15.25
N ASP E 83 -40.75 5.11 -15.97
CA ASP E 83 -42.18 4.96 -16.08
C ASP E 83 -42.58 3.60 -16.67
N ALA E 84 -41.95 3.16 -17.76
CA ALA E 84 -42.36 1.89 -18.36
C ALA E 84 -42.25 0.75 -17.32
N VAL E 85 -41.17 0.74 -16.54
CA VAL E 85 -40.94 -0.35 -15.59
C VAL E 85 -41.95 -0.31 -14.43
N LEU E 86 -42.13 0.87 -13.86
CA LEU E 86 -43.05 1.01 -12.77
C LEU E 86 -44.47 0.61 -13.21
N GLU E 87 -44.85 1.03 -14.42
CA GLU E 87 -46.21 0.78 -14.90
C GLU E 87 -46.41 -0.72 -15.18
N ARG E 88 -45.41 -1.38 -15.72
CA ARG E 88 -45.47 -2.81 -16.00
C ARG E 88 -45.64 -3.59 -14.70
N LEU E 89 -44.81 -3.26 -13.70
CA LEU E 89 -44.91 -3.94 -12.42
C LEU E 89 -46.27 -3.76 -11.77
N HIS E 90 -46.74 -2.52 -11.86
CA HIS E 90 -48.03 -2.18 -11.31
C HIS E 90 -49.15 -2.96 -11.98
N ALA E 91 -49.11 -3.12 -13.30
CA ALA E 91 -50.13 -3.89 -13.97
C ALA E 91 -50.00 -5.40 -13.68
N LEU E 92 -48.78 -5.90 -13.56
CA LEU E 92 -48.59 -7.33 -13.27
C LEU E 92 -48.94 -7.70 -11.83
N CYS E 93 -48.41 -6.92 -10.87
CA CYS E 93 -48.49 -7.31 -9.47
C CYS E 93 -49.59 -6.61 -8.68
N GLY E 94 -50.11 -5.53 -9.23
CA GLY E 94 -51.20 -4.81 -8.56
C GLY E 94 -50.71 -3.97 -7.40
N GLY E 95 -51.64 -3.53 -6.56
CA GLY E 95 -51.39 -2.57 -5.50
C GLY E 95 -51.38 -1.16 -6.05
N GLU E 96 -50.98 -0.22 -5.19
CA GLU E 96 -50.99 1.22 -5.52
C GLU E 96 -49.69 1.88 -5.92
N VAL E 97 -48.58 1.48 -5.30
CA VAL E 97 -47.28 2.04 -5.66
C VAL E 97 -46.26 0.92 -5.82
N VAL E 98 -45.07 1.29 -6.30
CA VAL E 98 -43.96 0.40 -6.63
C VAL E 98 -42.69 1.16 -6.19
N GLY E 99 -41.72 0.50 -5.57
CA GLY E 99 -40.34 1.01 -5.50
C GLY E 99 -39.32 0.01 -6.06
N LEU E 100 -38.15 0.49 -6.47
CA LEU E 100 -37.13 -0.37 -7.09
C LEU E 100 -35.93 -0.42 -6.15
N PHE E 101 -35.18 -1.54 -6.10
CA PHE E 101 -34.01 -1.67 -5.28
C PHE E 101 -32.96 -2.52 -6.00
N ARG E 102 -31.79 -2.72 -5.38
CA ARG E 102 -30.64 -3.31 -6.08
C ARG E 102 -30.37 -4.78 -5.80
N SER E 103 -31.20 -5.37 -4.95
CA SER E 103 -31.07 -6.81 -4.62
C SER E 103 -32.37 -7.22 -3.92
N GLY E 104 -32.69 -8.51 -3.93
CA GLY E 104 -33.83 -8.97 -3.14
C GLY E 104 -33.65 -8.68 -1.64
N THR E 105 -32.45 -8.86 -1.13
CA THR E 105 -32.12 -8.57 0.25
C THR E 105 -32.48 -7.15 0.61
N ALA E 106 -32.06 -6.20 -0.24
CA ALA E 106 -32.36 -4.80 0.04
C ALA E 106 -33.85 -4.52 -0.02
N ALA E 107 -34.56 -5.16 -0.92
CA ALA E 107 -35.99 -4.87 -1.10
C ALA E 107 -36.83 -5.37 0.09
N VAL E 108 -36.55 -6.59 0.51
CA VAL E 108 -37.36 -7.19 1.59
C VAL E 108 -37.12 -6.39 2.88
N ARG E 109 -35.87 -6.00 3.17
CA ARG E 109 -35.62 -5.15 4.34
C ARG E 109 -36.37 -3.82 4.29
N ALA E 110 -36.22 -3.08 3.20
CA ALA E 110 -36.95 -1.81 3.07
C ALA E 110 -38.46 -1.98 3.24
N ALA E 111 -39.01 -3.04 2.64
CA ALA E 111 -40.45 -3.26 2.67
C ALA E 111 -40.92 -3.47 4.12
N VAL E 112 -40.24 -4.34 4.87
CA VAL E 112 -40.75 -4.68 6.19
C VAL E 112 -40.51 -3.50 7.13
N LEU E 113 -39.39 -2.81 6.98
CA LEU E 113 -39.17 -1.61 7.80
C LEU E 113 -40.21 -0.55 7.52
N ALA E 114 -40.59 -0.36 6.26
CA ALA E 114 -41.66 0.58 5.97
C ALA E 114 -42.98 0.17 6.63
N VAL E 115 -43.30 -1.13 6.59
CA VAL E 115 -44.52 -1.65 7.23
C VAL E 115 -44.43 -1.43 8.73
N ARG E 116 -43.30 -1.78 9.34
CA ARG E 116 -43.14 -1.55 10.76
C ARG E 116 -43.30 -0.06 11.17
N GLU E 117 -42.68 0.86 10.44
CA GLU E 117 -42.88 2.28 10.67
C GLU E 117 -44.33 2.70 10.48
N ALA E 118 -44.98 2.21 9.42
CA ALA E 118 -46.31 2.69 9.09
C ALA E 118 -47.31 2.29 10.17
N THR E 119 -47.18 1.02 10.58
CA THR E 119 -48.10 0.42 11.53
C THR E 119 -47.73 0.82 12.97
N GLY E 120 -46.47 1.16 13.21
CA GLY E 120 -46.03 1.54 14.55
C GLY E 120 -45.92 0.37 15.52
N ARG E 121 -45.84 -0.82 14.96
CA ARG E 121 -45.80 -2.02 15.78
C ARG E 121 -44.43 -2.67 15.58
N PRO E 122 -43.93 -3.31 16.64
CA PRO E 122 -42.52 -3.80 16.64
C PRO E 122 -42.15 -5.15 15.99
N LEU E 123 -43.05 -6.15 15.95
CA LEU E 123 -42.63 -7.54 15.64
C LEU E 123 -42.88 -7.87 14.18
N LEU E 124 -41.95 -8.63 13.59
CA LEU E 124 -42.15 -9.21 12.28
C LEU E 124 -42.14 -10.71 12.43
N LEU E 125 -43.19 -11.35 11.91
CA LEU E 125 -43.32 -12.80 12.02
C LEU E 125 -42.95 -13.32 10.65
N SER E 126 -41.90 -14.14 10.59
CA SER E 126 -41.21 -14.55 9.36
C SER E 126 -41.18 -16.07 9.06
N ALA E 127 -41.40 -16.43 7.80
CA ALA E 127 -41.06 -17.76 7.33
C ALA E 127 -40.26 -17.69 6.00
N GLY E 128 -39.21 -18.49 5.93
CA GLY E 128 -38.35 -18.64 4.72
C GLY E 128 -37.17 -17.67 4.69
N TYR E 129 -36.45 -17.68 3.58
CA TYR E 129 -35.23 -16.88 3.42
C TYR E 129 -35.65 -15.50 2.83
N HIS E 130 -35.08 -14.44 3.37
CA HIS E 130 -35.37 -13.06 2.86
C HIS E 130 -34.13 -12.30 2.48
N GLY E 131 -32.97 -12.97 2.44
CA GLY E 131 -31.76 -12.38 1.97
C GLY E 131 -30.69 -12.45 3.03
N TYR E 132 -29.56 -11.80 2.74
CA TYR E 132 -28.36 -12.04 3.51
C TYR E 132 -28.24 -11.08 4.71
N ASP E 133 -29.11 -10.09 4.83
CA ASP E 133 -28.95 -9.07 5.87
C ASP E 133 -29.09 -9.65 7.29
N PRO E 134 -28.22 -9.18 8.20
CA PRO E 134 -28.29 -9.61 9.62
C PRO E 134 -29.59 -9.46 10.34
N MET E 135 -30.47 -8.61 9.86
CA MET E 135 -31.77 -8.53 10.51
C MET E 135 -32.51 -9.87 10.51
N TRP E 136 -32.08 -10.82 9.67
CA TRP E 136 -32.75 -12.10 9.57
C TRP E 136 -32.02 -13.25 10.27
N TYR E 137 -30.89 -12.96 10.92
CA TYR E 137 -30.14 -14.00 11.55
C TYR E 137 -30.93 -14.69 12.66
N PRO E 138 -30.56 -15.94 13.00
CA PRO E 138 -31.43 -16.71 13.92
C PRO E 138 -31.54 -16.09 15.32
N SER E 139 -32.71 -16.13 15.94
CA SER E 139 -32.84 -15.62 17.33
C SER E 139 -32.04 -16.54 18.28
N GLU E 140 -31.51 -16.01 19.39
CA GLU E 140 -30.71 -16.85 20.30
C GLU E 140 -31.51 -18.00 20.90
N ALA E 141 -32.77 -17.72 21.22
CA ALA E 141 -33.77 -18.73 21.55
C ALA E 141 -34.74 -18.90 20.38
N PRO E 142 -34.79 -20.11 19.80
CA PRO E 142 -35.82 -20.38 18.80
C PRO E 142 -37.23 -19.97 19.22
N LEU E 143 -37.93 -19.33 18.30
CA LEU E 143 -39.25 -18.78 18.52
C LEU E 143 -39.37 -17.55 19.40
N GLU E 144 -38.23 -16.94 19.75
CA GLU E 144 -38.15 -15.66 20.49
C GLU E 144 -37.79 -14.57 19.48
N PRO E 145 -38.12 -13.28 19.76
CA PRO E 145 -37.71 -12.27 18.78
C PRO E 145 -36.22 -12.12 18.78
N ASN E 146 -35.62 -11.96 17.59
CA ASN E 146 -34.17 -11.76 17.50
C ASN E 146 -33.89 -10.30 17.83
N ALA E 147 -32.64 -9.86 17.71
CA ALA E 147 -32.31 -8.46 17.99
C ALA E 147 -32.99 -7.40 17.11
N ASP E 148 -33.56 -7.80 15.97
CA ASP E 148 -34.30 -6.86 15.11
C ASP E 148 -35.81 -7.05 15.11
N GLY E 149 -36.32 -7.72 16.16
CA GLY E 149 -37.76 -7.87 16.33
C GLY E 149 -38.36 -8.91 15.37
N VAL E 150 -37.53 -9.85 14.90
CA VAL E 150 -37.97 -10.88 13.98
C VAL E 150 -38.14 -12.25 14.66
N VAL E 151 -39.35 -12.81 14.51
CA VAL E 151 -39.64 -14.14 15.03
C VAL E 151 -39.85 -15.07 13.84
N ASP E 152 -38.94 -16.02 13.64
CA ASP E 152 -39.00 -17.04 12.58
C ASP E 152 -39.94 -18.18 13.05
N PHE E 153 -41.03 -18.45 12.32
CA PHE E 153 -41.96 -19.56 12.64
C PHE E 153 -41.90 -20.80 11.73
N PHE E 154 -40.96 -20.77 10.78
CA PHE E 154 -40.50 -21.96 10.03
C PHE E 154 -41.66 -22.62 9.29
N PHE E 155 -42.64 -21.84 8.85
CA PHE E 155 -43.83 -22.28 8.08
C PHE E 155 -44.86 -23.10 8.88
N ASP E 156 -44.68 -23.14 10.21
CA ASP E 156 -45.62 -23.89 11.06
C ASP E 156 -46.79 -23.01 11.49
N LEU E 157 -47.97 -23.31 10.97
CA LEU E 157 -49.11 -22.45 11.21
C LEU E 157 -49.60 -22.56 12.67
N GLY E 158 -49.36 -23.72 13.29
CA GLY E 158 -49.47 -23.89 14.75
C GLY E 158 -48.76 -22.80 15.52
N LEU E 159 -47.48 -22.59 15.20
CA LEU E 159 -46.66 -21.59 15.87
C LEU E 159 -47.09 -20.19 15.44
N LEU E 160 -47.43 -19.98 14.17
CA LEU E 160 -48.02 -18.66 13.81
C LEU E 160 -49.32 -18.30 14.59
N ARG E 161 -50.27 -19.22 14.68
CA ARG E 161 -51.50 -19.03 15.49
C ARG E 161 -51.19 -18.45 16.86
N GLU E 162 -50.23 -19.09 17.53
CA GLU E 162 -49.80 -18.74 18.84
C GLU E 162 -49.19 -17.35 18.94
N LEU E 163 -48.27 -17.08 18.01
CA LEU E 163 -47.69 -15.75 17.89
C LEU E 163 -48.78 -14.71 17.57
N LEU E 164 -49.85 -15.06 16.89
CA LEU E 164 -50.92 -14.11 16.60
C LEU E 164 -51.94 -13.92 17.73
N ARG E 165 -51.65 -14.44 18.91
CA ARG E 165 -52.54 -14.23 20.08
C ARG E 165 -52.35 -12.83 20.69
N ALA E 166 -51.20 -12.19 20.47
CA ALA E 166 -50.97 -10.82 20.92
C ALA E 166 -50.74 -9.94 19.70
N PRO E 167 -51.76 -9.82 18.83
CA PRO E 167 -51.54 -9.23 17.52
C PRO E 167 -51.20 -7.76 17.54
N GLU E 168 -51.57 -7.04 18.61
CA GLU E 168 -51.15 -5.61 18.79
C GLU E 168 -49.63 -5.39 18.67
N ARG E 169 -48.83 -6.40 18.99
CA ARG E 169 -47.38 -6.31 18.84
C ARG E 169 -46.87 -6.62 17.41
N VAL E 170 -47.75 -6.97 16.47
CA VAL E 170 -47.25 -7.48 15.19
C VAL E 170 -47.42 -6.56 13.98
N ALA E 171 -46.30 -6.07 13.44
CA ALA E 171 -46.39 -5.21 12.25
C ALA E 171 -46.74 -5.96 10.97
N ALA E 172 -46.25 -7.17 10.84
CA ALA E 172 -46.52 -7.92 9.63
C ALA E 172 -46.14 -9.37 9.79
N VAL E 173 -46.77 -10.18 8.96
CA VAL E 173 -46.26 -11.54 8.75
C VAL E 173 -45.55 -11.47 7.40
N VAL E 174 -44.35 -12.04 7.31
CA VAL E 174 -43.59 -11.99 6.06
CA VAL E 174 -43.55 -11.98 6.08
C VAL E 174 -43.11 -13.37 5.62
N VAL E 175 -43.57 -13.81 4.44
CA VAL E 175 -43.43 -15.23 4.06
C VAL E 175 -42.87 -15.33 2.65
N SER E 176 -41.86 -16.16 2.52
CA SER E 176 -41.36 -16.58 1.21
C SER E 176 -42.00 -17.91 0.71
N PRO E 177 -42.85 -17.85 -0.34
CA PRO E 177 -43.56 -19.04 -0.77
C PRO E 177 -42.65 -20.17 -1.22
N ASP E 178 -43.04 -21.40 -0.93
CA ASP E 178 -42.53 -22.53 -1.70
C ASP E 178 -43.75 -23.31 -2.19
N HIS E 179 -43.77 -23.58 -3.47
CA HIS E 179 -44.92 -24.27 -4.04
C HIS E 179 -44.62 -25.73 -4.33
N MET E 180 -43.47 -26.21 -3.90
CA MET E 180 -43.14 -27.62 -3.97
C MET E 180 -43.68 -28.24 -2.68
N HIS E 181 -43.55 -27.50 -1.57
CA HIS E 181 -43.66 -28.13 -0.21
C HIS E 181 -44.86 -27.60 0.63
N LEU E 182 -45.58 -26.61 0.13
CA LEU E 182 -46.76 -26.05 0.77
C LEU E 182 -47.94 -26.08 -0.20
N SER E 183 -49.13 -26.43 0.31
CA SER E 183 -50.31 -26.58 -0.52
C SER E 183 -51.03 -25.27 -0.66
N PRO E 184 -51.87 -25.12 -1.70
CA PRO E 184 -52.79 -24.00 -1.69
C PRO E 184 -53.55 -23.75 -0.38
N GLY E 185 -54.06 -24.79 0.29
CA GLY E 185 -54.78 -24.63 1.56
C GLY E 185 -53.96 -24.06 2.72
N TRP E 186 -52.70 -24.42 2.77
CA TRP E 186 -51.71 -23.79 3.65
C TRP E 186 -51.73 -22.25 3.51
N TYR E 187 -51.56 -21.76 2.29
CA TYR E 187 -51.66 -20.30 2.03
C TYR E 187 -52.98 -19.68 2.47
N ARG E 188 -54.07 -20.40 2.19
CA ARG E 188 -55.38 -19.86 2.47
C ARG E 188 -55.57 -19.79 3.97
N GLU E 189 -55.04 -20.77 4.69
CA GLU E 189 -55.03 -20.68 6.14
C GLU E 189 -54.18 -19.50 6.64
N LEU E 190 -52.98 -19.32 6.09
CA LEU E 190 -52.17 -18.15 6.43
C LEU E 190 -52.97 -16.86 6.26
N ARG E 191 -53.62 -16.74 5.11
CA ARG E 191 -54.41 -15.56 4.75
C ARG E 191 -55.52 -15.37 5.79
N ARG E 192 -56.21 -16.47 6.10
CA ARG E 192 -57.36 -16.42 7.02
C ARG E 192 -56.93 -15.94 8.41
N LEU E 193 -55.83 -16.51 8.90
CA LEU E 193 -55.28 -16.19 10.21
C LEU E 193 -54.82 -14.74 10.33
N CYS E 194 -54.11 -14.29 9.29
CA CYS E 194 -53.68 -12.91 9.22
C CYS E 194 -54.85 -11.91 9.14
N SER E 195 -55.85 -12.23 8.33
CA SER E 195 -57.08 -11.43 8.29
C SER E 195 -57.77 -11.39 9.66
N ALA E 196 -57.89 -12.55 10.31
CA ALA E 196 -58.50 -12.61 11.66
C ALA E 196 -57.72 -11.81 12.70
N ALA E 197 -56.40 -11.69 12.53
CA ALA E 197 -55.61 -10.97 13.52
C ALA E 197 -55.42 -9.50 13.15
N GLY E 198 -56.01 -9.09 12.03
CA GLY E 198 -55.83 -7.72 11.53
C GLY E 198 -54.39 -7.29 11.27
N VAL E 199 -53.56 -8.23 10.82
CA VAL E 199 -52.14 -7.93 10.57
C VAL E 199 -51.81 -7.91 9.08
N VAL E 200 -50.79 -7.13 8.77
CA VAL E 200 -50.36 -6.97 7.39
C VAL E 200 -49.68 -8.24 6.95
N LEU E 201 -49.95 -8.61 5.72
CA LEU E 201 -49.23 -9.73 5.11
C LEU E 201 -48.32 -9.26 3.99
N VAL E 202 -47.04 -9.59 4.13
CA VAL E 202 -46.04 -9.34 3.06
C VAL E 202 -45.57 -10.63 2.40
N ALA E 203 -45.83 -10.77 1.10
CA ALA E 203 -45.38 -11.93 0.30
C ALA E 203 -44.02 -11.57 -0.26
N ASP E 204 -42.96 -12.21 0.27
CA ASP E 204 -41.63 -12.14 -0.33
C ASP E 204 -41.61 -13.06 -1.54
N GLU E 205 -41.93 -12.51 -2.71
CA GLU E 205 -41.92 -13.27 -3.93
C GLU E 205 -40.66 -13.00 -4.73
N VAL E 206 -39.55 -12.73 -4.05
CA VAL E 206 -38.31 -12.58 -4.76
C VAL E 206 -38.00 -13.73 -5.71
N LYS E 207 -38.20 -14.95 -5.25
CA LYS E 207 -37.94 -16.12 -6.10
C LYS E 207 -39.13 -16.52 -6.97
N VAL E 208 -40.32 -16.57 -6.40
CA VAL E 208 -41.51 -17.06 -7.13
C VAL E 208 -42.33 -16.06 -7.94
N GLY E 209 -42.16 -14.78 -7.64
CA GLY E 209 -42.90 -13.73 -8.34
C GLY E 209 -42.62 -13.73 -9.82
N LEU E 210 -43.67 -13.62 -10.64
CA LEU E 210 -43.54 -13.48 -12.09
C LEU E 210 -43.19 -14.79 -12.79
N ARG E 211 -43.01 -15.86 -12.03
CA ARG E 211 -42.49 -17.11 -12.59
C ARG E 211 -43.59 -18.17 -12.81
N TYR E 212 -44.58 -18.17 -11.92
CA TYR E 212 -45.73 -19.08 -12.00
C TYR E 212 -46.85 -18.58 -12.90
N ALA E 213 -46.90 -17.27 -13.05
CA ALA E 213 -47.96 -16.55 -13.76
C ALA E 213 -47.36 -15.19 -14.12
N PRO E 214 -48.08 -14.39 -14.93
CA PRO E 214 -47.68 -13.02 -15.17
C PRO E 214 -48.17 -12.18 -14.00
N GLY E 215 -47.61 -12.45 -12.84
CA GLY E 215 -48.05 -11.80 -11.62
C GLY E 215 -47.49 -12.56 -10.42
N LEU E 216 -48.01 -12.23 -9.25
CA LEU E 216 -47.65 -12.85 -8.01
C LEU E 216 -48.22 -14.28 -7.93
N SER E 217 -47.40 -15.22 -7.46
CA SER E 217 -47.87 -16.60 -7.32
C SER E 217 -49.00 -16.70 -6.31
N THR E 218 -48.98 -15.78 -5.35
CA THR E 218 -49.98 -15.74 -4.32
C THR E 218 -51.00 -14.59 -4.44
N ALA E 219 -51.17 -14.00 -5.63
CA ALA E 219 -52.15 -12.93 -5.85
C ALA E 219 -53.50 -13.23 -5.18
N GLU E 220 -54.10 -14.38 -5.51
CA GLU E 220 -55.37 -14.75 -4.87
C GLU E 220 -55.25 -15.54 -3.58
N LEU E 221 -54.30 -16.48 -3.53
CA LEU E 221 -54.09 -17.28 -2.32
C LEU E 221 -53.78 -16.44 -1.08
N LEU E 222 -53.00 -15.39 -1.26
CA LEU E 222 -52.63 -14.55 -0.13
C LEU E 222 -53.14 -13.12 -0.24
N ALA E 223 -53.42 -12.60 -1.43
CA ALA E 223 -53.79 -11.20 -1.59
C ALA E 223 -52.96 -10.33 -0.65
N PRO E 224 -51.62 -10.37 -0.77
CA PRO E 224 -50.76 -9.65 0.17
C PRO E 224 -50.95 -8.14 0.09
N ASP E 225 -50.73 -7.51 1.22
CA ASP E 225 -50.81 -6.04 1.33
C ASP E 225 -49.62 -5.38 0.68
N VAL E 226 -48.49 -6.08 0.81
CA VAL E 226 -47.24 -5.70 0.18
C VAL E 226 -46.57 -6.92 -0.46
N TRP E 227 -45.98 -6.69 -1.62
CA TRP E 227 -45.31 -7.76 -2.38
C TRP E 227 -43.88 -7.34 -2.66
N VAL E 228 -43.01 -8.36 -2.81
CA VAL E 228 -41.64 -8.14 -3.29
C VAL E 228 -41.34 -9.15 -4.38
N VAL E 229 -40.77 -8.66 -5.48
CA VAL E 229 -40.37 -9.52 -6.61
C VAL E 229 -38.91 -9.15 -6.97
N ALA E 230 -38.25 -10.07 -7.68
CA ALA E 230 -36.91 -9.74 -8.18
C ALA E 230 -36.43 -10.66 -9.27
N LYS E 231 -36.37 -11.94 -8.94
CA LYS E 231 -35.72 -12.84 -9.88
C LYS E 231 -36.39 -12.92 -11.23
N GLY E 232 -37.71 -12.74 -11.26
CA GLY E 232 -38.46 -12.79 -12.49
C GLY E 232 -38.39 -11.57 -13.39
N MET E 233 -37.84 -10.47 -12.87
CA MET E 233 -38.11 -9.17 -13.49
C MET E 233 -37.13 -8.65 -14.49
N ALA E 234 -35.95 -9.24 -14.65
CA ALA E 234 -34.91 -8.61 -15.47
C ALA E 234 -33.89 -9.57 -16.08
N ASN E 235 -34.29 -10.83 -16.26
CA ASN E 235 -33.40 -11.86 -16.77
C ASN E 235 -32.01 -11.81 -16.17
N GLY E 236 -31.96 -11.56 -14.86
CA GLY E 236 -30.71 -11.72 -14.11
C GLY E 236 -30.07 -10.41 -13.70
N HIS E 237 -30.57 -9.30 -14.24
CA HIS E 237 -29.93 -8.03 -13.98
C HIS E 237 -30.22 -7.50 -12.59
N ALA E 238 -29.42 -6.54 -12.13
CA ALA E 238 -29.41 -6.19 -10.70
C ALA E 238 -30.53 -5.24 -10.27
N VAL E 239 -31.73 -5.80 -10.15
CA VAL E 239 -32.91 -5.08 -9.70
C VAL E 239 -33.92 -5.95 -8.98
N SER E 240 -34.64 -5.32 -8.08
CA SER E 240 -35.75 -5.94 -7.37
C SER E 240 -36.84 -4.89 -7.25
N ALA E 241 -38.03 -5.29 -6.79
CA ALA E 241 -39.16 -4.34 -6.65
C ALA E 241 -40.04 -4.72 -5.46
N VAL E 242 -40.62 -3.67 -4.84
CA VAL E 242 -41.58 -3.80 -3.76
C VAL E 242 -42.82 -3.04 -4.25
N GLY E 243 -43.99 -3.46 -3.79
CA GLY E 243 -45.19 -2.73 -4.13
C GLY E 243 -46.37 -3.09 -3.30
N GLY E 244 -47.48 -2.39 -3.54
CA GLY E 244 -48.71 -2.66 -2.80
C GLY E 244 -49.21 -1.37 -2.21
N SER E 245 -49.60 -1.44 -0.95
CA SER E 245 -50.32 -0.36 -0.28
C SER E 245 -49.53 0.95 -0.20
N ARG E 246 -50.06 2.02 -0.78
CA ARG E 246 -49.46 3.35 -0.69
C ARG E 246 -49.19 3.82 0.74
N ARG E 247 -50.11 3.55 1.66
CA ARG E 247 -49.88 4.05 3.02
C ARG E 247 -48.85 3.24 3.80
N LEU E 248 -48.81 1.92 3.60
CA LEU E 248 -47.83 1.06 4.28
C LEU E 248 -46.41 1.28 3.75
N LEU E 249 -46.31 1.67 2.48
CA LEU E 249 -45.01 1.92 1.84
C LEU E 249 -44.64 3.41 1.81
N LYS E 250 -45.46 4.25 2.44
CA LYS E 250 -45.14 5.68 2.53
C LYS E 250 -43.72 5.95 3.01
N PRO E 251 -43.24 5.19 4.00
CA PRO E 251 -41.89 5.49 4.47
C PRO E 251 -40.77 5.21 3.46
N LEU E 252 -41.09 4.59 2.33
CA LEU E 252 -40.09 4.41 1.25
C LEU E 252 -39.73 5.75 0.59
N LYS E 253 -40.49 6.81 0.91
CA LYS E 253 -40.13 8.15 0.51
C LYS E 253 -38.69 8.50 0.91
N GLU E 254 -38.16 7.89 1.96
CA GLU E 254 -36.81 8.13 2.43
C GLU E 254 -35.74 7.43 1.58
N VAL E 255 -36.18 6.61 0.63
CA VAL E 255 -35.21 5.80 -0.11
C VAL E 255 -34.72 6.54 -1.32
N SER E 256 -33.41 6.66 -1.44
CA SER E 256 -32.76 7.06 -2.68
C SER E 256 -31.40 6.38 -2.72
N PHE E 257 -30.96 6.01 -3.91
CA PHE E 257 -29.59 5.46 -4.07
C PHE E 257 -29.04 5.95 -5.41
N THR E 258 -27.74 6.11 -5.41
CA THR E 258 -26.96 6.71 -6.50
C THR E 258 -27.23 6.14 -7.90
N SER E 259 -27.32 4.82 -8.00
CA SER E 259 -27.43 4.13 -9.26
C SER E 259 -28.87 3.93 -9.76
N PHE E 260 -29.83 4.57 -9.10
CA PHE E 260 -31.26 4.42 -9.39
C PHE E 260 -31.62 4.46 -10.87
N PHE E 261 -31.02 5.38 -11.60
CA PHE E 261 -31.41 5.63 -13.01
C PHE E 261 -30.54 4.88 -14.00
N GLU E 262 -29.70 3.98 -13.48
CA GLU E 262 -28.76 3.34 -14.39
C GLU E 262 -29.52 2.70 -15.54
N PRO E 263 -29.22 3.13 -16.77
CA PRO E 263 -30.17 2.77 -17.83
C PRO E 263 -30.13 1.32 -18.32
N THR E 264 -28.99 0.62 -18.18
CA THR E 264 -28.99 -0.75 -18.67
C THR E 264 -29.89 -1.67 -17.86
N ILE E 265 -29.92 -1.46 -16.53
CA ILE E 265 -30.81 -2.21 -15.68
C ILE E 265 -32.29 -1.92 -15.97
N LEU E 266 -32.62 -0.68 -16.23
CA LEU E 266 -33.98 -0.34 -16.69
C LEU E 266 -34.35 -0.99 -18.02
N ALA E 267 -33.42 -0.98 -18.95
CA ALA E 267 -33.62 -1.59 -20.27
C ALA E 267 -33.90 -3.07 -20.13
N ALA E 268 -33.14 -3.76 -19.27
CA ALA E 268 -33.34 -5.20 -19.09
C ALA E 268 -34.65 -5.53 -18.44
N ALA E 269 -35.02 -4.79 -17.41
CA ALA E 269 -36.29 -5.00 -16.72
C ALA E 269 -37.47 -4.71 -17.65
N ASP E 270 -37.37 -3.64 -18.43
CA ASP E 270 -38.48 -3.30 -19.36
C ASP E 270 -38.66 -4.40 -20.35
N ALA E 271 -37.57 -4.90 -20.91
CA ALA E 271 -37.63 -5.94 -21.95
C ALA E 271 -38.14 -7.25 -21.35
N ALA E 272 -37.56 -7.65 -20.22
CA ALA E 272 -38.01 -8.88 -19.57
C ALA E 272 -39.45 -8.85 -19.11
N LEU E 273 -39.85 -7.71 -18.55
CA LEU E 273 -41.23 -7.58 -18.06
C LEU E 273 -42.24 -7.66 -19.21
N ALA E 274 -41.85 -7.16 -20.37
CA ALA E 274 -42.73 -7.24 -21.55
C ALA E 274 -42.96 -8.70 -21.91
N ARG E 275 -41.89 -9.49 -21.88
CA ARG E 275 -42.08 -10.91 -22.04
C ARG E 275 -42.91 -11.60 -20.96
N VAL E 276 -42.62 -11.28 -19.70
CA VAL E 276 -43.29 -11.86 -18.55
C VAL E 276 -44.81 -11.60 -18.66
N ALA E 277 -45.17 -10.43 -19.22
CA ALA E 277 -46.57 -10.01 -19.32
C ALA E 277 -47.40 -10.93 -20.17
N THR E 278 -46.80 -11.57 -21.15
CA THR E 278 -47.54 -12.38 -22.10
C THR E 278 -47.89 -13.72 -21.51
N GLY E 279 -47.30 -14.05 -20.37
CA GLY E 279 -47.53 -15.36 -19.77
C GLY E 279 -46.80 -16.48 -20.46
N GLU E 280 -46.10 -16.20 -21.57
CA GLU E 280 -45.53 -17.22 -22.43
C GLU E 280 -44.31 -17.87 -21.80
N PRO E 281 -43.40 -17.05 -21.25
CA PRO E 281 -42.18 -17.73 -20.75
C PRO E 281 -42.46 -18.65 -19.59
N GLN E 282 -43.40 -18.26 -18.76
CA GLN E 282 -43.85 -19.08 -17.64
C GLN E 282 -44.47 -20.38 -18.15
N ARG E 283 -45.30 -20.32 -19.19
CA ARG E 283 -45.86 -21.53 -19.82
C ARG E 283 -44.78 -22.42 -20.38
N ALA E 284 -43.84 -21.82 -21.09
CA ALA E 284 -42.74 -22.58 -21.69
C ALA E 284 -41.89 -23.30 -20.65
N VAL E 285 -41.57 -22.59 -19.57
CA VAL E 285 -40.80 -23.20 -18.47
C VAL E 285 -41.54 -24.38 -17.85
N ARG E 286 -42.80 -24.21 -17.51
CA ARG E 286 -43.59 -25.27 -16.86
C ARG E 286 -43.60 -26.49 -17.80
N GLU E 287 -43.81 -26.24 -19.09
CA GLU E 287 -44.03 -27.34 -20.05
C GLU E 287 -42.71 -28.07 -20.23
N ALA E 288 -41.62 -27.32 -20.37
CA ALA E 288 -40.31 -27.92 -20.61
C ALA E 288 -39.83 -28.66 -19.38
N GLY E 289 -39.99 -28.03 -18.23
CA GLY E 289 -39.68 -28.68 -16.96
C GLY E 289 -40.50 -29.94 -16.71
N ASP E 290 -41.81 -29.89 -16.95
CA ASP E 290 -42.65 -31.07 -16.81
C ASP E 290 -42.23 -32.19 -17.78
N ARG E 291 -41.82 -31.85 -19.01
CA ARG E 291 -41.28 -32.89 -19.93
C ARG E 291 -40.02 -33.56 -19.36
N PHE E 292 -39.14 -32.73 -18.79
CA PHE E 292 -37.92 -33.26 -18.23
C PHE E 292 -38.25 -34.18 -17.04
N LEU E 293 -39.16 -33.75 -16.17
CA LEU E 293 -39.60 -34.54 -15.01
C LEU E 293 -40.22 -35.90 -15.39
N ARG E 294 -41.11 -35.92 -16.37
CA ARG E 294 -41.69 -37.18 -16.83
C ARG E 294 -40.57 -38.17 -17.14
N HIS E 295 -39.58 -37.76 -17.92
CA HIS E 295 -38.43 -38.61 -18.26
C HIS E 295 -37.55 -38.96 -17.04
N ALA E 296 -37.21 -37.93 -16.28
CA ALA E 296 -36.39 -38.13 -15.08
C ALA E 296 -37.02 -39.15 -14.13
N ARG E 297 -38.31 -39.01 -13.87
CA ARG E 297 -38.99 -39.90 -12.93
C ARG E 297 -38.99 -41.32 -13.49
N LYS E 298 -39.31 -41.48 -14.77
CA LYS E 298 -39.23 -42.83 -15.37
C LYS E 298 -37.84 -43.44 -15.26
N ALA E 299 -36.85 -42.64 -15.56
CA ALA E 299 -35.46 -43.13 -15.58
C ALA E 299 -34.98 -43.56 -14.18
N LEU E 300 -35.35 -42.78 -13.17
CA LEU E 300 -35.06 -43.14 -11.78
C LEU E 300 -35.77 -44.43 -11.35
N ASP E 301 -36.99 -44.64 -11.83
CA ASP E 301 -37.80 -45.76 -11.39
C ASP E 301 -37.28 -47.03 -12.08
N ASP E 302 -37.06 -46.96 -13.39
CA ASP E 302 -36.43 -48.04 -14.13
C ASP E 302 -35.12 -48.51 -13.52
N ALA E 303 -34.38 -47.58 -12.89
CA ALA E 303 -33.14 -47.90 -12.20
C ALA E 303 -33.28 -48.31 -10.75
N SER E 304 -34.50 -48.36 -10.22
CA SER E 304 -34.76 -48.62 -8.81
C SER E 304 -33.94 -47.69 -7.88
N LEU E 305 -33.79 -46.44 -8.30
CA LEU E 305 -33.12 -45.43 -7.52
C LEU E 305 -34.12 -44.76 -6.60
N PRO E 306 -33.85 -44.78 -5.28
CA PRO E 306 -34.83 -44.19 -4.39
C PRO E 306 -34.66 -42.65 -4.32
N VAL E 307 -35.17 -41.99 -5.36
CA VAL E 307 -35.12 -40.52 -5.49
C VAL E 307 -36.49 -40.06 -5.89
N GLU E 308 -37.13 -39.28 -5.04
CA GLU E 308 -38.42 -38.70 -5.42
C GLU E 308 -38.07 -37.34 -6.07
N ILE E 309 -39.00 -36.75 -6.79
CA ILE E 309 -38.84 -35.36 -7.23
C ILE E 309 -40.04 -34.56 -6.77
N ALA E 310 -39.82 -33.53 -5.95
CA ALA E 310 -40.85 -32.62 -5.46
C ALA E 310 -40.97 -31.49 -6.48
N GLY E 311 -42.14 -30.86 -6.51
CA GLY E 311 -42.38 -29.73 -7.35
C GLY E 311 -42.91 -30.10 -8.72
N ASP E 312 -42.65 -29.19 -9.64
CA ASP E 312 -43.09 -29.34 -11.00
C ASP E 312 -42.17 -28.60 -11.96
N GLY E 313 -42.60 -28.44 -13.21
CA GLY E 313 -41.70 -27.92 -14.21
C GLY E 313 -41.21 -26.50 -13.91
N THR E 314 -41.99 -25.71 -13.17
CA THR E 314 -41.56 -24.36 -12.78
C THR E 314 -40.37 -24.36 -11.82
N PHE E 315 -40.44 -25.26 -10.83
CA PHE E 315 -39.35 -25.45 -9.89
C PHE E 315 -39.51 -26.87 -9.29
N PHE E 316 -38.46 -27.70 -9.36
CA PHE E 316 -38.48 -29.07 -8.87
C PHE E 316 -37.26 -29.34 -8.04
N GLN E 317 -37.34 -30.38 -7.22
CA GLN E 317 -36.25 -30.66 -6.33
C GLN E 317 -36.11 -32.19 -6.19
N PHE E 318 -34.91 -32.71 -6.44
CA PHE E 318 -34.64 -34.12 -6.11
C PHE E 318 -34.64 -34.34 -4.59
N VAL E 319 -35.31 -35.40 -4.15
CA VAL E 319 -35.36 -35.81 -2.76
C VAL E 319 -34.82 -37.22 -2.69
N PRO E 320 -33.51 -37.37 -2.52
CA PRO E 320 -32.92 -38.68 -2.33
C PRO E 320 -33.09 -39.20 -0.91
N ALA E 321 -33.14 -40.52 -0.81
CA ALA E 321 -33.42 -41.17 0.45
C ALA E 321 -32.26 -41.04 1.45
N THR E 322 -31.04 -40.95 0.95
CA THR E 322 -29.93 -40.66 1.83
C THR E 322 -29.11 -39.50 1.33
N GLU E 323 -28.38 -38.85 2.25
CA GLU E 323 -27.38 -37.83 1.87
C GLU E 323 -26.27 -38.39 0.99
N GLU E 324 -25.87 -39.63 1.19
CA GLU E 324 -24.82 -40.17 0.33
C GLU E 324 -25.34 -40.21 -1.10
N LEU E 325 -26.57 -40.71 -1.29
CA LEU E 325 -27.14 -40.75 -2.63
C LEU E 325 -27.25 -39.33 -3.21
N GLU E 326 -27.63 -38.36 -2.39
CA GLU E 326 -27.72 -36.94 -2.84
C GLU E 326 -26.40 -36.45 -3.42
N GLU E 327 -25.31 -36.68 -2.70
CA GLU E 327 -24.00 -36.31 -3.16
C GLU E 327 -23.62 -37.03 -4.43
N ALA E 328 -23.93 -38.33 -4.53
CA ALA E 328 -23.59 -39.09 -5.72
C ALA E 328 -24.40 -38.64 -6.94
N LEU E 329 -25.66 -38.25 -6.69
CA LEU E 329 -26.57 -37.82 -7.76
C LEU E 329 -26.01 -36.55 -8.41
N TYR E 330 -25.63 -35.54 -7.61
CA TYR E 330 -25.02 -34.33 -8.20
C TYR E 330 -23.64 -34.57 -8.77
N GLY E 331 -22.88 -35.47 -8.18
CA GLY E 331 -21.59 -35.82 -8.79
C GLY E 331 -21.73 -36.36 -10.21
N ALA E 332 -22.69 -37.28 -10.36
CA ALA E 332 -22.98 -37.93 -11.62
C ALA E 332 -23.52 -36.90 -12.61
N ALA E 333 -24.42 -36.05 -12.13
CA ALA E 333 -24.88 -34.94 -12.95
C ALA E 333 -23.74 -34.06 -13.44
N ASN E 334 -22.81 -33.71 -12.53
CA ASN E 334 -21.68 -32.87 -12.88
C ASN E 334 -20.91 -33.60 -13.98
N ALA E 335 -20.76 -34.92 -13.80
CA ALA E 335 -20.00 -35.76 -14.73
C ALA E 335 -20.62 -35.75 -16.14
N GLU E 336 -21.94 -35.65 -16.26
CA GLU E 336 -22.62 -35.61 -17.55
C GLU E 336 -22.93 -34.24 -18.13
N GLY E 337 -22.62 -33.19 -17.36
CA GLY E 337 -22.78 -31.83 -17.86
C GLY E 337 -24.21 -31.35 -17.73
N LEU E 338 -24.89 -31.85 -16.71
CA LEU E 338 -26.16 -31.30 -16.30
C LEU E 338 -25.98 -30.50 -15.03
N LEU E 339 -26.08 -29.17 -15.15
CA LEU E 339 -25.80 -28.30 -14.02
C LEU E 339 -27.04 -28.05 -13.20
N PHE E 340 -27.10 -28.73 -12.06
CA PHE E 340 -28.18 -28.56 -11.10
C PHE E 340 -27.75 -27.60 -9.98
N TYR E 341 -28.70 -26.88 -9.36
CA TYR E 341 -28.44 -26.11 -8.16
C TYR E 341 -28.43 -27.15 -6.99
N ALA E 342 -27.24 -27.50 -6.53
CA ALA E 342 -27.13 -28.70 -5.69
C ALA E 342 -27.94 -28.62 -4.41
N GLY E 343 -28.80 -29.60 -4.20
CA GLY E 343 -29.70 -29.71 -3.06
C GLY E 343 -30.91 -28.78 -3.01
N ASP E 344 -31.02 -27.89 -4.00
CA ASP E 344 -31.97 -26.79 -3.93
C ASP E 344 -32.98 -27.02 -5.08
N ASN E 345 -33.61 -25.98 -5.59
CA ASN E 345 -34.56 -26.17 -6.67
C ASN E 345 -33.98 -25.89 -8.06
N GLN E 346 -34.46 -26.66 -9.02
CA GLN E 346 -34.04 -26.62 -10.39
C GLN E 346 -35.10 -25.81 -11.10
N GLY E 347 -34.63 -24.78 -11.81
CA GLY E 347 -35.49 -23.86 -12.54
C GLY E 347 -35.02 -23.64 -13.98
N VAL E 348 -35.60 -24.42 -14.88
CA VAL E 348 -35.34 -24.26 -16.29
C VAL E 348 -35.77 -22.87 -16.76
N SER E 349 -35.27 -22.52 -17.92
CA SER E 349 -35.57 -21.28 -18.60
C SER E 349 -36.43 -21.54 -19.83
N ALA E 350 -37.05 -20.47 -20.31
CA ALA E 350 -37.79 -20.54 -21.57
C ALA E 350 -36.94 -20.94 -22.78
N ALA E 351 -35.61 -20.87 -22.65
CA ALA E 351 -34.71 -21.36 -23.69
C ALA E 351 -34.51 -22.86 -23.70
N PHE E 352 -35.23 -23.59 -22.87
CA PHE E 352 -35.22 -25.06 -22.95
C PHE E 352 -36.03 -25.60 -24.12
N ASP E 353 -35.39 -25.66 -25.28
CA ASP E 353 -36.09 -26.06 -26.53
C ASP E 353 -35.95 -27.57 -26.77
N GLU E 354 -36.30 -28.02 -27.97
CA GLU E 354 -36.37 -29.45 -28.21
C GLU E 354 -35.03 -30.10 -28.15
N ALA E 355 -34.04 -29.41 -28.72
CA ALA E 355 -32.67 -29.88 -28.71
C ALA E 355 -32.18 -30.00 -27.28
N VAL E 356 -32.46 -28.97 -26.48
CA VAL E 356 -32.03 -28.99 -25.09
C VAL E 356 -32.68 -30.16 -24.35
N LEU E 357 -33.98 -30.28 -24.50
CA LEU E 357 -34.73 -31.34 -23.79
C LEU E 357 -34.22 -32.72 -24.22
N GLY E 358 -34.03 -32.94 -25.52
CA GLY E 358 -33.50 -34.26 -26.00
C GLY E 358 -32.14 -34.57 -25.41
N GLU E 359 -31.24 -33.59 -25.40
CA GLU E 359 -29.94 -33.79 -24.85
C GLU E 359 -29.97 -33.99 -23.32
N ALA E 360 -30.79 -33.23 -22.59
CA ALA E 360 -30.90 -33.39 -21.15
C ALA E 360 -31.34 -34.82 -20.78
N GLU E 361 -32.24 -35.36 -21.59
CA GLU E 361 -32.81 -36.70 -21.37
C GLU E 361 -31.70 -37.72 -21.54
N ARG E 362 -30.93 -37.65 -22.62
CA ARG E 362 -29.80 -38.55 -22.82
C ARG E 362 -28.82 -38.46 -21.65
N ARG E 363 -28.56 -37.24 -21.22
CA ARG E 363 -27.56 -37.04 -20.17
C ARG E 363 -28.08 -37.60 -18.85
N PHE E 364 -29.36 -37.42 -18.56
CA PHE E 364 -29.92 -37.84 -17.30
C PHE E 364 -30.06 -39.37 -17.28
N ALA E 365 -30.22 -40.00 -18.44
CA ALA E 365 -30.20 -41.48 -18.47
C ALA E 365 -28.85 -41.98 -17.98
N ARG E 366 -27.81 -41.29 -18.41
CA ARG E 366 -26.44 -41.65 -18.10
C ARG E 366 -26.15 -41.39 -16.63
N VAL E 367 -26.74 -40.34 -16.09
CA VAL E 367 -26.68 -40.13 -14.65
C VAL E 367 -27.17 -41.38 -13.92
N CYS E 368 -28.32 -41.87 -14.35
CA CYS E 368 -28.97 -42.99 -13.69
C CYS E 368 -28.12 -44.26 -13.80
N GLU E 369 -27.44 -44.43 -14.92
CA GLU E 369 -26.47 -45.51 -15.11
C GLU E 369 -25.33 -45.43 -14.11
N ARG E 370 -24.73 -44.25 -14.01
CA ARG E 370 -23.71 -43.97 -12.99
C ARG E 370 -24.09 -44.24 -11.54
N LEU E 371 -25.37 -44.07 -11.23
CA LEU E 371 -25.91 -44.37 -9.92
C LEU E 371 -26.34 -45.83 -9.67
N ALA E 372 -25.98 -46.75 -10.57
CA ALA E 372 -26.44 -48.14 -10.48
C ALA E 372 -26.11 -48.75 -9.12
N PRO E 373 -24.92 -48.44 -8.56
CA PRO E 373 -24.52 -48.89 -7.22
C PRO E 373 -25.53 -48.64 -6.11
N TYR E 374 -26.39 -47.64 -6.30
CA TYR E 374 -27.37 -47.22 -5.30
C TYR E 374 -28.77 -47.78 -5.52
N ALA E 375 -28.94 -48.51 -6.63
CA ALA E 375 -30.18 -49.20 -6.94
C ALA E 375 -30.69 -50.13 -5.85
N GLY E 376 -32.00 -50.09 -5.64
CA GLY E 376 -32.67 -50.99 -4.71
C GLY E 376 -32.60 -50.52 -3.28
N GLY E 377 -32.03 -49.33 -3.05
CA GLY E 377 -31.89 -48.79 -1.73
C GLY E 377 -33.25 -48.63 -1.08
N GLU E 378 -33.29 -48.62 0.25
CA GLU E 378 -34.53 -48.26 0.98
C GLU E 378 -35.19 -47.00 0.36
N PRO E 379 -36.51 -47.07 0.09
CA PRO E 379 -37.16 -45.86 -0.43
C PRO E 379 -37.17 -44.70 0.54
N VAL E 380 -37.46 -43.51 -0.02
CA VAL E 380 -37.41 -42.27 0.73
C VAL E 380 -38.34 -42.24 1.93
N GLY E 381 -37.89 -41.67 3.05
CA GLY E 381 -38.70 -41.52 4.25
C GLY E 381 -38.83 -40.04 4.60
N ASP E 382 -39.72 -39.76 5.55
CA ASP E 382 -40.04 -38.42 6.03
C ASP E 382 -38.84 -37.65 6.58
N ALA E 383 -37.86 -38.34 7.16
CA ALA E 383 -36.68 -37.61 7.59
C ALA E 383 -35.95 -36.96 6.39
N ALA E 384 -35.73 -37.73 5.32
CA ALA E 384 -35.16 -37.20 4.08
C ALA E 384 -36.02 -36.08 3.51
N ARG E 385 -37.35 -36.25 3.49
CA ARG E 385 -38.27 -35.19 3.01
C ARG E 385 -38.08 -33.88 3.78
N TYR E 386 -38.14 -33.95 5.10
CA TYR E 386 -37.96 -32.75 5.95
C TYR E 386 -36.59 -32.13 5.71
N ARG E 387 -35.54 -32.94 5.62
CA ARG E 387 -34.19 -32.41 5.53
C ARG E 387 -34.00 -31.65 4.22
N VAL E 388 -34.44 -32.30 3.16
CA VAL E 388 -34.18 -31.80 1.83
C VAL E 388 -35.01 -30.54 1.62
N ALA E 389 -36.23 -30.53 2.14
CA ALA E 389 -37.10 -29.41 2.01
C ALA E 389 -36.52 -28.22 2.82
N TRP E 390 -35.96 -28.52 4.00
CA TRP E 390 -35.35 -27.47 4.79
C TRP E 390 -34.31 -26.67 3.98
N ASN E 391 -33.54 -27.38 3.18
CA ASN E 391 -32.47 -26.77 2.42
C ASN E 391 -32.96 -25.79 1.36
N VAL E 392 -34.12 -26.07 0.79
CA VAL E 392 -34.72 -25.11 -0.14
C VAL E 392 -35.55 -24.02 0.55
N MET E 393 -36.22 -24.34 1.65
CA MET E 393 -37.14 -23.35 2.22
C MET E 393 -36.73 -22.69 3.55
N ASP E 394 -35.63 -23.15 4.12
CA ASP E 394 -35.21 -22.72 5.47
C ASP E 394 -36.34 -22.80 6.50
N GLY E 395 -37.08 -23.90 6.38
CA GLY E 395 -38.18 -24.19 7.28
C GLY E 395 -38.84 -25.54 6.95
N LEU E 396 -40.04 -25.73 7.48
CA LEU E 396 -40.69 -27.04 7.47
C LEU E 396 -41.69 -27.18 6.32
N ARG E 397 -41.49 -28.21 5.50
CA ARG E 397 -42.55 -28.66 4.58
C ARG E 397 -43.88 -28.90 5.29
N GLN E 398 -44.98 -28.79 4.55
CA GLN E 398 -46.28 -29.04 5.16
C GLN E 398 -46.56 -30.54 5.20
N ALA E 399 -47.00 -31.00 6.37
CA ALA E 399 -47.41 -32.37 6.63
C ALA E 399 -47.98 -32.43 8.02
N PRO E 400 -48.83 -33.45 8.28
CA PRO E 400 -49.48 -33.57 9.59
C PRO E 400 -48.43 -33.65 10.70
N ARG E 401 -48.60 -32.80 11.71
CA ARG E 401 -47.64 -32.71 12.81
C ARG E 401 -48.42 -32.25 14.02
N ASP E 402 -48.08 -32.78 15.17
CA ASP E 402 -48.32 -32.11 16.45
C ASP E 402 -47.09 -31.35 16.98
N ARG E 403 -47.22 -30.77 18.17
CA ARG E 403 -46.16 -29.91 18.70
C ARG E 403 -44.91 -30.70 19.03
N GLU E 404 -45.04 -31.96 19.47
CA GLU E 404 -43.86 -32.81 19.73
C GLU E 404 -43.02 -33.08 18.50
N GLU E 405 -43.67 -33.39 17.37
CA GLU E 405 -42.91 -33.63 16.14
C GLU E 405 -42.30 -32.31 15.64
N THR E 406 -43.07 -31.22 15.67
CA THR E 406 -42.64 -29.91 15.09
C THR E 406 -41.44 -29.44 15.89
N THR E 407 -41.59 -29.43 17.22
CA THR E 407 -40.44 -29.06 18.06
C THR E 407 -39.24 -29.97 17.88
N GLY E 408 -39.44 -31.28 17.74
CA GLY E 408 -38.32 -32.21 17.52
C GLY E 408 -37.61 -32.04 16.16
N LEU E 409 -38.40 -31.74 15.14
CA LEU E 409 -37.86 -31.40 13.83
C LEU E 409 -37.02 -30.13 13.92
N LEU E 410 -37.51 -29.10 14.61
CA LEU E 410 -36.73 -27.84 14.76
C LEU E 410 -35.41 -28.07 15.43
N ALA E 411 -35.44 -28.84 16.52
CA ALA E 411 -34.22 -29.16 17.24
C ALA E 411 -33.26 -29.99 16.38
N ARG E 412 -33.75 -30.84 15.48
CA ARG E 412 -32.89 -31.59 14.54
C ARG E 412 -32.26 -30.73 13.45
N LEU E 413 -33.04 -29.81 12.90
CA LEU E 413 -32.65 -29.16 11.67
C LEU E 413 -32.06 -27.76 11.89
N LEU E 414 -32.29 -27.15 13.05
CA LEU E 414 -31.51 -25.98 13.47
C LEU E 414 -30.13 -26.35 13.96
N SER F 6 -46.99 9.33 -9.91
CA SER F 6 -47.42 8.98 -8.53
C SER F 6 -47.20 7.50 -8.15
N LEU F 7 -46.94 6.63 -9.14
CA LEU F 7 -46.69 5.21 -8.83
C LEU F 7 -45.45 5.02 -8.00
N LEU F 8 -44.46 5.90 -8.13
CA LEU F 8 -43.20 5.63 -7.42
C LEU F 8 -43.30 5.91 -5.94
N ALA F 9 -42.94 4.94 -5.11
CA ALA F 9 -43.01 5.09 -3.65
C ALA F 9 -41.77 5.72 -3.05
N GLU F 10 -40.70 5.66 -3.83
CA GLU F 10 -39.46 6.27 -3.35
C GLU F 10 -39.42 7.77 -3.70
N PHE F 11 -38.49 8.50 -3.11
CA PHE F 11 -38.14 9.85 -3.62
C PHE F 11 -36.68 9.93 -4.06
N PRO F 12 -36.41 9.56 -5.33
CA PRO F 12 -34.99 9.50 -5.72
C PRO F 12 -34.41 10.90 -5.88
N THR F 13 -33.17 11.07 -5.46
CA THR F 13 -32.42 12.29 -5.73
C THR F 13 -32.11 12.39 -7.21
N CYS F 14 -32.56 13.46 -7.85
CA CYS F 14 -32.33 13.63 -9.27
C CYS F 14 -32.60 15.10 -9.65
N PRO F 15 -32.19 15.49 -10.85
CA PRO F 15 -32.47 16.85 -11.33
C PRO F 15 -33.97 17.01 -11.41
N ARG F 16 -34.48 18.11 -10.85
CA ARG F 16 -35.91 18.35 -10.74
C ARG F 16 -36.22 19.76 -11.26
N ASP F 17 -37.39 19.93 -11.85
CA ASP F 17 -37.77 21.24 -12.41
C ASP F 17 -38.36 22.18 -11.38
N GLU F 18 -38.88 23.32 -11.84
CA GLU F 18 -39.54 24.30 -10.99
C GLU F 18 -40.66 23.68 -10.16
N LYS F 19 -41.42 22.78 -10.76
CA LYS F 19 -42.51 22.09 -10.04
C LYS F 19 -42.02 20.95 -9.15
N ASP F 20 -40.70 20.70 -9.08
CA ASP F 20 -40.19 19.55 -8.30
C ASP F 20 -40.53 18.23 -8.99
N ARG F 21 -40.85 18.28 -10.28
CA ARG F 21 -40.93 17.10 -11.16
C ARG F 21 -39.55 16.75 -11.74
N PRO F 22 -39.16 15.45 -11.70
CA PRO F 22 -37.93 15.06 -12.37
C PRO F 22 -37.84 15.53 -13.82
N ARG F 23 -36.64 16.00 -14.21
CA ARG F 23 -36.37 16.31 -15.60
C ARG F 23 -36.17 15.00 -16.35
N VAL F 24 -36.62 14.93 -17.59
CA VAL F 24 -36.60 13.67 -18.35
C VAL F 24 -35.50 13.83 -19.34
N PHE F 25 -34.49 12.96 -19.25
CA PHE F 25 -33.40 12.96 -20.18
C PHE F 25 -33.57 11.72 -21.03
N THR F 26 -33.67 11.95 -22.32
CA THR F 26 -33.93 10.91 -23.28
C THR F 26 -32.58 10.41 -23.74
N ALA F 27 -31.50 11.17 -23.54
CA ALA F 27 -30.22 10.78 -24.12
C ALA F 27 -29.02 11.46 -23.48
N ALA F 28 -27.86 10.85 -23.67
CA ALA F 28 -26.67 11.38 -23.02
C ALA F 28 -25.45 10.93 -23.71
N SER F 29 -24.46 11.81 -23.75
CA SER F 29 -23.21 11.54 -24.40
C SER F 29 -22.08 12.38 -23.84
N GLY F 30 -21.09 11.72 -23.24
CA GLY F 30 -19.93 12.40 -22.70
C GLY F 30 -20.35 13.31 -21.57
N ALA F 31 -20.16 14.62 -21.77
CA ALA F 31 -20.56 15.61 -20.80
C ALA F 31 -21.97 16.16 -21.06
N TRP F 32 -22.61 15.72 -22.16
CA TRP F 32 -23.93 16.27 -22.55
C TRP F 32 -25.12 15.37 -22.27
N LEU F 33 -26.20 15.98 -21.82
CA LEU F 33 -27.51 15.34 -21.75
C LEU F 33 -28.47 16.06 -22.71
N THR F 34 -29.36 15.31 -23.32
CA THR F 34 -30.49 15.90 -24.06
C THR F 34 -31.76 15.62 -23.28
N ASP F 35 -32.53 16.67 -22.95
CA ASP F 35 -33.80 16.47 -22.30
C ASP F 35 -34.96 16.23 -23.28
N GLU F 36 -36.15 16.10 -22.74
CA GLU F 36 -37.32 15.61 -23.49
C GLU F 36 -37.72 16.59 -24.60
N SER F 37 -37.39 17.87 -24.42
CA SER F 37 -37.59 18.93 -25.44
C SER F 37 -36.49 19.03 -26.51
N GLY F 38 -35.34 18.38 -26.27
CA GLY F 38 -34.16 18.48 -27.15
C GLY F 38 -33.12 19.52 -26.73
N PHE F 39 -33.41 20.21 -25.63
CA PHE F 39 -32.53 21.16 -24.89
C PHE F 39 -31.29 20.35 -24.49
N ARG F 40 -30.07 20.83 -24.80
CA ARG F 40 -28.83 20.15 -24.43
C ARG F 40 -28.12 20.80 -23.25
N TRP F 41 -27.77 19.96 -22.28
CA TRP F 41 -27.25 20.40 -20.99
C TRP F 41 -25.85 19.88 -20.80
N ILE F 42 -25.04 20.65 -20.09
CA ILE F 42 -23.70 20.22 -19.63
C ILE F 42 -23.86 19.72 -18.20
N ASP F 43 -23.47 18.46 -18.00
CA ASP F 43 -23.75 17.73 -16.76
C ASP F 43 -22.61 17.88 -15.77
N PHE F 44 -22.87 18.59 -14.66
CA PHE F 44 -21.98 18.61 -13.50
C PHE F 44 -22.41 17.65 -12.35
N ASP F 45 -23.54 16.96 -12.54
CA ASP F 45 -24.18 16.19 -11.50
C ASP F 45 -23.59 14.81 -11.69
N ASN F 46 -23.71 14.26 -12.91
CA ASN F 46 -23.01 13.05 -13.30
C ASN F 46 -23.33 11.86 -12.39
N ALA F 47 -24.62 11.65 -12.21
CA ALA F 47 -25.13 10.58 -11.33
C ALA F 47 -24.38 10.73 -10.01
N ARG F 48 -24.42 11.93 -9.45
CA ARG F 48 -23.86 12.18 -8.13
C ARG F 48 -22.32 11.92 -8.04
N GLY F 49 -21.63 12.14 -9.15
CA GLY F 49 -20.20 11.85 -9.24
C GLY F 49 -19.84 10.42 -9.61
N SER F 50 -20.81 9.55 -9.91
CA SER F 50 -20.49 8.17 -10.32
C SER F 50 -20.11 8.04 -11.78
N ILE F 51 -20.35 9.06 -12.57
CA ILE F 51 -19.98 9.04 -13.99
C ILE F 51 -18.63 9.75 -14.08
N LEU F 52 -17.55 9.04 -13.84
CA LEU F 52 -16.25 9.61 -13.79
C LEU F 52 -15.69 9.79 -15.22
N LEU F 53 -16.09 8.90 -16.12
CA LEU F 53 -15.53 8.86 -17.42
C LEU F 53 -16.33 9.69 -18.42
N GLY F 54 -17.64 9.61 -18.35
CA GLY F 54 -18.55 10.23 -19.34
C GLY F 54 -19.71 9.30 -19.64
N HIS F 55 -20.85 9.88 -19.94
CA HIS F 55 -22.01 9.12 -20.32
C HIS F 55 -21.78 8.37 -21.62
N GLY F 56 -22.10 7.08 -21.62
CA GLY F 56 -22.05 6.34 -22.86
C GLY F 56 -20.62 6.09 -23.25
N ASP F 57 -19.73 6.04 -22.29
CA ASP F 57 -18.30 5.88 -22.61
C ASP F 57 -18.10 4.70 -23.55
N PRO F 58 -17.48 4.91 -24.71
CA PRO F 58 -17.54 3.79 -25.66
C PRO F 58 -16.90 2.48 -25.28
N VAL F 59 -15.72 2.52 -24.64
CA VAL F 59 -14.99 1.36 -24.19
C VAL F 59 -15.86 0.59 -23.15
N VAL F 60 -16.31 1.28 -22.11
CA VAL F 60 -17.28 0.66 -21.19
C VAL F 60 -18.54 0.12 -21.87
N ALA F 61 -19.13 0.89 -22.79
CA ALA F 61 -20.36 0.53 -23.47
C ALA F 61 -20.17 -0.74 -24.25
N GLU F 62 -19.02 -0.90 -24.92
CA GLU F 62 -18.79 -2.10 -25.72
C GLU F 62 -18.53 -3.30 -24.81
N ALA F 63 -17.80 -3.14 -23.72
CA ALA F 63 -17.63 -4.24 -22.78
C ALA F 63 -18.99 -4.75 -22.25
N VAL F 64 -19.90 -3.82 -21.98
CA VAL F 64 -21.23 -4.11 -21.54
C VAL F 64 -22.06 -4.80 -22.61
N ALA F 65 -22.05 -4.26 -23.82
CA ALA F 65 -22.65 -5.04 -24.94
C ALA F 65 -22.12 -6.47 -25.13
N ARG F 66 -20.82 -6.73 -25.11
CA ARG F 66 -20.32 -8.08 -25.29
CA ARG F 66 -20.27 -8.08 -25.27
C ARG F 66 -20.83 -8.96 -24.16
N ALA F 67 -20.81 -8.41 -22.95
CA ALA F 67 -21.20 -9.18 -21.78
C ALA F 67 -22.68 -9.54 -21.77
N ALA F 68 -23.51 -8.65 -22.31
CA ALA F 68 -24.93 -8.87 -22.38
C ALA F 68 -25.30 -10.08 -23.27
N THR F 69 -24.43 -10.46 -24.19
CA THR F 69 -24.68 -11.53 -25.17
C THR F 69 -24.44 -12.89 -24.60
N GLY F 70 -23.79 -12.94 -23.44
CA GLY F 70 -23.27 -14.17 -22.89
C GLY F 70 -21.87 -14.56 -23.26
N ALA F 71 -21.23 -13.78 -24.16
CA ALA F 71 -19.88 -14.04 -24.63
C ALA F 71 -18.79 -13.98 -23.57
N ASP F 72 -19.05 -13.33 -22.44
CA ASP F 72 -17.98 -13.10 -21.46
C ASP F 72 -18.21 -13.76 -20.11
N GLY F 73 -19.15 -14.69 -20.04
CA GLY F 73 -19.47 -15.26 -18.74
C GLY F 73 -20.97 -15.28 -18.54
N THR F 74 -21.38 -15.88 -17.42
CA THR F 74 -22.75 -16.11 -17.10
C THR F 74 -23.06 -15.66 -15.67
N ALA F 75 -24.31 -15.23 -15.47
CA ALA F 75 -24.80 -14.94 -14.12
C ALA F 75 -24.86 -16.15 -13.22
N THR F 76 -24.75 -17.34 -13.81
CA THR F 76 -24.92 -18.54 -13.01
C THR F 76 -23.70 -18.80 -12.13
N GLY F 77 -22.53 -18.36 -12.54
CA GLY F 77 -21.35 -18.51 -11.71
C GLY F 77 -20.10 -17.79 -12.15
N TRP F 78 -19.01 -18.26 -11.57
CA TRP F 78 -17.74 -17.59 -11.64
C TRP F 78 -17.23 -17.41 -13.05
N SER F 79 -16.62 -16.26 -13.25
CA SER F 79 -15.96 -15.96 -14.48
C SER F 79 -14.66 -15.30 -14.12
N ARG F 80 -13.74 -15.23 -15.07
CA ARG F 80 -12.43 -14.69 -14.77
C ARG F 80 -12.47 -13.20 -14.49
N ARG F 81 -13.48 -12.51 -15.02
CA ARG F 81 -13.62 -11.11 -14.68
C ARG F 81 -13.89 -10.85 -13.18
N VAL F 82 -14.41 -11.82 -12.47
CA VAL F 82 -14.54 -11.69 -11.02
C VAL F 82 -13.15 -11.48 -10.41
N ASP F 83 -12.24 -12.40 -10.71
CA ASP F 83 -10.86 -12.28 -10.23
C ASP F 83 -10.21 -10.94 -10.59
N ALA F 84 -10.33 -10.54 -11.85
CA ALA F 84 -9.84 -9.27 -12.39
C ALA F 84 -10.31 -8.04 -11.62
N VAL F 85 -11.61 -7.97 -11.36
CA VAL F 85 -12.16 -6.91 -10.52
C VAL F 85 -11.65 -6.91 -9.09
N LEU F 86 -11.65 -8.06 -8.43
CA LEU F 86 -11.19 -8.12 -7.06
C LEU F 86 -9.70 -7.71 -6.96
N GLU F 87 -8.94 -8.12 -7.95
CA GLU F 87 -7.51 -7.87 -7.92
C GLU F 87 -7.20 -6.40 -8.16
N ARG F 88 -7.95 -5.78 -9.08
CA ARG F 88 -7.77 -4.37 -9.41
C ARG F 88 -8.12 -3.54 -8.17
N LEU F 89 -9.22 -3.86 -7.49
CA LEU F 89 -9.55 -3.20 -6.22
C LEU F 89 -8.49 -3.34 -5.13
N HIS F 90 -8.06 -4.59 -4.93
CA HIS F 90 -7.01 -4.89 -3.97
C HIS F 90 -5.73 -4.09 -4.22
N ALA F 91 -5.30 -4.05 -5.47
CA ALA F 91 -4.13 -3.30 -5.88
C ALA F 91 -4.30 -1.79 -5.70
N LEU F 92 -5.51 -1.25 -5.98
CA LEU F 92 -5.69 0.18 -5.83
C LEU F 92 -5.83 0.59 -4.37
N CYS F 93 -6.58 -0.18 -3.58
CA CYS F 93 -7.05 0.25 -2.27
C CYS F 93 -6.40 -0.44 -1.06
N GLY F 94 -5.69 -1.53 -1.32
CA GLY F 94 -5.08 -2.36 -0.27
C GLY F 94 -6.11 -3.05 0.59
N GLY F 95 -5.73 -3.39 1.83
CA GLY F 95 -6.43 -4.34 2.68
C GLY F 95 -6.10 -5.78 2.33
N GLU F 96 -6.67 -6.72 3.09
CA GLU F 96 -6.41 -8.15 2.88
C GLU F 96 -7.49 -8.79 2.01
N VAL F 97 -8.75 -8.44 2.27
CA VAL F 97 -9.86 -9.04 1.55
C VAL F 97 -10.68 -7.93 0.89
N VAL F 98 -11.49 -8.34 -0.10
CA VAL F 98 -12.44 -7.45 -0.81
C VAL F 98 -13.81 -8.12 -0.99
N GLY F 99 -14.88 -7.37 -0.71
CA GLY F 99 -16.27 -7.78 -0.96
C GLY F 99 -16.90 -6.81 -1.98
N LEU F 100 -17.85 -7.32 -2.77
CA LEU F 100 -18.62 -6.57 -3.74
C LEU F 100 -20.04 -6.56 -3.31
N PHE F 101 -20.70 -5.41 -3.50
CA PHE F 101 -22.07 -5.24 -3.15
C PHE F 101 -22.74 -4.48 -4.27
N ARG F 102 -24.04 -4.25 -4.08
CA ARG F 102 -24.90 -3.68 -5.13
C ARG F 102 -25.24 -2.19 -4.99
N SER F 103 -24.85 -1.56 -3.88
CA SER F 103 -25.00 -0.13 -3.67
C SER F 103 -24.02 0.31 -2.59
N GLY F 104 -23.78 1.59 -2.52
CA GLY F 104 -22.97 2.13 -1.44
C GLY F 104 -23.69 1.88 -0.12
N THR F 105 -25.00 2.10 -0.08
CA THR F 105 -25.80 1.79 1.13
C THR F 105 -25.49 0.37 1.65
N ALA F 106 -25.58 -0.63 0.78
CA ALA F 106 -25.45 -2.02 1.17
C ALA F 106 -24.03 -2.27 1.63
N ALA F 107 -23.06 -1.66 0.96
CA ALA F 107 -21.66 -1.85 1.25
C ALA F 107 -21.30 -1.31 2.62
N VAL F 108 -21.75 -0.09 2.92
CA VAL F 108 -21.35 0.52 4.19
C VAL F 108 -22.07 -0.21 5.33
N ARG F 109 -23.38 -0.50 5.20
CA ARG F 109 -24.11 -1.27 6.22
C ARG F 109 -23.39 -2.58 6.50
N ALA F 110 -23.07 -3.33 5.45
CA ALA F 110 -22.39 -4.61 5.64
C ALA F 110 -21.07 -4.46 6.36
N ALA F 111 -20.30 -3.48 5.90
CA ALA F 111 -18.96 -3.20 6.45
C ALA F 111 -19.07 -2.90 7.98
N VAL F 112 -19.99 -2.05 8.39
CA VAL F 112 -20.04 -1.60 9.78
C VAL F 112 -20.66 -2.69 10.68
N LEU F 113 -21.62 -3.43 10.13
CA LEU F 113 -22.21 -4.51 10.91
C LEU F 113 -21.17 -5.60 11.13
N ALA F 114 -20.31 -5.83 10.14
CA ALA F 114 -19.23 -6.80 10.27
C ALA F 114 -18.25 -6.39 11.35
N VAL F 115 -17.92 -5.10 11.40
CA VAL F 115 -16.97 -4.64 12.39
C VAL F 115 -17.62 -4.76 13.76
N ARG F 116 -18.90 -4.34 13.87
CA ARG F 116 -19.63 -4.50 15.11
C ARG F 116 -19.52 -5.94 15.61
N GLU F 117 -19.69 -6.91 14.72
CA GLU F 117 -19.70 -8.32 15.09
C GLU F 117 -18.31 -8.82 15.40
N ALA F 118 -17.31 -8.42 14.62
CA ALA F 118 -15.94 -8.86 14.89
C ALA F 118 -15.46 -8.28 16.23
N THR F 119 -15.80 -7.04 16.53
CA THR F 119 -15.33 -6.41 17.79
C THR F 119 -16.19 -6.63 19.03
N GLY F 120 -17.44 -7.02 18.87
CA GLY F 120 -18.31 -7.32 20.01
C GLY F 120 -18.78 -6.06 20.70
N ARG F 121 -18.53 -4.88 20.10
CA ARG F 121 -18.97 -3.63 20.67
C ARG F 121 -20.18 -3.04 19.98
N PRO F 122 -21.05 -2.40 20.78
CA PRO F 122 -22.35 -1.97 20.24
C PRO F 122 -22.42 -0.69 19.40
N LEU F 123 -21.56 0.33 19.61
CA LEU F 123 -21.86 1.67 19.05
C LEU F 123 -21.07 2.02 17.79
N LEU F 124 -21.71 2.79 16.92
CA LEU F 124 -20.98 3.36 15.77
C LEU F 124 -21.03 4.86 15.97
N LEU F 125 -19.88 5.50 15.87
CA LEU F 125 -19.79 6.96 15.87
C LEU F 125 -19.61 7.44 14.44
N SER F 126 -20.52 8.27 13.97
CA SER F 126 -20.60 8.49 12.54
C SER F 126 -20.43 9.98 12.18
N ALA F 127 -19.78 10.25 11.05
CA ALA F 127 -19.85 11.58 10.46
C ALA F 127 -20.10 11.40 8.98
N GLY F 128 -21.02 12.18 8.43
CA GLY F 128 -21.39 12.14 7.02
C GLY F 128 -22.57 11.26 6.66
N TYR F 129 -22.81 11.14 5.36
CA TYR F 129 -23.88 10.33 4.81
C TYR F 129 -23.31 8.94 4.50
N HIS F 130 -24.07 7.91 4.85
CA HIS F 130 -23.66 6.54 4.51
C HIS F 130 -24.71 5.79 3.75
N GLY F 131 -25.73 6.48 3.24
CA GLY F 131 -26.78 5.83 2.45
C GLY F 131 -28.16 5.89 3.11
N TYR F 132 -29.14 5.27 2.47
CA TYR F 132 -30.53 5.51 2.75
C TYR F 132 -31.02 4.65 3.92
N ASP F 133 -30.26 3.68 4.40
CA ASP F 133 -30.84 2.66 5.29
C ASP F 133 -31.28 3.34 6.61
N PRO F 134 -32.41 2.88 7.17
CA PRO F 134 -32.89 3.43 8.44
C PRO F 134 -31.88 3.37 9.59
N MET F 135 -30.87 2.49 9.51
CA MET F 135 -29.89 2.45 10.58
C MET F 135 -29.14 3.77 10.82
N TRP F 136 -29.24 4.72 9.87
CA TRP F 136 -28.54 5.98 9.97
C TRP F 136 -29.50 7.11 10.28
N TYR F 137 -30.75 6.77 10.55
CA TYR F 137 -31.73 7.84 10.80
C TYR F 137 -31.29 8.59 12.06
N PRO F 138 -31.69 9.87 12.20
CA PRO F 138 -31.15 10.64 13.34
C PRO F 138 -31.80 10.26 14.67
N SER F 139 -31.03 10.36 15.75
CA SER F 139 -31.54 10.00 17.07
C SER F 139 -32.53 11.06 17.58
N GLU F 140 -33.26 10.70 18.64
CA GLU F 140 -34.17 11.62 19.31
C GLU F 140 -33.36 12.66 20.08
N ALA F 141 -32.55 12.20 21.02
CA ALA F 141 -31.79 13.10 21.89
C ALA F 141 -30.49 13.52 21.20
N PRO F 142 -30.13 14.81 21.28
CA PRO F 142 -29.02 15.50 20.59
C PRO F 142 -27.66 14.81 20.37
N LEU F 143 -27.00 14.29 21.40
CA LEU F 143 -25.78 13.48 21.25
C LEU F 143 -25.98 12.04 21.69
N GLU F 144 -27.18 11.49 21.48
CA GLU F 144 -27.51 10.15 21.96
C GLU F 144 -27.52 9.12 20.80
N PRO F 145 -27.39 7.82 21.11
CA PRO F 145 -27.42 6.79 20.03
C PRO F 145 -28.82 6.65 19.48
N ASN F 146 -28.95 6.37 18.18
CA ASN F 146 -30.27 6.09 17.66
C ASN F 146 -30.64 4.65 18.01
N ALA F 147 -31.80 4.20 17.54
CA ALA F 147 -32.30 2.86 17.85
C ALA F 147 -31.37 1.75 17.33
N ASP F 148 -30.42 2.09 16.44
CA ASP F 148 -29.46 1.11 15.90
C ASP F 148 -28.02 1.24 16.39
N GLY F 149 -27.82 1.96 17.48
CA GLY F 149 -26.49 2.08 18.09
C GLY F 149 -25.61 3.08 17.35
N VAL F 150 -26.19 4.00 16.59
CA VAL F 150 -25.37 5.00 15.92
C VAL F 150 -25.45 6.38 16.61
N VAL F 151 -24.27 6.97 16.86
CA VAL F 151 -24.10 8.31 17.34
C VAL F 151 -23.32 9.19 16.35
N ASP F 152 -24.00 10.24 15.92
CA ASP F 152 -23.50 11.22 14.95
C ASP F 152 -22.67 12.30 15.65
N PHE F 153 -21.43 12.48 15.21
CA PHE F 153 -20.62 13.56 15.72
C PHE F 153 -20.44 14.77 14.79
N PHE F 154 -21.13 14.74 13.64
CA PHE F 154 -21.16 15.93 12.77
C PHE F 154 -19.82 16.54 12.34
N PHE F 155 -18.79 15.70 12.29
CA PHE F 155 -17.43 16.06 11.97
C PHE F 155 -16.71 16.96 12.97
N ASP F 156 -17.26 17.06 14.17
CA ASP F 156 -16.70 17.94 15.19
C ASP F 156 -15.82 17.07 16.05
N LEU F 157 -14.53 17.26 15.94
CA LEU F 157 -13.60 16.45 16.72
C LEU F 157 -13.79 16.69 18.23
N GLY F 158 -14.23 17.87 18.64
CA GLY F 158 -14.62 18.04 20.05
C GLY F 158 -15.68 17.07 20.51
N LEU F 159 -16.76 16.95 19.73
CA LEU F 159 -17.80 15.99 20.02
C LEU F 159 -17.27 14.57 19.95
N LEU F 160 -16.43 14.26 18.96
CA LEU F 160 -15.80 12.94 18.87
C LEU F 160 -15.04 12.63 20.15
N ARG F 161 -14.19 13.55 20.59
CA ARG F 161 -13.37 13.30 21.79
C ARG F 161 -14.26 12.95 22.97
N GLU F 162 -15.36 13.69 23.09
CA GLU F 162 -16.35 13.40 24.11
C GLU F 162 -16.96 12.01 24.01
N LEU F 163 -17.23 11.58 22.77
CA LEU F 163 -17.80 10.28 22.55
C LEU F 163 -16.80 9.17 22.79
N LEU F 164 -15.49 9.46 22.65
CA LEU F 164 -14.44 8.47 22.83
C LEU F 164 -13.90 8.36 24.25
N ARG F 165 -14.52 9.07 25.17
CA ARG F 165 -14.35 8.90 26.65
C ARG F 165 -14.66 7.48 27.09
N ALA F 166 -15.61 6.81 26.43
CA ALA F 166 -15.93 5.43 26.82
C ALA F 166 -15.79 4.48 25.63
N PRO F 167 -14.53 4.24 25.20
CA PRO F 167 -14.28 3.64 23.88
C PRO F 167 -14.51 2.13 23.82
N GLU F 168 -14.65 1.50 24.98
CA GLU F 168 -15.02 0.10 25.07
C GLU F 168 -16.39 -0.15 24.42
N ARG F 169 -17.27 0.85 24.40
CA ARG F 169 -18.61 0.78 23.73
C ARG F 169 -18.51 0.90 22.21
N VAL F 170 -17.37 1.36 21.69
CA VAL F 170 -17.29 1.84 20.32
C VAL F 170 -16.69 0.82 19.35
N ALA F 171 -17.50 0.28 18.42
CA ALA F 171 -17.05 -0.66 17.43
C ALA F 171 -16.24 0.05 16.33
N ALA F 172 -16.72 1.22 15.92
CA ALA F 172 -15.96 1.98 14.92
C ALA F 172 -16.42 3.40 14.86
N VAL F 173 -15.53 4.20 14.27
CA VAL F 173 -15.84 5.54 13.83
C VAL F 173 -15.92 5.38 12.31
N VAL F 174 -17.00 5.88 11.74
CA VAL F 174 -17.19 5.75 10.28
C VAL F 174 -17.45 7.12 9.73
N VAL F 175 -16.59 7.53 8.78
CA VAL F 175 -16.47 8.90 8.32
C VAL F 175 -16.53 8.94 6.79
N SER F 176 -17.42 9.76 6.26
CA SER F 176 -17.49 10.02 4.83
C SER F 176 -16.67 11.31 4.55
N PRO F 177 -15.48 11.18 3.93
CA PRO F 177 -14.66 12.37 3.74
C PRO F 177 -15.26 13.47 2.92
N ASP F 178 -14.83 14.69 3.21
CA ASP F 178 -15.10 15.78 2.29
C ASP F 178 -13.83 16.57 2.21
N HIS F 179 -13.32 16.71 1.00
CA HIS F 179 -12.09 17.46 0.80
C HIS F 179 -12.24 18.93 0.44
N MET F 180 -13.49 19.43 0.46
CA MET F 180 -13.85 20.84 0.25
C MET F 180 -13.82 21.55 1.59
N HIS F 181 -14.31 20.87 2.62
CA HIS F 181 -14.69 21.54 3.88
C HIS F 181 -13.90 21.05 5.09
N LEU F 182 -12.98 20.11 4.87
CA LEU F 182 -12.08 19.60 5.92
C LEU F 182 -10.65 19.55 5.41
N SER F 183 -9.70 20.06 6.21
CA SER F 183 -8.30 20.08 5.82
C SER F 183 -7.62 18.76 6.01
N PRO F 184 -6.48 18.53 5.32
CA PRO F 184 -5.62 17.39 5.62
C PRO F 184 -5.34 17.15 7.10
N GLY F 185 -5.01 18.20 7.81
CA GLY F 185 -4.78 18.06 9.26
C GLY F 185 -6.00 17.63 10.05
N TRP F 186 -7.22 17.92 9.58
CA TRP F 186 -8.42 17.44 10.26
C TRP F 186 -8.43 15.91 10.24
N TYR F 187 -8.08 15.34 9.09
CA TYR F 187 -7.97 13.88 8.88
C TYR F 187 -6.86 13.28 9.72
N ARG F 188 -5.68 13.88 9.69
CA ARG F 188 -4.62 13.34 10.53
C ARG F 188 -4.99 13.41 12.02
N GLU F 189 -5.72 14.43 12.48
CA GLU F 189 -6.14 14.46 13.88
C GLU F 189 -7.22 13.38 14.21
N LEU F 190 -8.20 13.20 13.31
CA LEU F 190 -9.14 12.07 13.45
C LEU F 190 -8.47 10.71 13.57
N ARG F 191 -7.54 10.46 12.66
CA ARG F 191 -6.73 9.24 12.68
C ARG F 191 -6.09 8.98 14.04
N ARG F 192 -5.32 9.96 14.51
CA ARG F 192 -4.62 9.88 15.81
C ARG F 192 -5.56 9.60 17.00
N LEU F 193 -6.68 10.30 17.05
CA LEU F 193 -7.77 10.09 18.00
C LEU F 193 -8.34 8.67 18.00
N CYS F 194 -8.56 8.15 16.80
CA CYS F 194 -9.08 6.81 16.60
C CYS F 194 -8.08 5.78 17.09
N SER F 195 -6.85 5.89 16.62
CA SER F 195 -5.79 4.94 16.96
C SER F 195 -5.53 4.99 18.49
N ALA F 196 -5.52 6.18 19.09
CA ALA F 196 -5.27 6.28 20.54
C ALA F 196 -6.37 5.60 21.40
N ALA F 197 -7.59 5.66 20.89
CA ALA F 197 -8.75 5.10 21.58
C ALA F 197 -8.88 3.60 21.32
N GLY F 198 -8.06 3.11 20.41
CA GLY F 198 -8.08 1.70 20.06
C GLY F 198 -9.40 1.39 19.36
N VAL F 199 -9.93 2.33 18.58
CA VAL F 199 -11.20 2.11 17.86
C VAL F 199 -10.93 1.95 16.34
N VAL F 200 -11.65 1.03 15.70
CA VAL F 200 -11.56 0.78 14.26
C VAL F 200 -12.04 2.04 13.54
N LEU F 201 -11.35 2.36 12.46
CA LEU F 201 -11.71 3.49 11.59
C LEU F 201 -12.15 2.96 10.21
N VAL F 202 -13.37 3.31 9.81
CA VAL F 202 -13.92 2.87 8.52
C VAL F 202 -13.95 4.15 7.70
N ALA F 203 -13.28 4.18 6.57
CA ALA F 203 -13.38 5.33 5.65
C ALA F 203 -14.47 4.96 4.65
N ASP F 204 -15.61 5.66 4.70
CA ASP F 204 -16.65 5.49 3.70
C ASP F 204 -16.29 6.37 2.50
N GLU F 205 -15.51 5.80 1.58
CA GLU F 205 -15.09 6.49 0.37
C GLU F 205 -15.97 6.19 -0.83
N VAL F 206 -17.26 5.94 -0.57
CA VAL F 206 -18.20 5.65 -1.64
C VAL F 206 -18.11 6.75 -2.68
N LYS F 207 -18.09 8.00 -2.18
CA LYS F 207 -18.06 9.14 -3.07
C LYS F 207 -16.68 9.53 -3.50
N VAL F 208 -15.74 9.64 -2.56
CA VAL F 208 -14.38 10.14 -2.90
C VAL F 208 -13.37 9.10 -3.38
N GLY F 209 -13.64 7.81 -3.17
CA GLY F 209 -12.70 6.75 -3.58
C GLY F 209 -12.41 6.72 -5.08
N LEU F 210 -11.15 6.64 -5.45
CA LEU F 210 -10.77 6.42 -6.86
C LEU F 210 -10.89 7.67 -7.75
N ARG F 211 -11.31 8.77 -7.16
CA ARG F 211 -11.58 10.04 -7.86
C ARG F 211 -10.52 11.13 -7.71
N TYR F 212 -9.89 11.21 -6.53
CA TYR F 212 -8.83 12.15 -6.23
C TYR F 212 -7.47 11.56 -6.64
N ALA F 213 -7.48 10.25 -6.84
CA ALA F 213 -6.25 9.54 -7.16
C ALA F 213 -6.68 8.14 -7.59
N PRO F 214 -5.75 7.34 -8.14
CA PRO F 214 -5.94 5.90 -8.30
C PRO F 214 -5.70 5.18 -6.99
N GLY F 215 -6.61 5.42 -6.06
CA GLY F 215 -6.78 4.68 -4.85
C GLY F 215 -7.70 5.49 -3.94
N LEU F 216 -7.54 5.29 -2.64
CA LEU F 216 -8.31 5.93 -1.63
C LEU F 216 -7.83 7.36 -1.50
N SER F 217 -8.75 8.29 -1.33
CA SER F 217 -8.34 9.68 -1.05
C SER F 217 -7.63 9.88 0.31
N THR F 218 -7.94 8.99 1.27
CA THR F 218 -7.44 9.15 2.64
C THR F 218 -6.48 8.04 2.93
N ALA F 219 -5.94 7.42 1.89
CA ALA F 219 -4.96 6.34 2.06
C ALA F 219 -3.92 6.61 3.13
N GLU F 220 -3.30 7.79 3.06
CA GLU F 220 -2.30 8.27 4.05
C GLU F 220 -2.98 9.13 5.12
N LEU F 221 -3.82 10.05 4.73
CA LEU F 221 -4.48 10.87 5.72
C LEU F 221 -5.14 10.05 6.86
N LEU F 222 -5.84 8.98 6.49
CA LEU F 222 -6.56 8.17 7.47
C LEU F 222 -5.97 6.74 7.66
N ALA F 223 -5.25 6.18 6.70
CA ALA F 223 -4.90 4.74 6.71
C ALA F 223 -5.97 3.85 7.35
N PRO F 224 -7.22 3.89 6.82
CA PRO F 224 -8.35 3.27 7.48
C PRO F 224 -8.21 1.75 7.60
N ASP F 225 -8.86 1.20 8.63
CA ASP F 225 -8.82 -0.25 8.79
C ASP F 225 -9.71 -0.89 7.73
N VAL F 226 -10.84 -0.23 7.50
CA VAL F 226 -11.83 -0.72 6.51
C VAL F 226 -12.12 0.42 5.56
N TRP F 227 -12.23 0.09 4.27
CA TRP F 227 -12.59 1.07 3.25
C TRP F 227 -13.82 0.62 2.46
N VAL F 228 -14.54 1.60 1.93
CA VAL F 228 -15.66 1.30 1.04
C VAL F 228 -15.48 2.27 -0.16
N VAL F 229 -15.66 1.76 -1.38
CA VAL F 229 -15.67 2.60 -2.58
C VAL F 229 -16.89 2.21 -3.39
N ALA F 230 -17.27 3.04 -4.36
CA ALA F 230 -18.33 2.62 -5.25
C ALA F 230 -18.45 3.54 -6.46
N LYS F 231 -18.64 4.80 -6.21
CA LYS F 231 -18.93 5.74 -7.32
C LYS F 231 -17.82 5.83 -8.38
N GLY F 232 -16.57 5.59 -8.00
CA GLY F 232 -15.49 5.65 -8.96
C GLY F 232 -15.18 4.37 -9.69
N MET F 233 -15.89 3.28 -9.39
CA MET F 233 -15.43 1.98 -9.89
C MET F 233 -16.04 1.47 -11.21
N ALA F 234 -17.14 2.01 -11.71
CA ALA F 234 -17.88 1.33 -12.77
C ALA F 234 -18.57 2.28 -13.73
N ASN F 235 -18.10 3.51 -13.77
CA ASN F 235 -18.72 4.59 -14.53
C ASN F 235 -20.23 4.56 -14.40
N GLY F 236 -20.72 4.36 -13.18
CA GLY F 236 -22.15 4.43 -12.91
C GLY F 236 -22.95 3.15 -12.65
N HIS F 237 -22.36 2.04 -13.05
CA HIS F 237 -23.04 0.76 -13.02
C HIS F 237 -23.11 0.27 -11.56
N ALA F 238 -24.00 -0.68 -11.35
CA ALA F 238 -24.52 -0.97 -9.99
C ALA F 238 -23.61 -1.87 -9.11
N VAL F 239 -22.54 -1.28 -8.60
CA VAL F 239 -21.52 -2.03 -7.83
C VAL F 239 -20.80 -1.12 -6.87
N SER F 240 -20.41 -1.70 -5.74
CA SER F 240 -19.63 -1.07 -4.70
C SER F 240 -18.72 -2.17 -4.14
N ALA F 241 -17.77 -1.74 -3.33
CA ALA F 241 -16.79 -2.68 -2.82
C ALA F 241 -16.35 -2.29 -1.40
N VAL F 242 -15.99 -3.29 -0.61
CA VAL F 242 -15.43 -3.05 0.70
CA VAL F 242 -15.48 -3.11 0.75
C VAL F 242 -14.14 -3.83 0.81
N GLY F 243 -13.18 -3.30 1.56
CA GLY F 243 -11.89 -3.97 1.71
C GLY F 243 -11.31 -3.62 3.07
N GLY F 244 -10.30 -4.38 3.45
CA GLY F 244 -9.72 -4.17 4.78
C GLY F 244 -9.29 -5.48 5.40
N SER F 245 -9.26 -5.54 6.73
CA SER F 245 -8.73 -6.73 7.37
C SER F 245 -9.60 -7.97 7.24
N ARG F 246 -8.94 -9.10 6.98
CA ARG F 246 -9.57 -10.40 7.18
C ARG F 246 -10.33 -10.53 8.50
N ARG F 247 -9.75 -10.07 9.61
CA ARG F 247 -10.35 -10.25 10.92
C ARG F 247 -11.60 -9.39 11.05
N LEU F 248 -11.49 -8.12 10.64
CA LEU F 248 -12.63 -7.21 10.83
C LEU F 248 -13.77 -7.56 9.87
N LEU F 249 -13.44 -8.18 8.77
CA LEU F 249 -14.47 -8.43 7.72
C LEU F 249 -14.88 -9.90 7.66
N LYS F 250 -14.44 -10.72 8.61
CA LYS F 250 -14.80 -12.11 8.57
C LYS F 250 -16.30 -12.35 8.47
N PRO F 251 -17.11 -11.53 9.17
CA PRO F 251 -18.53 -11.75 9.11
C PRO F 251 -19.17 -11.59 7.71
N LEU F 252 -18.51 -10.89 6.78
CA LEU F 252 -18.96 -10.88 5.38
C LEU F 252 -18.99 -12.26 4.72
N LYS F 253 -18.42 -13.31 5.32
CA LYS F 253 -18.52 -14.64 4.74
C LYS F 253 -19.97 -15.09 4.62
N GLU F 254 -20.85 -14.47 5.39
CA GLU F 254 -22.28 -14.74 5.40
C GLU F 254 -23.01 -14.07 4.19
N VAL F 255 -22.28 -13.27 3.42
CA VAL F 255 -22.95 -12.49 2.34
C VAL F 255 -22.93 -13.31 1.07
N SER F 256 -24.11 -13.46 0.49
CA SER F 256 -24.24 -13.94 -0.88
C SER F 256 -25.48 -13.22 -1.35
N PHE F 257 -25.45 -12.90 -2.64
CA PHE F 257 -26.67 -12.43 -3.29
C PHE F 257 -26.78 -12.92 -4.75
N THR F 258 -28.01 -13.03 -5.19
CA THR F 258 -28.37 -13.78 -6.42
C THR F 258 -27.60 -13.26 -7.66
N SER F 259 -27.57 -11.94 -7.83
CA SER F 259 -26.91 -11.32 -9.00
C SER F 259 -25.40 -11.10 -8.98
N PHE F 260 -24.75 -11.63 -7.95
CA PHE F 260 -23.33 -11.52 -7.77
C PHE F 260 -22.50 -11.66 -9.04
N PHE F 261 -22.90 -12.60 -9.91
CA PHE F 261 -22.12 -12.92 -11.09
C PHE F 261 -22.53 -12.19 -12.36
N GLU F 262 -23.47 -11.24 -12.23
CA GLU F 262 -24.06 -10.64 -13.42
C GLU F 262 -22.92 -10.08 -14.29
N PRO F 263 -22.80 -10.52 -15.55
CA PRO F 263 -21.59 -10.16 -16.28
C PRO F 263 -21.45 -8.74 -16.78
N THR F 264 -22.56 -8.02 -17.00
CA THR F 264 -22.36 -6.67 -17.50
C THR F 264 -21.75 -5.72 -16.45
N ILE F 265 -22.11 -5.93 -15.19
CA ILE F 265 -21.59 -5.07 -14.15
C ILE F 265 -20.11 -5.34 -13.98
N LEU F 266 -19.74 -6.62 -14.07
CA LEU F 266 -18.33 -7.04 -13.99
C LEU F 266 -17.54 -6.45 -15.15
N ALA F 267 -18.12 -6.50 -16.35
CA ALA F 267 -17.53 -5.87 -17.49
C ALA F 267 -17.32 -4.37 -17.30
N ALA F 268 -18.34 -3.65 -16.83
CA ALA F 268 -18.16 -2.22 -16.63
C ALA F 268 -17.10 -1.87 -15.59
N ALA F 269 -17.12 -2.58 -14.46
CA ALA F 269 -16.15 -2.34 -13.39
C ALA F 269 -14.72 -2.63 -13.91
N ASP F 270 -14.53 -3.76 -14.58
CA ASP F 270 -13.22 -4.06 -15.11
C ASP F 270 -12.69 -2.99 -16.09
N ALA F 271 -13.50 -2.52 -17.04
CA ALA F 271 -13.15 -1.46 -17.98
C ALA F 271 -12.80 -0.18 -17.23
N ALA F 272 -13.69 0.24 -16.32
CA ALA F 272 -13.58 1.55 -15.67
C ALA F 272 -12.39 1.55 -14.78
N LEU F 273 -12.22 0.47 -14.02
CA LEU F 273 -11.05 0.36 -13.12
C LEU F 273 -9.72 0.37 -13.84
N ALA F 274 -9.73 -0.19 -15.04
CA ALA F 274 -8.53 -0.14 -15.84
C ALA F 274 -8.18 1.30 -16.13
N ARG F 275 -9.16 2.12 -16.45
CA ARG F 275 -8.86 3.51 -16.72
C ARG F 275 -8.47 4.25 -15.45
N VAL F 276 -9.20 3.98 -14.36
CA VAL F 276 -8.90 4.55 -13.05
C VAL F 276 -7.46 4.35 -12.63
N ALA F 277 -6.94 3.16 -12.88
CA ALA F 277 -5.63 2.78 -12.38
C ALA F 277 -4.53 3.59 -13.00
N THR F 278 -4.78 4.14 -14.18
CA THR F 278 -3.78 4.98 -14.86
C THR F 278 -3.60 6.34 -14.20
N GLY F 279 -4.61 6.79 -13.47
CA GLY F 279 -4.68 8.15 -12.98
C GLY F 279 -5.07 9.22 -13.95
N GLU F 280 -5.33 8.87 -15.22
CA GLU F 280 -5.66 9.86 -16.23
C GLU F 280 -7.02 10.53 -16.08
N PRO F 281 -8.09 9.76 -15.86
CA PRO F 281 -9.39 10.43 -15.69
C PRO F 281 -9.45 11.37 -14.48
N GLN F 282 -8.84 11.00 -13.34
CA GLN F 282 -8.77 11.91 -12.19
C GLN F 282 -8.07 13.24 -12.49
N ARG F 283 -6.97 13.16 -13.21
CA ARG F 283 -6.25 14.36 -13.65
C ARG F 283 -7.05 15.26 -14.59
N ALA F 284 -7.75 14.60 -15.48
CA ALA F 284 -8.53 15.28 -16.50
C ALA F 284 -9.61 16.03 -15.79
N VAL F 285 -10.23 15.34 -14.83
CA VAL F 285 -11.34 15.94 -14.06
C VAL F 285 -10.83 17.16 -13.28
N ARG F 286 -9.77 17.00 -12.54
CA ARG F 286 -9.24 18.09 -11.72
C ARG F 286 -8.86 19.31 -12.56
N GLU F 287 -8.16 19.03 -13.65
CA GLU F 287 -7.70 20.07 -14.58
C GLU F 287 -8.90 20.78 -15.21
N ALA F 288 -9.88 20.02 -15.67
CA ALA F 288 -11.06 20.60 -16.29
C ALA F 288 -11.87 21.39 -15.29
N GLY F 289 -12.08 20.84 -14.10
CA GLY F 289 -12.87 21.55 -13.08
C GLY F 289 -12.16 22.82 -12.65
N ASP F 290 -10.84 22.78 -12.50
CA ASP F 290 -10.13 23.96 -12.05
C ASP F 290 -10.20 25.05 -13.12
N ARG F 291 -10.16 24.67 -14.40
CA ARG F 291 -10.31 25.67 -15.47
C ARG F 291 -11.67 26.34 -15.34
N PHE F 292 -12.70 25.54 -15.15
CA PHE F 292 -14.05 26.08 -15.07
C PHE F 292 -14.14 26.99 -13.87
N LEU F 293 -13.55 26.55 -12.76
CA LEU F 293 -13.51 27.31 -11.54
C LEU F 293 -12.83 28.66 -11.67
N ARG F 294 -11.68 28.72 -12.34
CA ARG F 294 -10.99 29.99 -12.53
C ARG F 294 -12.01 30.92 -13.18
N HIS F 295 -12.71 30.46 -14.23
CA HIS F 295 -13.59 31.34 -15.00
C HIS F 295 -14.76 31.78 -14.19
N ALA F 296 -15.36 30.81 -13.53
CA ALA F 296 -16.51 31.00 -12.68
C ALA F 296 -16.22 31.99 -11.57
N ARG F 297 -15.08 31.87 -10.88
CA ARG F 297 -14.67 32.86 -9.92
C ARG F 297 -14.49 34.27 -10.46
N LYS F 298 -13.83 34.37 -11.61
CA LYS F 298 -13.61 35.64 -12.30
C LYS F 298 -14.95 36.23 -12.70
N ALA F 299 -15.83 35.40 -13.23
CA ALA F 299 -17.13 35.88 -13.66
C ALA F 299 -18.00 36.41 -12.53
N LEU F 300 -18.01 35.73 -11.39
CA LEU F 300 -18.84 36.16 -10.27
C LEU F 300 -18.28 37.48 -9.75
N ASP F 301 -16.95 37.57 -9.64
CA ASP F 301 -16.27 38.74 -9.11
C ASP F 301 -16.51 39.98 -9.99
N ASP F 302 -16.35 39.83 -11.31
CA ASP F 302 -16.62 40.91 -12.27
C ASP F 302 -18.06 41.40 -12.18
N ALA F 303 -18.98 40.48 -11.88
CA ALA F 303 -20.40 40.84 -11.72
C ALA F 303 -20.82 41.25 -10.31
N SER F 304 -19.88 41.32 -9.37
CA SER F 304 -20.17 41.69 -8.00
C SER F 304 -21.25 40.85 -7.33
N LEU F 305 -21.29 39.56 -7.68
CA LEU F 305 -22.20 38.58 -7.10
C LEU F 305 -21.51 37.95 -5.89
N PRO F 306 -22.13 38.03 -4.72
CA PRO F 306 -21.62 37.41 -3.48
C PRO F 306 -21.89 35.90 -3.47
N VAL F 307 -21.08 35.17 -4.24
CA VAL F 307 -21.07 33.71 -4.25
C VAL F 307 -19.60 33.27 -4.22
N GLU F 308 -19.21 32.57 -3.13
CA GLU F 308 -17.91 31.90 -3.06
C GLU F 308 -18.00 30.52 -3.73
N ILE F 309 -16.84 29.88 -3.94
CA ILE F 309 -16.81 28.50 -4.42
C ILE F 309 -15.82 27.72 -3.54
N ALA F 310 -16.32 26.70 -2.85
CA ALA F 310 -15.51 25.85 -1.99
C ALA F 310 -15.03 24.67 -2.85
N GLY F 311 -13.94 24.03 -2.43
CA GLY F 311 -13.40 22.90 -3.16
C GLY F 311 -12.42 23.16 -4.32
N ASP F 312 -12.41 22.28 -5.30
CA ASP F 312 -11.50 22.39 -6.44
C ASP F 312 -12.12 21.59 -7.60
N GLY F 313 -11.35 21.37 -8.63
CA GLY F 313 -11.82 20.74 -9.84
C GLY F 313 -12.40 19.36 -9.66
N THR F 314 -11.90 18.60 -8.69
CA THR F 314 -12.49 17.29 -8.44
C THR F 314 -13.93 17.28 -7.92
N PHE F 315 -14.15 18.16 -6.95
CA PHE F 315 -15.48 18.44 -6.43
C PHE F 315 -15.48 19.87 -5.88
N PHE F 316 -16.44 20.69 -6.32
CA PHE F 316 -16.56 22.05 -5.84
C PHE F 316 -18.02 22.38 -5.51
N GLN F 317 -18.22 23.45 -4.76
CA GLN F 317 -19.57 23.84 -4.35
C GLN F 317 -19.80 25.33 -4.31
N PHE F 318 -20.88 25.81 -4.95
CA PHE F 318 -21.23 27.24 -4.85
C PHE F 318 -21.80 27.54 -3.49
N VAL F 319 -21.37 28.67 -2.93
CA VAL F 319 -21.74 29.11 -1.59
C VAL F 319 -22.24 30.54 -1.77
N PRO F 320 -23.53 30.67 -2.11
CA PRO F 320 -24.10 32.00 -2.28
C PRO F 320 -24.43 32.65 -0.93
N ALA F 321 -24.44 33.98 -0.90
CA ALA F 321 -24.66 34.69 0.38
C ALA F 321 -26.06 34.48 0.98
N THR F 322 -27.06 34.25 0.12
CA THR F 322 -28.44 34.06 0.57
C THR F 322 -29.10 32.88 -0.15
N GLU F 323 -30.11 32.27 0.49
CA GLU F 323 -30.85 31.18 -0.16
C GLU F 323 -31.54 31.70 -1.40
N GLU F 324 -31.94 32.97 -1.36
CA GLU F 324 -32.60 33.56 -2.52
C GLU F 324 -31.70 33.58 -3.75
N LEU F 325 -30.47 34.06 -3.57
CA LEU F 325 -29.49 34.06 -4.64
C LEU F 325 -29.10 32.64 -5.09
N GLU F 326 -28.99 31.70 -4.13
CA GLU F 326 -28.81 30.27 -4.48
C GLU F 326 -29.87 29.73 -5.45
N GLU F 327 -31.15 30.02 -5.21
CA GLU F 327 -32.22 29.55 -6.09
C GLU F 327 -32.10 30.19 -7.45
N ALA F 328 -31.83 31.49 -7.45
CA ALA F 328 -31.73 32.24 -8.71
C ALA F 328 -30.54 31.72 -9.51
N LEU F 329 -29.46 31.40 -8.80
CA LEU F 329 -28.27 30.86 -9.46
C LEU F 329 -28.59 29.59 -10.25
N TYR F 330 -29.27 28.66 -9.58
CA TYR F 330 -29.57 27.38 -10.25
C TYR F 330 -30.65 27.56 -11.27
N GLY F 331 -31.58 28.45 -10.99
CA GLY F 331 -32.56 28.87 -12.00
C GLY F 331 -31.91 29.32 -13.28
N ALA F 332 -30.94 30.21 -13.13
CA ALA F 332 -30.24 30.78 -14.25
C ALA F 332 -29.48 29.68 -14.96
N ALA F 333 -28.84 28.85 -14.14
CA ALA F 333 -28.02 27.77 -14.65
C ALA F 333 -28.87 26.82 -15.49
N ASN F 334 -30.03 26.44 -14.95
CA ASN F 334 -31.01 25.62 -15.67
C ASN F 334 -31.39 26.20 -17.04
N ALA F 335 -31.67 27.50 -17.09
CA ALA F 335 -32.00 28.17 -18.36
C ALA F 335 -30.87 28.14 -19.36
N GLU F 336 -29.63 28.21 -18.88
CA GLU F 336 -28.51 28.27 -19.78
C GLU F 336 -28.01 26.88 -20.13
N GLY F 337 -28.58 25.87 -19.49
CA GLY F 337 -28.22 24.49 -19.81
C GLY F 337 -26.97 23.99 -19.10
N LEU F 338 -26.77 24.48 -17.89
CA LEU F 338 -25.71 23.99 -17.00
C LEU F 338 -26.39 23.23 -15.91
N LEU F 339 -26.25 21.90 -15.92
CA LEU F 339 -26.93 21.09 -14.92
C LEU F 339 -26.03 20.87 -13.72
N PHE F 340 -26.32 21.62 -12.67
CA PHE F 340 -25.58 21.47 -11.40
C PHE F 340 -26.40 20.60 -10.49
N TYR F 341 -25.69 19.88 -9.60
CA TYR F 341 -26.34 19.15 -8.53
C TYR F 341 -26.72 20.16 -7.46
N ALA F 342 -28.00 20.55 -7.46
CA ALA F 342 -28.36 21.80 -6.81
C ALA F 342 -28.06 21.77 -5.35
N GLY F 343 -27.27 22.74 -4.87
CA GLY F 343 -26.93 22.90 -3.47
C GLY F 343 -25.84 21.97 -2.96
N ASP F 344 -25.36 21.08 -3.81
CA ASP F 344 -24.44 20.01 -3.39
C ASP F 344 -23.06 20.15 -4.08
N ASN F 345 -22.31 19.08 -4.31
CA ASN F 345 -21.00 19.20 -4.99
C ASN F 345 -21.07 18.92 -6.50
N GLN F 346 -20.31 19.70 -7.28
CA GLN F 346 -20.28 19.61 -8.71
C GLN F 346 -19.06 18.75 -9.04
N GLY F 347 -19.27 17.74 -9.86
CA GLY F 347 -18.23 16.75 -10.15
C GLY F 347 -18.23 16.47 -11.64
N VAL F 348 -17.37 17.20 -12.34
CA VAL F 348 -17.22 17.00 -13.77
C VAL F 348 -16.67 15.61 -14.04
N SER F 349 -16.84 15.17 -15.28
CA SER F 349 -16.23 13.92 -15.75
C SER F 349 -15.07 14.17 -16.68
N ALA F 350 -14.36 13.08 -17.01
CA ALA F 350 -13.23 13.17 -17.91
C ALA F 350 -13.61 13.54 -19.34
N ALA F 351 -14.91 13.52 -19.65
CA ALA F 351 -15.43 13.93 -20.98
C ALA F 351 -15.61 15.46 -21.10
N PHE F 352 -15.21 16.21 -20.07
CA PHE F 352 -15.18 17.65 -20.14
C PHE F 352 -14.02 18.19 -20.97
N ASP F 353 -14.14 18.07 -22.29
CA ASP F 353 -13.11 18.52 -23.23
C ASP F 353 -13.12 20.04 -23.39
N GLU F 354 -12.21 20.54 -24.24
CA GLU F 354 -12.02 21.95 -24.48
C GLU F 354 -13.30 22.56 -24.98
N ALA F 355 -13.96 21.85 -25.89
CA ALA F 355 -15.28 22.29 -26.37
C ALA F 355 -16.31 22.46 -25.28
N VAL F 356 -16.47 21.43 -24.45
CA VAL F 356 -17.47 21.51 -23.37
C VAL F 356 -17.10 22.64 -22.41
N LEU F 357 -15.82 22.75 -22.08
CA LEU F 357 -15.42 23.82 -21.15
C LEU F 357 -15.70 25.21 -21.72
N GLY F 358 -15.44 25.36 -23.01
CA GLY F 358 -15.60 26.65 -23.69
C GLY F 358 -17.05 27.05 -23.61
N GLU F 359 -17.90 26.07 -23.93
CA GLU F 359 -19.34 26.31 -23.92
C GLU F 359 -19.85 26.52 -22.52
N ALA F 360 -19.32 25.78 -21.53
CA ALA F 360 -19.67 26.00 -20.13
C ALA F 360 -19.27 27.37 -19.61
N GLU F 361 -18.12 27.85 -20.05
CA GLU F 361 -17.69 29.19 -19.67
C GLU F 361 -18.69 30.21 -20.27
N ARG F 362 -18.98 30.11 -21.57
CA ARG F 362 -19.92 31.10 -22.19
C ARG F 362 -21.28 30.99 -21.51
N ARG F 363 -21.73 29.76 -21.26
CA ARG F 363 -22.97 29.55 -20.54
C ARG F 363 -22.93 30.21 -19.15
N PHE F 364 -21.83 30.13 -18.43
CA PHE F 364 -21.83 30.66 -17.07
C PHE F 364 -21.73 32.20 -17.06
N ALA F 365 -21.08 32.78 -18.08
CA ALA F 365 -21.07 34.23 -18.26
C ALA F 365 -22.53 34.67 -18.43
N ARG F 366 -23.29 33.95 -19.26
CA ARG F 366 -24.72 34.28 -19.41
C ARG F 366 -25.44 34.14 -18.07
N VAL F 367 -25.10 33.11 -17.26
CA VAL F 367 -25.68 33.00 -15.92
C VAL F 367 -25.41 34.24 -15.08
N CYS F 368 -24.19 34.77 -15.15
CA CYS F 368 -23.83 35.93 -14.32
C CYS F 368 -24.59 37.17 -14.78
N GLU F 369 -24.84 37.27 -16.08
CA GLU F 369 -25.65 38.36 -16.65
C GLU F 369 -27.09 38.21 -16.18
N ARG F 370 -27.63 36.98 -16.18
CA ARG F 370 -28.98 36.73 -15.65
C ARG F 370 -29.12 37.17 -14.18
N LEU F 371 -28.05 37.04 -13.39
CA LEU F 371 -28.15 37.36 -11.97
C LEU F 371 -27.84 38.82 -11.68
N ALA F 372 -27.72 39.67 -12.70
CA ALA F 372 -27.40 41.09 -12.49
C ALA F 372 -28.15 41.80 -11.36
N PRO F 373 -29.45 41.50 -11.15
CA PRO F 373 -30.18 42.14 -10.04
C PRO F 373 -29.65 41.92 -8.63
N TYR F 374 -28.81 40.89 -8.46
CA TYR F 374 -28.21 40.57 -7.18
C TYR F 374 -26.81 41.17 -7.02
N ALA F 375 -26.31 41.82 -8.07
CA ALA F 375 -24.99 42.48 -8.05
C ALA F 375 -24.87 43.46 -6.86
N GLY F 376 -23.72 43.51 -6.20
CA GLY F 376 -23.53 44.44 -5.07
C GLY F 376 -24.05 43.94 -3.74
N GLY F 377 -24.86 42.91 -3.73
CA GLY F 377 -25.29 42.28 -2.48
C GLY F 377 -24.23 42.10 -1.40
N GLU F 378 -24.67 42.04 -0.15
CA GLU F 378 -23.85 41.76 1.04
C GLU F 378 -23.05 40.48 0.87
N PRO F 379 -21.73 40.52 1.18
CA PRO F 379 -20.88 39.34 0.92
C PRO F 379 -21.23 38.12 1.78
N VAL F 380 -20.81 36.95 1.33
CA VAL F 380 -21.01 35.69 2.04
C VAL F 380 -20.46 35.78 3.47
N GLY F 381 -21.26 35.30 4.41
CA GLY F 381 -20.88 35.27 5.82
C GLY F 381 -20.95 33.83 6.27
N ASP F 382 -20.64 33.59 7.54
CA ASP F 382 -20.43 32.20 7.98
C ASP F 382 -21.69 31.36 8.11
N ALA F 383 -22.82 31.97 8.48
CA ALA F 383 -24.11 31.26 8.51
C ALA F 383 -24.42 30.62 7.16
N ALA F 384 -24.08 31.30 6.07
CA ALA F 384 -24.30 30.76 4.73
C ALA F 384 -23.35 29.59 4.51
N ARG F 385 -22.10 29.71 4.96
CA ARG F 385 -21.10 28.66 4.69
C ARG F 385 -21.51 27.39 5.41
N TYR F 386 -21.95 27.55 6.65
CA TYR F 386 -22.41 26.38 7.43
C TYR F 386 -23.65 25.74 6.83
N ARG F 387 -24.64 26.56 6.42
CA ARG F 387 -25.85 26.04 5.81
C ARG F 387 -25.47 25.20 4.58
N VAL F 388 -24.62 25.76 3.74
CA VAL F 388 -24.36 25.20 2.42
C VAL F 388 -23.52 23.93 2.57
N ALA F 389 -22.50 24.03 3.41
CA ALA F 389 -21.68 22.86 3.68
C ALA F 389 -22.51 21.74 4.23
N TRP F 390 -23.43 22.04 5.14
CA TRP F 390 -24.32 21.01 5.64
C TRP F 390 -25.03 20.24 4.53
N ASN F 391 -25.37 20.89 3.44
CA ASN F 391 -26.23 20.21 2.49
C ASN F 391 -25.39 19.16 1.75
N VAL F 392 -24.08 19.41 1.63
CA VAL F 392 -23.19 18.39 1.03
C VAL F 392 -22.61 17.37 1.99
N MET F 393 -22.35 17.75 3.24
CA MET F 393 -21.70 16.80 4.15
C MET F 393 -22.55 16.23 5.29
N ASP F 394 -23.76 16.74 5.46
CA ASP F 394 -24.64 16.33 6.58
C ASP F 394 -23.93 16.52 7.94
N GLY F 395 -23.27 17.66 8.07
CA GLY F 395 -22.51 17.94 9.29
C GLY F 395 -21.72 19.22 9.09
N LEU F 396 -20.80 19.46 10.01
CA LEU F 396 -20.20 20.76 10.16
C LEU F 396 -18.87 20.91 9.42
N ARG F 397 -18.81 21.90 8.55
CA ARG F 397 -17.53 22.28 7.96
C ARG F 397 -16.52 22.62 9.06
N GLN F 398 -15.25 22.49 8.76
CA GLN F 398 -14.25 22.75 9.77
C GLN F 398 -13.95 24.26 9.82
N ALA F 399 -14.09 24.85 11.01
CA ALA F 399 -13.70 26.24 11.22
C ALA F 399 -13.52 26.42 12.74
N PRO F 400 -12.76 27.47 13.16
CA PRO F 400 -12.66 27.78 14.60
C PRO F 400 -14.03 28.01 15.24
N ARG F 401 -14.36 27.26 16.29
CA ARG F 401 -15.55 27.54 17.10
C ARG F 401 -15.37 26.96 18.51
N ASP F 402 -16.29 27.31 19.39
CA ASP F 402 -16.36 26.71 20.73
C ASP F 402 -17.64 25.87 20.86
N ARG F 403 -17.87 25.37 22.06
CA ARG F 403 -18.81 24.30 22.35
C ARG F 403 -20.22 24.83 22.18
N GLU F 404 -20.44 26.04 22.68
CA GLU F 404 -21.77 26.65 22.64
C GLU F 404 -22.14 26.89 21.18
N GLU F 405 -21.17 27.35 20.39
CA GLU F 405 -21.42 27.68 18.99
C GLU F 405 -21.73 26.41 18.19
N THR F 406 -21.02 25.33 18.48
CA THR F 406 -21.36 24.00 17.91
C THR F 406 -22.81 23.59 18.22
N THR F 407 -23.19 23.73 19.49
CA THR F 407 -24.52 23.31 19.93
C THR F 407 -25.56 24.09 19.14
N GLY F 408 -25.29 25.37 18.92
CA GLY F 408 -26.20 26.28 18.22
C GLY F 408 -26.38 25.97 16.75
N LEU F 409 -25.28 25.80 16.04
CA LEU F 409 -25.30 25.36 14.65
C LEU F 409 -26.08 24.05 14.45
N LEU F 410 -25.88 23.10 15.35
CA LEU F 410 -26.65 21.86 15.34
C LEU F 410 -28.14 22.12 15.54
N ALA F 411 -28.50 22.95 16.51
CA ALA F 411 -29.90 23.31 16.75
C ALA F 411 -30.54 23.94 15.51
N ARG F 412 -29.82 24.90 14.92
CA ARG F 412 -30.20 25.55 13.67
C ARG F 412 -30.29 24.61 12.47
N LEU F 413 -29.32 23.73 12.30
CA LEU F 413 -29.16 23.00 11.03
C LEU F 413 -29.78 21.61 11.04
N LEU F 414 -29.99 21.00 12.21
CA LEU F 414 -30.88 19.84 12.29
C LEU F 414 -32.34 20.28 12.13
N SER G 6 46.94 -34.65 5.26
CA SER G 6 46.62 -34.79 3.80
C SER G 6 45.13 -34.98 3.45
N LEU G 7 44.26 -35.16 4.45
CA LEU G 7 42.83 -35.10 4.19
C LEU G 7 42.36 -33.70 3.82
N LEU G 8 43.01 -32.66 4.34
CA LEU G 8 42.43 -31.33 4.18
C LEU G 8 42.53 -30.83 2.74
N ALA G 9 41.39 -30.37 2.21
CA ALA G 9 41.30 -29.96 0.83
C ALA G 9 41.61 -28.50 0.63
N GLU G 10 41.49 -27.74 1.72
CA GLU G 10 41.80 -26.34 1.69
C GLU G 10 43.29 -26.15 1.99
N PHE G 11 43.76 -24.94 1.79
CA PHE G 11 45.09 -24.49 2.18
C PHE G 11 44.94 -23.28 3.06
N PRO G 12 44.67 -23.54 4.35
CA PRO G 12 44.45 -22.43 5.26
C PRO G 12 45.68 -21.58 5.49
N THR G 13 45.50 -20.27 5.59
CA THR G 13 46.58 -19.37 6.04
C THR G 13 46.82 -19.61 7.54
N CYS G 14 48.06 -19.97 7.89
CA CYS G 14 48.38 -20.27 9.28
C CYS G 14 49.91 -20.27 9.44
N PRO G 15 50.36 -20.25 10.69
CA PRO G 15 51.80 -20.38 10.94
C PRO G 15 52.32 -21.72 10.45
N ARG G 16 53.38 -21.68 9.63
CA ARG G 16 54.01 -22.86 9.07
C ARG G 16 55.51 -22.89 9.34
N ASP G 17 56.07 -24.09 9.46
CA ASP G 17 57.48 -24.26 9.80
C ASP G 17 58.32 -24.19 8.51
N GLU G 18 59.63 -24.41 8.64
CA GLU G 18 60.54 -24.28 7.51
C GLU G 18 60.17 -25.31 6.45
N LYS G 19 59.41 -26.35 6.79
CA LYS G 19 58.96 -27.29 5.76
C LYS G 19 57.57 -26.98 5.19
N ASP G 20 57.01 -25.84 5.60
CA ASP G 20 55.69 -25.41 5.15
C ASP G 20 54.57 -26.23 5.81
N ARG G 21 54.88 -26.95 6.88
CA ARG G 21 53.88 -27.68 7.62
C ARG G 21 53.30 -26.76 8.67
N PRO G 22 51.97 -26.77 8.80
CA PRO G 22 51.40 -25.99 9.92
C PRO G 22 52.03 -26.26 11.27
N ARG G 23 52.39 -25.20 11.98
CA ARG G 23 52.78 -25.35 13.38
C ARG G 23 51.59 -25.73 14.23
N VAL G 24 51.80 -26.68 15.13
CA VAL G 24 50.76 -27.13 16.00
C VAL G 24 50.87 -26.42 17.35
N PHE G 25 49.83 -25.68 17.70
CA PHE G 25 49.73 -25.07 19.03
C PHE G 25 48.71 -25.81 19.87
N THR G 26 49.11 -26.18 21.09
CA THR G 26 48.29 -26.98 21.96
C THR G 26 47.57 -26.13 22.99
N ALA G 27 48.04 -24.91 23.21
CA ALA G 27 47.40 -24.04 24.16
C ALA G 27 47.77 -22.60 23.88
N ALA G 28 46.92 -21.73 24.40
CA ALA G 28 47.18 -20.32 24.34
C ALA G 28 46.56 -19.58 25.49
N SER G 29 47.25 -18.53 25.93
CA SER G 29 46.62 -17.62 26.90
C SER G 29 47.21 -16.23 26.77
N GLY G 30 46.35 -15.24 26.61
CA GLY G 30 46.84 -13.87 26.45
C GLY G 30 47.67 -13.71 25.21
N ALA G 31 48.95 -13.35 25.37
CA ALA G 31 49.89 -13.17 24.28
C ALA G 31 50.70 -14.42 23.99
N TRP G 32 50.50 -15.48 24.76
CA TRP G 32 51.38 -16.67 24.69
C TRP G 32 50.74 -17.86 24.03
N LEU G 33 51.52 -18.62 23.28
CA LEU G 33 51.10 -19.89 22.73
C LEU G 33 52.08 -20.93 23.19
N THR G 34 51.62 -22.16 23.27
CA THR G 34 52.47 -23.34 23.53
C THR G 34 52.40 -24.23 22.29
N ASP G 35 53.54 -24.50 21.65
CA ASP G 35 53.53 -25.48 20.59
C ASP G 35 53.67 -26.91 21.10
N GLU G 36 53.56 -27.85 20.17
CA GLU G 36 53.41 -29.26 20.50
C GLU G 36 54.67 -29.78 21.18
N SER G 37 55.82 -29.18 20.86
CA SER G 37 57.07 -29.33 21.59
C SER G 37 57.16 -28.73 22.99
N GLY G 38 56.19 -27.92 23.41
CA GLY G 38 56.32 -27.20 24.67
C GLY G 38 56.91 -25.81 24.58
N PHE G 39 57.33 -25.38 23.41
CA PHE G 39 57.98 -24.08 23.22
C PHE G 39 56.98 -22.94 23.40
N ARG G 40 57.35 -21.89 24.14
CA ARG G 40 56.48 -20.74 24.35
C ARG G 40 56.72 -19.56 23.41
N TRP G 41 55.67 -19.22 22.68
CA TRP G 41 55.72 -18.17 21.69
C TRP G 41 54.93 -16.98 22.14
N ILE G 42 55.40 -15.80 21.75
CA ILE G 42 54.68 -14.56 21.82
C ILE G 42 54.00 -14.32 20.46
N ASP G 43 52.67 -14.23 20.49
CA ASP G 43 51.89 -14.14 19.26
C ASP G 43 51.69 -12.70 18.78
N PHE G 44 52.22 -12.35 17.61
CA PHE G 44 51.91 -11.09 16.92
C PHE G 44 50.91 -11.32 15.76
N ASP G 45 50.56 -12.57 15.49
CA ASP G 45 49.66 -12.91 14.35
C ASP G 45 48.22 -12.78 14.88
N ASN G 46 47.94 -13.49 15.96
CA ASN G 46 46.65 -13.34 16.71
C ASN G 46 45.44 -13.57 15.80
N ALA G 47 45.45 -14.73 15.14
CA ALA G 47 44.39 -15.09 14.22
C ALA G 47 44.12 -13.97 13.22
N ARG G 48 45.20 -13.49 12.63
CA ARG G 48 45.12 -12.42 11.63
C ARG G 48 44.59 -11.06 12.10
N GLY G 49 44.75 -10.78 13.38
CA GLY G 49 44.30 -9.57 14.00
C GLY G 49 42.90 -9.69 14.55
N SER G 50 42.36 -10.90 14.61
CA SER G 50 41.00 -11.09 15.12
C SER G 50 40.99 -11.33 16.63
N ILE G 51 42.16 -11.60 17.22
CA ILE G 51 42.26 -11.72 18.68
C ILE G 51 42.76 -10.37 19.23
N LEU G 52 41.84 -9.43 19.37
CA LEU G 52 42.12 -8.14 19.83
C LEU G 52 42.37 -8.08 21.35
N LEU G 53 41.66 -8.94 22.08
CA LEU G 53 41.70 -8.89 23.53
C LEU G 53 42.82 -9.79 24.05
N GLY G 54 43.02 -10.92 23.42
CA GLY G 54 44.04 -11.90 23.85
C GLY G 54 43.38 -13.27 23.89
N HIS G 55 44.18 -14.34 23.77
CA HIS G 55 43.64 -15.64 23.75
C HIS G 55 43.04 -16.05 25.10
N GLY G 56 41.86 -16.63 25.00
CA GLY G 56 41.21 -17.12 26.22
C GLY G 56 40.82 -16.01 27.17
N ASP G 57 40.47 -14.84 26.64
CA ASP G 57 39.98 -13.73 27.47
C ASP G 57 38.94 -14.22 28.47
N PRO G 58 39.18 -13.99 29.76
CA PRO G 58 38.26 -14.66 30.72
C PRO G 58 36.80 -14.27 30.69
N VAL G 59 36.51 -12.98 30.49
CA VAL G 59 35.15 -12.48 30.37
C VAL G 59 34.41 -13.05 29.16
N VAL G 60 35.07 -13.02 27.99
CA VAL G 60 34.53 -13.70 26.81
C VAL G 60 34.38 -15.20 27.06
N ALA G 61 35.41 -15.81 27.61
CA ALA G 61 35.35 -17.25 27.82
C ALA G 61 34.16 -17.69 28.72
N GLU G 62 33.87 -16.90 29.74
CA GLU G 62 32.77 -17.24 30.65
C GLU G 62 31.42 -16.99 29.98
N ALA G 63 31.35 -15.93 29.17
CA ALA G 63 30.12 -15.65 28.46
C ALA G 63 29.80 -16.80 27.50
N VAL G 64 30.84 -17.29 26.82
CA VAL G 64 30.74 -18.43 25.93
C VAL G 64 30.36 -19.70 26.67
N ALA G 65 31.01 -19.97 27.81
CA ALA G 65 30.68 -21.12 28.66
C ALA G 65 29.23 -21.13 29.06
N ARG G 66 28.70 -20.00 29.54
CA ARG G 66 27.32 -19.92 29.96
C ARG G 66 26.34 -20.09 28.82
N ALA G 67 26.63 -19.42 27.69
CA ALA G 67 25.82 -19.63 26.51
C ALA G 67 25.77 -21.08 26.04
N ALA G 68 26.83 -21.85 26.23
CA ALA G 68 26.85 -23.21 25.76
C ALA G 68 25.91 -24.15 26.58
N THR G 69 25.51 -23.69 27.76
CA THR G 69 24.60 -24.46 28.64
C THR G 69 23.12 -24.26 28.32
N GLY G 70 22.78 -23.27 27.50
CA GLY G 70 21.41 -22.95 27.21
C GLY G 70 20.86 -21.83 28.09
N ALA G 71 21.64 -21.28 28.99
CA ALA G 71 21.15 -20.23 29.91
C ALA G 71 20.89 -18.87 29.29
N ASP G 72 21.35 -18.65 28.06
CA ASP G 72 21.13 -17.41 27.35
C ASP G 72 20.27 -17.53 26.11
N GLY G 73 19.55 -18.62 25.95
CA GLY G 73 18.67 -18.74 24.80
C GLY G 73 19.26 -19.83 23.95
N THR G 74 18.77 -19.94 22.74
CA THR G 74 18.79 -21.20 22.00
C THR G 74 19.12 -20.87 20.57
N ALA G 75 19.69 -21.87 19.91
CA ALA G 75 19.89 -21.77 18.50
C ALA G 75 18.59 -21.79 17.68
N THR G 76 17.45 -22.15 18.29
CA THR G 76 16.22 -22.29 17.55
C THR G 76 15.60 -20.93 17.21
N GLY G 77 15.86 -19.91 18.01
CA GLY G 77 15.34 -18.59 17.68
C GLY G 77 15.85 -17.41 18.50
N TRP G 78 15.13 -16.31 18.35
CA TRP G 78 15.58 -15.00 18.84
C TRP G 78 15.88 -15.00 20.33
N SER G 79 16.87 -14.20 20.72
CA SER G 79 17.16 -13.87 22.11
C SER G 79 17.54 -12.39 22.22
N ARG G 80 17.47 -11.87 23.44
CA ARG G 80 17.75 -10.47 23.67
C ARG G 80 19.19 -10.15 23.28
N ARG G 81 20.06 -11.14 23.32
CA ARG G 81 21.44 -10.93 22.87
C ARG G 81 21.60 -10.55 21.40
N VAL G 82 20.68 -11.01 20.56
CA VAL G 82 20.63 -10.56 19.16
C VAL G 82 20.44 -9.03 19.09
N ASP G 83 19.43 -8.54 19.80
CA ASP G 83 19.20 -7.09 19.83
C ASP G 83 20.43 -6.36 20.34
N ALA G 84 21.00 -6.84 21.44
CA ALA G 84 22.20 -6.24 22.02
C ALA G 84 23.37 -6.15 21.04
N VAL G 85 23.65 -7.24 20.34
CA VAL G 85 24.64 -7.21 19.29
C VAL G 85 24.32 -6.23 18.17
N LEU G 86 23.10 -6.24 17.65
CA LEU G 86 22.75 -5.33 16.57
C LEU G 86 22.86 -3.86 17.00
N GLU G 87 22.38 -3.59 18.20
CA GLU G 87 22.38 -2.24 18.78
C GLU G 87 23.80 -1.70 18.91
N ARG G 88 24.67 -2.55 19.44
CA ARG G 88 26.04 -2.12 19.69
C ARG G 88 26.75 -1.84 18.36
N LEU G 89 26.55 -2.70 17.36
CA LEU G 89 27.14 -2.49 16.03
C LEU G 89 26.62 -1.21 15.36
N HIS G 90 25.30 -1.00 15.47
CA HIS G 90 24.65 0.20 14.93
C HIS G 90 25.18 1.46 15.62
N ALA G 91 25.32 1.39 16.93
CA ALA G 91 25.90 2.50 17.66
C ALA G 91 27.38 2.75 17.30
N LEU G 92 28.17 1.70 17.12
CA LEU G 92 29.58 1.89 16.86
C LEU G 92 29.87 2.38 15.44
N CYS G 93 29.18 1.82 14.47
CA CYS G 93 29.49 1.98 13.06
C CYS G 93 28.49 2.85 12.27
N GLY G 94 27.34 3.14 12.85
CA GLY G 94 26.27 3.92 12.20
C GLY G 94 25.59 3.16 11.07
N GLY G 95 24.82 3.89 10.27
CA GLY G 95 23.97 3.26 9.26
C GLY G 95 22.55 3.17 9.79
N GLU G 96 21.68 2.66 8.93
CA GLU G 96 20.31 2.39 9.33
C GLU G 96 20.13 0.94 9.79
N VAL G 97 20.72 0.00 9.05
CA VAL G 97 20.48 -1.39 9.31
C VAL G 97 21.81 -2.15 9.55
N VAL G 98 21.68 -3.37 10.05
CA VAL G 98 22.82 -4.24 10.35
C VAL G 98 22.46 -5.66 9.87
N GLY G 99 23.43 -6.39 9.30
CA GLY G 99 23.24 -7.83 9.06
C GLY G 99 24.42 -8.58 9.66
N LEU G 100 24.17 -9.80 10.14
CA LEU G 100 25.23 -10.66 10.66
C LEU G 100 25.53 -11.84 9.78
N PHE G 101 26.80 -12.25 9.71
CA PHE G 101 27.20 -13.33 8.83
C PHE G 101 28.29 -14.15 9.51
N ARG G 102 28.72 -15.20 8.81
CA ARG G 102 29.58 -16.22 9.40
C ARG G 102 31.06 -16.15 9.07
N SER G 103 31.45 -15.25 8.18
CA SER G 103 32.85 -15.00 7.79
C SER G 103 32.91 -13.62 7.15
N GLY G 104 34.11 -13.06 7.11
CA GLY G 104 34.32 -11.86 6.32
C GLY G 104 33.97 -12.10 4.85
N THR G 105 34.37 -13.24 4.29
CA THR G 105 34.07 -13.53 2.89
C THR G 105 32.54 -13.40 2.66
N ALA G 106 31.79 -14.12 3.49
CA ALA G 106 30.35 -14.16 3.32
C ALA G 106 29.73 -12.77 3.43
N ALA G 107 30.21 -11.96 4.37
CA ALA G 107 29.71 -10.62 4.56
C ALA G 107 29.96 -9.65 3.38
N VAL G 108 31.19 -9.64 2.88
CA VAL G 108 31.56 -8.72 1.80
C VAL G 108 30.79 -9.12 0.55
N ARG G 109 30.78 -10.43 0.25
CA ARG G 109 30.02 -10.94 -0.91
C ARG G 109 28.57 -10.54 -0.80
N ALA G 110 27.92 -10.82 0.33
CA ALA G 110 26.53 -10.37 0.48
C ALA G 110 26.30 -8.86 0.34
N ALA G 111 27.17 -8.06 0.93
CA ALA G 111 27.06 -6.59 0.89
C ALA G 111 27.14 -6.08 -0.54
N VAL G 112 28.15 -6.53 -1.27
CA VAL G 112 28.36 -6.00 -2.62
C VAL G 112 27.24 -6.50 -3.56
N LEU G 113 26.75 -7.72 -3.36
CA LEU G 113 25.68 -8.22 -4.22
C LEU G 113 24.36 -7.48 -3.94
N ALA G 114 24.14 -7.11 -2.68
CA ALA G 114 23.00 -6.27 -2.31
C ALA G 114 23.06 -4.93 -3.04
N VAL G 115 24.20 -4.27 -2.95
CA VAL G 115 24.35 -2.98 -3.63
C VAL G 115 24.08 -3.10 -5.12
N ARG G 116 24.70 -4.06 -5.79
CA ARG G 116 24.46 -4.31 -7.23
C ARG G 116 22.99 -4.52 -7.55
N GLU G 117 22.29 -5.36 -6.78
CA GLU G 117 20.84 -5.53 -6.96
C GLU G 117 20.01 -4.26 -6.70
N ALA G 118 20.29 -3.56 -5.59
CA ALA G 118 19.52 -2.35 -5.27
C ALA G 118 19.80 -1.24 -6.30
N THR G 119 21.03 -1.17 -6.81
CA THR G 119 21.37 -0.09 -7.76
C THR G 119 20.99 -0.50 -9.17
N GLY G 120 20.93 -1.80 -9.44
CA GLY G 120 20.66 -2.29 -10.78
C GLY G 120 21.76 -1.89 -11.74
N ARG G 121 22.98 -1.70 -11.22
CA ARG G 121 24.14 -1.43 -12.05
CA ARG G 121 24.13 -1.43 -12.06
C ARG G 121 25.14 -2.58 -11.97
N PRO G 122 25.86 -2.84 -13.07
CA PRO G 122 26.60 -4.11 -13.13
C PRO G 122 28.00 -4.18 -12.49
N LEU G 123 28.76 -3.08 -12.47
CA LEU G 123 30.21 -3.22 -12.18
C LEU G 123 30.53 -2.99 -10.68
N LEU G 124 31.46 -3.78 -10.19
CA LEU G 124 32.12 -3.47 -8.90
C LEU G 124 33.62 -3.19 -9.11
N LEU G 125 34.02 -2.02 -8.65
CA LEU G 125 35.37 -1.52 -8.72
C LEU G 125 36.01 -1.72 -7.36
N SER G 126 37.03 -2.57 -7.34
CA SER G 126 37.58 -3.12 -6.12
C SER G 126 39.08 -2.80 -5.90
N ALA G 127 39.45 -2.50 -4.64
CA ALA G 127 40.86 -2.52 -4.23
C ALA G 127 40.96 -3.27 -2.91
N GLY G 128 41.94 -4.14 -2.80
CA GLY G 128 42.11 -4.92 -1.57
C GLY G 128 41.61 -6.35 -1.67
N TYR G 129 41.95 -7.13 -0.64
CA TYR G 129 41.38 -8.44 -0.42
C TYR G 129 39.97 -8.33 0.19
N HIS G 130 39.04 -9.14 -0.33
CA HIS G 130 37.69 -9.25 0.23
C HIS G 130 37.26 -10.67 0.61
N GLY G 131 38.19 -11.64 0.64
CA GLY G 131 37.83 -13.00 1.01
C GLY G 131 38.11 -14.01 -0.09
N TYR G 132 37.76 -15.26 0.18
CA TYR G 132 38.29 -16.37 -0.61
C TYR G 132 37.40 -16.63 -1.82
N ASP G 133 36.27 -15.95 -1.91
CA ASP G 133 35.21 -16.43 -2.81
C ASP G 133 35.70 -16.21 -4.25
N PRO G 134 35.39 -17.15 -5.15
CA PRO G 134 35.82 -16.95 -6.54
C PRO G 134 35.38 -15.67 -7.25
N MET G 135 34.36 -14.95 -6.79
CA MET G 135 33.98 -13.72 -7.42
C MET G 135 35.05 -12.64 -7.49
N TRP G 136 36.09 -12.78 -6.65
CA TRP G 136 37.17 -11.78 -6.59
C TRP G 136 38.41 -12.25 -7.34
N TYR G 137 38.33 -13.38 -8.04
CA TYR G 137 39.50 -13.95 -8.71
C TYR G 137 39.99 -12.96 -9.79
N PRO G 138 41.27 -12.98 -10.12
CA PRO G 138 41.79 -12.03 -11.13
C PRO G 138 41.07 -12.08 -12.48
N SER G 139 40.80 -10.92 -13.05
CA SER G 139 40.41 -10.86 -14.46
C SER G 139 41.51 -11.48 -15.35
N GLU G 140 41.10 -12.14 -16.43
CA GLU G 140 42.06 -12.71 -17.38
C GLU G 140 42.90 -11.58 -18.01
N ALA G 141 42.24 -10.45 -18.29
CA ALA G 141 42.96 -9.26 -18.70
C ALA G 141 42.91 -8.25 -17.56
N PRO G 142 44.07 -7.86 -17.01
CA PRO G 142 44.11 -6.87 -15.93
C PRO G 142 43.38 -5.60 -16.28
N LEU G 143 42.74 -5.05 -15.25
CA LEU G 143 41.84 -3.89 -15.32
C LEU G 143 40.58 -4.03 -16.17
N GLU G 144 40.24 -5.23 -16.67
CA GLU G 144 38.93 -5.44 -17.27
C GLU G 144 38.01 -6.17 -16.27
N PRO G 145 36.68 -6.12 -16.46
CA PRO G 145 35.84 -6.94 -15.61
C PRO G 145 36.18 -8.41 -15.64
N ASN G 146 36.16 -9.04 -14.47
CA ASN G 146 36.20 -10.49 -14.43
C ASN G 146 34.80 -11.05 -14.73
N ALA G 147 34.67 -12.36 -14.59
CA ALA G 147 33.43 -13.06 -14.94
C ALA G 147 32.28 -12.70 -14.01
N ASP G 148 32.57 -12.13 -12.82
CA ASP G 148 31.54 -11.63 -11.90
C ASP G 148 31.36 -10.13 -11.89
N GLY G 149 31.90 -9.46 -12.91
CA GLY G 149 31.73 -8.02 -13.04
C GLY G 149 32.58 -7.20 -12.08
N VAL G 150 33.66 -7.79 -11.60
CA VAL G 150 34.51 -7.07 -10.66
C VAL G 150 35.74 -6.54 -11.41
N VAL G 151 36.02 -5.26 -11.20
CA VAL G 151 37.27 -4.68 -11.69
C VAL G 151 38.15 -4.18 -10.53
N ASP G 152 39.27 -4.84 -10.39
CA ASP G 152 40.33 -4.57 -9.37
C ASP G 152 41.23 -3.49 -9.92
N PHE G 153 41.30 -2.35 -9.25
CA PHE G 153 42.18 -1.23 -9.61
C PHE G 153 43.44 -1.05 -8.74
N PHE G 154 43.69 -1.97 -7.83
CA PHE G 154 44.99 -2.07 -7.16
C PHE G 154 45.38 -0.83 -6.38
N PHE G 155 44.37 -0.06 -5.99
CA PHE G 155 44.49 1.12 -5.13
C PHE G 155 44.99 2.34 -5.90
N ASP G 156 45.12 2.20 -7.23
CA ASP G 156 45.66 3.30 -8.05
C ASP G 156 44.50 4.20 -8.45
N LEU G 157 44.49 5.41 -7.91
CA LEU G 157 43.34 6.25 -8.05
C LEU G 157 43.32 6.81 -9.48
N GLY G 158 44.46 6.81 -10.15
CA GLY G 158 44.46 7.15 -11.59
C GLY G 158 43.64 6.19 -12.44
N LEU G 159 43.87 4.90 -12.21
CA LEU G 159 43.14 3.85 -12.90
C LEU G 159 41.67 3.89 -12.53
N LEU G 160 41.38 4.23 -11.27
CA LEU G 160 40.00 4.44 -10.82
C LEU G 160 39.22 5.56 -11.49
N ARG G 161 39.85 6.71 -11.66
CA ARG G 161 39.27 7.87 -12.35
C ARG G 161 38.65 7.51 -13.69
N GLU G 162 39.42 6.77 -14.47
CA GLU G 162 38.98 6.19 -15.75
C GLU G 162 37.80 5.20 -15.61
N LEU G 163 37.88 4.31 -14.61
CA LEU G 163 36.78 3.36 -14.32
C LEU G 163 35.47 4.04 -13.93
N LEU G 164 35.50 5.27 -13.43
CA LEU G 164 34.30 6.06 -13.09
C LEU G 164 33.81 6.96 -14.25
N ARG G 165 34.34 6.78 -15.45
CA ARG G 165 33.94 7.63 -16.58
C ARG G 165 32.46 7.48 -16.94
N ALA G 166 31.94 6.27 -16.83
CA ALA G 166 30.48 6.07 -16.97
C ALA G 166 29.85 5.52 -15.67
N PRO G 167 29.44 6.41 -14.75
CA PRO G 167 28.98 5.94 -13.43
C PRO G 167 27.67 5.15 -13.40
N GLU G 168 26.83 5.31 -14.44
CA GLU G 168 25.67 4.45 -14.64
C GLU G 168 26.01 2.98 -14.69
N ARG G 169 27.23 2.61 -15.06
CA ARG G 169 27.60 1.18 -15.08
C ARG G 169 28.24 0.65 -13.80
N VAL G 170 28.26 1.48 -12.76
CA VAL G 170 29.04 1.12 -11.55
C VAL G 170 28.17 1.05 -10.33
N ALA G 171 28.01 -0.18 -9.80
CA ALA G 171 27.18 -0.43 -8.63
C ALA G 171 27.83 0.18 -7.39
N ALA G 172 29.13 -0.07 -7.27
CA ALA G 172 29.92 0.41 -6.14
C ALA G 172 31.41 0.34 -6.35
N VAL G 173 32.09 1.14 -5.55
CA VAL G 173 33.50 0.98 -5.29
C VAL G 173 33.61 0.36 -3.89
N VAL G 174 34.40 -0.70 -3.83
CA VAL G 174 34.69 -1.49 -2.64
C VAL G 174 36.17 -1.57 -2.29
N VAL G 175 36.53 -1.00 -1.15
CA VAL G 175 37.94 -0.89 -0.79
C VAL G 175 38.22 -1.42 0.62
N SER G 176 39.30 -2.20 0.72
CA SER G 176 39.78 -2.65 2.04
C SER G 176 40.93 -1.73 2.48
N PRO G 177 40.67 -0.91 3.51
CA PRO G 177 41.74 0.01 3.96
C PRO G 177 43.06 -0.62 4.36
N ASP G 178 44.12 0.11 4.11
CA ASP G 178 45.38 -0.20 4.77
C ASP G 178 45.85 1.14 5.31
N HIS G 179 46.08 1.23 6.61
CA HIS G 179 46.58 2.48 7.18
C HIS G 179 48.08 2.55 7.36
N MET G 180 48.81 1.53 6.90
CA MET G 180 50.28 1.53 6.86
C MET G 180 50.78 2.16 5.55
N HIS G 181 50.01 1.96 4.48
CA HIS G 181 50.56 2.19 3.12
C HIS G 181 49.73 3.19 2.35
N LEU G 182 48.62 3.63 2.94
CA LEU G 182 47.80 4.69 2.34
C LEU G 182 47.62 5.83 3.31
N SER G 183 47.82 7.05 2.84
CA SER G 183 47.64 8.23 3.68
C SER G 183 46.20 8.67 3.83
N PRO G 184 45.90 9.45 4.87
CA PRO G 184 44.59 10.04 4.91
C PRO G 184 44.09 10.77 3.65
N GLY G 185 44.97 11.54 3.02
CA GLY G 185 44.67 12.14 1.73
C GLY G 185 44.20 11.20 0.63
N TRP G 186 44.81 10.02 0.56
CA TRP G 186 44.38 8.97 -0.33
C TRP G 186 42.90 8.67 -0.18
N TYR G 187 42.48 8.41 1.07
CA TYR G 187 41.06 8.14 1.40
C TYR G 187 40.11 9.30 1.06
N ARG G 188 40.51 10.52 1.41
CA ARG G 188 39.73 11.67 0.99
C ARG G 188 39.56 11.86 -0.53
N GLU G 189 40.62 11.64 -1.29
CA GLU G 189 40.52 11.67 -2.75
C GLU G 189 39.61 10.53 -3.25
N LEU G 190 39.69 9.33 -2.68
CA LEU G 190 38.77 8.25 -3.10
C LEU G 190 37.32 8.65 -2.89
N ARG G 191 37.08 9.22 -1.71
CA ARG G 191 35.80 9.72 -1.29
C ARG G 191 35.29 10.76 -2.28
N ARG G 192 36.17 11.69 -2.60
CA ARG G 192 35.83 12.79 -3.52
C ARG G 192 35.44 12.26 -4.90
N LEU G 193 36.24 11.33 -5.42
CA LEU G 193 35.95 10.70 -6.72
C LEU G 193 34.58 10.03 -6.76
N CYS G 194 34.28 9.28 -5.69
CA CYS G 194 33.05 8.49 -5.66
C CYS G 194 31.86 9.43 -5.59
N SER G 195 31.94 10.46 -4.74
CA SER G 195 30.90 11.46 -4.64
C SER G 195 30.68 12.23 -5.97
N ALA G 196 31.74 12.63 -6.63
CA ALA G 196 31.60 13.29 -7.94
C ALA G 196 30.85 12.40 -8.94
N ALA G 197 31.20 11.11 -8.95
CA ALA G 197 30.53 10.14 -9.81
C ALA G 197 29.13 9.69 -9.35
N GLY G 198 28.72 10.03 -8.12
CA GLY G 198 27.46 9.56 -7.59
C GLY G 198 27.45 8.06 -7.37
N VAL G 199 28.59 7.46 -7.03
CA VAL G 199 28.70 5.99 -6.98
C VAL G 199 28.77 5.54 -5.53
N VAL G 200 28.22 4.36 -5.23
CA VAL G 200 28.21 3.86 -3.84
C VAL G 200 29.62 3.47 -3.38
N LEU G 201 29.94 3.79 -2.14
CA LEU G 201 31.22 3.40 -1.56
C LEU G 201 30.99 2.41 -0.41
N VAL G 202 31.57 1.24 -0.57
CA VAL G 202 31.58 0.19 0.45
C VAL G 202 32.97 0.10 1.08
N ALA G 203 33.05 0.23 2.39
CA ALA G 203 34.33 0.07 3.09
C ALA G 203 34.41 -1.32 3.66
N ASP G 204 35.30 -2.13 3.11
CA ASP G 204 35.48 -3.45 3.64
C ASP G 204 36.44 -3.30 4.82
N GLU G 205 35.87 -3.10 6.01
CA GLU G 205 36.63 -2.93 7.24
C GLU G 205 36.68 -4.24 8.08
N VAL G 206 36.64 -5.39 7.41
CA VAL G 206 36.78 -6.69 8.06
C VAL G 206 38.04 -6.76 8.93
N LYS G 207 39.16 -6.25 8.41
CA LYS G 207 40.37 -6.21 9.24
C LYS G 207 40.46 -4.99 10.16
N VAL G 208 40.23 -3.79 9.64
CA VAL G 208 40.55 -2.57 10.38
C VAL G 208 39.42 -2.01 11.23
N GLY G 209 38.21 -2.51 11.00
CA GLY G 209 37.06 -2.03 11.76
C GLY G 209 37.17 -2.38 13.25
N LEU G 210 36.95 -1.38 14.09
CA LEU G 210 36.85 -1.50 15.53
C LEU G 210 38.20 -1.60 16.20
N ARG G 211 39.29 -1.49 15.42
CA ARG G 211 40.63 -1.74 15.93
C ARG G 211 41.45 -0.48 16.11
N TYR G 212 41.28 0.45 15.18
CA TYR G 212 41.83 1.80 15.27
C TYR G 212 41.07 2.74 16.18
N ALA G 213 39.83 2.40 16.47
CA ALA G 213 38.93 3.23 17.25
C ALA G 213 37.72 2.36 17.56
N PRO G 214 36.77 2.86 18.34
CA PRO G 214 35.49 2.19 18.58
C PRO G 214 34.50 2.60 17.52
N GLY G 215 34.84 2.29 16.28
CA GLY G 215 33.97 2.34 15.14
C GLY G 215 34.82 2.06 13.91
N LEU G 216 34.36 2.58 12.79
CA LEU G 216 35.05 2.41 11.53
C LEU G 216 36.30 3.30 11.46
N SER G 217 37.39 2.75 10.98
CA SER G 217 38.61 3.51 10.79
C SER G 217 38.42 4.65 9.78
N THR G 218 37.50 4.47 8.85
CA THR G 218 37.24 5.42 7.79
C THR G 218 35.93 6.15 7.93
N ALA G 219 35.37 6.24 9.14
CA ALA G 219 34.02 6.79 9.39
C ALA G 219 33.91 8.20 8.79
N GLU G 220 34.93 9.02 9.01
CA GLU G 220 34.96 10.34 8.40
C GLU G 220 35.77 10.40 7.11
N LEU G 221 36.88 9.65 7.01
CA LEU G 221 37.70 9.73 5.82
C LEU G 221 36.95 9.24 4.57
N LEU G 222 36.17 8.17 4.71
CA LEU G 222 35.36 7.67 3.61
C LEU G 222 33.85 7.93 3.71
N ALA G 223 33.33 8.03 4.93
CA ALA G 223 31.89 8.06 5.22
C ALA G 223 31.15 7.06 4.34
N PRO G 224 31.52 5.78 4.41
CA PRO G 224 31.00 4.81 3.45
C PRO G 224 29.47 4.65 3.51
N ASP G 225 28.87 4.28 2.38
CA ASP G 225 27.42 4.12 2.37
C ASP G 225 27.10 2.76 3.00
N VAL G 226 28.01 1.83 2.77
CA VAL G 226 27.95 0.51 3.42
C VAL G 226 29.31 0.12 4.00
N TRP G 227 29.25 -0.52 5.16
CA TRP G 227 30.46 -1.02 5.84
C TRP G 227 30.40 -2.49 6.12
N VAL G 228 31.57 -3.08 6.31
CA VAL G 228 31.66 -4.45 6.76
C VAL G 228 32.69 -4.45 7.89
N VAL G 229 32.41 -5.12 9.00
CA VAL G 229 33.44 -5.40 10.01
C VAL G 229 33.46 -6.90 10.38
N ALA G 230 34.49 -7.37 11.09
CA ALA G 230 34.47 -8.77 11.50
C ALA G 230 35.54 -9.08 12.54
N LYS G 231 36.78 -8.81 12.19
CA LYS G 231 37.87 -9.27 13.04
C LYS G 231 37.85 -8.61 14.43
N GLY G 232 37.34 -7.39 14.52
CA GLY G 232 37.37 -6.68 15.77
C GLY G 232 36.19 -7.01 16.70
N MET G 233 35.18 -7.75 16.21
CA MET G 233 33.89 -7.83 16.89
C MET G 233 33.68 -8.95 17.91
N ALA G 234 34.52 -9.98 17.96
CA ALA G 234 34.22 -11.21 18.74
C ALA G 234 35.41 -11.98 19.33
N ASN G 235 36.55 -11.31 19.45
CA ASN G 235 37.79 -11.94 19.87
C ASN G 235 38.05 -13.27 19.22
N GLY G 236 37.77 -13.33 17.91
CA GLY G 236 38.10 -14.50 17.08
C GLY G 236 36.96 -15.41 16.72
N HIS G 237 35.81 -15.23 17.38
CA HIS G 237 34.68 -16.13 17.16
C HIS G 237 34.02 -15.85 15.81
N ALA G 238 33.21 -16.79 15.31
CA ALA G 238 32.89 -16.84 13.88
C ALA G 238 31.69 -15.96 13.52
N VAL G 239 31.91 -14.65 13.46
CA VAL G 239 30.85 -13.69 13.11
C VAL G 239 31.48 -12.48 12.37
N SER G 240 30.66 -11.88 11.53
CA SER G 240 31.01 -10.66 10.81
C SER G 240 29.71 -9.89 10.71
N ALA G 241 29.81 -8.63 10.30
CA ALA G 241 28.64 -7.74 10.23
C ALA G 241 28.75 -6.79 9.03
N VAL G 242 27.59 -6.47 8.46
CA VAL G 242 27.45 -5.48 7.38
C VAL G 242 26.45 -4.46 7.89
N GLY G 243 26.63 -3.21 7.46
CA GLY G 243 25.58 -2.23 7.73
C GLY G 243 25.61 -0.99 6.84
N GLY G 244 24.61 -0.14 7.06
CA GLY G 244 24.45 1.09 6.25
C GLY G 244 23.02 1.23 5.77
N SER G 245 22.86 1.82 4.59
CA SER G 245 21.57 2.19 4.02
C SER G 245 20.58 1.04 3.95
N ARG G 246 19.41 1.30 4.53
CA ARG G 246 18.29 0.41 4.45
C ARG G 246 17.98 0.12 3.00
N ARG G 247 17.96 1.17 2.17
CA ARG G 247 17.57 0.99 0.81
C ARG G 247 18.64 0.19 0.03
N LEU G 248 19.92 0.50 0.19
CA LEU G 248 21.00 -0.26 -0.46
C LEU G 248 21.19 -1.73 0.00
N LEU G 249 20.80 -2.00 1.24
CA LEU G 249 20.89 -3.38 1.78
C LEU G 249 19.55 -4.13 1.82
N LYS G 250 18.49 -3.59 1.20
CA LYS G 250 17.20 -4.28 1.20
C LYS G 250 17.30 -5.73 0.70
N PRO G 251 18.12 -5.98 -0.31
CA PRO G 251 18.20 -7.36 -0.77
C PRO G 251 18.66 -8.35 0.30
N LEU G 252 19.21 -7.83 1.38
CA LEU G 252 19.67 -8.73 2.45
C LEU G 252 18.54 -9.44 3.13
N LYS G 253 17.32 -9.01 2.80
CA LYS G 253 16.11 -9.64 3.29
C LYS G 253 16.04 -11.08 2.85
N GLU G 254 16.71 -11.43 1.76
CA GLU G 254 16.64 -12.78 1.26
C GLU G 254 17.59 -13.72 2.01
N VAL G 255 18.31 -13.18 2.98
CA VAL G 255 19.36 -13.94 3.67
C VAL G 255 18.81 -14.53 4.94
N SER G 256 18.93 -15.85 5.07
CA SER G 256 18.79 -16.61 6.31
C SER G 256 19.82 -17.73 6.31
N PHE G 257 20.33 -18.05 7.49
CA PHE G 257 21.10 -19.26 7.66
C PHE G 257 20.83 -19.93 9.00
N THR G 258 21.01 -21.25 8.96
CA THR G 258 20.64 -22.16 10.04
C THR G 258 21.22 -21.74 11.39
N SER G 259 22.50 -21.38 11.44
CA SER G 259 23.18 -21.16 12.71
C SER G 259 23.03 -19.75 13.22
N PHE G 260 22.14 -18.96 12.61
CA PHE G 260 22.04 -17.56 12.93
C PHE G 260 21.97 -17.20 14.41
N PHE G 261 21.20 -17.98 15.17
CA PHE G 261 20.91 -17.71 16.57
C PHE G 261 21.89 -18.40 17.52
N GLU G 262 22.92 -19.07 16.98
CA GLU G 262 23.88 -19.80 17.84
C GLU G 262 24.37 -18.95 19.02
N PRO G 263 24.06 -19.40 20.26
CA PRO G 263 24.24 -18.45 21.35
C PRO G 263 25.68 -18.20 21.77
N THR G 264 26.60 -19.14 21.58
CA THR G 264 27.92 -18.83 22.00
C THR G 264 28.58 -17.71 21.22
N ILE G 265 28.30 -17.63 19.91
CA ILE G 265 28.93 -16.61 19.09
C ILE G 265 28.35 -15.23 19.45
N LEU G 266 27.04 -15.20 19.65
CA LEU G 266 26.40 -13.97 20.17
C LEU G 266 26.96 -13.55 21.52
N ALA G 267 27.23 -14.50 22.42
CA ALA G 267 27.91 -14.20 23.69
C ALA G 267 29.27 -13.55 23.51
N ALA G 268 30.07 -14.13 22.61
CA ALA G 268 31.39 -13.61 22.37
C ALA G 268 31.31 -12.20 21.78
N ALA G 269 30.41 -12.00 20.82
CA ALA G 269 30.32 -10.71 20.12
C ALA G 269 29.87 -9.65 21.14
N ASP G 270 28.84 -9.98 21.93
CA ASP G 270 28.31 -9.02 22.90
C ASP G 270 29.37 -8.67 23.92
N ALA G 271 30.16 -9.62 24.44
CA ALA G 271 31.20 -9.26 25.39
C ALA G 271 32.37 -8.47 24.79
N ALA G 272 32.81 -8.90 23.60
CA ALA G 272 33.93 -8.25 22.96
C ALA G 272 33.58 -6.82 22.58
N LEU G 273 32.35 -6.66 22.07
CA LEU G 273 31.87 -5.35 21.61
C LEU G 273 31.74 -4.39 22.79
N ALA G 274 31.40 -4.92 23.96
CA ALA G 274 31.38 -4.12 25.17
C ALA G 274 32.75 -3.51 25.43
N ARG G 275 33.80 -4.31 25.34
CA ARG G 275 35.15 -3.81 25.50
C ARG G 275 35.61 -2.87 24.39
N VAL G 276 35.31 -3.25 23.14
CA VAL G 276 35.63 -2.45 21.98
C VAL G 276 35.05 -1.04 22.15
N ALA G 277 33.80 -0.97 22.64
CA ALA G 277 33.08 0.30 22.71
C ALA G 277 33.72 1.31 23.66
N THR G 278 34.50 0.84 24.63
CA THR G 278 35.20 1.72 25.57
C THR G 278 36.40 2.42 24.94
N GLY G 279 36.89 1.90 23.82
CA GLY G 279 38.15 2.37 23.25
C GLY G 279 39.44 1.92 23.93
N GLU G 280 39.36 1.19 25.03
CA GLU G 280 40.54 0.81 25.83
C GLU G 280 41.46 -0.24 25.17
N PRO G 281 40.86 -1.33 24.64
CA PRO G 281 41.73 -2.31 23.99
C PRO G 281 42.50 -1.72 22.81
N GLN G 282 41.87 -0.83 22.06
CA GLN G 282 42.51 -0.21 20.91
C GLN G 282 43.67 0.66 21.34
N ARG G 283 43.43 1.45 22.39
CA ARG G 283 44.46 2.25 23.04
C ARG G 283 45.61 1.41 23.53
N ALA G 284 45.30 0.31 24.21
CA ALA G 284 46.35 -0.62 24.71
C ALA G 284 47.24 -1.24 23.63
N VAL G 285 46.59 -1.64 22.56
CA VAL G 285 47.27 -2.23 21.43
C VAL G 285 48.24 -1.21 20.82
N ARG G 286 47.77 0.02 20.55
CA ARG G 286 48.55 1.04 19.89
C ARG G 286 49.82 1.26 20.73
N GLU G 287 49.66 1.31 22.04
CA GLU G 287 50.72 1.77 22.93
C GLU G 287 51.73 0.68 23.04
N ALA G 288 51.26 -0.56 23.17
CA ALA G 288 52.16 -1.69 23.33
C ALA G 288 52.91 -1.96 22.05
N GLY G 289 52.22 -1.92 20.91
CA GLY G 289 52.93 -2.04 19.65
C GLY G 289 53.91 -0.93 19.35
N ASP G 290 53.56 0.33 19.64
CA ASP G 290 54.48 1.43 19.51
C ASP G 290 55.74 1.25 20.37
N ARG G 291 55.59 0.70 21.59
CA ARG G 291 56.76 0.40 22.42
C ARG G 291 57.65 -0.66 21.76
N PHE G 292 57.01 -1.73 21.27
CA PHE G 292 57.77 -2.75 20.56
C PHE G 292 58.52 -2.19 19.36
N LEU G 293 57.82 -1.40 18.57
CA LEU G 293 58.42 -0.75 17.40
C LEU G 293 59.64 0.16 17.72
N ARG G 294 59.46 1.07 18.67
CA ARG G 294 60.56 1.95 19.10
C ARG G 294 61.79 1.08 19.34
N HIS G 295 61.63 0.00 20.08
CA HIS G 295 62.76 -0.91 20.38
C HIS G 295 63.31 -1.64 19.15
N ALA G 296 62.39 -2.21 18.39
CA ALA G 296 62.74 -2.97 17.19
C ALA G 296 63.53 -2.12 16.18
N ARG G 297 63.08 -0.90 15.95
CA ARG G 297 63.77 -0.01 15.03
C ARG G 297 65.20 0.24 15.49
N LYS G 298 65.37 0.55 16.76
CA LYS G 298 66.69 0.72 17.34
C LYS G 298 67.54 -0.52 17.19
N ALA G 299 66.95 -1.67 17.46
CA ALA G 299 67.74 -2.89 17.43
C ALA G 299 68.25 -3.18 16.01
N LEU G 300 67.43 -2.89 15.01
CA LEU G 300 67.79 -3.19 13.62
C LEU G 300 68.87 -2.20 13.13
N ASP G 301 68.67 -0.95 13.52
CA ASP G 301 69.60 0.14 13.19
C ASP G 301 70.98 -0.17 13.80
N ASP G 302 71.04 -0.48 15.10
CA ASP G 302 72.30 -0.79 15.74
C ASP G 302 73.01 -1.98 15.11
N ALA G 303 72.24 -2.95 14.59
CA ALA G 303 72.85 -4.12 13.97
C ALA G 303 73.16 -3.90 12.49
N SER G 304 72.85 -2.72 11.97
CA SER G 304 73.05 -2.39 10.54
C SER G 304 72.25 -3.27 9.60
N LEU G 305 71.03 -3.57 10.01
CA LEU G 305 70.21 -4.52 9.26
C LEU G 305 69.32 -3.61 8.41
N PRO G 306 69.28 -3.82 7.08
CA PRO G 306 68.44 -3.01 6.21
C PRO G 306 66.96 -3.45 6.24
N VAL G 307 66.24 -3.08 7.30
CA VAL G 307 64.80 -3.43 7.43
C VAL G 307 64.06 -2.24 7.96
N GLU G 308 63.14 -1.67 7.19
CA GLU G 308 62.27 -0.60 7.70
C GLU G 308 61.02 -1.24 8.31
N ILE G 309 60.26 -0.43 9.02
CA ILE G 309 58.95 -0.83 9.57
C ILE G 309 57.84 0.15 9.24
N ALA G 310 56.88 -0.31 8.43
CA ALA G 310 55.73 0.46 8.04
C ALA G 310 54.68 0.30 9.13
N GLY G 311 53.79 1.28 9.22
CA GLY G 311 52.70 1.22 10.13
C GLY G 311 53.00 1.74 11.51
N ASP G 312 52.22 1.22 12.45
CA ASP G 312 52.27 1.69 13.84
C ASP G 312 51.83 0.59 14.80
N GLY G 313 51.72 0.91 16.08
CA GLY G 313 51.38 -0.12 17.02
C GLY G 313 50.10 -0.91 16.76
N THR G 314 49.13 -0.33 16.07
CA THR G 314 47.92 -1.06 15.76
C THR G 314 48.18 -2.21 14.77
N PHE G 315 48.93 -1.87 13.74
CA PHE G 315 49.32 -2.83 12.72
C PHE G 315 50.63 -2.30 12.12
N PHE G 316 51.68 -3.13 12.10
CA PHE G 316 52.98 -2.82 11.52
C PHE G 316 53.47 -3.93 10.61
N GLN G 317 54.42 -3.63 9.71
CA GLN G 317 54.91 -4.63 8.78
C GLN G 317 56.41 -4.38 8.60
N PHE G 318 57.25 -5.41 8.72
CA PHE G 318 58.67 -5.31 8.42
C PHE G 318 58.86 -5.24 6.92
N VAL G 319 59.75 -4.37 6.47
CA VAL G 319 60.04 -4.21 5.03
C VAL G 319 61.54 -4.41 4.84
N PRO G 320 61.98 -5.68 4.66
CA PRO G 320 63.37 -6.00 4.45
C PRO G 320 63.81 -5.60 3.05
N ALA G 321 65.09 -5.25 2.94
CA ALA G 321 65.69 -4.90 1.65
C ALA G 321 65.60 -6.00 0.62
N THR G 322 65.75 -7.26 1.02
CA THR G 322 65.67 -8.38 0.06
C THR G 322 64.82 -9.52 0.64
N GLU G 323 64.41 -10.45 -0.21
CA GLU G 323 63.54 -11.56 0.13
C GLU G 323 64.33 -12.55 0.93
N GLU G 324 65.64 -12.62 0.63
CA GLU G 324 66.53 -13.48 1.36
C GLU G 324 66.55 -13.07 2.82
N LEU G 325 66.65 -11.77 3.09
CA LEU G 325 66.70 -11.27 4.46
C LEU G 325 65.33 -11.39 5.13
N GLU G 326 64.28 -11.22 4.36
CA GLU G 326 62.93 -11.46 4.88
C GLU G 326 62.71 -12.88 5.36
N GLU G 327 63.14 -13.86 4.55
CA GLU G 327 63.06 -15.24 4.99
C GLU G 327 63.88 -15.49 6.24
N ALA G 328 65.08 -14.89 6.30
CA ALA G 328 66.01 -15.13 7.39
C ALA G 328 65.48 -14.44 8.66
N LEU G 329 64.87 -13.27 8.48
CA LEU G 329 64.22 -12.50 9.57
C LEU G 329 63.16 -13.34 10.28
N TYR G 330 62.24 -13.94 9.52
CA TYR G 330 61.21 -14.79 10.11
C TYR G 330 61.75 -16.08 10.67
N GLY G 331 62.73 -16.68 9.99
CA GLY G 331 63.47 -17.83 10.55
C GLY G 331 64.11 -17.56 11.89
N ALA G 332 64.76 -16.40 11.98
CA ALA G 332 65.38 -16.03 13.22
C ALA G 332 64.34 -15.75 14.32
N ALA G 333 63.25 -15.11 13.95
CA ALA G 333 62.15 -14.84 14.89
C ALA G 333 61.54 -16.14 15.43
N ASN G 334 61.28 -17.09 14.55
CA ASN G 334 60.92 -18.44 14.93
C ASN G 334 61.86 -19.10 15.90
N ALA G 335 63.16 -18.96 15.66
CA ALA G 335 64.14 -19.51 16.56
C ALA G 335 63.96 -18.97 17.98
N GLU G 336 63.55 -17.72 18.08
CA GLU G 336 63.43 -17.03 19.36
C GLU G 336 62.03 -16.96 19.93
N GLY G 337 61.06 -17.53 19.24
CA GLY G 337 59.70 -17.70 19.74
C GLY G 337 58.87 -16.43 19.67
N LEU G 338 59.15 -15.62 18.67
CA LEU G 338 58.32 -14.49 18.29
C LEU G 338 57.57 -14.88 17.02
N LEU G 339 56.27 -15.16 17.16
CA LEU G 339 55.45 -15.62 16.05
C LEU G 339 54.92 -14.39 15.33
N PHE G 340 55.53 -14.07 14.20
CA PHE G 340 55.07 -13.00 13.34
C PHE G 340 54.20 -13.64 12.26
N TYR G 341 53.23 -12.88 11.74
CA TYR G 341 52.47 -13.21 10.54
C TYR G 341 53.38 -12.94 9.34
N ALA G 342 53.99 -14.02 8.85
CA ALA G 342 55.09 -13.90 7.88
C ALA G 342 54.77 -13.00 6.72
N GLY G 343 55.55 -11.94 6.56
CA GLY G 343 55.41 -11.03 5.42
C GLY G 343 54.22 -10.11 5.44
N ASP G 344 53.37 -10.23 6.45
CA ASP G 344 52.11 -9.50 6.45
C ASP G 344 52.16 -8.51 7.62
N ASN G 345 51.01 -8.17 8.21
CA ASN G 345 50.94 -7.18 9.27
C ASN G 345 50.87 -7.85 10.64
N GLN G 346 51.62 -7.26 11.56
CA GLN G 346 51.70 -7.70 12.95
C GLN G 346 50.71 -6.89 13.77
N GLY G 347 49.88 -7.62 14.52
CA GLY G 347 48.76 -6.98 15.27
C GLY G 347 48.78 -7.54 16.70
N VAL G 348 49.44 -6.84 17.62
CA VAL G 348 49.45 -7.24 19.01
C VAL G 348 48.03 -7.14 19.55
N SER G 349 47.83 -7.80 20.69
CA SER G 349 46.54 -7.75 21.39
C SER G 349 46.66 -6.93 22.67
N ALA G 350 45.51 -6.61 23.26
CA ALA G 350 45.48 -5.92 24.55
C ALA G 350 46.16 -6.70 25.69
N ALA G 351 46.42 -7.96 25.46
CA ALA G 351 47.11 -8.75 26.46
C ALA G 351 48.66 -8.60 26.40
N PHE G 352 49.21 -7.76 25.54
CA PHE G 352 50.62 -7.43 25.56
C PHE G 352 50.95 -6.49 26.70
N ASP G 353 51.17 -7.10 27.85
CA ASP G 353 51.53 -6.43 29.11
C ASP G 353 53.06 -6.20 29.21
N GLU G 354 53.51 -5.66 30.35
CA GLU G 354 54.93 -5.29 30.51
C GLU G 354 55.84 -6.47 30.40
N ALA G 355 55.43 -7.56 31.04
CA ALA G 355 56.17 -8.80 31.00
C ALA G 355 56.35 -9.28 29.57
N VAL G 356 55.27 -9.28 28.78
CA VAL G 356 55.33 -9.75 27.40
C VAL G 356 56.24 -8.82 26.61
N LEU G 357 56.06 -7.51 26.80
CA LEU G 357 56.83 -6.52 26.04
C LEU G 357 58.30 -6.66 26.34
N GLY G 358 58.62 -6.85 27.61
CA GLY G 358 60.01 -7.02 28.04
C GLY G 358 60.61 -8.27 27.43
N GLU G 359 59.85 -9.37 27.40
CA GLU G 359 60.40 -10.59 26.81
C GLU G 359 60.49 -10.45 25.29
N ALA G 360 59.50 -9.81 24.69
CA ALA G 360 59.54 -9.62 23.24
C ALA G 360 60.75 -8.81 22.79
N GLU G 361 61.07 -7.77 23.55
CA GLU G 361 62.23 -6.91 23.27
C GLU G 361 63.53 -7.73 23.34
N ARG G 362 63.68 -8.52 24.40
CA ARG G 362 64.78 -9.44 24.57
C ARG G 362 64.92 -10.44 23.43
N ARG G 363 63.81 -11.09 23.08
CA ARG G 363 63.85 -12.04 22.00
C ARG G 363 64.24 -11.34 20.68
N PHE G 364 63.74 -10.13 20.47
CA PHE G 364 63.97 -9.48 19.18
C PHE G 364 65.44 -9.02 19.09
N ALA G 365 66.02 -8.62 20.21
CA ALA G 365 67.44 -8.31 20.27
C ALA G 365 68.29 -9.52 19.86
N ARG G 366 67.92 -10.69 20.38
CA ARG G 366 68.55 -11.92 19.96
C ARG G 366 68.36 -12.20 18.48
N VAL G 367 67.16 -11.90 17.97
CA VAL G 367 66.91 -12.05 16.52
C VAL G 367 67.98 -11.31 15.70
N CYS G 368 68.25 -10.08 16.10
CA CYS G 368 69.13 -9.19 15.35
C CYS G 368 70.55 -9.68 15.48
N GLU G 369 70.91 -10.26 16.62
CA GLU G 369 72.22 -10.91 16.76
C GLU G 369 72.33 -12.11 15.82
N ARG G 370 71.23 -12.87 15.70
CA ARG G 370 71.22 -14.03 14.81
C ARG G 370 71.40 -13.62 13.35
N LEU G 371 70.96 -12.41 13.02
CA LEU G 371 71.01 -11.92 11.65
C LEU G 371 72.30 -11.17 11.29
N ALA G 372 73.34 -11.30 12.12
CA ALA G 372 74.70 -10.78 11.80
C ALA G 372 75.18 -10.93 10.35
N PRO G 373 75.03 -12.13 9.73
CA PRO G 373 75.32 -12.29 8.30
C PRO G 373 74.68 -11.31 7.34
N TYR G 374 73.53 -10.74 7.72
CA TYR G 374 72.80 -9.84 6.83
C TYR G 374 73.10 -8.36 7.11
N ALA G 375 73.86 -8.14 8.17
CA ALA G 375 74.35 -6.79 8.48
C ALA G 375 75.05 -6.22 7.27
N GLY G 376 74.81 -4.93 7.04
CA GLY G 376 75.56 -4.14 6.05
C GLY G 376 75.09 -4.26 4.60
N GLY G 377 73.97 -4.93 4.36
CA GLY G 377 73.39 -4.96 3.02
C GLY G 377 73.01 -3.53 2.67
N GLU G 378 72.87 -3.27 1.38
CA GLU G 378 72.34 -1.98 0.89
C GLU G 378 70.94 -1.67 1.46
N PRO G 379 70.60 -0.37 1.67
CA PRO G 379 69.30 -0.04 2.26
C PRO G 379 68.10 -0.36 1.40
N VAL G 380 66.96 -0.34 2.08
CA VAL G 380 65.69 -0.74 1.47
C VAL G 380 65.42 0.20 0.30
N GLY G 381 64.99 -0.38 -0.81
CA GLY G 381 64.55 0.45 -1.97
C GLY G 381 63.09 0.26 -2.32
N ASP G 382 62.61 1.06 -3.26
CA ASP G 382 61.20 1.02 -3.58
C ASP G 382 60.66 -0.30 -4.14
N ALA G 383 61.47 -1.03 -4.91
CA ALA G 383 61.01 -2.35 -5.41
C ALA G 383 60.63 -3.23 -4.21
N ALA G 384 61.44 -3.19 -3.16
CA ALA G 384 61.13 -3.92 -1.94
C ALA G 384 59.85 -3.38 -1.26
N ARG G 385 59.70 -2.06 -1.21
CA ARG G 385 58.55 -1.50 -0.51
C ARG G 385 57.30 -1.96 -1.27
N TYR G 386 57.34 -1.86 -2.60
CA TYR G 386 56.20 -2.32 -3.39
C TYR G 386 55.91 -3.81 -3.26
N ARG G 387 56.93 -4.65 -3.27
CA ARG G 387 56.72 -6.09 -3.18
C ARG G 387 56.12 -6.42 -1.80
N VAL G 388 56.71 -5.86 -0.74
CA VAL G 388 56.23 -6.16 0.60
C VAL G 388 54.80 -5.60 0.87
N ALA G 389 54.50 -4.39 0.43
CA ALA G 389 53.18 -3.82 0.57
C ALA G 389 52.13 -4.61 -0.19
N TRP G 390 52.55 -5.15 -1.33
CA TRP G 390 51.63 -5.93 -2.15
C TRP G 390 51.19 -7.12 -1.32
N ASN G 391 52.07 -7.66 -0.50
CA ASN G 391 51.74 -8.90 0.18
C ASN G 391 50.66 -8.65 1.24
N VAL G 392 50.68 -7.47 1.86
CA VAL G 392 49.68 -7.13 2.87
C VAL G 392 48.41 -6.55 2.29
N MET G 393 48.50 -5.78 1.21
CA MET G 393 47.30 -5.12 0.69
C MET G 393 46.77 -5.66 -0.65
N ASP G 394 47.52 -6.55 -1.31
CA ASP G 394 47.10 -7.11 -2.60
C ASP G 394 46.83 -5.95 -3.56
N GLY G 395 47.72 -4.97 -3.49
CA GLY G 395 47.68 -3.83 -4.39
C GLY G 395 48.89 -2.94 -4.15
N LEU G 396 48.81 -1.74 -4.75
CA LEU G 396 49.88 -0.78 -4.76
C LEU G 396 49.80 0.22 -3.57
N ARG G 397 50.90 0.21 -2.83
CA ARG G 397 51.11 1.27 -1.84
C ARG G 397 51.06 2.62 -2.53
N GLN G 398 50.63 3.61 -1.77
CA GLN G 398 50.67 4.95 -2.29
C GLN G 398 52.09 5.54 -2.29
N ALA G 399 52.55 6.00 -3.47
CA ALA G 399 53.70 6.86 -3.63
C ALA G 399 53.60 7.62 -4.96
N PRO G 400 54.32 8.73 -5.12
CA PRO G 400 54.30 9.41 -6.45
C PRO G 400 54.60 8.47 -7.61
N ARG G 401 53.75 8.47 -8.64
CA ARG G 401 53.75 7.44 -9.71
C ARG G 401 53.12 8.10 -10.92
N ASP G 402 53.68 7.94 -12.14
CA ASP G 402 52.88 8.23 -13.34
C ASP G 402 52.38 6.90 -13.91
N ARG G 403 51.61 6.91 -15.01
CA ARG G 403 51.03 5.65 -15.54
C ARG G 403 52.09 4.66 -16.06
N GLU G 404 53.18 5.17 -16.64
CA GLU G 404 54.28 4.29 -17.04
C GLU G 404 54.78 3.45 -15.86
N GLU G 405 55.03 4.07 -14.72
CA GLU G 405 55.52 3.31 -13.56
C GLU G 405 54.43 2.35 -13.01
N THR G 406 53.21 2.82 -12.83
CA THR G 406 52.12 1.97 -12.39
C THR G 406 51.99 0.72 -13.27
N THR G 407 51.96 0.89 -14.60
CA THR G 407 51.67 -0.25 -15.43
C THR G 407 52.88 -1.15 -15.37
N GLY G 408 54.06 -0.55 -15.22
CA GLY G 408 55.27 -1.37 -14.99
C GLY G 408 55.22 -2.21 -13.70
N LEU G 409 54.81 -1.59 -12.62
CA LEU G 409 54.65 -2.28 -11.31
C LEU G 409 53.56 -3.37 -11.34
N LEU G 410 52.47 -3.10 -12.03
CA LEU G 410 51.50 -4.18 -12.26
C LEU G 410 52.05 -5.37 -13.03
N ALA G 411 52.76 -5.15 -14.14
CA ALA G 411 53.36 -6.26 -14.89
C ALA G 411 54.28 -7.08 -13.99
N ARG G 412 55.08 -6.39 -13.16
CA ARG G 412 56.03 -7.08 -12.28
C ARG G 412 55.27 -7.89 -11.23
N LEU G 413 54.28 -7.27 -10.60
CA LEU G 413 53.75 -7.78 -9.35
C LEU G 413 52.65 -8.82 -9.55
N LEU G 414 51.96 -8.75 -10.68
CA LEU G 414 51.01 -9.78 -11.07
C LEU G 414 51.79 -10.96 -11.67
N SER H 6 13.58 -2.68 14.06
CA SER H 6 13.98 -3.14 12.69
C SER H 6 15.36 -2.58 12.29
N LEU H 7 16.33 -2.83 13.15
CA LEU H 7 17.73 -2.82 12.75
C LEU H 7 18.12 -3.93 11.80
N LEU H 8 17.47 -5.10 11.89
CA LEU H 8 18.01 -6.25 11.19
C LEU H 8 17.67 -6.18 9.71
N ALA H 9 18.73 -6.30 8.90
CA ALA H 9 18.65 -6.29 7.43
C ALA H 9 18.18 -7.58 6.80
N GLU H 10 18.48 -8.69 7.47
CA GLU H 10 18.11 -10.03 7.00
C GLU H 10 16.72 -10.36 7.51
N PHE H 11 16.14 -11.43 6.98
CA PHE H 11 14.88 -11.94 7.50
C PHE H 11 15.09 -13.41 7.87
N PRO H 12 15.54 -13.65 9.09
CA PRO H 12 16.01 -15.02 9.31
C PRO H 12 14.84 -15.96 9.60
N THR H 13 14.98 -17.19 9.17
CA THR H 13 14.01 -18.23 9.51
C THR H 13 14.06 -18.51 11.00
N CYS H 14 12.94 -18.22 11.68
CA CYS H 14 12.82 -18.53 13.09
C CYS H 14 11.33 -18.64 13.39
N PRO H 15 11.02 -19.13 14.61
CA PRO H 15 9.68 -19.09 15.17
C PRO H 15 9.20 -17.64 15.28
N ARG H 16 8.02 -17.40 14.73
CA ARG H 16 7.40 -16.07 14.76
C ARG H 16 5.96 -16.22 15.26
N ASP H 17 5.49 -15.13 15.86
CA ASP H 17 4.18 -15.09 16.51
C ASP H 17 3.16 -14.63 15.48
N GLU H 18 1.96 -14.25 15.93
CA GLU H 18 0.87 -13.89 15.03
C GLU H 18 1.11 -12.56 14.29
N LYS H 19 1.92 -11.66 14.84
CA LYS H 19 2.31 -10.45 14.10
C LYS H 19 3.54 -10.63 13.20
N ASP H 20 4.02 -11.88 13.04
CA ASP H 20 5.29 -12.18 12.35
C ASP H 20 6.55 -11.65 13.08
N ARG H 21 6.43 -11.40 14.36
CA ARG H 21 7.55 -10.99 15.20
CA ARG H 21 7.59 -10.98 15.13
C ARG H 21 8.28 -12.23 15.69
N PRO H 22 9.62 -12.29 15.61
CA PRO H 22 10.30 -13.45 16.19
C PRO H 22 9.94 -13.73 17.64
N ARG H 23 9.64 -14.98 17.97
CA ARG H 23 9.49 -15.35 19.37
C ARG H 23 10.84 -15.28 20.06
N VAL H 24 10.80 -14.93 21.33
CA VAL H 24 11.99 -14.60 22.11
C VAL H 24 12.13 -15.69 23.13
N PHE H 25 13.18 -16.49 22.98
CA PHE H 25 13.43 -17.56 23.93
C PHE H 25 14.60 -17.17 24.80
N THR H 26 14.46 -17.40 26.11
CA THR H 26 15.43 -16.92 27.10
C THR H 26 16.35 -18.01 27.66
N ALA H 27 15.97 -19.26 27.45
CA ALA H 27 16.59 -20.42 28.05
C ALA H 27 16.16 -21.68 27.28
N ALA H 28 17.03 -22.67 27.26
CA ALA H 28 16.76 -23.89 26.54
C ALA H 28 17.43 -25.01 27.31
N SER H 29 16.77 -26.14 27.36
CA SER H 29 17.38 -27.35 27.94
C SER H 29 16.80 -28.65 27.37
N GLY H 30 17.66 -29.46 26.76
CA GLY H 30 17.22 -30.72 26.11
C GLY H 30 16.22 -30.44 25.03
N ALA H 31 14.97 -30.87 25.19
CA ALA H 31 13.87 -30.65 24.24
C ALA H 31 13.00 -29.41 24.53
N TRP H 32 13.34 -28.67 25.59
CA TRP H 32 12.50 -27.58 26.13
C TRP H 32 13.09 -26.20 25.88
N LEU H 33 12.24 -25.25 25.50
CA LEU H 33 12.58 -23.83 25.50
C LEU H 33 11.65 -23.02 26.41
N THR H 34 12.14 -21.95 27.00
CA THR H 34 11.30 -20.95 27.73
C THR H 34 11.20 -19.62 27.00
N ASP H 35 10.00 -19.07 26.76
CA ASP H 35 9.90 -17.78 26.06
C ASP H 35 9.86 -16.60 27.04
N GLU H 36 9.78 -15.37 26.51
CA GLU H 36 10.02 -14.19 27.34
C GLU H 36 8.97 -14.07 28.45
N SER H 37 7.78 -14.66 28.25
CA SER H 37 6.77 -14.78 29.32
C SER H 37 7.02 -15.83 30.43
N GLY H 38 7.89 -16.81 30.19
CA GLY H 38 7.97 -18.01 31.07
C GLY H 38 7.24 -19.25 30.53
N PHE H 39 6.42 -19.08 29.50
CA PHE H 39 5.70 -20.18 28.82
C PHE H 39 6.72 -21.20 28.32
N ARG H 40 6.45 -22.49 28.52
CA ARG H 40 7.43 -23.51 28.11
C ARG H 40 6.99 -24.33 26.90
N TRP H 41 7.90 -24.53 25.95
CA TRP H 41 7.60 -25.20 24.67
C TRP H 41 8.43 -26.46 24.51
N ILE H 42 7.86 -27.48 23.86
CA ILE H 42 8.67 -28.59 23.33
C ILE H 42 9.05 -28.29 21.89
N ASP H 43 10.35 -28.40 21.62
CA ASP H 43 11.00 -28.00 20.36
C ASP H 43 11.13 -29.15 19.38
N PHE H 44 10.35 -29.04 18.30
CA PHE H 44 10.42 -29.91 17.14
C PHE H 44 11.18 -29.22 15.99
N ASP H 45 11.58 -27.98 16.20
CA ASP H 45 12.23 -27.14 15.19
C ASP H 45 13.73 -27.37 15.33
N ASN H 46 14.26 -27.12 16.53
CA ASN H 46 15.61 -27.58 16.85
C ASN H 46 16.68 -26.96 15.92
N ALA H 47 16.59 -25.65 15.79
CA ALA H 47 17.45 -24.88 14.89
C ALA H 47 17.48 -25.53 13.54
N ARG H 48 16.28 -25.82 13.00
CA ARG H 48 16.11 -26.37 11.66
C ARG H 48 16.70 -27.79 11.50
N GLY H 49 16.73 -28.52 12.63
CA GLY H 49 17.26 -29.88 12.73
C GLY H 49 18.75 -29.97 13.04
N SER H 50 19.42 -28.85 13.29
CA SER H 50 20.84 -28.87 13.60
C SER H 50 21.14 -29.18 15.08
N ILE H 51 20.10 -29.24 15.89
CA ILE H 51 20.25 -29.62 17.30
C ILE H 51 19.84 -31.08 17.36
N LEU H 52 20.82 -31.95 17.07
CA LEU H 52 20.53 -33.35 16.99
C LEU H 52 20.58 -33.97 18.40
N LEU H 53 21.40 -33.41 19.26
CA LEU H 53 21.62 -33.99 20.58
C LEU H 53 20.65 -33.43 21.62
N GLY H 54 20.47 -32.12 21.63
CA GLY H 54 19.68 -31.42 22.66
C GLY H 54 20.28 -30.07 23.00
N HIS H 55 19.43 -29.13 23.37
CA HIS H 55 19.88 -27.82 23.73
C HIS H 55 20.69 -27.87 25.01
N GLY H 56 21.91 -27.37 24.94
CA GLY H 56 22.81 -27.32 26.12
C GLY H 56 23.40 -28.65 26.50
N ASP H 57 23.45 -29.58 25.54
CA ASP H 57 24.05 -30.91 25.75
C ASP H 57 25.31 -30.75 26.58
N PRO H 58 25.36 -31.42 27.75
CA PRO H 58 26.47 -31.06 28.65
C PRO H 58 27.87 -31.43 28.16
N VAL H 59 28.00 -32.54 27.43
CA VAL H 59 29.32 -32.95 26.89
C VAL H 59 29.86 -31.92 25.86
N VAL H 60 29.01 -31.56 24.91
CA VAL H 60 29.42 -30.45 24.02
C VAL H 60 29.70 -29.19 24.82
N ALA H 61 28.85 -28.87 25.81
CA ALA H 61 28.97 -27.62 26.55
C ALA H 61 30.32 -27.51 27.23
N GLU H 62 30.76 -28.64 27.77
CA GLU H 62 32.02 -28.69 28.50
C GLU H 62 33.20 -28.57 27.51
N ALA H 63 33.09 -29.22 26.36
CA ALA H 63 34.14 -29.16 25.34
C ALA H 63 34.31 -27.69 24.91
N VAL H 64 33.19 -26.99 24.74
CA VAL H 64 33.22 -25.61 24.30
C VAL H 64 33.78 -24.73 25.41
N ALA H 65 33.33 -24.97 26.64
CA ALA H 65 33.75 -24.10 27.74
C ALA H 65 35.26 -24.16 27.85
N ARG H 66 35.80 -25.36 27.76
CA ARG H 66 37.23 -25.56 27.89
C ARG H 66 38.01 -24.93 26.74
N ALA H 67 37.53 -25.18 25.54
CA ALA H 67 38.13 -24.60 24.36
C ALA H 67 38.13 -23.08 24.37
N ALA H 68 37.11 -22.47 24.94
CA ALA H 68 37.04 -21.02 25.08
C ALA H 68 38.21 -20.40 25.90
N THR H 69 38.82 -21.18 26.78
CA THR H 69 39.88 -20.72 27.67
C THR H 69 41.26 -20.73 27.03
N GLY H 70 41.36 -21.34 25.86
CA GLY H 70 42.63 -21.54 25.16
C GLY H 70 43.35 -22.82 25.49
N ALA H 71 42.79 -23.62 26.40
CA ALA H 71 43.46 -24.85 26.82
C ALA H 71 43.51 -25.94 25.77
N ASP H 72 42.77 -25.80 24.68
CA ASP H 72 42.70 -26.88 23.68
C ASP H 72 43.17 -26.40 22.33
N GLY H 73 43.92 -25.30 22.32
CA GLY H 73 44.42 -24.74 21.08
C GLY H 73 43.97 -23.32 20.85
N THR H 74 44.32 -22.79 19.69
CA THR H 74 44.26 -21.36 19.45
C THR H 74 43.68 -21.11 18.06
N ALA H 75 43.01 -19.99 17.95
CA ALA H 75 42.55 -19.46 16.67
C ALA H 75 43.71 -19.10 15.78
N THR H 76 44.93 -18.97 16.34
CA THR H 76 46.06 -18.57 15.51
C THR H 76 46.49 -19.65 14.51
N GLY H 77 46.32 -20.91 14.83
CA GLY H 77 46.65 -21.96 13.86
C GLY H 77 46.34 -23.36 14.30
N TRP H 78 47.02 -24.32 13.68
CA TRP H 78 46.65 -25.72 13.75
C TRP H 78 46.60 -26.30 15.17
N SER H 79 45.63 -27.15 15.44
CA SER H 79 45.56 -27.96 16.64
C SER H 79 45.16 -29.36 16.25
N ARG H 80 45.42 -30.33 17.12
CA ARG H 80 45.08 -31.70 16.78
C ARG H 80 43.57 -31.91 16.64
N ARG H 81 42.78 -30.99 17.17
CA ARG H 81 41.37 -31.09 16.92
C ARG H 81 40.98 -30.87 15.46
N VAL H 82 41.86 -30.24 14.66
CA VAL H 82 41.59 -30.10 13.23
C VAL H 82 41.68 -31.49 12.59
N ASP H 83 42.76 -32.19 12.88
CA ASP H 83 42.88 -33.57 12.44
C ASP H 83 41.72 -34.45 12.87
N ALA H 84 41.30 -34.31 14.12
CA ALA H 84 40.29 -35.22 14.67
C ALA H 84 38.97 -35.02 13.89
N VAL H 85 38.60 -33.77 13.61
CA VAL H 85 37.36 -33.49 12.89
C VAL H 85 37.46 -34.02 11.45
N LEU H 86 38.58 -33.78 10.79
CA LEU H 86 38.69 -34.22 9.39
C LEU H 86 38.67 -35.75 9.31
N GLU H 87 39.34 -36.40 10.26
CA GLU H 87 39.39 -37.86 10.32
C GLU H 87 38.00 -38.45 10.54
N ARG H 88 37.22 -37.85 11.46
CA ARG H 88 35.88 -38.31 11.77
C ARG H 88 34.91 -38.19 10.58
N LEU H 89 34.91 -37.03 9.93
CA LEU H 89 34.12 -36.77 8.75
C LEU H 89 34.51 -37.73 7.64
N HIS H 90 35.81 -37.91 7.41
CA HIS H 90 36.23 -38.87 6.38
C HIS H 90 35.84 -40.31 6.66
N ALA H 91 35.97 -40.76 7.89
CA ALA H 91 35.51 -42.08 8.28
C ALA H 91 33.98 -42.25 8.09
N LEU H 92 33.20 -41.23 8.42
CA LEU H 92 31.74 -41.29 8.31
C LEU H 92 31.21 -41.19 6.88
N CYS H 93 31.76 -40.30 6.05
CA CYS H 93 31.17 -39.97 4.78
C CYS H 93 32.01 -40.42 3.57
N GLY H 94 33.24 -40.82 3.83
CA GLY H 94 34.16 -41.25 2.78
C GLY H 94 34.63 -40.12 1.90
N GLY H 95 35.16 -40.44 0.72
CA GLY H 95 35.83 -39.43 -0.07
C GLY H 95 37.31 -39.52 0.20
N GLU H 96 38.09 -38.82 -0.61
CA GLU H 96 39.54 -38.74 -0.46
C GLU H 96 39.94 -37.52 0.38
N VAL H 97 39.29 -36.37 0.18
CA VAL H 97 39.64 -35.13 0.91
C VAL H 97 38.40 -34.59 1.63
N VAL H 98 38.61 -33.62 2.52
CA VAL H 98 37.53 -33.00 3.29
C VAL H 98 37.87 -31.54 3.44
N GLY H 99 36.89 -30.65 3.28
CA GLY H 99 37.07 -29.26 3.62
C GLY H 99 36.01 -28.80 4.63
N LEU H 100 36.37 -27.78 5.40
CA LEU H 100 35.47 -27.17 6.37
C LEU H 100 35.09 -25.74 6.04
N PHE H 101 33.82 -25.40 6.29
CA PHE H 101 33.23 -24.12 6.03
C PHE H 101 32.36 -23.59 7.17
N ARG H 102 31.89 -22.36 7.02
CA ARG H 102 31.20 -21.67 8.12
C ARG H 102 29.67 -21.64 8.07
N SER H 103 29.11 -22.18 6.99
CA SER H 103 27.67 -22.34 6.85
C SER H 103 27.40 -23.35 5.74
N GLY H 104 26.17 -23.84 5.69
CA GLY H 104 25.80 -24.76 4.62
C GLY H 104 25.90 -24.08 3.26
N THR H 105 25.43 -22.87 3.24
CA THR H 105 25.46 -22.00 2.06
C THR H 105 26.85 -21.87 1.49
N ALA H 106 27.81 -21.53 2.36
CA ALA H 106 29.21 -21.45 1.94
C ALA H 106 29.73 -22.74 1.41
N ALA H 107 29.35 -23.87 2.01
CA ALA H 107 29.99 -25.12 1.67
C ALA H 107 29.46 -25.56 0.28
N VAL H 108 28.17 -25.42 0.10
CA VAL H 108 27.57 -25.91 -1.13
C VAL H 108 28.07 -25.07 -2.29
N ARG H 109 28.14 -23.77 -2.10
CA ARG H 109 28.76 -22.89 -3.12
C ARG H 109 30.16 -23.31 -3.52
N ALA H 110 31.02 -23.50 -2.51
CA ALA H 110 32.42 -23.79 -2.75
C ALA H 110 32.54 -25.13 -3.46
N ALA H 111 31.78 -26.12 -3.02
CA ALA H 111 31.82 -27.45 -3.60
C ALA H 111 31.52 -27.36 -5.10
N VAL H 112 30.44 -26.68 -5.48
CA VAL H 112 29.98 -26.76 -6.85
C VAL H 112 30.86 -25.91 -7.74
N LEU H 113 31.36 -24.81 -7.19
CA LEU H 113 32.31 -24.01 -7.93
C LEU H 113 33.60 -24.75 -8.15
N ALA H 114 34.06 -25.49 -7.16
CA ALA H 114 35.18 -26.41 -7.39
C ALA H 114 34.97 -27.39 -8.54
N VAL H 115 33.81 -28.03 -8.57
CA VAL H 115 33.51 -28.99 -9.61
C VAL H 115 33.47 -28.31 -10.96
N ARG H 116 32.82 -27.15 -11.06
CA ARG H 116 32.89 -26.39 -12.31
C ARG H 116 34.33 -26.16 -12.79
N GLU H 117 35.20 -25.71 -11.90
CA GLU H 117 36.59 -25.47 -12.26
C GLU H 117 37.30 -26.77 -12.64
N ALA H 118 37.05 -27.84 -11.88
CA ALA H 118 37.84 -29.04 -12.08
C ALA H 118 37.44 -29.64 -13.42
N THR H 119 36.16 -29.55 -13.76
CA THR H 119 35.68 -30.18 -15.00
C THR H 119 35.72 -29.21 -16.19
N GLY H 120 35.79 -27.91 -15.90
CA GLY H 120 35.88 -26.87 -16.92
C GLY H 120 34.55 -26.68 -17.65
N ARG H 121 33.44 -27.03 -16.99
CA ARG H 121 32.12 -26.90 -17.60
C ARG H 121 31.26 -25.91 -16.85
N PRO H 122 30.39 -25.17 -17.55
CA PRO H 122 29.68 -24.04 -16.94
C PRO H 122 28.40 -24.31 -16.18
N LEU H 123 27.72 -25.40 -16.52
CA LEU H 123 26.35 -25.59 -16.08
C LEU H 123 26.22 -26.48 -14.86
N LEU H 124 25.26 -26.12 -14.04
CA LEU H 124 24.86 -26.94 -12.88
C LEU H 124 23.38 -27.25 -12.98
N LEU H 125 22.99 -28.51 -12.79
CA LEU H 125 21.58 -28.96 -12.76
C LEU H 125 21.26 -29.28 -11.30
N SER H 126 20.28 -28.58 -10.75
CA SER H 126 20.00 -28.58 -9.33
C SER H 126 18.56 -28.97 -9.02
N ALA H 127 18.40 -29.68 -7.90
CA ALA H 127 17.08 -29.78 -7.24
C ALA H 127 17.22 -29.52 -5.75
N GLY H 128 16.30 -28.74 -5.21
CA GLY H 128 16.26 -28.48 -3.81
C GLY H 128 16.82 -27.13 -3.40
N TYR H 129 16.83 -26.90 -2.10
CA TYR H 129 17.46 -25.70 -1.52
C TYR H 129 18.94 -25.93 -1.16
N HIS H 130 19.77 -24.93 -1.53
CA HIS H 130 21.23 -25.03 -1.35
C HIS H 130 21.81 -23.92 -0.52
N GLY H 131 20.94 -23.08 0.02
CA GLY H 131 21.36 -21.96 0.82
C GLY H 131 20.87 -20.65 0.25
N TYR H 132 21.27 -19.59 0.95
CA TYR H 132 20.75 -18.27 0.69
C TYR H 132 21.46 -17.53 -0.43
N ASP H 133 22.59 -18.01 -0.94
CA ASP H 133 23.39 -17.21 -1.88
C ASP H 133 22.61 -16.97 -3.18
N PRO H 134 22.78 -15.76 -3.76
CA PRO H 134 22.14 -15.47 -5.05
C PRO H 134 22.42 -16.40 -6.21
N MET H 135 23.50 -17.18 -6.20
CA MET H 135 23.76 -18.13 -7.28
C MET H 135 22.60 -19.11 -7.53
N TRP H 136 21.74 -19.29 -6.55
CA TRP H 136 20.68 -20.29 -6.64
C TRP H 136 19.32 -19.65 -6.97
N TYR H 137 19.28 -18.33 -7.12
CA TYR H 137 18.05 -17.61 -7.35
C TYR H 137 17.37 -18.07 -8.63
N PRO H 138 16.03 -17.92 -8.67
CA PRO H 138 15.34 -18.55 -9.81
C PRO H 138 15.61 -17.87 -11.17
N SER H 139 15.71 -18.68 -12.22
CA SER H 139 15.84 -18.18 -13.59
C SER H 139 14.53 -17.53 -14.04
N GLU H 140 14.62 -16.67 -15.05
CA GLU H 140 13.41 -16.02 -15.57
C GLU H 140 12.55 -16.95 -16.41
N ALA H 141 13.20 -17.88 -17.12
CA ALA H 141 12.49 -18.95 -17.82
C ALA H 141 12.76 -20.32 -17.16
N PRO H 142 11.72 -21.05 -16.73
CA PRO H 142 11.90 -22.47 -16.38
C PRO H 142 12.66 -23.28 -17.43
N LEU H 143 13.54 -24.15 -16.93
CA LEU H 143 14.44 -24.99 -17.73
C LEU H 143 15.55 -24.25 -18.48
N GLU H 144 15.71 -22.97 -18.22
CA GLU H 144 16.80 -22.19 -18.77
C GLU H 144 17.76 -21.91 -17.61
N PRO H 145 19.05 -21.71 -17.92
CA PRO H 145 19.94 -21.34 -16.80
C PRO H 145 19.55 -19.99 -16.21
N ASN H 146 19.72 -19.82 -14.90
CA ASN H 146 19.78 -18.48 -14.33
C ASN H 146 21.11 -17.80 -14.68
N ALA H 147 21.30 -16.60 -14.14
CA ALA H 147 22.53 -15.79 -14.33
C ALA H 147 23.85 -16.51 -14.00
N ASP H 148 23.79 -17.54 -13.16
CA ASP H 148 24.99 -18.21 -12.66
C ASP H 148 25.13 -19.63 -13.17
N GLY H 149 24.44 -19.92 -14.28
CA GLY H 149 24.62 -21.21 -14.95
C GLY H 149 23.83 -22.37 -14.33
N VAL H 150 22.83 -22.05 -13.52
CA VAL H 150 22.09 -23.06 -12.74
C VAL H 150 20.71 -23.32 -13.34
N VAL H 151 20.47 -24.61 -13.65
CA VAL H 151 19.19 -25.07 -14.12
C VAL H 151 18.58 -25.95 -13.07
N ASP H 152 17.42 -25.50 -12.61
CA ASP H 152 16.55 -26.17 -11.65
C ASP H 152 15.66 -27.21 -12.35
N PHE H 153 15.72 -28.47 -11.95
CA PHE H 153 14.84 -29.52 -12.51
C PHE H 153 13.80 -30.07 -11.54
N PHE H 154 13.76 -29.46 -10.36
CA PHE H 154 12.64 -29.62 -9.48
C PHE H 154 12.35 -31.06 -9.04
N PHE H 155 13.39 -31.89 -9.04
CA PHE H 155 13.33 -33.30 -8.69
C PHE H 155 12.53 -34.19 -9.71
N ASP H 156 12.23 -33.65 -10.89
CA ASP H 156 11.56 -34.50 -11.91
C ASP H 156 12.62 -35.16 -12.80
N LEU H 157 12.67 -36.49 -12.77
CA LEU H 157 13.70 -37.21 -13.48
C LEU H 157 13.49 -37.22 -15.00
N GLY H 158 12.24 -37.09 -15.44
CA GLY H 158 11.98 -36.92 -16.87
C GLY H 158 12.64 -35.63 -17.37
N LEU H 159 12.48 -34.53 -16.64
CA LEU H 159 13.16 -33.26 -16.94
C LEU H 159 14.66 -33.35 -16.90
N LEU H 160 15.19 -34.16 -15.96
CA LEU H 160 16.64 -34.27 -15.80
C LEU H 160 17.15 -35.10 -16.94
N ARG H 161 16.46 -36.19 -17.24
CA ARG H 161 16.84 -37.06 -18.35
C ARG H 161 17.01 -36.25 -19.67
N GLU H 162 16.06 -35.36 -19.93
CA GLU H 162 16.17 -34.48 -21.12
C GLU H 162 17.28 -33.44 -21.03
N LEU H 163 17.47 -32.83 -19.85
CA LEU H 163 18.61 -31.94 -19.70
C LEU H 163 19.97 -32.63 -19.91
N LEU H 164 20.05 -33.93 -19.63
CA LEU H 164 21.28 -34.70 -19.80
C LEU H 164 21.48 -35.40 -21.16
N ARG H 165 20.54 -35.32 -22.10
CA ARG H 165 20.75 -35.83 -23.46
C ARG H 165 22.13 -35.39 -23.97
N ALA H 166 22.36 -34.08 -23.85
CA ALA H 166 23.62 -33.43 -24.26
C ALA H 166 24.21 -32.72 -23.03
N PRO H 167 25.06 -33.46 -22.28
CA PRO H 167 25.56 -33.01 -20.97
C PRO H 167 26.97 -32.43 -21.05
N GLU H 168 27.48 -32.11 -22.25
CA GLU H 168 28.89 -31.67 -22.36
C GLU H 168 29.17 -30.35 -21.60
N ARG H 169 28.17 -29.47 -21.43
CA ARG H 169 28.40 -28.28 -20.65
C ARG H 169 28.02 -28.42 -19.15
N VAL H 170 27.58 -29.59 -18.72
CA VAL H 170 27.04 -29.76 -17.35
C VAL H 170 28.20 -30.23 -16.45
N ALA H 171 28.58 -29.39 -15.50
CA ALA H 171 29.66 -29.68 -14.55
C ALA H 171 29.16 -30.72 -13.53
N ALA H 172 27.93 -30.55 -13.09
CA ALA H 172 27.45 -31.49 -12.06
C ALA H 172 25.96 -31.43 -11.93
N VAL H 173 25.36 -32.49 -11.34
CA VAL H 173 23.99 -32.41 -10.87
C VAL H 173 24.06 -32.30 -9.33
N VAL H 174 23.30 -31.37 -8.74
CA VAL H 174 23.42 -31.03 -7.32
C VAL H 174 22.04 -31.16 -6.70
N VAL H 175 21.91 -32.12 -5.78
CA VAL H 175 20.60 -32.51 -5.23
C VAL H 175 20.53 -32.50 -3.70
N SER H 176 19.54 -31.82 -3.13
CA SER H 176 19.28 -31.92 -1.68
C SER H 176 18.24 -33.03 -1.38
N PRO H 177 18.66 -34.17 -0.75
CA PRO H 177 17.67 -35.21 -0.54
C PRO H 177 16.44 -34.77 0.29
N ASP H 178 15.28 -35.34 0.01
CA ASP H 178 14.18 -35.39 0.96
C ASP H 178 13.70 -36.82 1.05
N HIS H 179 13.60 -37.33 2.28
CA HIS H 179 13.28 -38.74 2.44
C HIS H 179 11.84 -38.95 2.88
N MET H 180 11.07 -37.87 2.93
CA MET H 180 9.62 -37.94 3.18
C MET H 180 8.89 -38.08 1.84
N HIS H 181 9.44 -37.46 0.78
CA HIS H 181 8.72 -37.29 -0.50
C HIS H 181 9.38 -37.95 -1.74
N LEU H 182 10.54 -38.59 -1.58
CA LEU H 182 11.16 -39.33 -2.67
C LEU H 182 11.54 -40.71 -2.17
N SER H 183 11.34 -41.74 -2.98
CA SER H 183 11.68 -43.08 -2.59
C SER H 183 13.09 -43.48 -2.94
N PRO H 184 13.58 -44.54 -2.29
CA PRO H 184 14.82 -45.19 -2.68
C PRO H 184 14.95 -45.31 -4.22
N GLY H 185 13.87 -45.74 -4.87
CA GLY H 185 13.84 -45.93 -6.32
C GLY H 185 14.20 -44.70 -7.11
N TRP H 186 13.63 -43.58 -6.71
CA TRP H 186 13.92 -42.28 -7.24
C TRP H 186 15.42 -42.00 -7.24
N TYR H 187 16.10 -42.32 -6.13
CA TYR H 187 17.49 -41.99 -6.01
C TYR H 187 18.32 -42.88 -6.92
N ARG H 188 17.94 -44.17 -7.02
CA ARG H 188 18.73 -45.10 -7.79
C ARG H 188 18.64 -44.65 -9.25
N GLU H 189 17.48 -44.12 -9.65
CA GLU H 189 17.32 -43.61 -11.01
C GLU H 189 18.16 -42.35 -11.22
N LEU H 190 18.21 -41.47 -10.24
CA LEU H 190 19.08 -40.28 -10.34
C LEU H 190 20.52 -40.66 -10.53
N ARG H 191 20.95 -41.62 -9.72
CA ARG H 191 22.32 -42.07 -9.76
C ARG H 191 22.65 -42.61 -11.17
N ARG H 192 21.77 -43.44 -11.72
CA ARG H 192 22.00 -44.02 -13.03
C ARG H 192 21.93 -42.96 -14.13
N LEU H 193 21.00 -41.99 -14.06
CA LEU H 193 20.97 -40.95 -15.08
C LEU H 193 22.31 -40.17 -15.13
N CYS H 194 22.82 -39.82 -13.96
CA CYS H 194 24.09 -39.12 -13.87
C CYS H 194 25.24 -39.94 -14.39
N SER H 195 25.35 -41.20 -13.98
CA SER H 195 26.53 -41.99 -14.34
C SER H 195 26.54 -42.21 -15.85
N ALA H 196 25.38 -42.54 -16.39
CA ALA H 196 25.27 -42.74 -17.84
C ALA H 196 25.58 -41.46 -18.66
N ALA H 197 25.31 -40.28 -18.12
CA ALA H 197 25.66 -39.03 -18.80
C ALA H 197 27.12 -38.58 -18.52
N GLY H 198 27.82 -39.30 -17.65
CA GLY H 198 29.21 -38.98 -17.36
C GLY H 198 29.30 -37.67 -16.57
N VAL H 199 28.29 -37.35 -15.79
CA VAL H 199 28.31 -36.11 -15.03
C VAL H 199 28.51 -36.37 -13.51
N VAL H 200 29.13 -35.39 -12.88
CA VAL H 200 29.41 -35.43 -11.46
C VAL H 200 28.10 -35.31 -10.70
N LEU H 201 27.98 -36.12 -9.63
CA LEU H 201 26.79 -36.00 -8.76
C LEU H 201 27.26 -35.50 -7.39
N VAL H 202 26.69 -34.36 -7.02
CA VAL H 202 26.90 -33.71 -5.70
C VAL H 202 25.64 -33.94 -4.84
N ALA H 203 25.79 -34.62 -3.70
CA ALA H 203 24.69 -34.78 -2.74
C ALA H 203 24.85 -33.70 -1.70
N ASP H 204 23.93 -32.75 -1.72
CA ASP H 204 23.80 -31.75 -0.70
C ASP H 204 23.02 -32.26 0.51
N GLU H 205 23.81 -32.83 1.40
CA GLU H 205 23.28 -33.44 2.61
C GLU H 205 23.43 -32.53 3.81
N VAL H 206 23.35 -31.20 3.61
CA VAL H 206 23.42 -30.25 4.73
C VAL H 206 22.38 -30.56 5.79
N LYS H 207 21.16 -30.82 5.37
CA LYS H 207 20.09 -31.14 6.30
C LYS H 207 20.08 -32.60 6.70
N VAL H 208 20.26 -33.55 5.76
CA VAL H 208 19.97 -34.97 6.02
C VAL H 208 21.19 -35.74 6.46
N GLY H 209 22.37 -35.14 6.21
CA GLY H 209 23.62 -35.88 6.39
C GLY H 209 23.77 -36.17 7.90
N LEU H 210 24.14 -37.39 8.24
CA LEU H 210 24.52 -37.76 9.61
C LEU H 210 23.35 -37.92 10.55
N ARG H 211 22.12 -37.70 10.04
CA ARG H 211 20.89 -37.80 10.83
C ARG H 211 20.08 -39.09 10.66
N TYR H 212 20.09 -39.69 9.46
CA TYR H 212 19.43 -40.95 9.16
C TYR H 212 20.27 -42.16 9.47
N ALA H 213 21.56 -41.89 9.69
CA ALA H 213 22.58 -42.94 9.81
C ALA H 213 23.85 -42.21 10.25
N PRO H 214 24.85 -42.96 10.72
CA PRO H 214 26.17 -42.38 10.93
C PRO H 214 26.90 -42.42 9.59
N GLY H 215 26.36 -41.65 8.68
CA GLY H 215 27.02 -41.28 7.46
C GLY H 215 26.04 -40.51 6.58
N LEU H 216 26.32 -40.58 5.29
CA LEU H 216 25.45 -39.96 4.33
C LEU H 216 24.18 -40.77 4.18
N SER H 217 23.07 -40.07 4.11
CA SER H 217 21.77 -40.74 3.90
C SER H 217 21.69 -41.45 2.53
N THR H 218 22.49 -40.97 1.58
CA THR H 218 22.54 -41.51 0.22
C THR H 218 23.86 -42.19 -0.13
N ALA H 219 24.63 -42.63 0.87
CA ALA H 219 25.89 -43.32 0.62
C ALA H 219 25.77 -44.46 -0.42
N GLU H 220 24.75 -45.28 -0.23
CA GLU H 220 24.48 -46.45 -1.09
C GLU H 220 23.53 -46.08 -2.21
N LEU H 221 22.49 -45.27 -1.94
CA LEU H 221 21.54 -44.86 -2.97
C LEU H 221 22.14 -44.05 -4.11
N LEU H 222 23.04 -43.14 -3.78
CA LEU H 222 23.63 -42.20 -4.77
C LEU H 222 25.12 -42.44 -4.97
N ALA H 223 25.83 -42.92 -3.95
CA ALA H 223 27.30 -42.96 -3.98
C ALA H 223 27.85 -41.71 -4.69
N PRO H 224 27.52 -40.52 -4.15
CA PRO H 224 27.81 -39.23 -4.80
C PRO H 224 29.30 -39.00 -4.90
N ASP H 225 29.73 -38.31 -5.95
CA ASP H 225 31.17 -37.98 -6.12
C ASP H 225 31.68 -36.96 -5.09
N VAL H 226 30.79 -36.05 -4.74
CA VAL H 226 30.98 -35.01 -3.72
C VAL H 226 29.75 -34.97 -2.82
N TRP H 227 30.05 -34.81 -1.53
CA TRP H 227 29.06 -34.61 -0.49
C TRP H 227 29.24 -33.30 0.26
N VAL H 228 28.15 -32.83 0.85
CA VAL H 228 28.16 -31.70 1.77
C VAL H 228 27.31 -32.10 2.97
N VAL H 229 27.84 -31.88 4.17
CA VAL H 229 27.05 -32.00 5.40
C VAL H 229 27.15 -30.75 6.29
N ALA H 230 26.26 -30.58 7.28
CA ALA H 230 26.47 -29.51 8.25
C ALA H 230 25.60 -29.63 9.49
N LYS H 231 24.29 -29.74 9.31
CA LYS H 231 23.38 -29.71 10.46
C LYS H 231 23.65 -30.81 11.47
N GLY H 232 24.11 -31.97 11.01
CA GLY H 232 24.36 -33.12 11.89
C GLY H 232 25.70 -33.12 12.63
N MET H 233 26.60 -32.21 12.31
CA MET H 233 27.98 -32.33 12.70
C MET H 233 28.41 -31.64 14.00
N ALA H 234 27.66 -30.71 14.57
CA ALA H 234 28.18 -29.85 15.65
C ALA H 234 27.14 -29.40 16.66
N ASN H 235 26.04 -30.16 16.76
CA ASN H 235 24.89 -29.77 17.60
C ASN H 235 24.56 -28.28 17.53
N GLY H 236 24.65 -27.74 16.32
CA GLY H 236 24.21 -26.38 16.07
C GLY H 236 25.30 -25.35 15.84
N HIS H 237 26.53 -25.73 16.15
CA HIS H 237 27.62 -24.80 16.07
C HIS H 237 27.97 -24.53 14.60
N ALA H 238 28.70 -23.44 14.39
CA ALA H 238 28.82 -22.81 13.05
C ALA H 238 29.90 -23.46 12.15
N VAL H 239 29.56 -24.62 11.63
CA VAL H 239 30.48 -25.43 10.78
C VAL H 239 29.67 -26.29 9.83
N SER H 240 30.29 -26.51 8.67
CA SER H 240 29.78 -27.35 7.61
C SER H 240 31.01 -27.96 6.95
N ALA H 241 30.75 -28.96 6.10
CA ALA H 241 31.86 -29.74 5.52
C ALA H 241 31.50 -30.21 4.10
N VAL H 242 32.55 -30.35 3.30
CA VAL H 242 32.46 -30.89 1.94
C VAL H 242 33.52 -31.97 1.81
N GLY H 243 33.25 -33.02 1.03
CA GLY H 243 34.21 -34.09 0.83
C GLY H 243 33.97 -34.78 -0.50
N GLY H 244 34.99 -35.48 -0.99
CA GLY H 244 34.82 -36.10 -2.30
C GLY H 244 36.19 -36.35 -2.87
N SER H 245 36.29 -36.47 -4.19
CA SER H 245 37.58 -36.77 -4.77
C SER H 245 38.57 -35.64 -4.73
N ARG H 246 39.83 -36.03 -4.59
CA ARG H 246 40.94 -35.10 -4.60
C ARG H 246 40.92 -34.30 -5.88
N ARG H 247 40.61 -34.96 -7.00
CA ARG H 247 40.56 -34.33 -8.31
C ARG H 247 39.46 -33.26 -8.41
N LEU H 248 38.27 -33.60 -7.96
CA LEU H 248 37.12 -32.71 -8.14
C LEU H 248 37.16 -31.50 -7.19
N LEU H 249 37.82 -31.67 -6.05
CA LEU H 249 37.86 -30.65 -5.01
C LEU H 249 39.24 -30.01 -4.91
N LYS H 250 40.15 -30.32 -5.83
CA LYS H 250 41.41 -29.60 -5.89
C LYS H 250 41.31 -28.08 -5.84
N PRO H 251 40.31 -27.47 -6.47
CA PRO H 251 40.22 -26.05 -6.37
C PRO H 251 39.93 -25.46 -4.96
N LEU H 252 39.52 -26.32 -4.03
CA LEU H 252 39.33 -25.89 -2.65
C LEU H 252 40.61 -25.48 -2.01
N LYS H 253 41.72 -25.76 -2.68
CA LYS H 253 43.02 -25.30 -2.21
C LYS H 253 43.10 -23.77 -2.12
N GLU H 254 42.21 -23.08 -2.82
CA GLU H 254 42.21 -21.63 -2.80
C GLU H 254 41.39 -21.09 -1.63
N VAL H 255 40.77 -21.96 -0.86
CA VAL H 255 39.90 -21.53 0.28
C VAL H 255 40.73 -21.32 1.54
N SER H 256 40.56 -20.14 2.13
CA SER H 256 41.08 -19.86 3.50
C SER H 256 40.15 -18.85 4.11
N PHE H 257 39.92 -18.94 5.42
CA PHE H 257 39.17 -17.86 6.08
C PHE H 257 39.68 -17.69 7.53
N THR H 258 39.53 -16.49 8.05
CA THR H 258 40.28 -16.00 9.23
C THR H 258 40.01 -16.91 10.46
N SER H 259 38.76 -17.29 10.64
CA SER H 259 38.34 -18.08 11.81
C SER H 259 38.47 -19.59 11.72
N PHE H 260 39.14 -20.09 10.67
CA PHE H 260 39.28 -21.50 10.40
C PHE H 260 39.63 -22.33 11.66
N PHE H 261 40.50 -21.78 12.49
CA PHE H 261 41.07 -22.53 13.61
C PHE H 261 40.34 -22.28 14.93
N GLU H 262 39.22 -21.54 14.89
CA GLU H 262 38.51 -21.18 16.12
C GLU H 262 38.24 -22.45 16.96
N PRO H 263 38.76 -22.53 18.20
CA PRO H 263 38.71 -23.84 18.86
C PRO H 263 37.39 -24.31 19.42
N THR H 264 36.47 -23.39 19.72
CA THR H 264 35.18 -23.85 20.29
C THR H 264 34.37 -24.63 19.23
N ILE H 265 34.44 -24.16 17.99
CA ILE H 265 33.68 -24.82 16.91
C ILE H 265 34.25 -26.21 16.65
N LEU H 266 35.58 -26.28 16.60
CA LEU H 266 36.24 -27.56 16.54
C LEU H 266 35.87 -28.52 17.69
N ALA H 267 35.87 -27.98 18.89
CA ALA H 267 35.43 -28.71 20.06
C ALA H 267 34.02 -29.31 19.95
N ALA H 268 33.09 -28.47 19.51
CA ALA H 268 31.74 -28.90 19.34
C ALA H 268 31.59 -29.97 18.30
N ALA H 269 32.27 -29.79 17.16
CA ALA H 269 32.17 -30.73 16.07
C ALA H 269 32.81 -32.10 16.47
N ASP H 270 33.97 -32.07 17.10
CA ASP H 270 34.61 -33.26 17.61
C ASP H 270 33.71 -34.03 18.56
N ALA H 271 33.08 -33.35 19.51
CA ALA H 271 32.19 -33.97 20.48
C ALA H 271 30.92 -34.55 19.85
N ALA H 272 30.28 -33.77 18.98
CA ALA H 272 29.04 -34.21 18.36
C ALA H 272 29.25 -35.34 17.39
N LEU H 273 30.30 -35.22 16.60
CA LEU H 273 30.67 -36.31 15.68
C LEU H 273 31.02 -37.61 16.36
N ALA H 274 31.65 -37.57 17.53
CA ALA H 274 31.86 -38.84 18.24
C ALA H 274 30.51 -39.49 18.54
N ARG H 275 29.52 -38.70 18.95
CA ARG H 275 28.21 -39.29 19.22
C ARG H 275 27.52 -39.83 17.97
N VAL H 276 27.58 -39.03 16.90
CA VAL H 276 27.05 -39.38 15.61
C VAL H 276 27.58 -40.72 15.14
N ALA H 277 28.86 -40.94 15.36
CA ALA H 277 29.46 -42.16 14.85
C ALA H 277 28.91 -43.43 15.45
N THR H 278 28.38 -43.36 16.67
CA THR H 278 27.80 -44.53 17.32
C THR H 278 26.43 -44.94 16.77
N GLY H 279 25.79 -44.08 15.97
CA GLY H 279 24.42 -44.32 15.55
C GLY H 279 23.33 -44.12 16.59
N GLU H 280 23.72 -43.86 17.82
CA GLU H 280 22.79 -43.83 18.95
C GLU H 280 21.84 -42.65 18.84
N PRO H 281 22.33 -41.44 18.56
CA PRO H 281 21.37 -40.35 18.56
C PRO H 281 20.38 -40.41 17.42
N GLN H 282 20.82 -40.87 16.26
CA GLN H 282 19.93 -41.05 15.12
C GLN H 282 18.83 -42.06 15.43
N ARG H 283 19.17 -43.15 16.11
CA ARG H 283 18.19 -44.16 16.49
C ARG H 283 17.20 -43.58 17.52
N ALA H 284 17.72 -42.84 18.47
CA ALA H 284 16.90 -42.20 19.52
C ALA H 284 15.88 -41.28 18.91
N VAL H 285 16.35 -40.50 17.95
CA VAL H 285 15.49 -39.58 17.24
C VAL H 285 14.40 -40.32 16.47
N ARG H 286 14.77 -41.34 15.70
CA ARG H 286 13.84 -42.12 14.88
CA ARG H 286 13.80 -42.07 14.89
C ARG H 286 12.73 -42.69 15.79
N GLU H 287 13.16 -43.30 16.90
CA GLU H 287 12.25 -44.02 17.78
C GLU H 287 11.34 -43.06 18.51
N ALA H 288 11.89 -41.96 18.99
CA ALA H 288 11.11 -40.96 19.69
C ALA H 288 10.11 -40.34 18.73
N GLY H 289 10.57 -39.92 17.55
CA GLY H 289 9.59 -39.32 16.62
C GLY H 289 8.54 -40.31 16.18
N ASP H 290 8.90 -41.58 15.95
CA ASP H 290 7.90 -42.56 15.56
C ASP H 290 6.82 -42.78 16.66
N ARG H 291 7.22 -42.72 17.92
CA ARG H 291 6.28 -42.81 19.06
C ARG H 291 5.33 -41.62 19.00
N PHE H 292 5.87 -40.43 18.80
CA PHE H 292 5.02 -39.23 18.69
C PHE H 292 4.03 -39.36 17.54
N LEU H 293 4.53 -39.82 16.39
CA LEU H 293 3.72 -40.02 15.19
C LEU H 293 2.58 -41.01 15.33
N ARG H 294 2.83 -42.13 16.00
CA ARG H 294 1.80 -43.14 16.22
CA ARG H 294 1.80 -43.15 16.22
C ARG H 294 0.62 -42.45 16.90
N HIS H 295 0.94 -41.71 17.95
CA HIS H 295 -0.06 -40.97 18.71
C HIS H 295 -0.73 -39.86 17.92
N ALA H 296 0.05 -39.04 17.22
CA ALA H 296 -0.55 -37.98 16.43
C ALA H 296 -1.50 -38.50 15.35
N ARG H 297 -1.13 -39.58 14.66
CA ARG H 297 -1.96 -40.05 13.55
C ARG H 297 -3.28 -40.56 14.12
N LYS H 298 -3.21 -41.27 15.24
CA LYS H 298 -4.39 -41.71 15.97
C LYS H 298 -5.33 -40.57 16.37
N ALA H 299 -4.75 -39.51 16.93
CA ALA H 299 -5.52 -38.39 17.44
C ALA H 299 -6.15 -37.63 16.27
N LEU H 300 -5.40 -37.42 15.18
CA LEU H 300 -5.98 -36.84 13.96
C LEU H 300 -7.11 -37.68 13.35
N ASP H 301 -6.91 -39.00 13.26
CA ASP H 301 -7.94 -39.92 12.78
C ASP H 301 -9.19 -39.90 13.67
N ASP H 302 -9.00 -40.01 14.98
CA ASP H 302 -10.11 -40.02 15.93
C ASP H 302 -10.88 -38.71 16.00
N ALA H 303 -10.27 -37.61 15.56
CA ALA H 303 -10.98 -36.35 15.43
C ALA H 303 -11.55 -36.07 14.03
N SER H 304 -11.40 -37.02 13.11
CA SER H 304 -11.81 -36.82 11.71
C SER H 304 -11.20 -35.55 11.06
N LEU H 305 -9.97 -35.21 11.45
CA LEU H 305 -9.29 -34.05 10.88
C LEU H 305 -8.54 -34.49 9.66
N PRO H 306 -8.73 -33.80 8.53
CA PRO H 306 -8.04 -34.16 7.29
C PRO H 306 -6.61 -33.62 7.25
N VAL H 307 -5.73 -34.25 8.02
CA VAL H 307 -4.29 -33.97 8.01
C VAL H 307 -3.57 -35.30 7.94
N GLU H 308 -2.78 -35.50 6.89
CA GLU H 308 -1.90 -36.67 6.77
C GLU H 308 -0.55 -36.23 7.36
N ILE H 309 0.33 -37.18 7.64
CA ILE H 309 1.70 -36.83 8.05
C ILE H 309 2.66 -37.63 7.20
N ALA H 310 3.48 -36.93 6.45
CA ALA H 310 4.48 -37.51 5.58
C ALA H 310 5.73 -37.73 6.41
N GLY H 311 6.59 -38.66 5.96
CA GLY H 311 7.82 -38.90 6.69
C GLY H 311 7.73 -39.82 7.86
N ASP H 312 8.63 -39.64 8.81
CA ASP H 312 8.80 -40.58 9.92
C ASP H 312 9.50 -39.87 11.07
N GLY H 313 9.95 -40.61 12.08
CA GLY H 313 10.48 -39.97 13.26
C GLY H 313 11.69 -39.08 13.06
N THR H 314 12.46 -39.35 12.00
CA THR H 314 13.67 -38.57 11.74
C THR H 314 13.32 -37.17 11.26
N PHE H 315 12.36 -37.12 10.36
CA PHE H 315 11.79 -35.89 9.85
C PHE H 315 10.38 -36.19 9.35
N PHE H 316 9.39 -35.45 9.85
CA PHE H 316 8.01 -35.59 9.37
C PHE H 316 7.38 -34.24 9.10
N GLN H 317 6.25 -34.24 8.39
CA GLN H 317 5.57 -32.99 8.01
C GLN H 317 4.06 -33.24 7.98
N PHE H 318 3.34 -32.32 8.60
CA PHE H 318 1.88 -32.34 8.48
C PHE H 318 1.46 -31.90 7.09
N VAL H 319 0.48 -32.59 6.48
CA VAL H 319 -0.07 -32.24 5.18
C VAL H 319 -1.57 -31.97 5.36
N PRO H 320 -1.93 -30.73 5.70
CA PRO H 320 -3.35 -30.47 5.89
C PRO H 320 -4.09 -30.29 4.57
N ALA H 321 -5.39 -30.57 4.61
CA ALA H 321 -6.22 -30.54 3.42
C ALA H 321 -6.30 -29.15 2.82
N THR H 322 -6.33 -28.13 3.66
CA THR H 322 -6.40 -26.74 3.19
C THR H 322 -5.34 -25.87 3.87
N GLU H 323 -5.06 -24.69 3.33
CA GLU H 323 -4.19 -23.72 4.01
C GLU H 323 -4.82 -23.23 5.30
N GLU H 324 -6.14 -23.07 5.31
CA GLU H 324 -6.81 -22.51 6.47
C GLU H 324 -6.58 -23.47 7.62
N LEU H 325 -6.74 -24.77 7.34
CA LEU H 325 -6.48 -25.80 8.33
C LEU H 325 -5.00 -25.82 8.76
N GLU H 326 -4.10 -25.69 7.79
CA GLU H 326 -2.68 -25.55 8.08
C GLU H 326 -2.38 -24.43 9.07
N GLU H 327 -2.97 -23.24 8.88
CA GLU H 327 -2.70 -22.13 9.81
C GLU H 327 -3.33 -22.40 11.18
N ALA H 328 -4.51 -23.00 11.16
CA ALA H 328 -5.19 -23.37 12.40
C ALA H 328 -4.39 -24.38 13.20
N LEU H 329 -3.89 -25.40 12.50
CA LEU H 329 -3.05 -26.42 13.15
C LEU H 329 -1.88 -25.75 13.89
N TYR H 330 -1.06 -24.99 13.16
CA TYR H 330 0.08 -24.38 13.83
C TYR H 330 -0.31 -23.40 14.94
N GLY H 331 -1.44 -22.68 14.82
CA GLY H 331 -1.88 -21.76 15.88
C GLY H 331 -2.33 -22.47 17.13
N ALA H 332 -3.02 -23.59 16.95
CA ALA H 332 -3.36 -24.47 18.06
C ALA H 332 -2.11 -25.09 18.69
N ALA H 333 -1.20 -25.58 17.86
CA ALA H 333 0.08 -26.05 18.40
C ALA H 333 0.83 -24.97 19.20
N ASN H 334 0.93 -23.75 18.64
CA ASN H 334 1.50 -22.64 19.41
C ASN H 334 0.77 -22.39 20.73
N ALA H 335 -0.55 -22.42 20.68
CA ALA H 335 -1.33 -22.29 21.90
C ALA H 335 -0.97 -23.29 22.99
N GLU H 336 -0.62 -24.54 22.61
CA GLU H 336 -0.34 -25.58 23.57
C GLU H 336 1.16 -25.79 23.83
N GLY H 337 2.03 -24.96 23.25
CA GLY H 337 3.45 -25.09 23.58
C GLY H 337 4.08 -26.27 22.87
N LEU H 338 3.58 -26.61 21.70
CA LEU H 338 4.37 -27.46 20.78
C LEU H 338 4.90 -26.57 19.68
N LEU H 339 6.21 -26.37 19.65
CA LEU H 339 6.87 -25.54 18.66
C LEU H 339 7.24 -26.37 17.47
N PHE H 340 6.46 -26.25 16.39
CA PHE H 340 6.76 -26.89 15.14
C PHE H 340 7.40 -25.85 14.22
N TYR H 341 8.18 -26.33 13.26
CA TYR H 341 8.77 -25.52 12.20
C TYR H 341 7.65 -25.40 11.17
N ALA H 342 6.92 -24.29 11.27
CA ALA H 342 5.65 -24.14 10.54
C ALA H 342 5.76 -24.45 9.06
N GLY H 343 4.96 -25.39 8.59
CA GLY H 343 4.87 -25.75 7.18
C GLY H 343 5.96 -26.64 6.63
N ASP H 344 6.99 -26.87 7.46
CA ASP H 344 8.23 -27.50 7.00
C ASP H 344 8.38 -28.82 7.79
N ASN H 345 9.60 -29.32 7.98
CA ASN H 345 9.78 -30.57 8.67
C ASN H 345 10.07 -30.53 10.16
N GLN H 346 9.54 -31.52 10.91
CA GLN H 346 9.66 -31.58 12.34
C GLN H 346 10.78 -32.59 12.63
N GLY H 347 11.76 -32.12 13.38
CA GLY H 347 13.00 -32.88 13.71
C GLY H 347 13.33 -32.91 15.17
N VAL H 348 12.81 -33.93 15.87
CA VAL H 348 13.12 -34.06 17.24
C VAL H 348 14.60 -34.29 17.45
N SER H 349 15.05 -34.08 18.69
CA SER H 349 16.40 -34.36 19.11
C SER H 349 16.44 -35.60 19.99
N ALA H 350 17.65 -36.07 20.25
CA ALA H 350 17.89 -37.24 21.05
C ALA H 350 17.50 -36.98 22.50
N ALA H 351 17.17 -35.71 22.83
CA ALA H 351 16.71 -35.33 24.18
C ALA H 351 15.20 -35.48 24.43
N PHE H 352 14.50 -36.01 23.44
CA PHE H 352 13.10 -36.34 23.54
C PHE H 352 12.87 -37.65 24.28
N ASP H 353 12.93 -37.53 25.59
CA ASP H 353 12.81 -38.67 26.50
C ASP H 353 11.36 -38.99 26.74
N GLU H 354 11.11 -40.02 27.55
CA GLU H 354 9.75 -40.49 27.81
C GLU H 354 8.85 -39.40 28.43
N ALA H 355 9.44 -38.56 29.27
CA ALA H 355 8.68 -37.47 29.87
C ALA H 355 8.29 -36.41 28.86
N VAL H 356 9.24 -36.00 28.02
CA VAL H 356 8.90 -35.13 26.90
C VAL H 356 7.79 -35.68 26.03
N LEU H 357 7.87 -36.95 25.68
CA LEU H 357 6.95 -37.57 24.76
C LEU H 357 5.53 -37.64 25.35
N GLY H 358 5.46 -37.96 26.64
CA GLY H 358 4.18 -37.99 27.42
C GLY H 358 3.47 -36.65 27.43
N GLU H 359 4.23 -35.61 27.67
CA GLU H 359 3.75 -34.22 27.56
C GLU H 359 3.36 -33.83 26.16
N ALA H 360 4.18 -34.18 25.15
CA ALA H 360 3.81 -33.79 23.80
C ALA H 360 2.55 -34.48 23.34
N GLU H 361 2.34 -35.72 23.77
CA GLU H 361 1.10 -36.41 23.42
C GLU H 361 -0.16 -35.74 24.00
N ARG H 362 -0.10 -35.38 25.25
CA ARG H 362 -1.23 -34.62 25.90
C ARG H 362 -1.50 -33.28 25.19
N ARG H 363 -0.42 -32.56 24.86
CA ARG H 363 -0.58 -31.29 24.16
C ARG H 363 -1.14 -31.51 22.80
N PHE H 364 -0.67 -32.56 22.10
CA PHE H 364 -1.20 -32.75 20.75
C PHE H 364 -2.69 -33.16 20.80
N ALA H 365 -3.11 -33.89 21.84
CA ALA H 365 -4.53 -34.22 22.02
C ALA H 365 -5.33 -32.94 22.12
N ARG H 366 -4.82 -31.99 22.90
CA ARG H 366 -5.49 -30.68 22.99
C ARG H 366 -5.44 -29.88 21.69
N VAL H 367 -4.39 -30.03 20.89
CA VAL H 367 -4.37 -29.42 19.58
C VAL H 367 -5.57 -29.94 18.77
N CYS H 368 -5.78 -31.24 18.75
CA CYS H 368 -6.83 -31.80 17.91
C CYS H 368 -8.21 -31.34 18.42
N GLU H 369 -8.33 -31.13 19.74
CA GLU H 369 -9.58 -30.60 20.31
C GLU H 369 -9.86 -29.21 19.76
N ARG H 370 -8.86 -28.35 19.87
CA ARG H 370 -8.92 -27.01 19.32
C ARG H 370 -9.31 -26.99 17.87
N LEU H 371 -8.89 -28.00 17.11
CA LEU H 371 -9.26 -28.05 15.71
C LEU H 371 -10.65 -28.64 15.44
N ALA H 372 -11.44 -28.91 16.48
CA ALA H 372 -12.79 -29.52 16.30
C ALA H 372 -13.63 -28.95 15.17
N PRO H 373 -13.71 -27.62 15.04
CA PRO H 373 -14.46 -27.03 13.92
C PRO H 373 -14.10 -27.57 12.54
N TYR H 374 -12.88 -28.10 12.37
CA TYR H 374 -12.47 -28.67 11.09
C TYR H 374 -12.80 -30.16 10.90
N ALA H 375 -13.42 -30.79 11.90
CA ALA H 375 -13.80 -32.21 11.80
C ALA H 375 -14.67 -32.52 10.59
N GLY H 376 -14.35 -33.60 9.89
CA GLY H 376 -15.16 -34.07 8.80
C GLY H 376 -14.98 -33.28 7.51
N GLY H 377 -13.97 -32.39 7.45
CA GLY H 377 -13.59 -31.77 6.19
C GLY H 377 -13.16 -32.71 5.07
N GLU H 378 -13.35 -32.27 3.83
CA GLU H 378 -12.94 -33.07 2.69
C GLU H 378 -11.50 -33.54 2.91
N PRO H 379 -11.21 -34.83 2.66
CA PRO H 379 -9.84 -35.37 2.83
C PRO H 379 -8.78 -34.70 1.96
N VAL H 380 -7.53 -34.90 2.33
CA VAL H 380 -6.43 -34.32 1.61
C VAL H 380 -6.46 -34.77 0.15
N GLY H 381 -6.36 -33.80 -0.76
CA GLY H 381 -6.04 -34.06 -2.17
C GLY H 381 -4.63 -33.74 -2.60
N ASP H 382 -4.34 -34.03 -3.86
CA ASP H 382 -2.96 -34.02 -4.35
C ASP H 382 -2.47 -32.60 -4.53
N ALA H 383 -3.39 -31.66 -4.80
CA ALA H 383 -2.99 -30.24 -4.82
C ALA H 383 -2.33 -29.85 -3.49
N ALA H 384 -2.90 -30.31 -2.39
CA ALA H 384 -2.36 -29.92 -1.09
C ALA H 384 -1.03 -30.67 -0.86
N ARG H 385 -0.95 -31.96 -1.23
CA ARG H 385 0.31 -32.73 -1.10
C ARG H 385 1.48 -32.09 -1.87
N TYR H 386 1.24 -31.68 -3.10
CA TYR H 386 2.26 -30.94 -3.85
C TYR H 386 2.63 -29.59 -3.23
N ARG H 387 1.64 -28.82 -2.79
CA ARG H 387 1.94 -27.52 -2.18
C ARG H 387 2.78 -27.62 -0.94
N VAL H 388 2.40 -28.55 -0.08
CA VAL H 388 3.08 -28.76 1.19
C VAL H 388 4.48 -29.34 0.95
N ALA H 389 4.60 -30.35 0.09
CA ALA H 389 5.93 -30.86 -0.23
C ALA H 389 6.81 -29.75 -0.79
N TRP H 390 6.24 -28.87 -1.61
CA TRP H 390 7.02 -27.78 -2.19
C TRP H 390 7.65 -26.91 -1.11
N ASN H 391 6.91 -26.59 -0.05
CA ASN H 391 7.45 -25.76 1.00
C ASN H 391 8.68 -26.36 1.69
N VAL H 392 8.82 -27.69 1.72
CA VAL H 392 9.94 -28.30 2.41
C VAL H 392 11.05 -28.60 1.41
N MET H 393 10.74 -28.83 0.14
CA MET H 393 11.80 -29.28 -0.78
C MET H 393 12.16 -28.29 -1.89
N ASP H 394 11.37 -27.26 -2.08
CA ASP H 394 11.51 -26.35 -3.24
C ASP H 394 11.56 -27.08 -4.61
N GLY H 395 10.71 -28.11 -4.68
CA GLY H 395 10.42 -28.81 -5.93
C GLY H 395 9.29 -29.81 -5.75
N LEU H 396 9.23 -30.78 -6.66
CA LEU H 396 8.13 -31.72 -6.76
C LEU H 396 8.31 -32.99 -5.95
N ARG H 397 7.43 -33.29 -5.02
CA ARG H 397 7.27 -34.68 -4.53
C ARG H 397 7.13 -35.73 -5.65
N GLN H 398 7.61 -36.94 -5.38
CA GLN H 398 7.52 -38.02 -6.35
C GLN H 398 6.11 -38.57 -6.28
N ALA H 399 5.45 -38.58 -7.43
CA ALA H 399 4.18 -39.30 -7.59
C ALA H 399 3.94 -39.56 -9.05
N PRO H 400 2.96 -40.42 -9.37
CA PRO H 400 2.77 -40.70 -10.77
C PRO H 400 2.16 -39.45 -11.43
N ARG H 401 2.76 -39.06 -12.56
CA ARG H 401 2.31 -37.92 -13.35
C ARG H 401 2.99 -37.97 -14.71
N ASP H 402 2.42 -37.31 -15.71
CA ASP H 402 3.02 -37.24 -17.05
C ASP H 402 3.61 -35.86 -17.27
N ARG H 403 4.25 -35.66 -18.41
CA ARG H 403 4.91 -34.38 -18.68
C ARG H 403 3.99 -33.17 -18.58
N GLU H 404 2.77 -33.27 -19.11
CA GLU H 404 1.82 -32.15 -19.05
C GLU H 404 1.49 -31.77 -17.63
N GLU H 405 1.35 -32.79 -16.78
CA GLU H 405 1.00 -32.57 -15.37
C GLU H 405 2.18 -31.89 -14.67
N THR H 406 3.38 -32.41 -14.92
CA THR H 406 4.63 -31.86 -14.38
C THR H 406 4.69 -30.38 -14.74
N THR H 407 4.47 -30.07 -16.02
CA THR H 407 4.54 -28.68 -16.52
C THR H 407 3.50 -27.77 -15.87
N GLY H 408 2.27 -28.26 -15.70
CA GLY H 408 1.19 -27.50 -15.07
C GLY H 408 1.46 -27.26 -13.60
N LEU H 409 2.10 -28.24 -12.96
CA LEU H 409 2.45 -28.15 -11.54
C LEU H 409 3.49 -27.08 -11.32
N LEU H 410 4.49 -27.02 -12.17
CA LEU H 410 5.54 -26.00 -12.02
C LEU H 410 4.93 -24.62 -12.22
N ALA H 411 4.03 -24.47 -13.19
CA ALA H 411 3.34 -23.18 -13.41
C ALA H 411 2.60 -22.69 -12.17
N ARG H 412 1.86 -23.59 -11.56
CA ARG H 412 1.09 -23.31 -10.36
C ARG H 412 1.99 -22.95 -9.19
N LEU H 413 3.02 -23.78 -8.96
CA LEU H 413 3.82 -23.66 -7.74
C LEU H 413 4.95 -22.63 -7.79
N LEU H 414 5.45 -22.29 -8.98
CA LEU H 414 6.36 -21.14 -9.15
C LEU H 414 5.57 -19.84 -9.17
#